data_1VG9
#
_entry.id   1VG9
#
_cell.length_a   66.392
_cell.length_b   144.691
_cell.length_c   200.086
_cell.angle_alpha   90.00
_cell.angle_beta   90.13
_cell.angle_gamma   90.00
#
_symmetry.space_group_name_H-M   'P 1 21 1'
#
loop_
_entity.id
_entity.type
_entity.pdbx_description
1 polymer 'Rab proteins geranylgeranyltransferase component A 1'
2 polymer 'Ras-related protein Rab-7'
3 non-polymer 'MAGNESIUM ION'
4 non-polymer 'POTASSIUM ION'
5 non-polymer "GUANOSINE-5'-DIPHOSPHATE"
6 non-polymer 3,6,9,12,15,18-HEXAOXAICOSANE-1,20-DIOL
7 water water
#
loop_
_entity_poly.entity_id
_entity_poly.type
_entity_poly.pdbx_seq_one_letter_code
_entity_poly.pdbx_strand_id
1 'polypeptide(L)'
;MADNLPSDFDVIVIGTGLPESIIAAACSRSGQRVLHVDSRSYYGGNWASFSFSGLLSWLKEYQENNDVVTENSMWQEQIL
ENEEAIPLSSKDKTIQHVEVFCYASQDLHKDVEEAGALQKNHASVTSAQSAEAAEAAETSCLPTAVEPLSMGSCEIPAEQ
SQCPGPESSPEVNDAEATGKKENSDAKSSTEEPSENVPKVQDNTETPKKNRITYSQIIKEGRRFNIDLVSKLLYSRGLLI
DLLIKSNVSRYAEFKNITRILAFREGTVEQVPCSRADVFNSKQLTMVEKRMLMKFLTFCVEYEEHPDEYRAYEGTTFSEY
LKTQKLTPNLQYFVLHSIAMTSETTSCTVDGLKATKKFLQCLGRYGNTPFLFPLYGQGELPQCFCRMCAVFGGIYCLRHS
VQCLVVDKESRKCKAVIDQFGQRIISKHFIIEDSYLSENTCSRVQYRQISRAVLITDGSVLRTDADQQVSILTVPAEEPG
SFAVRVIELCSSTMTCMKGTYLVHLTCMSSKTAREDLERVVQKLFTPYTEIEAENEQVEKPRLLWALYFNMRDSSDISRD
CYNDLPSNVYVCSGPDSGLGNDNAVKQAETLFQQICPNEDFCPAPPNPEDIVLDGDSSQQEVPESSVTPETNSETPKEST
VLGNPEEPSE
;
A,C,E,G
2 'polypeptide(L)'
;MTSRKKVLLKVIILGDSGVGKTSLMNQYVNKKFSNQYKATIGADFLTKEVMVDDRLVTMQIWDTAGQERFQSLGVAFYRG
ADCCVLVFDVTAPNTFKTLDSWRDEFLIQASPRDPENFPFVVLGNKIDLENRQVATKRAQAWCYSKNNIPYFETSAKEAI
NVEQAFQTIARNALKQETEVELYNE
;
B,D,F,H
#
# COMPACT_ATOMS: atom_id res chain seq x y z
N ALA A 2 -17.90 -13.26 29.96
CA ALA A 2 -19.06 -12.48 29.56
C ALA A 2 -18.67 -11.34 28.60
N ASP A 3 -19.44 -10.25 28.63
CA ASP A 3 -19.22 -9.07 27.79
C ASP A 3 -19.15 -9.37 26.29
N ASN A 4 -19.25 -10.65 25.97
CA ASN A 4 -19.34 -11.13 24.62
C ASN A 4 -20.84 -11.22 24.39
N LEU A 5 -21.35 -10.73 23.30
CA LEU A 5 -22.81 -10.75 23.10
C LEU A 5 -23.35 -12.16 23.23
N PRO A 6 -24.38 -12.34 24.06
CA PRO A 6 -24.98 -13.65 24.26
C PRO A 6 -25.57 -14.21 22.95
N SER A 7 -25.66 -15.52 22.84
CA SER A 7 -26.15 -16.14 21.63
C SER A 7 -27.61 -16.53 21.64
N ASP A 8 -28.30 -16.15 22.70
CA ASP A 8 -29.71 -16.47 22.78
C ASP A 8 -30.42 -15.53 23.72
N PHE A 9 -31.66 -15.22 23.37
CA PHE A 9 -32.51 -14.34 24.13
C PHE A 9 -33.93 -14.84 23.96
N ASP A 10 -34.86 -14.17 24.64
CA ASP A 10 -36.27 -14.50 24.56
C ASP A 10 -36.84 -13.63 23.46
N VAL A 11 -36.43 -12.37 23.47
CA VAL A 11 -36.90 -11.41 22.48
C VAL A 11 -35.77 -10.62 21.86
N ILE A 12 -35.84 -10.46 20.55
CA ILE A 12 -34.87 -9.67 19.81
C ILE A 12 -35.69 -8.58 19.14
N VAL A 13 -35.31 -7.32 19.37
CA VAL A 13 -36.02 -6.18 18.77
C VAL A 13 -35.06 -5.43 17.86
N ILE A 14 -35.49 -5.19 16.63
CA ILE A 14 -34.65 -4.50 15.64
C ILE A 14 -35.22 -3.14 15.29
N GLY A 15 -34.55 -2.09 15.74
CA GLY A 15 -35.01 -0.73 15.50
C GLY A 15 -35.36 -0.12 16.85
N THR A 16 -34.91 1.11 17.09
CA THR A 16 -35.20 1.76 18.34
C THR A 16 -36.19 2.90 18.24
N GLY A 17 -37.16 2.76 17.35
CA GLY A 17 -38.21 3.77 17.20
C GLY A 17 -39.12 3.65 18.41
N LEU A 18 -40.03 4.60 18.62
CA LEU A 18 -40.90 4.58 19.80
C LEU A 18 -41.65 3.27 20.06
N PRO A 19 -42.39 2.75 19.06
CA PRO A 19 -43.13 1.49 19.25
C PRO A 19 -42.22 0.37 19.75
N GLU A 20 -41.12 0.17 19.03
CA GLU A 20 -40.11 -0.84 19.36
C GLU A 20 -39.58 -0.69 20.79
N SER A 21 -39.28 0.55 21.21
CA SER A 21 -38.75 0.71 22.54
C SER A 21 -39.83 0.42 23.59
N ILE A 22 -41.05 0.89 23.39
CA ILE A 22 -42.08 0.58 24.37
C ILE A 22 -42.22 -0.94 24.51
N ILE A 23 -42.35 -1.67 23.39
CA ILE A 23 -42.49 -3.13 23.49
C ILE A 23 -41.25 -3.80 24.12
N ALA A 24 -40.05 -3.31 23.84
CA ALA A 24 -38.85 -3.87 24.46
C ALA A 24 -38.89 -3.64 25.97
N ALA A 25 -39.37 -2.47 26.37
CA ALA A 25 -39.46 -2.15 27.79
C ALA A 25 -40.44 -3.11 28.45
N ALA A 26 -41.60 -3.28 27.84
CA ALA A 26 -42.63 -4.18 28.35
C ALA A 26 -42.14 -5.61 28.49
N CYS A 27 -41.52 -6.15 27.45
CA CYS A 27 -41.02 -7.52 27.54
C CYS A 27 -39.97 -7.64 28.65
N SER A 28 -39.01 -6.71 28.67
CA SER A 28 -37.97 -6.73 29.67
C SER A 28 -38.59 -6.59 31.06
N ARG A 29 -39.52 -5.66 31.22
CA ARG A 29 -40.18 -5.48 32.50
C ARG A 29 -40.85 -6.78 32.96
N SER A 30 -41.47 -7.51 32.04
CA SER A 30 -42.14 -8.76 32.41
C SER A 30 -41.17 -9.90 32.76
N GLY A 31 -39.90 -9.75 32.40
CA GLY A 31 -38.94 -10.80 32.75
C GLY A 31 -38.25 -11.49 31.58
N GLN A 32 -38.57 -11.06 30.37
CA GLN A 32 -37.98 -11.61 29.16
C GLN A 32 -36.58 -11.04 28.93
N ARG A 33 -35.68 -11.89 28.46
CA ARG A 33 -34.33 -11.46 28.15
C ARG A 33 -34.44 -10.82 26.77
N VAL A 34 -34.18 -9.52 26.71
CA VAL A 34 -34.30 -8.76 25.47
C VAL A 34 -32.98 -8.28 24.89
N LEU A 35 -32.86 -8.35 23.57
CA LEU A 35 -31.76 -7.88 22.82
C LEU A 35 -32.36 -6.82 21.93
N HIS A 36 -31.86 -5.60 21.99
CA HIS A 36 -32.42 -4.48 21.24
C HIS A 36 -31.32 -3.85 20.38
N VAL A 37 -31.37 -4.08 19.07
CA VAL A 37 -30.36 -3.53 18.19
C VAL A 37 -30.86 -2.43 17.24
N ASP A 38 -29.92 -1.79 16.56
CA ASP A 38 -30.24 -0.74 15.60
C ASP A 38 -29.02 -0.59 14.71
N SER A 39 -29.22 -0.17 13.47
CA SER A 39 -28.13 0.02 12.51
C SER A 39 -27.51 1.40 12.58
N ARG A 40 -28.29 2.35 13.09
CA ARG A 40 -27.85 3.74 13.22
C ARG A 40 -26.90 3.89 14.41
N SER A 41 -26.28 5.05 14.52
CA SER A 41 -25.37 5.34 15.63
C SER A 41 -26.06 6.14 16.72
N TYR A 42 -27.36 6.30 16.61
CA TYR A 42 -28.15 7.05 17.58
C TYR A 42 -29.49 6.34 17.76
N TYR A 43 -30.22 6.67 18.82
CA TYR A 43 -31.54 6.08 19.08
C TYR A 43 -32.67 6.83 18.38
N GLY A 44 -33.77 6.12 18.10
CA GLY A 44 -34.92 6.77 17.52
C GLY A 44 -35.39 6.32 16.17
N GLY A 45 -34.46 5.97 15.28
CA GLY A 45 -34.85 5.59 13.93
C GLY A 45 -35.53 6.81 13.35
N ASN A 46 -36.75 6.64 12.83
CA ASN A 46 -37.50 7.75 12.28
C ASN A 46 -38.21 8.60 13.35
N TRP A 47 -37.92 8.34 14.62
CA TRP A 47 -38.48 9.10 15.74
C TRP A 47 -37.37 9.93 16.38
N ALA A 48 -36.19 9.90 15.78
CA ALA A 48 -35.04 10.63 16.31
C ALA A 48 -35.09 12.15 16.17
N SER A 49 -34.15 12.81 16.84
CA SER A 49 -33.99 14.23 16.77
C SER A 49 -32.52 14.46 16.61
N PHE A 50 -32.12 15.51 15.90
CA PHE A 50 -30.72 15.74 15.72
C PHE A 50 -30.19 17.15 16.07
N SER A 51 -28.90 17.22 16.38
CA SER A 51 -28.25 18.51 16.57
C SER A 51 -28.25 19.10 15.14
N PHE A 52 -27.93 20.37 14.93
CA PHE A 52 -27.94 20.87 13.56
C PHE A 52 -26.97 20.05 12.71
N SER A 53 -25.76 19.87 13.21
CA SER A 53 -24.77 19.12 12.48
C SER A 53 -25.23 17.67 12.28
N GLY A 54 -25.91 17.10 13.26
CA GLY A 54 -26.41 15.74 13.12
C GLY A 54 -27.46 15.62 12.00
N LEU A 55 -28.28 16.67 11.85
CA LEU A 55 -29.32 16.70 10.83
C LEU A 55 -28.71 16.77 9.41
N LEU A 56 -27.70 17.63 9.23
CA LEU A 56 -27.05 17.74 7.92
C LEU A 56 -26.47 16.39 7.52
N SER A 57 -25.93 15.66 8.49
CA SER A 57 -25.37 14.33 8.22
C SER A 57 -26.51 13.37 7.88
N TRP A 58 -27.63 13.51 8.58
CA TRP A 58 -28.79 12.67 8.34
C TRP A 58 -29.28 12.93 6.92
N LEU A 59 -29.34 14.21 6.54
CA LEU A 59 -29.77 14.62 5.21
C LEU A 59 -28.98 13.93 4.10
N LYS A 60 -27.65 14.02 4.21
CA LYS A 60 -26.72 13.44 3.26
C LYS A 60 -27.25 12.16 2.63
N GLU A 61 -27.36 11.12 3.46
CA GLU A 61 -27.84 9.81 3.03
C GLU A 61 -28.98 9.82 2.01
N TYR A 62 -29.94 10.71 2.20
CA TYR A 62 -31.10 10.79 1.33
C TYR A 62 -31.06 11.87 0.25
N GLN A 63 -29.86 12.13 -0.28
CA GLN A 63 -29.68 13.12 -1.35
C GLN A 63 -28.77 12.59 -2.47
N MET A 74 -21.49 -12.90 3.84
CA MET A 74 -21.08 -12.91 5.25
C MET A 74 -21.99 -13.80 6.14
N TRP A 75 -23.04 -14.39 5.56
CA TRP A 75 -23.95 -15.19 6.40
C TRP A 75 -24.45 -16.53 5.82
N GLN A 76 -24.37 -16.75 4.52
CA GLN A 76 -24.86 -18.01 3.97
C GLN A 76 -24.16 -19.18 4.65
N GLU A 77 -22.92 -18.98 5.08
CA GLU A 77 -22.16 -20.03 5.74
C GLU A 77 -22.67 -20.28 7.16
N GLN A 78 -23.58 -19.42 7.63
CA GLN A 78 -24.14 -19.54 8.97
C GLN A 78 -25.49 -20.22 8.98
N ILE A 79 -26.07 -20.35 7.80
CA ILE A 79 -27.36 -21.01 7.66
C ILE A 79 -27.09 -22.48 7.94
N LEU A 80 -27.72 -23.03 8.96
CA LEU A 80 -27.51 -24.44 9.30
C LEU A 80 -28.40 -25.38 8.52
N GLU A 81 -28.20 -26.65 8.80
CA GLU A 81 -28.98 -27.71 8.18
C GLU A 81 -30.46 -27.47 8.45
N ASN A 82 -31.31 -27.72 7.44
CA ASN A 82 -32.74 -27.55 7.59
C ASN A 82 -33.26 -26.13 7.83
N GLU A 83 -32.54 -25.14 7.32
CA GLU A 83 -32.95 -23.76 7.51
C GLU A 83 -32.87 -22.99 6.21
N GLU A 84 -33.49 -21.83 6.20
CA GLU A 84 -33.45 -20.94 5.06
C GLU A 84 -33.41 -19.54 5.64
N ALA A 85 -32.93 -18.58 4.87
CA ALA A 85 -32.83 -17.22 5.36
C ALA A 85 -33.80 -16.27 4.73
N ILE A 86 -34.17 -15.25 5.48
CA ILE A 86 -35.02 -14.17 5.02
C ILE A 86 -34.13 -12.93 5.16
N PRO A 87 -33.46 -12.55 4.07
CA PRO A 87 -32.60 -11.38 4.12
C PRO A 87 -33.34 -10.16 4.60
N LEU A 88 -32.60 -9.28 5.28
CA LEU A 88 -33.19 -8.05 5.76
C LEU A 88 -32.68 -6.93 4.87
N SER A 89 -33.28 -5.76 5.00
CA SER A 89 -32.87 -4.60 4.22
C SER A 89 -31.46 -4.21 4.67
N SER A 90 -30.71 -3.56 3.79
CA SER A 90 -29.37 -3.12 4.13
C SER A 90 -29.27 -1.63 3.86
N LYS A 91 -30.35 -1.08 3.33
CA LYS A 91 -30.39 0.34 3.01
C LYS A 91 -31.80 0.89 3.27
N ASP A 92 -31.86 1.92 4.10
CA ASP A 92 -33.12 2.54 4.46
C ASP A 92 -33.65 3.45 3.38
N LYS A 93 -34.93 3.26 3.02
CA LYS A 93 -35.53 4.07 1.98
C LYS A 93 -36.86 4.67 2.41
N THR A 94 -36.90 5.21 3.61
CA THR A 94 -38.14 5.77 4.13
C THR A 94 -38.26 7.28 3.95
N ILE A 95 -37.17 7.93 3.56
CA ILE A 95 -37.17 9.39 3.37
C ILE A 95 -37.02 9.74 1.90
N GLN A 96 -37.74 10.77 1.44
CA GLN A 96 -37.66 11.21 0.03
C GLN A 96 -37.86 12.71 -0.15
N HIS A 97 -37.60 13.18 -1.37
CA HIS A 97 -37.77 14.60 -1.72
C HIS A 97 -37.22 15.64 -0.74
N VAL A 98 -36.00 15.41 -0.25
CA VAL A 98 -35.35 16.32 0.67
C VAL A 98 -35.03 17.64 -0.04
N GLU A 99 -35.51 18.75 0.51
CA GLU A 99 -35.22 20.05 -0.08
C GLU A 99 -34.70 20.98 1.01
N VAL A 100 -33.50 21.52 0.84
CA VAL A 100 -32.94 22.40 1.86
C VAL A 100 -32.69 23.81 1.32
N PHE A 101 -33.06 24.81 2.12
CA PHE A 101 -32.86 26.20 1.75
C PHE A 101 -32.25 26.98 2.89
N CYS A 102 -31.22 27.75 2.61
CA CYS A 102 -30.59 28.58 3.62
C CYS A 102 -30.74 30.03 3.17
N TYR A 103 -31.66 30.76 3.80
CA TYR A 103 -31.89 32.15 3.44
C TYR A 103 -30.99 33.11 4.22
N ALA A 104 -30.63 32.73 5.44
CA ALA A 104 -29.76 33.57 6.24
C ALA A 104 -28.46 33.73 5.49
N SER A 105 -27.73 34.79 5.82
CA SER A 105 -26.45 35.04 5.16
C SER A 105 -25.43 34.01 5.63
N GLN A 106 -24.53 33.63 4.72
CA GLN A 106 -23.47 32.69 5.07
C GLN A 106 -22.41 33.54 5.77
N ASP A 107 -22.41 33.50 7.10
CA ASP A 107 -21.45 34.27 7.89
C ASP A 107 -21.76 35.76 7.78
N ASN A 210 -29.35 41.52 15.88
CA ASN A 210 -30.61 40.81 15.70
C ASN A 210 -30.57 39.90 14.46
N ARG A 211 -29.54 40.07 13.64
CA ARG A 211 -29.37 39.26 12.42
C ARG A 211 -28.63 37.97 12.71
N ILE A 212 -29.33 36.86 12.56
CA ILE A 212 -28.75 35.55 12.80
C ILE A 212 -28.23 34.97 11.49
N THR A 213 -26.92 34.82 11.40
CA THR A 213 -26.30 34.29 10.19
C THR A 213 -26.22 32.77 10.23
N TYR A 214 -26.04 32.16 9.07
CA TYR A 214 -25.97 30.73 9.04
C TYR A 214 -24.78 30.27 9.88
N SER A 215 -23.73 31.08 9.94
CA SER A 215 -22.56 30.72 10.73
C SER A 215 -22.88 30.61 12.21
N GLN A 216 -23.79 31.46 12.69
CA GLN A 216 -24.19 31.42 14.09
C GLN A 216 -24.95 30.12 14.36
N ILE A 217 -25.76 29.70 13.40
CA ILE A 217 -26.53 28.47 13.52
C ILE A 217 -25.56 27.28 13.70
N ILE A 218 -24.54 27.24 12.86
CA ILE A 218 -23.55 26.18 12.92
C ILE A 218 -22.81 26.24 14.26
N LYS A 219 -22.34 27.42 14.63
CA LYS A 219 -21.62 27.54 15.89
C LYS A 219 -22.48 26.98 17.04
N GLU A 220 -23.74 27.40 17.11
CA GLU A 220 -24.63 26.96 18.18
C GLU A 220 -25.44 25.70 17.82
N GLY A 221 -25.04 25.01 16.76
CA GLY A 221 -25.71 23.80 16.33
C GLY A 221 -26.13 22.85 17.43
N ARG A 222 -25.33 22.73 18.47
CA ARG A 222 -25.63 21.83 19.58
C ARG A 222 -26.80 22.33 20.43
N ARG A 223 -27.25 23.55 20.17
CA ARG A 223 -28.38 24.10 20.91
C ARG A 223 -29.68 23.67 20.26
N PHE A 224 -29.56 23.02 19.09
CA PHE A 224 -30.73 22.54 18.38
C PHE A 224 -30.93 21.06 18.58
N ASN A 225 -32.20 20.67 18.54
CA ASN A 225 -32.62 19.29 18.67
C ASN A 225 -33.87 19.17 17.79
N ILE A 226 -33.59 18.98 16.51
CA ILE A 226 -34.60 18.89 15.46
C ILE A 226 -35.27 17.53 15.40
N ASP A 227 -36.54 17.47 15.80
CA ASP A 227 -37.29 16.22 15.75
C ASP A 227 -37.69 15.86 14.32
N LEU A 228 -37.58 14.58 13.98
CA LEU A 228 -38.02 14.11 12.67
C LEU A 228 -39.53 13.92 12.79
N VAL A 229 -40.00 13.78 14.03
CA VAL A 229 -41.43 13.59 14.33
C VAL A 229 -41.99 14.78 15.09
N SER A 230 -43.01 15.41 14.54
CA SER A 230 -43.61 16.56 15.16
C SER A 230 -44.96 16.21 15.77
N LYS A 231 -44.95 15.88 17.06
CA LYS A 231 -46.17 15.53 17.77
C LYS A 231 -46.20 16.21 19.13
N LEU A 232 -47.34 16.09 19.80
CA LEU A 232 -47.56 16.67 21.11
C LEU A 232 -48.20 15.63 22.00
N LEU A 233 -48.10 15.86 23.31
CA LEU A 233 -48.73 14.99 24.27
C LEU A 233 -49.95 15.68 24.85
N TYR A 234 -51.05 14.93 24.93
CA TYR A 234 -52.30 15.42 25.54
C TYR A 234 -52.06 15.23 27.03
N SER A 235 -52.71 16.04 27.86
CA SER A 235 -52.61 15.94 29.32
C SER A 235 -52.96 14.55 29.82
N ARG A 236 -53.79 13.85 29.06
CA ARG A 236 -54.18 12.51 29.41
C ARG A 236 -54.29 11.73 28.13
N GLY A 237 -53.66 10.56 28.12
CA GLY A 237 -53.68 9.75 26.91
C GLY A 237 -52.82 8.53 27.10
N LEU A 238 -52.80 7.69 26.07
CA LEU A 238 -52.03 6.47 26.13
C LEU A 238 -50.57 6.64 26.54
N LEU A 239 -49.84 7.52 25.87
CA LEU A 239 -48.42 7.68 26.19
C LEU A 239 -48.18 8.31 27.56
N ILE A 240 -48.80 9.46 27.81
CA ILE A 240 -48.61 10.11 29.10
C ILE A 240 -49.04 9.20 30.24
N ASP A 241 -50.19 8.55 30.11
CA ASP A 241 -50.64 7.63 31.15
C ASP A 241 -49.62 6.50 31.31
N LEU A 242 -49.01 6.07 30.20
CA LEU A 242 -48.02 4.99 30.29
C LEU A 242 -46.72 5.49 30.93
N LEU A 243 -46.37 6.74 30.68
CA LEU A 243 -45.15 7.30 31.29
C LEU A 243 -45.31 7.38 32.81
N ILE A 244 -46.46 7.82 33.26
CA ILE A 244 -46.69 7.93 34.70
C ILE A 244 -46.77 6.59 35.41
N LYS A 245 -47.51 5.66 34.83
CA LYS A 245 -47.67 4.34 35.41
C LYS A 245 -46.37 3.58 35.51
N SER A 246 -45.58 3.57 34.43
CA SER A 246 -44.31 2.83 34.41
C SER A 246 -43.15 3.57 35.07
N ASN A 247 -43.36 4.84 35.36
CA ASN A 247 -42.33 5.67 35.96
C ASN A 247 -41.25 6.11 34.99
N VAL A 248 -41.46 5.83 33.70
CA VAL A 248 -40.51 6.27 32.67
C VAL A 248 -40.50 7.78 32.63
N SER A 249 -41.54 8.37 33.23
CA SER A 249 -41.71 9.82 33.31
C SER A 249 -40.57 10.49 34.06
N ARG A 250 -39.89 9.75 34.93
CA ARG A 250 -38.79 10.32 35.69
C ARG A 250 -37.64 10.63 34.76
N TYR A 251 -37.66 10.04 33.57
CA TYR A 251 -36.57 10.27 32.62
C TYR A 251 -36.75 11.53 31.77
N ALA A 252 -37.86 12.24 31.94
CA ALA A 252 -38.08 13.44 31.13
C ALA A 252 -38.72 14.60 31.86
N GLU A 253 -38.56 15.78 31.28
CA GLU A 253 -39.12 17.02 31.80
C GLU A 253 -40.02 17.53 30.70
N PHE A 254 -41.10 18.22 31.06
CA PHE A 254 -42.03 18.71 30.06
C PHE A 254 -42.32 20.18 30.15
N LYS A 255 -42.74 20.73 29.02
CA LYS A 255 -43.12 22.12 28.83
C LYS A 255 -44.57 22.16 28.39
N ASN A 256 -45.32 23.16 28.84
CA ASN A 256 -46.73 23.28 28.46
C ASN A 256 -46.90 24.09 27.18
N ILE A 257 -47.89 23.68 26.37
CA ILE A 257 -48.20 24.47 25.20
C ILE A 257 -48.93 25.67 25.81
N THR A 258 -48.62 26.87 25.37
CA THR A 258 -49.27 28.04 25.96
C THR A 258 -50.31 28.72 25.07
N ARG A 259 -50.29 28.38 23.78
CA ARG A 259 -51.20 29.00 22.83
C ARG A 259 -51.74 28.08 21.75
N ILE A 260 -53.02 28.14 21.54
CA ILE A 260 -53.72 27.46 20.48
C ILE A 260 -54.01 28.54 19.46
N LEU A 261 -53.57 28.36 18.23
CA LEU A 261 -53.80 29.35 17.19
C LEU A 261 -54.65 28.77 16.07
N ALA A 262 -55.37 29.65 15.37
CA ALA A 262 -56.22 29.26 14.26
C ALA A 262 -55.85 30.06 13.02
N PHE A 263 -56.16 29.52 11.85
CA PHE A 263 -55.86 30.21 10.62
C PHE A 263 -57.08 30.39 9.75
N ARG A 264 -57.85 31.46 10.00
CA ARG A 264 -59.04 31.72 9.19
C ARG A 264 -58.82 33.00 8.36
N GLU A 265 -59.53 33.13 7.23
CA GLU A 265 -59.38 34.31 6.38
C GLU A 265 -57.92 34.39 5.92
N GLY A 266 -57.18 33.34 6.21
CA GLY A 266 -55.77 33.32 5.86
C GLY A 266 -55.01 34.18 6.83
N THR A 267 -55.48 34.25 8.07
CA THR A 267 -54.81 35.04 9.09
C THR A 267 -54.71 34.35 10.46
N VAL A 268 -53.58 34.57 11.12
CA VAL A 268 -53.29 33.98 12.42
C VAL A 268 -53.99 34.72 13.55
N GLU A 269 -54.35 33.97 14.59
CA GLU A 269 -55.05 34.53 15.73
C GLU A 269 -55.14 33.49 16.84
N GLN A 270 -54.98 33.96 18.08
CA GLN A 270 -55.05 33.05 19.20
C GLN A 270 -56.51 32.73 19.47
N VAL A 271 -56.80 31.45 19.71
CA VAL A 271 -58.17 31.04 20.01
C VAL A 271 -58.33 30.81 21.52
N PRO A 272 -59.28 31.51 22.15
CA PRO A 272 -59.46 31.34 23.59
C PRO A 272 -60.04 29.94 23.84
N CYS A 273 -59.44 29.20 24.78
CA CYS A 273 -59.93 27.85 25.07
C CYS A 273 -60.39 27.66 26.51
N SER A 274 -59.46 27.72 27.45
CA SER A 274 -59.84 27.55 28.85
C SER A 274 -60.98 28.51 29.08
N ARG A 275 -62.05 28.00 29.69
CA ARG A 275 -63.24 28.79 29.97
C ARG A 275 -62.89 30.19 30.51
N ALA A 276 -61.68 30.30 31.06
CA ALA A 276 -61.17 31.56 31.59
C ALA A 276 -60.66 32.42 30.43
N ASP A 277 -59.72 31.86 29.65
CA ASP A 277 -59.15 32.54 28.48
C ASP A 277 -60.25 33.28 27.71
N VAL A 278 -61.44 32.70 27.67
CA VAL A 278 -62.57 33.33 26.96
C VAL A 278 -62.95 34.66 27.62
N PHE A 279 -63.26 34.59 28.91
CA PHE A 279 -63.65 35.74 29.72
C PHE A 279 -62.53 36.72 30.05
N ASN A 280 -61.42 36.61 29.34
CA ASN A 280 -60.28 37.52 29.52
C ASN A 280 -60.01 38.20 28.16
N SER A 281 -60.87 37.86 27.19
CA SER A 281 -60.85 38.38 25.81
C SER A 281 -62.29 38.81 25.41
N LYS A 282 -62.40 39.51 24.28
CA LYS A 282 -63.70 39.97 23.75
C LYS A 282 -63.66 39.83 22.24
N GLN A 283 -62.90 38.84 21.77
CA GLN A 283 -62.77 38.60 20.34
C GLN A 283 -64.08 38.04 19.79
N LEU A 284 -64.97 37.66 20.69
CA LEU A 284 -66.25 37.12 20.28
C LEU A 284 -67.43 37.86 20.88
N THR A 285 -68.48 38.03 20.05
CA THR A 285 -69.68 38.68 20.52
C THR A 285 -70.22 37.90 21.70
N MET A 286 -71.23 38.46 22.37
CA MET A 286 -71.80 37.79 23.52
C MET A 286 -72.86 36.77 23.07
N VAL A 287 -73.27 36.86 21.82
CA VAL A 287 -74.24 35.93 21.23
C VAL A 287 -73.49 34.63 20.90
N GLU A 288 -72.23 34.77 20.51
CA GLU A 288 -71.41 33.60 20.19
C GLU A 288 -70.86 32.99 21.48
N LYS A 289 -70.48 33.81 22.45
CA LYS A 289 -69.97 33.29 23.72
C LYS A 289 -71.01 32.37 24.36
N ARG A 290 -72.27 32.78 24.32
CA ARG A 290 -73.35 31.96 24.88
C ARG A 290 -73.38 30.63 24.13
N MET A 291 -73.28 30.68 22.80
CA MET A 291 -73.28 29.45 22.03
C MET A 291 -72.06 28.62 22.44
N LEU A 292 -70.97 29.30 22.80
CA LEU A 292 -69.74 28.63 23.22
C LEU A 292 -69.89 27.77 24.48
N MET A 293 -69.88 28.43 25.65
CA MET A 293 -70.01 27.74 26.92
C MET A 293 -71.08 26.68 26.77
N LYS A 294 -72.23 27.08 26.25
CA LYS A 294 -73.34 26.16 26.05
C LYS A 294 -72.93 24.99 25.18
N PHE A 295 -72.20 25.27 24.11
CA PHE A 295 -71.80 24.19 23.22
C PHE A 295 -70.69 23.34 23.82
N LEU A 296 -69.68 23.99 24.39
CA LEU A 296 -68.57 23.26 24.99
C LEU A 296 -69.01 22.43 26.18
N THR A 297 -69.73 23.06 27.11
CA THR A 297 -70.23 22.40 28.31
C THR A 297 -71.02 21.17 27.90
N PHE A 298 -71.59 21.21 26.70
CA PHE A 298 -72.37 20.11 26.15
C PHE A 298 -71.45 19.01 25.62
N CYS A 299 -70.43 19.41 24.86
CA CYS A 299 -69.50 18.42 24.31
C CYS A 299 -68.76 17.71 25.42
N VAL A 300 -68.40 18.45 26.48
CA VAL A 300 -67.69 17.87 27.62
C VAL A 300 -68.41 16.61 28.13
N GLU A 301 -69.65 16.44 27.72
CA GLU A 301 -70.44 15.30 28.12
C GLU A 301 -71.56 15.01 27.13
N TYR A 302 -71.23 15.04 25.84
CA TYR A 302 -72.17 14.80 24.76
C TYR A 302 -72.92 13.46 24.84
N GLU A 303 -72.33 12.47 25.49
CA GLU A 303 -72.94 11.15 25.60
C GLU A 303 -74.04 11.11 26.66
N GLU A 304 -74.23 12.22 27.37
CA GLU A 304 -75.27 12.31 28.38
C GLU A 304 -76.57 12.78 27.71
N HIS A 305 -76.42 13.50 26.61
CA HIS A 305 -77.55 14.03 25.85
C HIS A 305 -77.58 13.39 24.46
N PRO A 306 -77.76 12.05 24.39
CA PRO A 306 -77.80 11.33 23.10
C PRO A 306 -78.89 11.79 22.13
N ASP A 307 -79.43 12.98 22.39
CA ASP A 307 -80.48 13.55 21.55
C ASP A 307 -79.96 14.73 20.71
N GLU A 308 -78.65 14.99 20.81
CA GLU A 308 -78.03 16.10 20.07
C GLU A 308 -77.31 15.61 18.83
N TYR A 309 -76.89 14.36 18.84
CA TYR A 309 -76.19 13.77 17.70
C TYR A 309 -76.96 12.52 17.30
N ARG A 310 -78.27 12.58 17.51
CA ARG A 310 -79.16 11.48 17.21
C ARG A 310 -78.94 10.80 15.86
N ALA A 311 -79.55 11.37 14.81
CA ALA A 311 -79.46 10.80 13.47
C ALA A 311 -78.15 11.11 12.74
N TYR A 312 -77.35 11.99 13.31
CA TYR A 312 -76.08 12.35 12.69
C TYR A 312 -75.03 11.27 12.84
N GLU A 313 -75.34 10.22 13.62
CA GLU A 313 -74.38 9.13 13.82
C GLU A 313 -73.82 8.64 12.49
N GLY A 314 -74.72 8.43 11.53
CA GLY A 314 -74.33 7.96 10.21
C GLY A 314 -73.54 8.95 9.39
N THR A 315 -73.70 10.24 9.66
CA THR A 315 -72.99 11.28 8.92
C THR A 315 -71.69 11.69 9.61
N THR A 316 -70.96 12.62 8.98
CA THR A 316 -69.69 13.11 9.51
C THR A 316 -69.89 14.19 10.60
N PHE A 317 -68.78 14.71 11.13
CA PHE A 317 -68.86 15.72 12.18
C PHE A 317 -69.08 17.12 11.61
N SER A 318 -68.29 17.49 10.61
CA SER A 318 -68.41 18.80 10.00
C SER A 318 -69.85 18.99 9.56
N GLU A 319 -70.44 17.95 8.99
CA GLU A 319 -71.82 18.02 8.55
C GLU A 319 -72.70 18.34 9.74
N TYR A 320 -72.52 17.58 10.81
CA TYR A 320 -73.28 17.76 12.05
C TYR A 320 -73.23 19.19 12.60
N LEU A 321 -72.04 19.77 12.66
CA LEU A 321 -71.87 21.11 13.19
C LEU A 321 -72.71 22.17 12.50
N LYS A 322 -72.99 21.95 11.21
CA LYS A 322 -73.76 22.92 10.44
C LYS A 322 -75.09 23.25 11.11
N THR A 323 -75.87 22.20 11.40
CA THR A 323 -77.17 22.36 12.02
C THR A 323 -77.11 22.50 13.53
N GLN A 324 -76.29 23.43 14.00
CA GLN A 324 -76.15 23.65 15.43
C GLN A 324 -76.27 25.13 15.72
N LYS A 325 -76.51 25.47 16.98
CA LYS A 325 -76.64 26.85 17.42
C LYS A 325 -75.25 27.45 17.48
N LEU A 326 -74.60 27.50 16.32
CA LEU A 326 -73.25 28.01 16.20
C LEU A 326 -72.98 28.80 14.92
N THR A 327 -72.37 29.97 15.06
CA THR A 327 -72.04 30.79 13.90
C THR A 327 -71.01 30.03 13.03
N PRO A 328 -70.49 30.68 11.97
CA PRO A 328 -69.50 29.98 11.14
C PRO A 328 -68.11 30.08 11.81
N ASN A 329 -67.86 31.23 12.42
CA ASN A 329 -66.61 31.53 13.13
C ASN A 329 -66.34 30.44 14.17
N LEU A 330 -67.22 30.37 15.17
CA LEU A 330 -67.09 29.39 16.23
C LEU A 330 -67.13 27.98 15.63
N GLN A 331 -67.99 27.81 14.62
CA GLN A 331 -68.12 26.52 13.96
C GLN A 331 -66.77 26.15 13.38
N TYR A 332 -65.96 27.17 13.09
CA TYR A 332 -64.62 27.01 12.52
C TYR A 332 -63.66 26.58 13.63
N PHE A 333 -63.53 27.42 14.65
CA PHE A 333 -62.64 27.14 15.79
C PHE A 333 -62.84 25.73 16.35
N VAL A 334 -64.09 25.35 16.58
CA VAL A 334 -64.39 24.02 17.10
C VAL A 334 -63.94 22.90 16.17
N LEU A 335 -64.30 23.04 14.89
CA LEU A 335 -63.98 22.05 13.88
C LEU A 335 -62.48 21.86 13.60
N HIS A 336 -61.74 22.96 13.57
CA HIS A 336 -60.31 22.90 13.28
C HIS A 336 -59.35 23.01 14.46
N SER A 337 -59.69 23.82 15.47
CA SER A 337 -58.82 24.00 16.62
C SER A 337 -59.18 23.19 17.90
N ILE A 338 -60.45 22.93 18.14
CA ILE A 338 -60.85 22.19 19.34
C ILE A 338 -60.92 20.69 19.08
N ALA A 339 -61.67 20.29 18.05
CA ALA A 339 -61.78 18.90 17.70
C ALA A 339 -60.50 18.50 16.95
N MET A 340 -60.18 19.26 15.90
CA MET A 340 -58.98 19.00 15.10
C MET A 340 -59.04 17.70 14.33
N THR A 341 -60.24 17.15 14.16
CA THR A 341 -60.37 15.90 13.44
C THR A 341 -60.54 16.15 11.97
N SER A 342 -60.40 15.09 11.18
CA SER A 342 -60.57 15.17 9.73
C SER A 342 -62.05 15.55 9.56
N GLU A 343 -62.32 16.81 9.23
CA GLU A 343 -63.69 17.29 9.08
C GLU A 343 -64.51 16.48 8.06
N THR A 344 -63.81 15.69 7.24
CA THR A 344 -64.44 14.86 6.25
C THR A 344 -64.38 13.41 6.75
N THR A 345 -63.16 12.95 7.01
CA THR A 345 -62.90 11.58 7.48
C THR A 345 -63.20 11.39 8.97
N SER A 346 -64.30 11.98 9.45
CA SER A 346 -64.71 11.85 10.85
C SER A 346 -66.20 12.16 11.00
N CYS A 347 -66.94 11.19 11.52
CA CYS A 347 -68.38 11.33 11.73
C CYS A 347 -68.66 12.12 12.99
N THR A 348 -69.91 12.52 13.18
CA THR A 348 -70.32 13.31 14.35
C THR A 348 -69.77 12.80 15.68
N VAL A 349 -69.93 11.50 15.94
CA VAL A 349 -69.44 10.91 17.17
C VAL A 349 -67.94 11.21 17.30
N ASP A 350 -67.18 10.76 16.30
CA ASP A 350 -65.74 10.94 16.25
C ASP A 350 -65.36 12.39 16.55
N GLY A 351 -66.15 13.32 16.03
CA GLY A 351 -65.88 14.73 16.23
C GLY A 351 -66.22 15.20 17.62
N LEU A 352 -67.38 14.80 18.13
CA LEU A 352 -67.76 15.21 19.47
C LEU A 352 -66.79 14.60 20.48
N LYS A 353 -66.49 13.32 20.32
CA LYS A 353 -65.58 12.61 21.21
C LYS A 353 -64.22 13.29 21.29
N ALA A 354 -63.79 13.88 20.16
CA ALA A 354 -62.51 14.57 20.09
C ALA A 354 -62.55 15.85 20.93
N THR A 355 -63.65 16.60 20.82
CA THR A 355 -63.82 17.85 21.57
C THR A 355 -63.79 17.56 23.06
N LYS A 356 -64.52 16.53 23.46
CA LYS A 356 -64.58 16.12 24.86
C LYS A 356 -63.16 15.89 25.38
N LYS A 357 -62.38 15.15 24.60
CA LYS A 357 -60.99 14.84 24.94
C LYS A 357 -60.22 16.13 25.16
N PHE A 358 -60.33 17.01 24.17
CA PHE A 358 -59.67 18.31 24.19
C PHE A 358 -59.96 19.08 25.48
N LEU A 359 -61.26 19.30 25.71
CA LEU A 359 -61.75 20.04 26.86
C LEU A 359 -61.34 19.42 28.19
N GLN A 360 -61.49 18.10 28.32
CA GLN A 360 -61.11 17.43 29.56
C GLN A 360 -59.62 17.57 29.89
N CYS A 361 -58.79 17.63 28.85
CA CYS A 361 -57.35 17.75 29.06
C CYS A 361 -56.93 19.15 29.47
N LEU A 362 -57.84 20.11 29.33
CA LEU A 362 -57.57 21.50 29.67
C LEU A 362 -57.32 21.70 31.16
N GLY A 363 -56.52 22.72 31.46
CA GLY A 363 -56.23 23.07 32.85
C GLY A 363 -55.53 22.07 33.73
N ARG A 364 -55.25 20.88 33.21
CA ARG A 364 -54.55 19.88 34.03
C ARG A 364 -53.12 20.29 34.38
N TYR A 365 -52.47 21.04 33.49
CA TYR A 365 -51.10 21.51 33.70
C TYR A 365 -50.95 22.97 33.29
N GLY A 366 -51.70 23.39 32.27
CA GLY A 366 -51.63 24.75 31.80
C GLY A 366 -52.96 25.21 31.26
N ASN A 367 -52.96 26.24 30.41
CA ASN A 367 -54.20 26.75 29.84
C ASN A 367 -54.62 26.06 28.53
N THR A 368 -53.88 25.01 28.17
CA THR A 368 -54.19 24.22 26.98
C THR A 368 -54.08 22.76 27.38
N PRO A 369 -54.47 21.85 26.48
CA PRO A 369 -54.41 20.42 26.78
C PRO A 369 -53.12 19.72 26.33
N PHE A 370 -52.09 20.53 26.02
CA PHE A 370 -50.86 19.95 25.48
C PHE A 370 -49.53 20.20 26.20
N LEU A 371 -48.67 19.20 26.16
CA LEU A 371 -47.33 19.26 26.73
C LEU A 371 -46.33 18.83 25.67
N PHE A 372 -45.10 19.33 25.79
CA PHE A 372 -44.02 19.00 24.88
C PHE A 372 -42.79 18.70 25.71
N PRO A 373 -42.08 17.61 25.39
CA PRO A 373 -40.89 17.23 26.14
C PRO A 373 -39.67 18.09 25.89
N LEU A 374 -39.04 18.51 26.97
CA LEU A 374 -37.81 19.31 26.91
C LEU A 374 -36.79 18.49 26.10
N TYR A 375 -36.14 19.16 25.15
CA TYR A 375 -35.16 18.56 24.22
C TYR A 375 -35.85 17.87 23.02
N GLY A 376 -37.17 17.73 23.10
CA GLY A 376 -37.90 17.17 21.95
C GLY A 376 -38.49 15.73 22.07
N GLN A 377 -39.37 15.43 21.13
CA GLN A 377 -40.06 14.14 20.96
C GLN A 377 -39.06 13.00 20.91
N GLY A 378 -37.87 13.32 20.41
CA GLY A 378 -36.82 12.33 20.26
C GLY A 378 -36.35 11.71 21.55
N GLU A 379 -36.67 12.30 22.69
CA GLU A 379 -36.24 11.77 23.97
C GLU A 379 -37.10 10.58 24.40
N LEU A 380 -38.31 10.51 23.87
CA LEU A 380 -39.25 9.46 24.25
C LEU A 380 -38.82 8.02 24.03
N PRO A 381 -38.26 7.70 22.85
CA PRO A 381 -37.84 6.31 22.66
C PRO A 381 -36.73 5.90 23.61
N GLN A 382 -35.86 6.86 23.95
CA GLN A 382 -34.73 6.57 24.83
C GLN A 382 -35.22 6.35 26.23
N CYS A 383 -36.30 7.04 26.59
CA CYS A 383 -36.88 6.88 27.92
C CYS A 383 -37.32 5.42 28.07
N PHE A 384 -38.05 4.89 27.09
CA PHE A 384 -38.46 3.50 27.16
C PHE A 384 -37.27 2.55 27.06
N CYS A 385 -36.32 2.83 26.16
CA CYS A 385 -35.14 1.97 26.03
C CYS A 385 -34.39 1.86 27.35
N ARG A 386 -34.39 2.95 28.13
CA ARG A 386 -33.72 2.93 29.41
C ARG A 386 -34.40 1.93 30.33
N MET A 387 -35.72 1.99 30.41
CA MET A 387 -36.48 1.06 31.22
C MET A 387 -36.14 -0.38 30.81
N CYS A 388 -35.99 -0.61 29.52
CA CYS A 388 -35.65 -1.95 29.05
C CYS A 388 -34.29 -2.33 29.63
N ALA A 389 -33.32 -1.44 29.45
CA ALA A 389 -31.97 -1.65 29.96
C ALA A 389 -31.98 -1.90 31.48
N VAL A 390 -32.62 -1.00 32.22
CA VAL A 390 -32.73 -1.12 33.67
C VAL A 390 -33.16 -2.53 34.07
N PHE A 391 -34.10 -3.11 33.33
CA PHE A 391 -34.57 -4.45 33.63
C PHE A 391 -33.85 -5.58 32.94
N GLY A 392 -32.65 -5.32 32.41
CA GLY A 392 -31.87 -6.36 31.76
C GLY A 392 -31.66 -6.37 30.26
N GLY A 393 -32.26 -5.42 29.56
CA GLY A 393 -32.09 -5.38 28.12
C GLY A 393 -30.67 -5.06 27.68
N ILE A 394 -30.21 -5.76 26.64
CA ILE A 394 -28.87 -5.49 26.13
C ILE A 394 -28.99 -4.69 24.85
N TYR A 395 -28.25 -3.56 24.83
CA TYR A 395 -28.31 -2.64 23.70
C TYR A 395 -27.08 -2.70 22.78
N CYS A 396 -27.35 -2.58 21.48
CA CYS A 396 -26.30 -2.55 20.50
C CYS A 396 -26.71 -1.64 19.35
N LEU A 397 -26.15 -0.45 19.30
CA LEU A 397 -26.31 0.50 18.21
C LEU A 397 -25.26 0.13 17.18
N ARG A 398 -25.32 0.71 15.99
CA ARG A 398 -24.33 0.40 14.94
C ARG A 398 -24.22 -1.12 14.76
N HIS A 399 -25.34 -1.80 14.93
CA HIS A 399 -25.36 -3.26 14.84
C HIS A 399 -26.53 -3.77 14.01
N SER A 400 -26.24 -4.04 12.75
CA SER A 400 -27.25 -4.53 11.82
C SER A 400 -27.38 -6.04 11.87
N VAL A 401 -28.52 -6.52 11.35
CA VAL A 401 -28.79 -7.93 11.26
C VAL A 401 -28.87 -8.19 9.76
N GLN A 402 -28.19 -9.22 9.31
CA GLN A 402 -28.19 -9.57 7.89
C GLN A 402 -29.46 -10.30 7.51
N CYS A 403 -29.86 -11.27 8.33
CA CYS A 403 -31.05 -12.02 8.00
C CYS A 403 -31.70 -12.77 9.14
N LEU A 404 -32.89 -13.28 8.83
CA LEU A 404 -33.68 -14.09 9.73
C LEU A 404 -33.40 -15.53 9.31
N VAL A 405 -33.46 -16.45 10.25
CA VAL A 405 -33.21 -17.86 10.00
C VAL A 405 -34.50 -18.61 10.28
N VAL A 406 -35.04 -19.22 9.24
CA VAL A 406 -36.30 -19.96 9.31
C VAL A 406 -36.12 -21.48 9.35
N ASP A 407 -36.85 -22.14 10.24
CA ASP A 407 -36.80 -23.59 10.35
C ASP A 407 -37.71 -24.11 9.23
N LYS A 408 -37.14 -24.82 8.27
CA LYS A 408 -37.93 -25.35 7.16
C LYS A 408 -39.06 -26.25 7.67
N GLU A 409 -38.78 -27.01 8.73
CA GLU A 409 -39.77 -27.91 9.31
C GLU A 409 -40.93 -27.16 9.96
N SER A 410 -40.68 -26.52 11.11
CA SER A 410 -41.74 -25.81 11.83
C SER A 410 -42.19 -24.51 11.17
N ARG A 411 -41.32 -23.87 10.42
CA ARG A 411 -41.67 -22.60 9.76
C ARG A 411 -41.60 -21.43 10.73
N LYS A 412 -41.00 -21.66 11.88
CA LYS A 412 -40.83 -20.60 12.88
C LYS A 412 -39.46 -19.95 12.69
N CYS A 413 -39.36 -18.67 13.02
CA CYS A 413 -38.06 -18.02 12.95
C CYS A 413 -37.30 -18.56 14.16
N LYS A 414 -36.07 -19.02 13.93
CA LYS A 414 -35.23 -19.58 15.00
C LYS A 414 -34.21 -18.60 15.55
N ALA A 415 -33.62 -17.80 14.67
CA ALA A 415 -32.58 -16.89 15.09
C ALA A 415 -32.31 -15.82 14.06
N VAL A 416 -31.29 -15.01 14.31
CA VAL A 416 -30.89 -14.00 13.35
C VAL A 416 -29.38 -14.16 13.17
N ILE A 417 -28.85 -13.54 12.14
CA ILE A 417 -27.42 -13.56 11.91
C ILE A 417 -27.06 -12.09 11.75
N ASP A 418 -26.22 -11.57 12.63
CA ASP A 418 -25.86 -10.16 12.55
C ASP A 418 -24.74 -9.90 11.54
N GLN A 419 -24.40 -8.62 11.34
CA GLN A 419 -23.38 -8.24 10.38
C GLN A 419 -22.01 -8.87 10.62
N PHE A 420 -21.79 -9.39 11.82
CA PHE A 420 -20.51 -10.01 12.15
C PHE A 420 -20.47 -11.51 11.89
N GLY A 421 -21.63 -12.09 11.58
CA GLY A 421 -21.69 -13.51 11.33
C GLY A 421 -22.12 -14.34 12.53
N GLN A 422 -22.58 -13.68 13.59
CA GLN A 422 -23.01 -14.38 14.79
C GLN A 422 -24.47 -14.82 14.77
N ARG A 423 -24.73 -16.07 15.11
CA ARG A 423 -26.10 -16.56 15.15
C ARG A 423 -26.65 -16.24 16.53
N ILE A 424 -27.83 -15.64 16.57
CA ILE A 424 -28.43 -15.33 17.85
C ILE A 424 -29.85 -15.86 17.81
N ILE A 425 -30.11 -16.82 18.70
CA ILE A 425 -31.39 -17.49 18.86
C ILE A 425 -32.37 -16.67 19.71
N SER A 426 -33.66 -16.77 19.37
CA SER A 426 -34.67 -16.07 20.12
C SER A 426 -36.02 -16.75 19.91
N LYS A 427 -36.98 -16.46 20.77
CA LYS A 427 -38.30 -17.06 20.63
C LYS A 427 -39.22 -16.14 19.85
N HIS A 428 -39.02 -14.82 20.02
CA HIS A 428 -39.84 -13.80 19.35
C HIS A 428 -38.94 -12.77 18.69
N PHE A 429 -39.37 -12.32 17.52
CA PHE A 429 -38.63 -11.34 16.73
C PHE A 429 -39.51 -10.16 16.34
N ILE A 430 -39.13 -8.97 16.79
CA ILE A 430 -39.84 -7.71 16.53
C ILE A 430 -38.98 -6.82 15.62
N ILE A 431 -39.52 -6.47 14.45
CA ILE A 431 -38.78 -5.70 13.46
C ILE A 431 -39.56 -4.49 12.95
N GLU A 432 -38.93 -3.33 12.95
CA GLU A 432 -39.58 -2.12 12.47
C GLU A 432 -39.56 -2.18 10.95
N ASP A 433 -40.70 -1.86 10.34
CA ASP A 433 -40.89 -1.90 8.89
C ASP A 433 -39.70 -1.58 7.98
N SER A 434 -38.99 -0.50 8.28
CA SER A 434 -37.86 -0.09 7.44
C SER A 434 -36.77 -1.14 7.30
N TYR A 435 -36.74 -2.16 8.15
CA TYR A 435 -35.69 -3.15 8.05
C TYR A 435 -36.06 -4.36 7.21
N LEU A 436 -37.29 -4.40 6.73
CA LEU A 436 -37.71 -5.54 5.91
C LEU A 436 -37.27 -5.32 4.45
N SER A 437 -36.90 -6.42 3.79
CA SER A 437 -36.48 -6.34 2.39
C SER A 437 -37.61 -5.89 1.49
N GLU A 438 -37.24 -5.34 0.34
CA GLU A 438 -38.22 -4.89 -0.62
C GLU A 438 -39.07 -6.06 -1.09
N ASN A 439 -38.49 -7.26 -1.07
CA ASN A 439 -39.19 -8.48 -1.47
C ASN A 439 -40.29 -8.83 -0.44
N THR A 440 -39.95 -8.72 0.83
CA THR A 440 -40.90 -8.99 1.90
C THR A 440 -42.00 -7.95 1.86
N CYS A 441 -41.71 -6.78 1.28
CA CYS A 441 -42.69 -5.71 1.23
C CYS A 441 -43.30 -5.40 -0.15
N SER A 442 -43.15 -6.32 -1.11
CA SER A 442 -43.68 -6.09 -2.46
C SER A 442 -45.15 -5.73 -2.56
N ARG A 443 -46.00 -6.20 -1.64
CA ARG A 443 -47.43 -5.86 -1.70
C ARG A 443 -47.90 -4.70 -0.81
N VAL A 444 -47.08 -4.29 0.15
CA VAL A 444 -47.45 -3.22 1.06
C VAL A 444 -47.73 -1.87 0.36
N GLN A 445 -48.82 -1.22 0.74
CA GLN A 445 -49.17 0.08 0.18
C GLN A 445 -48.91 1.13 1.27
N TYR A 446 -47.80 1.82 1.16
CA TYR A 446 -47.47 2.82 2.17
C TYR A 446 -48.16 4.13 1.88
N ARG A 447 -48.19 4.96 2.87
CA ARG A 447 -48.71 6.28 2.74
C ARG A 447 -47.51 7.17 3.01
N GLN A 448 -47.65 8.47 2.92
CA GLN A 448 -46.52 9.34 3.12
C GLN A 448 -46.84 10.46 4.05
N ILE A 449 -45.81 11.00 4.70
CA ILE A 449 -45.99 12.11 5.61
C ILE A 449 -45.19 13.29 5.07
N SER A 450 -45.85 14.43 4.92
CA SER A 450 -45.14 15.63 4.47
C SER A 450 -44.62 16.40 5.70
N ARG A 451 -43.32 16.64 5.72
CA ARG A 451 -42.71 17.34 6.85
C ARG A 451 -41.88 18.55 6.43
N ALA A 452 -41.83 19.55 7.29
CA ALA A 452 -41.05 20.75 7.00
C ALA A 452 -40.49 21.25 8.31
N VAL A 453 -39.20 21.57 8.31
CA VAL A 453 -38.57 22.08 9.50
C VAL A 453 -38.04 23.46 9.19
N LEU A 454 -38.37 24.42 10.03
CA LEU A 454 -37.90 25.77 9.81
C LEU A 454 -37.26 26.37 11.05
N ILE A 455 -36.27 27.22 10.79
CA ILE A 455 -35.59 27.94 11.86
C ILE A 455 -35.93 29.41 11.56
N THR A 456 -36.63 30.03 12.50
CA THR A 456 -37.08 31.40 12.32
C THR A 456 -36.52 32.36 13.37
N ASP A 457 -36.67 33.66 13.12
CA ASP A 457 -36.19 34.67 14.06
C ASP A 457 -37.33 35.36 14.80
N GLY A 458 -38.53 34.79 14.71
CA GLY A 458 -39.68 35.38 15.37
C GLY A 458 -40.88 34.44 15.38
N SER A 459 -41.88 34.74 16.21
CA SER A 459 -43.07 33.90 16.31
C SER A 459 -44.11 34.20 15.24
N VAL A 460 -44.82 33.16 14.79
CA VAL A 460 -45.87 33.33 13.78
C VAL A 460 -46.82 34.43 14.23
N LEU A 461 -46.99 34.56 15.54
CA LEU A 461 -47.83 35.59 16.15
C LEU A 461 -46.98 36.26 17.23
N ARG A 462 -46.42 37.42 16.90
CA ARG A 462 -45.54 38.15 17.81
C ARG A 462 -46.20 38.72 19.05
N THR A 463 -45.48 38.64 20.18
CA THR A 463 -45.95 39.16 21.47
C THR A 463 -44.78 39.50 22.38
N ASP A 464 -45.07 40.14 23.51
CA ASP A 464 -44.03 40.50 24.46
C ASP A 464 -43.42 39.23 25.05
N ALA A 465 -44.29 38.30 25.48
CA ALA A 465 -43.84 37.03 26.08
C ALA A 465 -43.26 36.09 25.02
N ASP A 466 -41.97 36.18 24.78
CA ASP A 466 -41.26 35.36 23.78
C ASP A 466 -41.38 33.84 23.94
N GLN A 467 -40.89 33.31 25.06
CA GLN A 467 -40.90 31.86 25.31
C GLN A 467 -42.28 31.20 25.31
N GLN A 468 -42.86 31.07 24.12
CA GLN A 468 -44.18 30.48 23.94
C GLN A 468 -44.10 29.26 23.04
N VAL A 469 -44.90 28.25 23.35
CA VAL A 469 -44.95 27.06 22.50
C VAL A 469 -46.37 27.08 21.96
N SER A 470 -46.52 27.12 20.64
CA SER A 470 -47.83 27.19 20.04
C SER A 470 -48.09 26.11 19.02
N ILE A 471 -49.37 25.88 18.77
CA ILE A 471 -49.79 24.93 17.75
C ILE A 471 -50.86 25.64 16.91
N LEU A 472 -50.63 25.68 15.61
CA LEU A 472 -51.55 26.33 14.68
C LEU A 472 -52.09 25.28 13.71
N THR A 473 -53.38 25.36 13.39
CA THR A 473 -53.98 24.39 12.46
C THR A 473 -54.39 25.10 11.18
N VAL A 474 -53.89 24.62 10.05
CA VAL A 474 -54.26 25.21 8.77
C VAL A 474 -55.03 24.17 7.96
N PRO A 475 -56.34 24.42 7.77
CA PRO A 475 -57.20 23.50 7.01
C PRO A 475 -56.77 23.40 5.56
N ALA A 476 -57.09 22.28 4.93
CA ALA A 476 -56.76 22.07 3.52
C ALA A 476 -57.56 23.07 2.68
N GLU A 477 -56.90 23.68 1.68
CA GLU A 477 -57.57 24.64 0.82
C GLU A 477 -58.09 23.98 -0.45
N GLU A 478 -57.27 23.12 -1.05
CA GLU A 478 -57.69 22.43 -2.26
C GLU A 478 -58.01 20.98 -1.94
N PRO A 479 -58.90 20.36 -2.74
CA PRO A 479 -59.31 18.97 -2.58
C PRO A 479 -58.14 18.02 -2.77
N GLY A 480 -58.16 16.91 -2.04
CA GLY A 480 -57.09 15.93 -2.13
C GLY A 480 -55.96 16.22 -1.15
N SER A 481 -55.99 17.40 -0.54
CA SER A 481 -54.97 17.78 0.43
C SER A 481 -55.54 17.65 1.82
N PHE A 482 -54.67 17.69 2.83
CA PHE A 482 -55.11 17.55 4.20
C PHE A 482 -54.67 18.68 5.10
N ALA A 483 -55.31 18.74 6.26
CA ALA A 483 -55.03 19.77 7.24
C ALA A 483 -53.56 19.74 7.63
N VAL A 484 -52.96 20.93 7.68
CA VAL A 484 -51.56 21.06 8.04
C VAL A 484 -51.41 21.47 9.49
N ARG A 485 -50.63 20.71 10.23
CA ARG A 485 -50.36 21.01 11.63
C ARG A 485 -49.03 21.79 11.77
N VAL A 486 -49.09 22.96 12.41
CA VAL A 486 -47.89 23.79 12.60
C VAL A 486 -47.53 23.92 14.07
N ILE A 487 -46.35 23.44 14.44
CA ILE A 487 -45.93 23.53 15.85
C ILE A 487 -44.71 24.45 16.00
N GLU A 488 -44.86 25.46 16.85
CA GLU A 488 -43.78 26.42 17.08
C GLU A 488 -43.14 26.24 18.47
N LEU A 489 -41.84 25.97 18.47
CA LEU A 489 -41.08 25.78 19.70
C LEU A 489 -40.16 26.96 19.95
N CYS A 490 -40.03 27.35 21.22
CA CYS A 490 -39.16 28.44 21.60
C CYS A 490 -37.91 27.84 22.22
N SER A 491 -36.84 28.63 22.25
CA SER A 491 -35.57 28.16 22.78
C SER A 491 -35.62 27.49 24.14
N SER A 492 -36.49 27.94 25.03
CA SER A 492 -36.56 27.30 26.35
C SER A 492 -37.02 25.85 26.29
N THR A 493 -37.53 25.39 25.14
CA THR A 493 -37.93 24.00 25.00
C THR A 493 -36.65 23.20 24.76
N MET A 494 -35.51 23.89 24.69
CA MET A 494 -34.21 23.27 24.43
C MET A 494 -34.15 22.57 23.07
N THR A 495 -34.78 23.15 22.05
CA THR A 495 -34.75 22.53 20.72
C THR A 495 -34.10 23.43 19.67
N CYS A 496 -33.81 24.67 20.04
CA CYS A 496 -33.19 25.65 19.16
C CYS A 496 -32.46 26.69 20.00
N MET A 497 -31.53 27.41 19.37
CA MET A 497 -30.72 28.43 20.04
C MET A 497 -31.52 29.68 20.37
N LYS A 498 -31.06 30.42 21.36
CA LYS A 498 -31.74 31.67 21.76
C LYS A 498 -31.79 32.60 20.57
N GLY A 499 -32.91 33.28 20.39
CA GLY A 499 -33.03 34.18 19.26
C GLY A 499 -33.76 33.56 18.10
N THR A 500 -34.05 32.27 18.15
CA THR A 500 -34.77 31.63 17.03
C THR A 500 -35.93 30.83 17.53
N TYR A 501 -36.74 30.35 16.60
CA TYR A 501 -37.88 29.51 16.91
C TYR A 501 -37.73 28.31 15.97
N LEU A 502 -38.20 27.16 16.42
CA LEU A 502 -38.15 25.96 15.57
C LEU A 502 -39.59 25.66 15.23
N VAL A 503 -39.94 25.79 13.96
CA VAL A 503 -41.31 25.53 13.53
C VAL A 503 -41.40 24.25 12.74
N HIS A 504 -42.34 23.39 13.14
CA HIS A 504 -42.55 22.11 12.46
C HIS A 504 -43.92 22.10 11.81
N LEU A 505 -43.94 21.72 10.54
CA LEU A 505 -45.16 21.61 9.78
C LEU A 505 -45.28 20.15 9.37
N THR A 506 -46.50 19.64 9.46
CA THR A 506 -46.79 18.24 9.12
C THR A 506 -48.19 18.10 8.52
N CYS A 507 -48.34 17.11 7.65
CA CYS A 507 -49.63 16.80 7.04
C CYS A 507 -49.49 15.50 6.28
N MET A 508 -50.62 14.77 6.20
CA MET A 508 -50.65 13.56 5.42
C MET A 508 -50.26 13.99 4.03
N SER A 509 -49.47 13.21 3.28
CA SER A 509 -49.03 13.63 1.95
C SER A 509 -50.08 13.57 0.86
N SER A 510 -49.87 14.38 -0.15
CA SER A 510 -50.70 14.51 -1.33
C SER A 510 -49.69 14.37 -2.48
N LYS A 511 -48.76 15.32 -2.52
CA LYS A 511 -47.69 15.30 -3.51
C LYS A 511 -46.38 15.32 -2.70
N THR A 512 -45.38 16.08 -3.13
CA THR A 512 -44.14 16.13 -2.38
C THR A 512 -44.25 17.08 -1.20
N ALA A 513 -43.33 16.93 -0.24
CA ALA A 513 -43.31 17.77 0.93
C ALA A 513 -43.34 19.27 0.58
N ARG A 514 -42.44 19.69 -0.29
CA ARG A 514 -42.39 21.09 -0.65
C ARG A 514 -43.71 21.57 -1.26
N GLU A 515 -44.22 20.84 -2.23
CA GLU A 515 -45.46 21.22 -2.86
C GLU A 515 -46.62 21.30 -1.87
N ASP A 516 -46.66 20.38 -0.91
CA ASP A 516 -47.75 20.37 0.07
C ASP A 516 -47.67 21.46 1.10
N LEU A 517 -46.44 21.79 1.51
CA LEU A 517 -46.24 22.73 2.60
C LEU A 517 -45.71 24.15 2.31
N GLU A 518 -44.88 24.34 1.29
CA GLU A 518 -44.34 25.67 1.06
C GLU A 518 -45.43 26.74 0.98
N ARG A 519 -46.61 26.37 0.52
CA ARG A 519 -47.70 27.29 0.40
C ARG A 519 -47.99 27.92 1.76
N VAL A 520 -48.04 27.06 2.77
CA VAL A 520 -48.31 27.48 4.13
C VAL A 520 -47.14 28.24 4.73
N VAL A 521 -45.92 27.81 4.44
CA VAL A 521 -44.75 28.48 4.97
C VAL A 521 -44.78 29.93 4.49
N GLN A 522 -45.08 30.10 3.21
CA GLN A 522 -45.13 31.40 2.54
C GLN A 522 -46.15 32.38 3.12
N LYS A 523 -47.28 31.85 3.60
CA LYS A 523 -48.33 32.68 4.19
C LYS A 523 -47.98 33.11 5.61
N LEU A 524 -47.17 32.31 6.30
CA LEU A 524 -46.78 32.59 7.67
C LEU A 524 -45.41 33.26 7.83
N PHE A 525 -44.45 32.90 6.99
CA PHE A 525 -43.12 33.46 7.10
C PHE A 525 -42.61 34.16 5.84
N THR A 526 -41.59 34.98 6.01
CA THR A 526 -41.02 35.67 4.87
C THR A 526 -39.52 35.37 4.87
N PRO A 527 -39.00 34.85 3.74
CA PRO A 527 -37.57 34.52 3.63
C PRO A 527 -36.69 35.66 4.07
N TYR A 528 -35.68 35.35 4.87
CA TYR A 528 -34.76 36.37 5.35
C TYR A 528 -34.13 37.07 4.15
N THR A 529 -33.84 38.35 4.31
CA THR A 529 -33.19 39.15 3.26
C THR A 529 -32.35 40.26 3.89
N GLU A 530 -31.58 40.96 3.06
CA GLU A 530 -30.75 42.06 3.49
C GLU A 530 -31.44 43.33 3.06
N ILE A 531 -32.77 43.32 3.10
CA ILE A 531 -33.59 44.46 2.71
C ILE A 531 -34.31 44.93 3.97
N GLU A 532 -33.89 46.05 4.53
CA GLU A 532 -34.54 46.58 5.73
C GLU A 532 -35.87 47.20 5.36
N ALA A 533 -36.93 46.81 6.06
CA ALA A 533 -38.26 47.35 5.80
C ALA A 533 -38.55 48.54 6.72
N GLU A 534 -39.50 49.37 6.32
CA GLU A 534 -39.90 50.54 7.09
C GLU A 534 -40.12 50.21 8.56
N ASN A 535 -40.75 49.08 8.82
CA ASN A 535 -41.05 48.66 10.18
C ASN A 535 -41.05 47.12 10.25
N GLU A 536 -40.12 46.55 11.01
CA GLU A 536 -40.00 45.10 11.17
C GLU A 536 -41.04 44.52 12.13
N GLN A 537 -41.38 45.27 13.17
CA GLN A 537 -42.36 44.84 14.16
C GLN A 537 -43.71 44.45 13.55
N VAL A 538 -44.01 44.97 12.37
CA VAL A 538 -45.27 44.67 11.69
C VAL A 538 -45.08 43.62 10.60
N GLU A 539 -43.81 43.30 10.35
CA GLU A 539 -43.43 42.34 9.33
C GLU A 539 -43.62 40.90 9.81
N LYS A 540 -43.78 39.99 8.85
CA LYS A 540 -43.92 38.58 9.17
C LYS A 540 -42.59 38.07 9.68
N PRO A 541 -42.62 37.03 10.52
CA PRO A 541 -41.34 36.51 11.04
C PRO A 541 -40.44 36.06 9.88
N ARG A 542 -39.14 36.10 10.09
CA ARG A 542 -38.18 35.70 9.06
C ARG A 542 -37.75 34.25 9.13
N LEU A 543 -37.72 33.65 7.94
CA LEU A 543 -37.32 32.27 7.76
C LEU A 543 -35.82 32.29 7.49
N LEU A 544 -35.03 31.62 8.33
CA LEU A 544 -33.59 31.61 8.17
C LEU A 544 -33.11 30.36 7.43
N TRP A 545 -33.73 29.23 7.75
CA TRP A 545 -33.34 27.97 7.16
C TRP A 545 -34.58 27.07 7.12
N ALA A 546 -34.75 26.36 6.00
CA ALA A 546 -35.89 25.48 5.83
C ALA A 546 -35.52 24.12 5.25
N LEU A 547 -36.23 23.08 5.73
CA LEU A 547 -36.05 21.71 5.26
C LEU A 547 -37.42 21.09 4.97
N TYR A 548 -37.55 20.42 3.82
CA TYR A 548 -38.78 19.73 3.45
C TYR A 548 -38.43 18.29 3.14
N PHE A 549 -39.30 17.36 3.51
CA PHE A 549 -39.05 15.95 3.21
C PHE A 549 -40.26 15.08 3.48
N ASN A 550 -40.31 13.94 2.79
CA ASN A 550 -41.41 13.02 2.96
C ASN A 550 -40.92 11.80 3.71
N MET A 551 -41.73 11.35 4.66
CA MET A 551 -41.39 10.19 5.44
C MET A 551 -42.44 9.12 5.16
N ARG A 552 -42.00 7.87 5.04
CA ARG A 552 -42.93 6.79 4.80
C ARG A 552 -43.83 6.61 6.01
N ASP A 553 -45.11 6.36 5.73
CA ASP A 553 -46.11 6.10 6.77
C ASP A 553 -46.45 4.62 6.63
N SER A 554 -45.98 3.81 7.56
CA SER A 554 -46.24 2.39 7.54
C SER A 554 -47.21 2.01 8.66
N SER A 555 -47.88 3.01 9.24
CA SER A 555 -48.84 2.75 10.30
C SER A 555 -50.11 2.10 9.77
N ASP A 556 -50.86 1.45 10.65
CA ASP A 556 -52.09 0.76 10.29
C ASP A 556 -51.95 -0.14 9.08
N ILE A 557 -50.89 -0.93 9.02
CA ILE A 557 -50.71 -1.85 7.92
C ILE A 557 -50.82 -3.23 8.50
N SER A 558 -51.68 -4.03 7.90
CA SER A 558 -51.91 -5.39 8.39
C SER A 558 -50.66 -6.23 8.29
N ARG A 559 -50.48 -7.05 9.32
CA ARG A 559 -49.35 -7.96 9.39
C ARG A 559 -49.26 -8.82 8.12
N ASP A 560 -50.38 -9.40 7.69
CA ASP A 560 -50.38 -10.27 6.52
C ASP A 560 -50.02 -9.62 5.18
N CYS A 561 -49.96 -8.29 5.14
CA CYS A 561 -49.57 -7.59 3.92
C CYS A 561 -48.13 -7.95 3.56
N TYR A 562 -47.36 -8.33 4.58
CA TYR A 562 -45.96 -8.71 4.41
C TYR A 562 -45.86 -10.17 3.98
N ASN A 563 -44.89 -10.47 3.12
CA ASN A 563 -44.72 -11.85 2.60
C ASN A 563 -43.88 -12.76 3.48
N ASP A 564 -44.33 -13.98 3.55
CA ASP A 564 -43.69 -15.11 4.20
C ASP A 564 -42.98 -14.91 5.53
N LEU A 565 -43.52 -14.04 6.37
CA LEU A 565 -42.93 -13.80 7.68
C LEU A 565 -43.51 -14.80 8.68
N PRO A 566 -42.63 -15.54 9.37
CA PRO A 566 -43.09 -16.51 10.36
C PRO A 566 -44.01 -15.87 11.41
N SER A 567 -44.86 -16.69 12.00
CA SER A 567 -45.82 -16.22 12.99
C SER A 567 -45.18 -15.63 14.25
N ASN A 568 -43.93 -15.97 14.53
CA ASN A 568 -43.28 -15.45 15.71
C ASN A 568 -42.39 -14.25 15.38
N VAL A 569 -42.65 -13.64 14.22
CA VAL A 569 -41.93 -12.46 13.76
C VAL A 569 -42.98 -11.35 13.73
N TYR A 570 -42.78 -10.30 14.52
CA TYR A 570 -43.75 -9.22 14.55
C TYR A 570 -43.20 -7.97 13.89
N VAL A 571 -44.08 -7.10 13.40
CA VAL A 571 -43.65 -5.87 12.72
C VAL A 571 -44.13 -4.58 13.36
N CYS A 572 -43.21 -3.63 13.50
CA CYS A 572 -43.55 -2.31 14.05
C CYS A 572 -43.53 -1.29 12.90
N SER A 573 -44.49 -0.38 12.93
CA SER A 573 -44.54 0.64 11.90
C SER A 573 -43.70 1.84 12.39
N GLY A 574 -43.49 2.81 11.49
CA GLY A 574 -42.75 4.00 11.84
C GLY A 574 -43.79 4.95 12.39
N PRO A 575 -43.52 6.26 12.46
CA PRO A 575 -44.54 7.17 13.00
C PRO A 575 -45.69 7.42 12.02
N ASP A 576 -46.81 7.93 12.54
CA ASP A 576 -47.99 8.27 11.75
C ASP A 576 -48.03 9.78 11.61
N SER A 577 -49.00 10.29 10.84
CA SER A 577 -49.10 11.72 10.58
C SER A 577 -49.94 12.47 11.60
N GLY A 578 -50.56 11.75 12.52
CA GLY A 578 -51.40 12.38 13.52
C GLY A 578 -50.68 13.19 14.59
N LEU A 579 -51.45 13.92 15.39
CA LEU A 579 -50.91 14.77 16.43
C LEU A 579 -50.33 14.03 17.64
N GLY A 580 -50.83 12.83 17.91
CA GLY A 580 -50.36 12.08 19.08
C GLY A 580 -49.68 10.75 18.83
N ASN A 581 -49.24 10.13 19.91
CA ASN A 581 -48.53 8.85 19.83
C ASN A 581 -49.38 7.60 20.13
N ASP A 582 -50.71 7.75 20.16
CA ASP A 582 -51.59 6.60 20.45
C ASP A 582 -51.30 5.37 19.58
N ASN A 583 -50.86 5.59 18.35
CA ASN A 583 -50.59 4.46 17.49
C ASN A 583 -49.36 3.72 17.97
N ALA A 584 -48.39 4.45 18.53
CA ALA A 584 -47.16 3.81 19.03
C ALA A 584 -47.43 2.94 20.25
N VAL A 585 -48.27 3.44 21.16
CA VAL A 585 -48.63 2.69 22.37
C VAL A 585 -49.53 1.50 21.98
N LYS A 586 -50.65 1.76 21.31
CA LYS A 586 -51.56 0.69 20.92
C LYS A 586 -50.92 -0.53 20.22
N GLN A 587 -50.06 -0.30 19.24
CA GLN A 587 -49.45 -1.44 18.58
C GLN A 587 -48.52 -2.21 19.52
N ALA A 588 -47.82 -1.48 20.40
CA ALA A 588 -46.92 -2.11 21.36
C ALA A 588 -47.74 -3.00 22.29
N GLU A 589 -48.80 -2.41 22.82
CA GLU A 589 -49.71 -3.08 23.72
C GLU A 589 -50.23 -4.35 23.01
N THR A 590 -50.71 -4.20 21.78
CA THR A 590 -51.21 -5.35 21.02
C THR A 590 -50.14 -6.42 20.86
N LEU A 591 -48.92 -5.99 20.58
CA LEU A 591 -47.82 -6.93 20.43
C LEU A 591 -47.60 -7.68 21.75
N PHE A 592 -47.53 -6.93 22.84
CA PHE A 592 -47.31 -7.54 24.15
C PHE A 592 -48.34 -8.61 24.45
N GLN A 593 -49.58 -8.41 24.03
CA GLN A 593 -50.62 -9.40 24.28
C GLN A 593 -50.36 -10.73 23.57
N GLN A 594 -49.66 -10.67 22.44
CA GLN A 594 -49.37 -11.89 21.69
C GLN A 594 -48.11 -12.57 22.18
N ILE A 595 -47.15 -11.78 22.69
CA ILE A 595 -45.88 -12.32 23.17
C ILE A 595 -45.94 -12.76 24.65
N CYS A 596 -46.69 -12.04 25.46
CA CYS A 596 -46.82 -12.36 26.88
C CYS A 596 -48.29 -12.35 27.29
N PRO A 597 -49.04 -13.38 26.87
CA PRO A 597 -50.47 -13.45 27.23
C PRO A 597 -50.70 -13.29 28.73
N ASN A 598 -51.75 -12.55 29.07
CA ASN A 598 -52.11 -12.31 30.47
C ASN A 598 -50.89 -11.94 31.30
N GLU A 599 -50.50 -10.69 31.24
CA GLU A 599 -49.39 -10.13 31.98
C GLU A 599 -49.68 -8.64 31.98
N ASP A 600 -49.57 -8.00 33.12
CA ASP A 600 -49.77 -6.56 33.17
C ASP A 600 -48.74 -5.90 32.24
N PHE A 601 -49.22 -5.03 31.37
CA PHE A 601 -48.38 -4.32 30.41
C PHE A 601 -47.63 -3.19 31.09
N CYS A 602 -46.31 -3.30 31.16
CA CYS A 602 -45.49 -2.28 31.79
C CYS A 602 -46.00 -1.89 33.14
N PRO A 603 -46.08 -2.86 34.06
CA PRO A 603 -46.55 -2.54 35.40
C PRO A 603 -45.60 -1.57 36.06
N ALA A 604 -46.08 -0.93 37.10
CA ALA A 604 -45.27 0.01 37.84
C ALA A 604 -44.17 -0.80 38.54
N PRO A 605 -42.94 -0.28 38.57
CA PRO A 605 -41.83 -0.99 39.23
C PRO A 605 -42.16 -1.15 40.72
N PRO A 606 -41.54 -2.14 41.38
CA PRO A 606 -41.74 -2.44 42.81
C PRO A 606 -41.68 -1.20 43.71
N ASN A 607 -42.40 -1.22 44.81
CA ASN A 607 -42.40 -0.10 45.74
C ASN A 607 -42.75 -0.46 47.18
N PRO A 608 -41.94 -0.01 48.14
CA PRO A 608 -42.19 -0.31 49.56
C PRO A 608 -43.40 0.44 50.15
N GLU A 609 -44.02 1.32 49.37
CA GLU A 609 -45.16 2.10 49.86
C GLU A 609 -46.54 1.57 49.44
N ASP A 610 -46.57 0.64 48.48
CA ASP A 610 -47.84 0.09 48.01
C ASP A 610 -48.65 -0.49 49.16
N ILE A 611 -48.06 -1.44 49.89
CA ILE A 611 -48.72 -2.06 51.04
C ILE A 611 -48.08 -1.54 52.33
N VAL A 612 -48.79 -0.65 53.02
CA VAL A 612 -48.30 -0.08 54.27
C VAL A 612 -48.65 -0.99 55.45
N LEU A 613 -47.65 -1.27 56.28
CA LEU A 613 -47.80 -2.11 57.48
C LEU A 613 -47.59 -1.31 58.77
N ASP A 614 -48.00 -1.90 59.89
CA ASP A 614 -47.89 -1.31 61.25
C ASP A 614 -46.62 -0.52 61.62
N LYS B 6 -32.60 25.20 47.56
CA LYS B 6 -32.97 23.93 46.87
C LYS B 6 -32.29 23.87 45.52
N VAL B 7 -31.34 22.94 45.38
CA VAL B 7 -30.61 22.74 44.11
C VAL B 7 -30.34 21.28 43.74
N LEU B 8 -30.78 20.90 42.54
CA LEU B 8 -30.62 19.52 42.05
C LEU B 8 -29.45 19.39 41.08
N LEU B 9 -28.53 18.47 41.35
CA LEU B 9 -27.36 18.27 40.49
C LEU B 9 -27.38 16.89 39.82
N LYS B 10 -27.16 16.88 38.51
CA LYS B 10 -27.15 15.64 37.78
C LYS B 10 -25.71 15.25 37.55
N VAL B 11 -25.37 14.05 38.00
CA VAL B 11 -24.01 13.53 37.90
C VAL B 11 -24.08 12.19 37.16
N ILE B 12 -23.28 12.04 36.11
CA ILE B 12 -23.28 10.73 35.44
C ILE B 12 -21.92 10.11 35.68
N ILE B 13 -21.89 8.77 35.73
CA ILE B 13 -20.67 8.04 35.95
C ILE B 13 -20.36 7.21 34.70
N LEU B 14 -19.29 7.60 34.00
CA LEU B 14 -18.83 6.97 32.76
C LEU B 14 -17.59 6.09 32.90
N GLY B 15 -17.43 5.20 31.94
CA GLY B 15 -16.30 4.29 31.91
C GLY B 15 -16.71 2.94 31.35
N ASP B 16 -15.72 2.13 30.97
CA ASP B 16 -15.99 0.81 30.43
C ASP B 16 -16.75 -0.10 31.41
N SER B 17 -17.35 -1.14 30.86
CA SER B 17 -18.06 -2.11 31.68
C SER B 17 -17.07 -2.74 32.66
N GLY B 18 -17.58 -3.22 33.78
CA GLY B 18 -16.74 -3.87 34.75
C GLY B 18 -15.79 -3.03 35.60
N VAL B 19 -15.70 -1.70 35.44
CA VAL B 19 -14.77 -0.96 36.30
C VAL B 19 -15.29 -0.67 37.73
N GLY B 20 -16.61 -0.73 37.94
CA GLY B 20 -17.12 -0.49 39.28
C GLY B 20 -18.06 0.70 39.39
N LYS B 21 -18.46 1.24 38.25
CA LYS B 21 -19.35 2.40 38.27
C LYS B 21 -20.58 2.22 39.17
N THR B 22 -21.35 1.16 38.93
CA THR B 22 -22.55 0.88 39.70
C THR B 22 -22.25 0.65 41.18
N SER B 23 -21.11 0.01 41.47
CA SER B 23 -20.71 -0.25 42.85
C SER B 23 -20.29 1.05 43.51
N LEU B 24 -19.65 1.94 42.76
CA LEU B 24 -19.23 3.21 43.35
C LEU B 24 -20.44 4.01 43.78
N MET B 25 -21.50 3.93 42.98
CA MET B 25 -22.75 4.65 43.23
C MET B 25 -23.47 4.07 44.43
N ASN B 26 -23.63 2.75 44.45
CA ASN B 26 -24.30 2.07 45.54
C ASN B 26 -23.57 2.17 46.86
N GLN B 27 -22.24 2.21 46.80
CA GLN B 27 -21.44 2.31 48.01
C GLN B 27 -21.59 3.71 48.60
N TYR B 28 -21.61 4.71 47.75
CA TYR B 28 -21.74 6.09 48.18
C TYR B 28 -23.09 6.44 48.78
N VAL B 29 -24.17 6.03 48.11
CA VAL B 29 -25.51 6.33 48.56
C VAL B 29 -26.00 5.35 49.62
N ASN B 30 -25.85 4.06 49.34
CA ASN B 30 -26.32 3.01 50.25
C ASN B 30 -25.30 2.35 51.16
N LYS B 31 -24.04 2.78 51.11
CA LYS B 31 -23.00 2.17 51.93
C LYS B 31 -23.06 0.66 51.92
N LYS B 32 -23.40 0.07 50.78
CA LYS B 32 -23.49 -1.38 50.68
C LYS B 32 -22.90 -1.92 49.37
N PHE B 33 -22.01 -2.91 49.51
CA PHE B 33 -21.35 -3.53 48.38
C PHE B 33 -21.93 -4.92 48.13
N SER B 34 -21.77 -5.46 46.92
CA SER B 34 -22.33 -6.78 46.60
C SER B 34 -21.40 -7.68 45.77
N ASN B 35 -21.62 -8.99 45.87
CA ASN B 35 -20.81 -9.99 45.15
C ASN B 35 -19.32 -9.67 45.24
N ILE B 41 -28.93 -6.13 40.20
CA ILE B 41 -29.61 -5.96 38.91
C ILE B 41 -30.78 -4.97 39.02
N GLY B 42 -30.76 -3.93 38.18
CA GLY B 42 -31.84 -2.96 38.23
C GLY B 42 -31.47 -1.59 38.74
N ALA B 43 -30.18 -1.26 38.74
CA ALA B 43 -29.74 0.06 39.17
C ALA B 43 -30.19 1.07 38.11
N ASP B 44 -30.74 2.19 38.54
CA ASP B 44 -31.23 3.21 37.64
C ASP B 44 -30.56 4.53 38.02
N PHE B 45 -31.05 5.16 39.08
CA PHE B 45 -30.46 6.39 39.55
C PHE B 45 -30.79 6.56 41.03
N LEU B 46 -29.81 7.08 41.77
CA LEU B 46 -29.97 7.29 43.19
C LEU B 46 -29.93 8.78 43.52
N THR B 47 -30.58 9.15 44.61
CA THR B 47 -30.59 10.54 45.03
C THR B 47 -30.01 10.64 46.43
N LYS B 48 -29.22 11.68 46.68
CA LYS B 48 -28.63 11.90 47.98
C LYS B 48 -28.51 13.38 48.31
N GLU B 49 -28.90 13.72 49.53
CA GLU B 49 -28.84 15.08 50.03
C GLU B 49 -27.44 15.27 50.63
N VAL B 50 -26.73 16.32 50.22
CA VAL B 50 -25.41 16.55 50.78
C VAL B 50 -25.11 18.02 51.02
N MET B 51 -24.12 18.25 51.86
CA MET B 51 -23.69 19.58 52.23
C MET B 51 -22.38 19.90 51.53
N VAL B 52 -22.40 20.93 50.73
CA VAL B 52 -21.20 21.34 50.01
C VAL B 52 -20.80 22.71 50.52
N ASP B 53 -19.75 22.76 51.34
CA ASP B 53 -19.26 24.02 51.89
C ASP B 53 -20.45 24.79 52.48
N ASP B 54 -21.16 24.11 53.37
CA ASP B 54 -22.33 24.65 54.09
C ASP B 54 -23.64 24.79 53.30
N ARG B 55 -23.55 24.78 51.98
CA ARG B 55 -24.75 24.90 51.15
C ARG B 55 -25.40 23.50 50.95
N LEU B 56 -26.71 23.44 51.11
CA LEU B 56 -27.44 22.16 50.97
C LEU B 56 -27.78 21.92 49.50
N VAL B 57 -27.39 20.77 48.98
CA VAL B 57 -27.67 20.44 47.58
C VAL B 57 -28.27 19.04 47.48
N THR B 58 -28.78 18.71 46.30
CA THR B 58 -29.34 17.38 46.07
C THR B 58 -28.59 16.77 44.91
N MET B 59 -28.07 15.59 45.10
CA MET B 59 -27.34 14.96 44.01
C MET B 59 -28.13 13.78 43.44
N GLN B 60 -28.21 13.73 42.12
CA GLN B 60 -28.93 12.68 41.40
C GLN B 60 -27.89 11.89 40.58
N ILE B 61 -27.54 10.70 41.05
CA ILE B 61 -26.54 9.89 40.35
C ILE B 61 -27.20 8.95 39.33
N TRP B 62 -26.81 9.05 38.06
CA TRP B 62 -27.38 8.20 37.03
C TRP B 62 -26.48 7.03 36.64
N ASP B 63 -27.04 5.82 36.73
CA ASP B 63 -26.31 4.62 36.36
C ASP B 63 -26.54 4.41 34.86
N THR B 64 -25.60 3.75 34.20
CA THR B 64 -25.68 3.47 32.77
C THR B 64 -26.66 2.35 32.38
N ALA B 65 -27.24 1.67 33.37
CA ALA B 65 -28.13 0.54 33.11
C ALA B 65 -27.45 -0.44 32.13
N GLY B 66 -26.12 -0.46 32.18
CA GLY B 66 -25.32 -1.34 31.33
C GLY B 66 -25.27 -1.05 29.84
N GLN B 67 -25.85 0.06 29.39
CA GLN B 67 -25.84 0.38 27.96
C GLN B 67 -24.46 0.68 27.39
N GLU B 68 -23.43 0.65 28.21
CA GLU B 68 -22.08 0.92 27.73
C GLU B 68 -21.39 -0.38 27.35
N ARG B 69 -21.99 -1.49 27.78
CA ARG B 69 -21.43 -2.80 27.49
C ARG B 69 -21.09 -2.86 25.99
N PHE B 70 -21.94 -2.27 25.16
CA PHE B 70 -21.65 -2.25 23.75
C PHE B 70 -21.62 -0.84 23.22
N GLN B 71 -21.10 0.03 24.07
CA GLN B 71 -20.94 1.45 23.80
C GLN B 71 -22.21 1.99 23.12
N SER B 72 -23.33 1.82 23.80
CA SER B 72 -24.60 2.29 23.25
C SER B 72 -25.36 3.25 24.15
N LEU B 73 -24.62 4.20 24.73
CA LEU B 73 -25.23 5.20 25.58
C LEU B 73 -25.71 6.31 24.63
N GLY B 74 -26.95 6.73 24.80
CA GLY B 74 -27.50 7.76 23.93
C GLY B 74 -27.39 9.16 24.46
N VAL B 75 -27.74 10.13 23.62
CA VAL B 75 -27.65 11.53 24.00
C VAL B 75 -28.54 11.85 25.21
N ALA B 76 -29.72 11.25 25.29
CA ALA B 76 -30.59 11.53 26.42
C ALA B 76 -29.86 11.40 27.74
N PHE B 77 -29.04 10.36 27.86
CA PHE B 77 -28.30 10.09 29.07
C PHE B 77 -27.39 11.24 29.53
N TYR B 78 -26.83 12.00 28.60
CA TYR B 78 -25.93 13.11 28.92
C TYR B 78 -26.57 14.47 29.14
N ARG B 79 -27.80 14.64 28.66
CA ARG B 79 -28.49 15.93 28.78
C ARG B 79 -28.33 16.60 30.14
N GLY B 80 -27.87 17.86 30.14
CA GLY B 80 -27.70 18.70 31.34
C GLY B 80 -26.85 18.14 32.49
N ALA B 81 -25.84 17.31 32.22
CA ALA B 81 -25.00 16.77 33.30
C ALA B 81 -24.22 17.92 33.95
N ASP B 82 -24.18 17.94 35.28
CA ASP B 82 -23.43 19.00 35.98
C ASP B 82 -21.99 18.54 36.22
N CYS B 83 -21.80 17.22 36.33
CA CYS B 83 -20.47 16.66 36.53
C CYS B 83 -20.39 15.27 35.93
N CYS B 84 -19.23 14.94 35.36
CA CYS B 84 -19.07 13.63 34.77
C CYS B 84 -17.90 12.85 35.38
N VAL B 85 -18.23 11.78 36.10
CA VAL B 85 -17.24 10.93 36.73
C VAL B 85 -16.69 9.92 35.70
N LEU B 86 -15.36 9.90 35.53
CA LEU B 86 -14.71 8.97 34.61
C LEU B 86 -14.03 7.92 35.47
N VAL B 87 -14.47 6.68 35.38
CA VAL B 87 -13.91 5.61 36.18
C VAL B 87 -13.16 4.55 35.37
N PHE B 88 -12.06 4.04 35.94
CA PHE B 88 -11.32 2.97 35.30
C PHE B 88 -10.86 2.01 36.39
N ASP B 89 -10.42 0.82 35.99
CA ASP B 89 -9.94 -0.23 36.91
C ASP B 89 -8.41 -0.20 36.92
N VAL B 90 -7.82 0.08 38.08
CA VAL B 90 -6.36 0.13 38.14
C VAL B 90 -5.69 -1.19 37.77
N THR B 91 -6.45 -2.28 37.76
CA THR B 91 -5.89 -3.58 37.39
C THR B 91 -6.13 -3.94 35.92
N ALA B 92 -6.85 -3.07 35.19
CA ALA B 92 -7.14 -3.33 33.78
C ALA B 92 -6.70 -2.10 32.99
N PRO B 93 -5.43 -2.06 32.56
CA PRO B 93 -4.87 -0.93 31.80
C PRO B 93 -5.68 -0.49 30.59
N ASN B 94 -6.45 -1.38 30.01
CA ASN B 94 -7.24 -0.98 28.85
C ASN B 94 -8.39 -0.06 29.25
N THR B 95 -8.93 -0.23 30.45
CA THR B 95 -10.03 0.63 30.87
C THR B 95 -9.51 2.03 31.17
N PHE B 96 -8.19 2.19 31.27
CA PHE B 96 -7.59 3.50 31.52
C PHE B 96 -7.34 4.20 30.19
N LYS B 97 -6.99 3.42 29.16
CA LYS B 97 -6.72 3.97 27.83
C LYS B 97 -7.96 4.51 27.13
N THR B 98 -9.14 4.08 27.58
CA THR B 98 -10.39 4.53 26.97
C THR B 98 -10.96 5.78 27.62
N LEU B 99 -10.26 6.28 28.64
CA LEU B 99 -10.65 7.48 29.36
C LEU B 99 -10.83 8.67 28.42
N ASP B 100 -9.93 8.82 27.45
CA ASP B 100 -10.05 9.92 26.49
C ASP B 100 -11.33 9.76 25.65
N SER B 101 -11.53 8.57 25.11
CA SER B 101 -12.71 8.30 24.30
C SER B 101 -14.01 8.59 25.06
N TRP B 102 -14.04 8.26 26.34
CA TRP B 102 -15.24 8.53 27.14
C TRP B 102 -15.39 10.01 27.41
N ARG B 103 -14.25 10.70 27.48
CA ARG B 103 -14.28 12.14 27.75
C ARG B 103 -14.76 12.84 26.49
N ASP B 104 -14.21 12.44 25.35
CA ASP B 104 -14.59 13.03 24.08
C ASP B 104 -16.07 12.83 23.86
N GLU B 105 -16.53 11.61 24.12
CA GLU B 105 -17.93 11.29 23.93
C GLU B 105 -18.80 12.22 24.76
N PHE B 106 -18.44 12.39 26.04
CA PHE B 106 -19.22 13.27 26.90
C PHE B 106 -19.39 14.66 26.31
N LEU B 107 -18.30 15.25 25.81
CA LEU B 107 -18.37 16.58 25.24
C LEU B 107 -19.20 16.58 23.98
N ILE B 108 -19.12 15.51 23.19
CA ILE B 108 -19.91 15.41 21.96
C ILE B 108 -21.42 15.41 22.26
N GLN B 109 -21.83 14.51 23.15
CA GLN B 109 -23.23 14.34 23.50
C GLN B 109 -23.80 15.37 24.48
N ALA B 110 -22.99 15.85 25.42
CA ALA B 110 -23.53 16.81 26.37
C ALA B 110 -23.43 18.29 25.98
N SER B 111 -22.49 18.66 25.12
CA SER B 111 -22.43 20.04 24.68
C SER B 111 -22.55 20.97 25.89
N PRO B 112 -21.68 20.82 26.88
CA PRO B 112 -21.80 21.70 28.04
C PRO B 112 -21.28 23.14 27.80
N ARG B 113 -21.76 24.07 28.62
CA ARG B 113 -21.33 25.48 28.52
C ARG B 113 -19.87 25.50 28.97
N ASP B 114 -19.00 26.09 28.17
CA ASP B 114 -17.58 26.18 28.51
C ASP B 114 -17.03 24.79 28.78
N PRO B 115 -17.09 23.89 27.78
CA PRO B 115 -16.62 22.51 27.86
C PRO B 115 -15.14 22.34 28.21
N GLU B 116 -14.32 23.33 27.88
CA GLU B 116 -12.90 23.22 28.18
C GLU B 116 -12.61 23.29 29.68
N ASN B 117 -13.62 23.62 30.46
CA ASN B 117 -13.48 23.69 31.92
C ASN B 117 -14.56 22.87 32.62
N PHE B 118 -15.20 21.97 31.88
CA PHE B 118 -16.25 21.13 32.45
C PHE B 118 -15.70 20.25 33.57
N PRO B 119 -16.45 20.14 34.68
CA PRO B 119 -16.11 19.36 35.88
C PRO B 119 -16.04 17.85 35.69
N PHE B 120 -14.84 17.34 35.40
CA PHE B 120 -14.61 15.91 35.25
C PHE B 120 -13.84 15.42 36.47
N VAL B 121 -14.27 14.33 37.07
CA VAL B 121 -13.55 13.76 38.21
C VAL B 121 -13.21 12.33 37.80
N VAL B 122 -11.96 11.94 37.98
CA VAL B 122 -11.50 10.61 37.61
C VAL B 122 -11.28 9.68 38.80
N LEU B 123 -11.91 8.51 38.76
CA LEU B 123 -11.74 7.56 39.83
C LEU B 123 -11.01 6.29 39.34
N GLY B 124 -9.83 6.05 39.91
CA GLY B 124 -9.10 4.83 39.67
C GLY B 124 -9.63 3.84 40.68
N ASN B 125 -10.49 2.92 40.24
CA ASN B 125 -11.12 2.00 41.17
C ASN B 125 -10.46 0.63 41.36
N LYS B 126 -10.89 -0.04 42.42
CA LYS B 126 -10.42 -1.37 42.81
C LYS B 126 -8.98 -1.39 43.33
N ILE B 127 -8.60 -0.35 44.06
CA ILE B 127 -7.24 -0.29 44.59
C ILE B 127 -7.00 -1.37 45.64
N ASP B 128 -8.07 -1.96 46.15
CA ASP B 128 -7.93 -3.02 47.15
C ASP B 128 -7.33 -4.26 46.51
N LEU B 129 -7.40 -4.35 45.18
CA LEU B 129 -6.85 -5.49 44.50
C LEU B 129 -5.33 -5.36 44.43
N GLU B 130 -4.64 -6.46 44.71
CA GLU B 130 -3.18 -6.46 44.71
C GLU B 130 -2.45 -6.39 43.37
N ASN B 131 -3.03 -6.93 42.30
CA ASN B 131 -2.37 -6.91 40.98
C ASN B 131 -2.62 -5.66 40.14
N ARG B 132 -2.36 -4.50 40.72
CA ARG B 132 -2.53 -3.23 40.00
C ARG B 132 -1.65 -3.19 38.75
N GLN B 133 -2.14 -2.51 37.71
CA GLN B 133 -1.40 -2.41 36.46
C GLN B 133 -1.21 -0.97 36.05
N VAL B 134 -2.01 -0.06 36.61
CA VAL B 134 -1.87 1.34 36.27
C VAL B 134 -1.32 2.16 37.45
N ALA B 135 -0.17 2.76 37.24
CA ALA B 135 0.49 3.54 38.27
C ALA B 135 -0.20 4.85 38.60
N THR B 136 -0.15 5.20 39.87
CA THR B 136 -0.74 6.42 40.36
C THR B 136 -0.19 7.63 39.61
N LYS B 137 1.13 7.69 39.43
CA LYS B 137 1.74 8.81 38.72
C LYS B 137 1.24 8.95 37.30
N ARG B 138 1.15 7.83 36.59
CA ARG B 138 0.69 7.80 35.20
C ARG B 138 -0.70 8.40 35.07
N ALA B 139 -1.62 7.95 35.92
CA ALA B 139 -3.00 8.42 35.91
C ALA B 139 -3.05 9.89 36.32
N GLN B 140 -2.16 10.31 37.20
CA GLN B 140 -2.15 11.70 37.62
C GLN B 140 -1.67 12.59 36.48
N ALA B 141 -0.66 12.14 35.74
CA ALA B 141 -0.15 12.92 34.62
C ALA B 141 -1.24 13.14 33.58
N TRP B 142 -2.01 12.09 33.29
CA TRP B 142 -3.07 12.20 32.29
C TRP B 142 -4.17 13.13 32.80
N CYS B 143 -4.51 12.99 34.07
CA CYS B 143 -5.53 13.83 34.67
C CYS B 143 -5.13 15.28 34.63
N TYR B 144 -3.84 15.52 34.87
CA TYR B 144 -3.33 16.88 34.84
C TYR B 144 -3.36 17.44 33.43
N SER B 145 -2.89 16.66 32.47
CA SER B 145 -2.85 17.09 31.06
C SER B 145 -4.23 17.48 30.54
N LYS B 146 -5.27 16.99 31.19
CA LYS B 146 -6.62 17.33 30.75
C LYS B 146 -7.21 18.50 31.54
N ASN B 147 -6.49 19.63 31.50
CA ASN B 147 -6.97 20.82 32.18
C ASN B 147 -7.06 20.60 33.69
N ASN B 148 -6.10 19.83 34.21
CA ASN B 148 -5.99 19.55 35.64
C ASN B 148 -7.29 19.06 36.31
N ILE B 149 -7.82 17.92 35.89
CA ILE B 149 -9.03 17.42 36.54
C ILE B 149 -8.63 16.58 37.78
N PRO B 150 -9.48 16.61 38.83
CA PRO B 150 -9.21 15.87 40.07
C PRO B 150 -9.15 14.37 39.90
N TYR B 151 -8.21 13.74 40.62
CA TYR B 151 -8.06 12.30 40.58
C TYR B 151 -8.07 11.62 41.95
N PHE B 152 -8.98 10.66 42.12
CA PHE B 152 -9.08 9.92 43.37
C PHE B 152 -8.92 8.42 43.11
N GLU B 153 -8.24 7.72 44.01
CA GLU B 153 -8.08 6.28 43.87
C GLU B 153 -9.08 5.70 44.86
N THR B 154 -9.96 4.85 44.38
CA THR B 154 -11.01 4.29 45.22
C THR B 154 -11.13 2.78 45.25
N SER B 155 -11.98 2.32 46.16
CA SER B 155 -12.31 0.91 46.30
C SER B 155 -13.78 0.87 46.73
N ALA B 156 -14.67 0.53 45.81
CA ALA B 156 -16.06 0.47 46.18
C ALA B 156 -16.27 -0.69 47.15
N LYS B 157 -15.46 -1.74 47.00
CA LYS B 157 -15.55 -2.94 47.84
C LYS B 157 -15.25 -2.67 49.31
N GLU B 158 -14.13 -2.02 49.58
CA GLU B 158 -13.74 -1.71 50.96
C GLU B 158 -14.14 -0.30 51.36
N ALA B 159 -14.87 0.39 50.49
CA ALA B 159 -15.29 1.77 50.77
C ALA B 159 -14.12 2.64 51.20
N ILE B 160 -13.15 2.79 50.30
CA ILE B 160 -11.96 3.61 50.56
C ILE B 160 -11.99 4.81 49.62
N ASN B 161 -12.05 6.02 50.17
CA ASN B 161 -12.01 7.24 49.35
C ASN B 161 -13.27 7.58 48.56
N VAL B 162 -14.31 6.77 48.71
CA VAL B 162 -15.56 7.01 47.99
C VAL B 162 -16.27 8.26 48.51
N GLU B 163 -16.47 8.30 49.82
CA GLU B 163 -17.13 9.44 50.44
C GLU B 163 -16.42 10.76 50.07
N GLN B 164 -15.11 10.81 50.25
CA GLN B 164 -14.37 12.02 49.95
C GLN B 164 -14.38 12.31 48.44
N ALA B 165 -14.26 11.26 47.64
CA ALA B 165 -14.30 11.44 46.19
C ALA B 165 -15.64 12.10 45.81
N PHE B 166 -16.74 11.61 46.37
CA PHE B 166 -18.02 12.23 46.05
C PHE B 166 -18.21 13.62 46.65
N GLN B 167 -17.45 13.96 47.69
CA GLN B 167 -17.58 15.33 48.24
C GLN B 167 -17.07 16.33 47.18
N THR B 168 -15.96 15.99 46.51
CA THR B 168 -15.40 16.84 45.46
C THR B 168 -16.31 16.82 44.24
N ILE B 169 -16.80 15.64 43.86
CA ILE B 169 -17.68 15.51 42.72
C ILE B 169 -18.85 16.45 42.95
N ALA B 170 -19.38 16.44 44.17
CA ALA B 170 -20.50 17.30 44.52
C ALA B 170 -20.15 18.79 44.45
N ARG B 171 -19.01 19.19 45.01
CA ARG B 171 -18.59 20.60 44.99
C ARG B 171 -18.42 21.09 43.57
N ASN B 172 -17.76 20.26 42.74
CA ASN B 172 -17.54 20.59 41.35
C ASN B 172 -18.83 20.61 40.54
N ALA B 173 -19.75 19.72 40.91
CA ALA B 173 -21.04 19.65 40.23
C ALA B 173 -21.79 20.96 40.48
N LEU B 174 -21.76 21.43 41.74
CA LEU B 174 -22.43 22.67 42.13
C LEU B 174 -21.79 23.89 41.45
N LYS B 175 -20.50 23.81 41.18
CA LYS B 175 -19.82 24.90 40.53
C LYS B 175 -20.42 25.03 39.13
N GLN B 176 -20.39 23.94 38.36
CA GLN B 176 -20.93 23.91 37.00
C GLN B 176 -22.42 24.28 36.96
N GLU B 177 -23.16 23.84 37.96
CA GLU B 177 -24.58 24.15 38.03
C GLU B 177 -24.83 25.64 38.31
N THR B 178 -23.93 26.27 39.07
CA THR B 178 -24.10 27.69 39.38
C THR B 178 -23.52 28.62 38.31
N GLU B 179 -22.34 28.28 37.79
CA GLU B 179 -21.68 29.10 36.76
C GLU B 179 -22.66 29.34 35.60
N ASP C 3 -79.39 18.91 44.68
CA ASP C 3 -78.99 17.51 44.31
C ASP C 3 -80.17 16.73 43.72
N ASN C 4 -80.09 16.45 42.42
CA ASN C 4 -81.14 15.70 41.72
C ASN C 4 -80.55 14.52 40.97
N LEU C 5 -80.89 13.32 41.39
CA LEU C 5 -80.37 12.13 40.75
C LEU C 5 -80.64 12.14 39.23
N PRO C 6 -79.59 11.97 38.43
CA PRO C 6 -79.75 11.94 36.98
C PRO C 6 -80.61 10.73 36.58
N SER C 7 -81.34 10.84 35.47
CA SER C 7 -82.19 9.75 35.03
C SER C 7 -81.49 8.83 34.04
N ASP C 8 -80.20 9.07 33.83
CA ASP C 8 -79.41 8.30 32.87
C ASP C 8 -78.00 7.97 33.35
N PHE C 9 -77.63 6.71 33.19
CA PHE C 9 -76.30 6.22 33.54
C PHE C 9 -75.93 5.07 32.59
N ASP C 10 -74.64 4.75 32.55
CA ASP C 10 -74.15 3.65 31.73
C ASP C 10 -74.33 2.36 32.53
N VAL C 11 -73.86 2.38 33.78
CA VAL C 11 -74.00 1.20 34.63
C VAL C 11 -74.63 1.56 35.96
N ILE C 12 -75.52 0.67 36.40
CA ILE C 12 -76.19 0.82 37.68
C ILE C 12 -75.88 -0.46 38.43
N VAL C 13 -75.34 -0.31 39.64
CA VAL C 13 -74.98 -1.46 40.47
C VAL C 13 -75.78 -1.39 41.76
N ILE C 14 -76.46 -2.48 42.08
CA ILE C 14 -77.28 -2.57 43.28
C ILE C 14 -76.63 -3.51 44.29
N GLY C 15 -76.18 -2.91 45.40
CA GLY C 15 -75.51 -3.65 46.45
C GLY C 15 -74.10 -3.09 46.53
N THR C 16 -73.56 -2.93 47.74
CA THR C 16 -72.21 -2.41 47.86
C THR C 16 -71.24 -3.42 48.45
N GLY C 17 -71.48 -4.70 48.15
CA GLY C 17 -70.59 -5.76 48.62
C GLY C 17 -69.26 -5.66 47.88
N LEU C 18 -68.26 -6.45 48.26
CA LEU C 18 -66.96 -6.38 47.59
C LEU C 18 -67.02 -6.55 46.06
N PRO C 19 -67.63 -7.65 45.57
CA PRO C 19 -67.72 -7.86 44.11
C PRO C 19 -68.32 -6.64 43.42
N GLU C 20 -69.49 -6.21 43.87
CA GLU C 20 -70.15 -5.04 43.30
C GLU C 20 -69.24 -3.81 43.30
N SER C 21 -68.51 -3.62 44.39
CA SER C 21 -67.65 -2.46 44.50
C SER C 21 -66.48 -2.50 43.52
N ILE C 22 -65.89 -3.68 43.34
CA ILE C 22 -64.77 -3.80 42.42
C ILE C 22 -65.21 -3.54 41.00
N ILE C 23 -66.38 -4.07 40.63
CA ILE C 23 -66.86 -3.85 39.28
C ILE C 23 -67.36 -2.41 39.10
N ALA C 24 -67.86 -1.81 40.17
CA ALA C 24 -68.31 -0.41 40.06
C ALA C 24 -67.07 0.45 39.84
N ALA C 25 -66.01 0.15 40.58
CA ALA C 25 -64.78 0.89 40.46
C ALA C 25 -64.14 0.74 39.07
N ALA C 26 -64.04 -0.49 38.57
CA ALA C 26 -63.45 -0.74 37.26
C ALA C 26 -64.24 -0.02 36.19
N CYS C 27 -65.57 -0.11 36.27
CA CYS C 27 -66.42 0.55 35.27
C CYS C 27 -66.29 2.06 35.33
N SER C 28 -66.23 2.61 36.54
CA SER C 28 -66.12 4.05 36.68
C SER C 28 -64.76 4.53 36.20
N ARG C 29 -63.71 3.83 36.63
CA ARG C 29 -62.34 4.17 36.26
C ARG C 29 -62.18 4.14 34.73
N SER C 30 -62.89 3.22 34.11
CA SER C 30 -62.87 3.03 32.67
C SER C 30 -63.49 4.20 31.91
N GLY C 31 -64.37 4.94 32.56
CA GLY C 31 -65.01 6.06 31.90
C GLY C 31 -66.52 5.98 31.90
N GLN C 32 -67.06 4.87 32.40
CA GLN C 32 -68.50 4.70 32.43
C GLN C 32 -69.12 5.51 33.57
N ARG C 33 -70.24 6.17 33.28
CA ARG C 33 -70.96 6.92 34.29
C ARG C 33 -71.68 5.86 35.15
N VAL C 34 -71.30 5.75 36.42
CA VAL C 34 -71.86 4.73 37.33
C VAL C 34 -72.74 5.24 38.48
N LEU C 35 -73.82 4.50 38.74
CA LEU C 35 -74.72 4.79 39.86
C LEU C 35 -74.66 3.55 40.73
N HIS C 36 -74.28 3.75 41.98
CA HIS C 36 -74.15 2.66 42.93
C HIS C 36 -75.09 2.94 44.09
N VAL C 37 -76.02 2.04 44.33
CA VAL C 37 -76.97 2.23 45.42
C VAL C 37 -76.99 1.00 46.30
N ASP C 38 -77.57 1.16 47.49
CA ASP C 38 -77.67 0.08 48.46
C ASP C 38 -78.90 0.41 49.30
N SER C 39 -79.51 -0.58 49.94
CA SER C 39 -80.69 -0.33 50.74
C SER C 39 -80.35 -0.05 52.19
N ARG C 40 -79.19 -0.54 52.61
CA ARG C 40 -78.72 -0.34 53.96
C ARG C 40 -78.34 1.13 54.13
N SER C 41 -77.93 1.48 55.34
CA SER C 41 -77.51 2.84 55.65
C SER C 41 -76.01 2.86 55.88
N TYR C 42 -75.35 1.81 55.38
CA TYR C 42 -73.90 1.66 55.51
C TYR C 42 -73.43 0.82 54.30
N TYR C 43 -72.14 0.84 54.02
CA TYR C 43 -71.56 0.08 52.91
C TYR C 43 -71.19 -1.36 53.28
N GLY C 44 -71.17 -2.25 52.27
CA GLY C 44 -70.70 -3.63 52.50
C GLY C 44 -71.69 -4.80 52.35
N GLY C 45 -72.99 -4.60 52.47
CA GLY C 45 -73.89 -5.74 52.41
C GLY C 45 -73.35 -6.76 53.40
N ASN C 46 -73.33 -8.02 52.98
CA ASN C 46 -72.84 -9.09 53.87
C ASN C 46 -71.32 -9.13 54.02
N TRP C 47 -70.67 -8.06 53.57
CA TRP C 47 -69.22 -7.94 53.69
C TRP C 47 -68.90 -6.81 54.67
N ALA C 48 -69.94 -6.18 55.18
CA ALA C 48 -69.74 -5.07 56.10
C ALA C 48 -69.20 -5.48 57.45
N SER C 49 -68.73 -4.49 58.21
CA SER C 49 -68.27 -4.68 59.56
C SER C 49 -69.01 -3.70 60.42
N PHE C 50 -69.24 -4.02 61.69
CA PHE C 50 -69.97 -3.09 62.55
C PHE C 50 -69.25 -2.75 63.87
N SER C 51 -69.73 -1.67 64.48
CA SER C 51 -69.27 -1.28 65.79
C SER C 51 -70.04 -2.20 66.72
N PHE C 52 -69.83 -2.19 68.03
CA PHE C 52 -70.62 -3.13 68.83
C PHE C 52 -72.12 -2.78 68.82
N SER C 53 -72.47 -1.51 69.04
CA SER C 53 -73.85 -1.11 69.01
C SER C 53 -74.44 -1.38 67.63
N GLY C 54 -73.65 -1.14 66.59
CA GLY C 54 -74.11 -1.37 65.24
C GLY C 54 -74.42 -2.85 64.96
N LEU C 55 -73.64 -3.74 65.55
CA LEU C 55 -73.87 -5.16 65.34
C LEU C 55 -75.19 -5.56 66.00
N LEU C 56 -75.40 -5.10 67.23
CA LEU C 56 -76.64 -5.40 67.93
C LEU C 56 -77.81 -4.98 67.05
N SER C 57 -77.71 -3.78 66.50
CA SER C 57 -78.74 -3.23 65.63
C SER C 57 -78.91 -4.10 64.38
N TRP C 58 -77.81 -4.65 63.90
CA TRP C 58 -77.83 -5.51 62.71
C TRP C 58 -78.56 -6.80 63.06
N LEU C 59 -78.33 -7.28 64.29
CA LEU C 59 -78.94 -8.50 64.78
C LEU C 59 -80.46 -8.48 64.80
N LYS C 60 -81.01 -7.33 65.20
CA LYS C 60 -82.46 -7.18 65.28
C LYS C 60 -83.29 -7.85 64.20
N GLU C 61 -83.30 -7.26 63.01
CA GLU C 61 -84.10 -7.77 61.90
C GLU C 61 -84.01 -9.27 61.63
N TYR C 62 -82.88 -9.88 61.96
CA TYR C 62 -82.69 -11.30 61.71
C TYR C 62 -83.05 -12.18 62.88
N GLN C 63 -83.68 -11.56 63.88
CA GLN C 63 -84.11 -12.27 65.07
C GLN C 63 -85.57 -11.94 65.36
N GLU C 64 -85.95 -10.65 65.12
CA GLU C 64 -87.27 -10.13 65.47
C GLU C 64 -87.91 -8.97 64.64
N ASN C 65 -88.61 -9.26 63.52
CA ASN C 65 -89.33 -8.29 62.63
C ASN C 65 -90.48 -8.90 61.84
N ASN C 66 -90.32 -9.04 60.52
CA ASN C 66 -91.38 -9.70 59.76
C ASN C 66 -92.55 -8.76 59.66
N ASP C 67 -92.63 -8.09 58.50
CA ASP C 67 -93.63 -7.09 58.18
C ASP C 67 -94.71 -7.59 57.27
N VAL C 68 -95.91 -7.69 57.81
CA VAL C 68 -97.07 -8.15 57.04
C VAL C 68 -97.87 -6.92 56.61
N VAL C 69 -97.28 -5.74 56.80
CA VAL C 69 -97.93 -4.47 56.45
C VAL C 69 -97.08 -3.61 55.49
N THR C 70 -96.66 -4.20 54.37
CA THR C 70 -95.83 -3.47 53.39
C THR C 70 -96.35 -3.58 51.95
N GLU C 71 -96.66 -2.42 51.36
CA GLU C 71 -97.17 -2.32 50.00
C GLU C 71 -96.45 -1.20 49.23
N ASN C 72 -95.27 -1.51 48.70
CA ASN C 72 -94.48 -0.53 47.95
C ASN C 72 -95.16 -0.10 46.65
N SER C 73 -95.65 1.14 46.63
CA SER C 73 -96.31 1.71 45.44
C SER C 73 -95.31 2.64 44.76
N MET C 74 -95.79 3.40 43.78
CA MET C 74 -94.97 4.35 43.03
C MET C 74 -94.23 3.80 41.81
N TRP C 75 -94.53 2.56 41.39
CA TRP C 75 -93.83 2.07 40.20
C TRP C 75 -94.72 1.48 39.12
N GLN C 76 -95.75 0.75 39.49
CA GLN C 76 -96.64 0.19 38.48
C GLN C 76 -97.08 1.32 37.52
N GLU C 77 -97.25 2.51 38.06
CA GLU C 77 -97.69 3.66 37.29
C GLU C 77 -96.58 4.21 36.36
N GLN C 78 -95.34 3.78 36.55
CA GLN C 78 -94.22 4.26 35.76
C GLN C 78 -93.80 3.33 34.63
N ILE C 79 -94.56 2.26 34.42
CA ILE C 79 -94.28 1.32 33.36
C ILE C 79 -94.81 1.93 32.07
N LEU C 80 -93.99 1.99 31.03
CA LEU C 80 -94.42 2.58 29.76
C LEU C 80 -94.98 1.53 28.81
N GLU C 81 -95.27 1.96 27.59
CA GLU C 81 -95.78 1.06 26.57
C GLU C 81 -94.70 0.03 26.29
N ASN C 82 -95.11 -1.19 25.99
CA ASN C 82 -94.17 -2.26 25.69
C ASN C 82 -93.04 -2.46 26.67
N GLU C 83 -93.41 -2.48 27.94
CA GLU C 83 -92.46 -2.69 29.00
C GLU C 83 -93.15 -3.60 30.00
N GLU C 84 -92.36 -4.30 30.78
CA GLU C 84 -92.92 -5.15 31.82
C GLU C 84 -91.90 -5.11 32.94
N ALA C 85 -92.33 -5.42 34.15
CA ALA C 85 -91.42 -5.32 35.28
C ALA C 85 -91.01 -6.62 35.96
N ILE C 86 -89.84 -6.59 36.51
CA ILE C 86 -89.28 -7.67 37.31
C ILE C 86 -89.07 -7.07 38.66
N PRO C 87 -90.02 -7.27 39.58
CA PRO C 87 -89.85 -6.70 40.92
C PRO C 87 -88.59 -7.25 41.57
N LEU C 88 -87.96 -6.42 42.39
CA LEU C 88 -86.78 -6.84 43.11
C LEU C 88 -87.23 -7.26 44.51
N SER C 89 -86.30 -7.78 45.29
CA SER C 89 -86.62 -8.19 46.65
C SER C 89 -86.72 -6.94 47.52
N SER C 90 -87.69 -6.90 48.43
CA SER C 90 -87.83 -5.73 49.31
C SER C 90 -87.36 -6.04 50.73
N LYS C 91 -87.09 -7.31 51.00
CA LYS C 91 -86.61 -7.72 52.31
C LYS C 91 -85.46 -8.70 52.16
N ASP C 92 -84.39 -8.48 52.92
CA ASP C 92 -83.23 -9.36 52.84
C ASP C 92 -83.44 -10.62 53.65
N LYS C 93 -83.05 -11.77 53.11
CA LYS C 93 -83.20 -13.01 53.86
C LYS C 93 -81.98 -13.92 53.80
N THR C 94 -80.81 -13.30 53.83
CA THR C 94 -79.54 -14.01 53.75
C THR C 94 -78.92 -14.44 55.08
N ILE C 95 -79.54 -14.05 56.20
CA ILE C 95 -79.02 -14.36 57.53
C ILE C 95 -80.00 -15.21 58.32
N GLN C 96 -79.51 -16.26 58.98
CA GLN C 96 -80.40 -17.15 59.72
C GLN C 96 -79.75 -17.77 60.95
N HIS C 97 -80.57 -18.26 61.86
CA HIS C 97 -80.08 -18.92 63.05
C HIS C 97 -79.13 -18.07 63.89
N VAL C 98 -79.56 -16.84 64.17
CA VAL C 98 -78.79 -15.92 64.98
C VAL C 98 -78.83 -16.39 66.45
N GLU C 99 -77.66 -16.52 67.06
CA GLU C 99 -77.63 -16.95 68.45
C GLU C 99 -76.67 -16.00 69.15
N VAL C 100 -77.10 -15.37 70.23
CA VAL C 100 -76.22 -14.45 70.95
C VAL C 100 -76.16 -14.81 72.43
N PHE C 101 -74.94 -14.92 72.96
CA PHE C 101 -74.76 -15.25 74.37
C PHE C 101 -73.80 -14.26 75.01
N CYS C 102 -74.21 -13.67 76.13
CA CYS C 102 -73.38 -12.74 76.87
C CYS C 102 -73.02 -13.38 78.22
N TYR C 103 -71.81 -13.91 78.31
CA TYR C 103 -71.35 -14.56 79.53
C TYR C 103 -70.77 -13.56 80.53
N ALA C 104 -70.21 -12.46 80.03
CA ALA C 104 -69.63 -11.46 80.91
C ALA C 104 -70.66 -10.90 81.87
N SER C 105 -70.16 -10.46 83.03
CA SER C 105 -71.01 -9.90 84.08
C SER C 105 -71.73 -8.68 83.51
N GLN C 106 -73.04 -8.61 83.75
CA GLN C 106 -73.87 -7.52 83.26
C GLN C 106 -73.74 -6.24 84.10
N ASP C 107 -72.48 -5.85 84.39
CA ASP C 107 -72.13 -4.65 85.17
C ASP C 107 -70.68 -4.73 85.65
N ARG C 211 -60.61 -8.15 84.54
CA ARG C 211 -62.04 -8.42 84.45
C ARG C 211 -62.77 -7.42 83.54
N ILE C 212 -63.43 -7.95 82.52
CA ILE C 212 -64.16 -7.12 81.56
C ILE C 212 -65.65 -7.37 81.67
N THR C 213 -66.41 -6.30 81.82
CA THR C 213 -67.85 -6.44 81.95
C THR C 213 -68.58 -6.03 80.68
N TYR C 214 -69.84 -6.44 80.56
CA TYR C 214 -70.62 -6.09 79.39
C TYR C 214 -70.72 -4.57 79.26
N SER C 215 -70.76 -3.90 80.42
CA SER C 215 -70.83 -2.45 80.42
C SER C 215 -69.56 -1.87 79.80
N GLN C 216 -68.41 -2.47 80.12
CA GLN C 216 -67.15 -1.99 79.57
C GLN C 216 -67.14 -2.21 78.06
N ILE C 217 -67.78 -3.28 77.59
CA ILE C 217 -67.82 -3.56 76.16
C ILE C 217 -68.73 -2.52 75.49
N ILE C 218 -69.91 -2.30 76.04
CA ILE C 218 -70.81 -1.31 75.47
C ILE C 218 -70.13 0.04 75.44
N LYS C 219 -69.60 0.44 76.59
CA LYS C 219 -68.93 1.72 76.71
C LYS C 219 -67.86 1.90 75.63
N GLU C 220 -67.10 0.85 75.35
CA GLU C 220 -66.05 0.90 74.33
C GLU C 220 -66.51 0.39 72.97
N GLY C 221 -67.82 0.21 72.79
CA GLY C 221 -68.36 -0.31 71.55
C GLY C 221 -67.74 0.18 70.25
N ARG C 222 -67.37 1.45 70.23
CA ARG C 222 -66.76 2.05 69.06
C ARG C 222 -65.36 1.53 68.71
N ARG C 223 -64.69 0.87 69.65
CA ARG C 223 -63.37 0.31 69.41
C ARG C 223 -63.49 -1.02 68.69
N PHE C 224 -64.71 -1.52 68.55
CA PHE C 224 -64.95 -2.79 67.87
C PHE C 224 -65.37 -2.57 66.43
N ASN C 225 -64.92 -3.48 65.58
CA ASN C 225 -65.25 -3.48 64.16
C ASN C 225 -65.37 -4.95 63.78
N ILE C 226 -66.57 -5.48 63.98
CA ILE C 226 -66.84 -6.89 63.73
C ILE C 226 -67.23 -7.22 62.29
N ASP C 227 -66.41 -8.07 61.64
CA ASP C 227 -66.68 -8.47 60.27
C ASP C 227 -67.70 -9.59 60.16
N LEU C 228 -68.59 -9.47 59.17
CA LEU C 228 -69.54 -10.52 58.90
C LEU C 228 -68.77 -11.63 58.18
N VAL C 229 -67.77 -11.21 57.40
CA VAL C 229 -66.91 -12.10 56.62
C VAL C 229 -65.52 -12.22 57.27
N SER C 230 -65.07 -13.44 57.50
CA SER C 230 -63.75 -13.67 58.09
C SER C 230 -62.79 -14.26 57.04
N LYS C 231 -61.93 -13.41 56.50
CA LYS C 231 -60.95 -13.80 55.50
C LYS C 231 -59.60 -13.17 55.80
N LEU C 232 -58.61 -13.66 55.07
CA LEU C 232 -57.25 -13.20 55.17
C LEU C 232 -56.80 -12.81 53.77
N LEU C 233 -55.78 -11.98 53.70
CA LEU C 233 -55.20 -11.54 52.43
C LEU C 233 -53.86 -12.24 52.20
N TYR C 234 -53.76 -13.00 51.11
CA TYR C 234 -52.48 -13.66 50.80
C TYR C 234 -51.57 -12.51 50.34
N SER C 235 -50.30 -12.55 50.70
CA SER C 235 -49.35 -11.50 50.31
C SER C 235 -49.26 -11.40 48.79
N ARG C 236 -49.69 -12.46 48.11
CA ARG C 236 -49.69 -12.52 46.66
C ARG C 236 -51.00 -13.18 46.27
N GLY C 237 -51.76 -12.51 45.40
CA GLY C 237 -53.02 -13.06 44.97
C GLY C 237 -53.83 -12.00 44.28
N LEU C 238 -54.96 -12.41 43.71
CA LEU C 238 -55.82 -11.48 43.00
C LEU C 238 -56.08 -10.16 43.72
N LEU C 239 -56.75 -10.19 44.86
CA LEU C 239 -57.04 -8.95 45.57
C LEU C 239 -55.82 -8.06 45.89
N ILE C 240 -54.80 -8.63 46.49
CA ILE C 240 -53.62 -7.84 46.83
C ILE C 240 -53.04 -7.25 45.53
N ASP C 241 -53.05 -8.05 44.47
CA ASP C 241 -52.52 -7.59 43.19
C ASP C 241 -53.33 -6.43 42.65
N LEU C 242 -54.64 -6.51 42.83
CA LEU C 242 -55.52 -5.46 42.34
C LEU C 242 -55.33 -4.21 43.18
N LEU C 243 -55.27 -4.37 44.50
CA LEU C 243 -55.09 -3.21 45.38
C LEU C 243 -53.81 -2.46 45.01
N ILE C 244 -52.73 -3.19 44.82
CA ILE C 244 -51.46 -2.56 44.46
C ILE C 244 -51.49 -1.87 43.09
N LYS C 245 -51.94 -2.59 42.07
CA LYS C 245 -52.00 -2.07 40.72
C LYS C 245 -52.89 -0.83 40.60
N SER C 246 -54.08 -0.92 41.16
CA SER C 246 -55.07 0.15 41.12
C SER C 246 -54.78 1.27 42.09
N ASN C 247 -53.93 0.99 43.08
CA ASN C 247 -53.54 1.95 44.10
C ASN C 247 -54.61 2.17 45.18
N VAL C 248 -55.64 1.33 45.16
CA VAL C 248 -56.71 1.41 46.15
C VAL C 248 -56.04 1.11 47.50
N SER C 249 -54.85 0.51 47.41
CA SER C 249 -54.04 0.17 48.57
C SER C 249 -53.65 1.42 49.39
N ARG C 250 -53.81 2.60 48.81
CA ARG C 250 -53.47 3.81 49.56
C ARG C 250 -54.48 4.06 50.66
N TYR C 251 -55.68 3.53 50.48
CA TYR C 251 -56.77 3.71 51.43
C TYR C 251 -56.76 2.77 52.65
N ALA C 252 -55.72 1.94 52.78
CA ALA C 252 -55.68 1.00 53.88
C ALA C 252 -54.28 0.66 54.37
N GLU C 253 -54.19 0.10 55.55
CA GLU C 253 -52.95 -0.33 56.16
C GLU C 253 -53.21 -1.76 56.58
N PHE C 254 -52.16 -2.56 56.71
CA PHE C 254 -52.34 -3.96 57.06
C PHE C 254 -51.44 -4.44 58.18
N LYS C 255 -51.74 -5.64 58.67
CA LYS C 255 -50.95 -6.26 59.72
C LYS C 255 -50.63 -7.69 59.31
N ASN C 256 -49.39 -8.09 59.57
CA ASN C 256 -48.96 -9.45 59.25
C ASN C 256 -49.55 -10.45 60.23
N ILE C 257 -50.09 -11.51 59.66
CA ILE C 257 -50.50 -12.61 60.50
C ILE C 257 -49.16 -13.18 60.96
N THR C 258 -48.97 -13.53 62.23
CA THR C 258 -47.62 -13.98 62.61
C THR C 258 -47.52 -15.40 63.15
N ARG C 259 -48.65 -16.06 63.33
CA ARG C 259 -48.63 -17.42 63.82
C ARG C 259 -49.60 -18.31 63.08
N ILE C 260 -49.15 -19.46 62.62
CA ILE C 260 -50.02 -20.45 62.01
C ILE C 260 -50.18 -21.52 63.08
N LEU C 261 -51.42 -21.83 63.45
CA LEU C 261 -51.65 -22.80 64.50
C LEU C 261 -52.44 -24.05 64.11
N ALA C 262 -52.22 -25.11 64.88
CA ALA C 262 -52.91 -26.37 64.66
C ALA C 262 -53.18 -27.01 66.01
N PHE C 263 -54.02 -28.04 65.99
CA PHE C 263 -54.39 -28.75 67.19
C PHE C 263 -53.74 -30.13 67.31
N ARG C 264 -52.72 -30.27 68.15
CA ARG C 264 -52.07 -31.56 68.31
C ARG C 264 -52.62 -32.24 69.56
N GLU C 265 -53.53 -33.19 69.33
CA GLU C 265 -54.15 -33.96 70.39
C GLU C 265 -54.75 -33.16 71.53
N GLY C 266 -55.63 -32.22 71.19
CA GLY C 266 -56.28 -31.41 72.22
C GLY C 266 -55.53 -30.20 72.72
N THR C 267 -54.37 -29.91 72.14
CA THR C 267 -53.63 -28.73 72.56
C THR C 267 -53.21 -27.83 71.42
N VAL C 268 -53.46 -26.54 71.59
CA VAL C 268 -53.11 -25.56 70.56
C VAL C 268 -51.62 -25.31 70.51
N GLU C 269 -51.06 -25.25 69.32
CA GLU C 269 -49.65 -25.00 69.17
C GLU C 269 -49.28 -24.41 67.80
N GLN C 270 -48.13 -23.76 67.76
CA GLN C 270 -47.65 -23.12 66.55
C GLN C 270 -46.96 -24.07 65.60
N VAL C 271 -47.38 -24.05 64.35
CA VAL C 271 -46.80 -24.92 63.35
C VAL C 271 -45.80 -24.16 62.48
N PRO C 272 -44.73 -24.86 62.04
CA PRO C 272 -43.67 -24.30 61.20
C PRO C 272 -44.14 -23.85 59.81
N CYS C 273 -43.53 -22.80 59.28
CA CYS C 273 -43.90 -22.29 57.96
C CYS C 273 -42.95 -22.78 56.87
N SER C 274 -41.78 -22.14 56.80
CA SER C 274 -40.77 -22.49 55.81
C SER C 274 -39.88 -23.60 56.37
N ARG C 275 -38.81 -23.92 55.64
CA ARG C 275 -37.90 -24.97 56.08
C ARG C 275 -37.14 -24.49 57.31
N ALA C 276 -36.87 -23.20 57.36
CA ALA C 276 -36.16 -22.63 58.50
C ALA C 276 -37.02 -22.93 59.72
N ASP C 277 -38.33 -23.04 59.49
CA ASP C 277 -39.28 -23.32 60.57
C ASP C 277 -39.27 -24.78 61.00
N VAL C 278 -38.92 -25.69 60.10
CA VAL C 278 -38.84 -27.11 60.42
C VAL C 278 -37.54 -27.35 61.20
N PHE C 279 -37.11 -26.30 61.89
CA PHE C 279 -35.89 -26.31 62.67
C PHE C 279 -36.09 -26.96 64.03
N ASN C 280 -36.80 -26.24 64.90
CA ASN C 280 -37.06 -26.67 66.27
C ASN C 280 -38.29 -27.57 66.39
N SER C 281 -38.95 -27.86 65.27
CA SER C 281 -40.12 -28.72 65.34
C SER C 281 -39.79 -29.94 66.19
N LYS C 282 -40.46 -30.04 67.34
CA LYS C 282 -40.27 -31.15 68.26
C LYS C 282 -41.37 -32.15 68.02
N GLN C 283 -42.32 -31.76 67.16
CA GLN C 283 -43.45 -32.61 66.83
C GLN C 283 -43.11 -33.55 65.67
N LEU C 284 -42.09 -33.19 64.89
CA LEU C 284 -41.70 -33.99 63.73
C LEU C 284 -40.43 -34.80 63.94
N THR C 285 -40.41 -36.03 63.43
CA THR C 285 -39.22 -36.86 63.55
C THR C 285 -38.29 -36.40 62.43
N MET C 286 -37.04 -36.86 62.46
CA MET C 286 -36.07 -36.48 61.45
C MET C 286 -36.52 -36.95 60.08
N VAL C 287 -37.13 -38.13 60.04
CA VAL C 287 -37.63 -38.71 58.81
C VAL C 287 -38.71 -37.82 58.17
N GLU C 288 -39.64 -37.35 59.00
CA GLU C 288 -40.74 -36.50 58.55
C GLU C 288 -40.24 -35.14 58.09
N LYS C 289 -39.33 -34.55 58.85
CA LYS C 289 -38.80 -33.27 58.44
C LYS C 289 -38.27 -33.35 56.99
N ARG C 290 -37.53 -34.42 56.68
CA ARG C 290 -36.99 -34.60 55.35
C ARG C 290 -38.09 -34.82 54.33
N MET C 291 -39.13 -35.56 54.71
CA MET C 291 -40.27 -35.83 53.80
C MET C 291 -40.99 -34.55 53.44
N LEU C 292 -41.29 -33.74 54.45
CA LEU C 292 -41.98 -32.48 54.27
C LEU C 292 -41.24 -31.57 53.30
N MET C 293 -39.96 -31.33 53.58
CA MET C 293 -39.15 -30.49 52.72
C MET C 293 -39.12 -30.99 51.28
N LYS C 294 -39.08 -32.30 51.11
CA LYS C 294 -39.06 -32.88 49.78
C LYS C 294 -40.38 -32.56 49.10
N PHE C 295 -41.47 -32.94 49.76
CA PHE C 295 -42.80 -32.71 49.22
C PHE C 295 -43.11 -31.24 48.97
N LEU C 296 -42.58 -30.36 49.82
CA LEU C 296 -42.83 -28.93 49.63
C LEU C 296 -42.01 -28.43 48.45
N THR C 297 -40.70 -28.65 48.50
CA THR C 297 -39.81 -28.22 47.43
C THR C 297 -40.42 -28.71 46.11
N PHE C 298 -40.95 -29.92 46.13
CA PHE C 298 -41.59 -30.50 44.95
C PHE C 298 -42.78 -29.60 44.55
N CYS C 299 -43.64 -29.29 45.51
CA CYS C 299 -44.82 -28.46 45.28
C CYS C 299 -44.50 -27.08 44.68
N VAL C 300 -43.60 -26.35 45.33
CA VAL C 300 -43.20 -25.02 44.87
C VAL C 300 -43.17 -24.94 43.34
N GLU C 301 -42.72 -26.02 42.72
CA GLU C 301 -42.63 -26.11 41.26
C GLU C 301 -43.31 -27.38 40.77
N TYR C 302 -44.52 -27.63 41.24
CA TYR C 302 -45.24 -28.84 40.84
C TYR C 302 -45.57 -28.81 39.35
N GLU C 303 -45.16 -27.74 38.69
CA GLU C 303 -45.39 -27.58 37.25
C GLU C 303 -44.31 -28.32 36.46
N GLU C 304 -43.06 -28.09 36.86
CA GLU C 304 -41.89 -28.70 36.22
C GLU C 304 -41.82 -30.22 36.40
N HIS C 305 -42.82 -30.81 37.05
CA HIS C 305 -42.84 -32.25 37.27
C HIS C 305 -44.23 -32.88 37.04
N PRO C 306 -44.75 -32.77 35.81
CA PRO C 306 -46.07 -33.31 35.41
C PRO C 306 -46.26 -34.81 35.63
N ASP C 307 -45.22 -35.60 35.38
CA ASP C 307 -45.32 -37.05 35.54
C ASP C 307 -45.28 -37.45 37.03
N GLU C 308 -45.21 -36.46 37.90
CA GLU C 308 -45.16 -36.71 39.33
C GLU C 308 -46.56 -36.54 39.92
N TYR C 309 -47.54 -36.28 39.06
CA TYR C 309 -48.92 -36.09 39.48
C TYR C 309 -49.95 -36.16 38.35
N ARG C 310 -49.51 -36.17 37.09
CA ARG C 310 -50.45 -36.23 35.98
C ARG C 310 -51.28 -37.52 36.11
N ALA C 311 -50.74 -38.47 36.85
CA ALA C 311 -51.40 -39.76 37.09
C ALA C 311 -52.73 -39.53 37.79
N TYR C 312 -52.70 -38.71 38.85
CA TYR C 312 -53.89 -38.41 39.63
C TYR C 312 -54.50 -37.04 39.29
N GLU C 313 -55.78 -37.05 38.93
CA GLU C 313 -56.51 -35.84 38.60
C GLU C 313 -57.97 -35.99 38.96
N GLY C 314 -58.48 -37.22 38.80
CA GLY C 314 -59.86 -37.51 39.14
C GLY C 314 -60.04 -37.67 40.63
N THR C 315 -58.98 -38.08 41.32
CA THR C 315 -59.03 -38.28 42.78
C THR C 315 -58.87 -36.95 43.52
N THR C 316 -59.16 -36.98 44.83
CA THR C 316 -59.05 -35.81 45.69
C THR C 316 -57.59 -35.61 46.08
N PHE C 317 -57.26 -34.42 46.59
CA PHE C 317 -55.89 -34.13 47.01
C PHE C 317 -55.57 -35.02 48.21
N SER C 318 -56.56 -35.20 49.08
CA SER C 318 -56.42 -36.04 50.28
C SER C 318 -56.02 -37.47 49.90
N GLU C 319 -56.70 -38.03 48.91
CA GLU C 319 -56.40 -39.37 48.44
C GLU C 319 -55.00 -39.38 47.82
N TYR C 320 -54.74 -38.41 46.94
CA TYR C 320 -53.45 -38.30 46.29
C TYR C 320 -52.34 -38.33 47.35
N LEU C 321 -52.46 -37.47 48.35
CA LEU C 321 -51.48 -37.39 49.42
C LEU C 321 -51.19 -38.73 50.07
N LYS C 322 -52.23 -39.53 50.29
CA LYS C 322 -52.06 -40.85 50.89
C LYS C 322 -51.05 -41.69 50.09
N THR C 323 -50.92 -41.40 48.79
CA THR C 323 -49.99 -42.12 47.92
C THR C 323 -48.75 -41.26 47.69
N GLN C 324 -48.13 -40.80 48.77
CA GLN C 324 -46.93 -39.97 48.68
C GLN C 324 -45.97 -40.29 49.82
N LYS C 325 -44.70 -39.92 49.64
CA LYS C 325 -43.67 -40.17 50.63
C LYS C 325 -43.92 -39.33 51.88
N LEU C 326 -45.03 -39.59 52.54
CA LEU C 326 -45.42 -38.83 53.74
C LEU C 326 -46.15 -39.67 54.79
N THR C 327 -45.93 -39.34 56.06
CA THR C 327 -46.63 -40.04 57.13
C THR C 327 -48.01 -39.40 57.18
N PRO C 328 -48.99 -40.05 57.81
CA PRO C 328 -50.34 -39.49 57.89
C PRO C 328 -50.41 -38.23 58.77
N ASN C 329 -49.36 -38.01 59.55
CA ASN C 329 -49.29 -36.83 60.41
C ASN C 329 -48.99 -35.61 59.54
N LEU C 330 -48.13 -35.81 58.54
CA LEU C 330 -47.74 -34.76 57.61
C LEU C 330 -48.80 -34.50 56.55
N GLN C 331 -49.28 -35.56 55.91
CA GLN C 331 -50.30 -35.45 54.88
C GLN C 331 -51.46 -34.63 55.46
N TYR C 332 -51.74 -34.93 56.71
CA TYR C 332 -52.78 -34.27 57.48
C TYR C 332 -52.43 -32.78 57.53
N PHE C 333 -51.20 -32.52 57.95
CA PHE C 333 -50.66 -31.18 58.08
C PHE C 333 -50.69 -30.36 56.79
N VAL C 334 -50.49 -31.02 55.66
CA VAL C 334 -50.47 -30.33 54.38
C VAL C 334 -51.88 -30.11 53.86
N LEU C 335 -52.79 -30.99 54.26
CA LEU C 335 -54.16 -30.89 53.82
C LEU C 335 -54.92 -29.76 54.51
N HIS C 336 -54.76 -29.64 55.82
CA HIS C 336 -55.47 -28.62 56.57
C HIS C 336 -54.69 -27.38 57.00
N SER C 337 -53.37 -27.37 56.82
CA SER C 337 -52.61 -26.21 57.26
C SER C 337 -51.91 -25.39 56.18
N ILE C 338 -51.41 -26.06 55.16
CA ILE C 338 -50.69 -25.39 54.06
C ILE C 338 -51.64 -25.12 52.88
N ALA C 339 -52.29 -26.17 52.40
CA ALA C 339 -53.20 -26.04 51.27
C ALA C 339 -54.51 -25.42 51.76
N MET C 340 -54.98 -25.90 52.91
CA MET C 340 -56.22 -25.42 53.50
C MET C 340 -57.34 -25.53 52.48
N THR C 341 -57.52 -26.74 51.97
CA THR C 341 -58.56 -27.05 50.99
C THR C 341 -59.46 -28.14 51.58
N SER C 342 -60.71 -28.18 51.15
CA SER C 342 -61.63 -29.19 51.65
C SER C 342 -61.14 -30.60 51.32
N GLU C 343 -60.57 -31.26 52.33
CA GLU C 343 -60.02 -32.61 52.22
C GLU C 343 -60.85 -33.59 51.37
N THR C 344 -62.10 -33.81 51.78
CA THR C 344 -63.00 -34.75 51.10
C THR C 344 -63.75 -34.16 49.90
N THR C 345 -63.23 -33.07 49.35
CA THR C 345 -63.89 -32.43 48.21
C THR C 345 -62.94 -32.02 47.08
N SER C 346 -61.95 -31.19 47.40
CA SER C 346 -61.02 -30.70 46.38
C SER C 346 -60.20 -31.76 45.62
N CYS C 347 -60.06 -31.53 44.32
CA CYS C 347 -59.33 -32.43 43.43
C CYS C 347 -57.85 -32.50 43.79
N THR C 348 -57.13 -33.42 43.15
CA THR C 348 -55.71 -33.61 43.39
C THR C 348 -54.83 -32.43 42.96
N VAL C 349 -55.19 -31.79 41.85
CA VAL C 349 -54.42 -30.64 41.38
C VAL C 349 -54.74 -29.42 42.25
N ASP C 350 -56.01 -29.29 42.62
CA ASP C 350 -56.48 -28.18 43.46
C ASP C 350 -55.55 -28.03 44.66
N GLY C 351 -55.38 -29.13 45.40
CA GLY C 351 -54.53 -29.12 46.57
C GLY C 351 -53.12 -28.69 46.24
N LEU C 352 -52.58 -29.21 45.15
CA LEU C 352 -51.23 -28.87 44.71
C LEU C 352 -51.12 -27.37 44.48
N LYS C 353 -52.24 -26.78 44.03
CA LYS C 353 -52.32 -25.36 43.73
C LYS C 353 -52.21 -24.51 44.99
N ALA C 354 -53.08 -24.80 45.96
CA ALA C 354 -53.11 -24.07 47.23
C ALA C 354 -51.84 -24.23 48.07
N THR C 355 -51.10 -25.32 47.82
CA THR C 355 -49.86 -25.60 48.53
C THR C 355 -48.79 -24.72 47.94
N LYS C 356 -48.70 -24.74 46.62
CA LYS C 356 -47.73 -23.95 45.90
C LYS C 356 -47.81 -22.48 46.32
N LYS C 357 -48.99 -21.89 46.13
CA LYS C 357 -49.18 -20.48 46.44
C LYS C 357 -48.88 -20.11 47.89
N PHE C 358 -49.20 -21.01 48.81
CA PHE C 358 -48.95 -20.80 50.24
C PHE C 358 -47.46 -20.59 50.48
N LEU C 359 -46.65 -21.39 49.81
CA LEU C 359 -45.20 -21.34 49.95
C LEU C 359 -44.56 -20.11 49.30
N GLN C 360 -45.12 -19.69 48.17
CA GLN C 360 -44.56 -18.54 47.46
C GLN C 360 -44.86 -17.23 48.19
N CYS C 361 -46.00 -17.18 48.87
CA CYS C 361 -46.38 -15.98 49.59
C CYS C 361 -45.54 -15.78 50.83
N LEU C 362 -45.13 -16.89 51.43
CA LEU C 362 -44.31 -16.85 52.63
C LEU C 362 -43.09 -15.95 52.46
N GLY C 363 -42.87 -15.09 53.45
CA GLY C 363 -41.74 -14.18 53.42
C GLY C 363 -41.95 -12.87 52.70
N ARG C 364 -43.05 -12.74 51.96
CA ARG C 364 -43.32 -11.51 51.23
C ARG C 364 -43.28 -10.29 52.13
N TYR C 365 -44.15 -10.26 53.14
CA TYR C 365 -44.22 -9.14 54.09
C TYR C 365 -43.87 -9.56 55.51
N GLY C 366 -43.83 -10.87 55.73
CA GLY C 366 -43.50 -11.39 57.05
C GLY C 366 -43.25 -12.89 57.01
N ASN C 367 -43.15 -13.50 58.20
CA ASN C 367 -42.91 -14.93 58.30
C ASN C 367 -44.00 -15.82 57.70
N THR C 368 -45.26 -15.42 57.81
CA THR C 368 -46.35 -16.23 57.25
C THR C 368 -46.80 -15.62 55.94
N PRO C 369 -47.71 -16.28 55.23
CA PRO C 369 -48.16 -15.71 53.96
C PRO C 369 -49.39 -14.78 54.00
N PHE C 370 -49.83 -14.39 55.23
CA PHE C 370 -51.05 -13.61 55.34
C PHE C 370 -50.99 -12.18 55.90
N LEU C 371 -51.94 -11.35 55.44
CA LEU C 371 -52.08 -9.97 55.87
C LEU C 371 -53.54 -9.73 56.27
N PHE C 372 -53.75 -8.78 57.19
CA PHE C 372 -55.10 -8.42 57.64
C PHE C 372 -55.23 -6.90 57.65
N PRO C 373 -56.31 -6.36 57.04
CA PRO C 373 -56.51 -4.91 56.99
C PRO C 373 -56.95 -4.24 58.28
N LEU C 374 -56.14 -3.29 58.76
CA LEU C 374 -56.50 -2.59 59.98
C LEU C 374 -57.95 -2.10 59.89
N TYR C 375 -58.69 -2.29 60.98
CA TYR C 375 -60.10 -1.91 61.09
C TYR C 375 -61.01 -2.95 60.46
N GLY C 376 -60.43 -3.99 59.89
CA GLY C 376 -61.22 -5.10 59.36
C GLY C 376 -61.47 -5.23 57.85
N GLN C 377 -61.83 -6.44 57.45
CA GLN C 377 -62.14 -6.78 56.07
C GLN C 377 -63.24 -5.86 55.53
N GLY C 378 -64.09 -5.37 56.43
CA GLY C 378 -65.20 -4.50 56.04
C GLY C 378 -64.81 -3.21 55.36
N GLU C 379 -63.52 -2.90 55.33
CA GLU C 379 -63.06 -1.67 54.71
C GLU C 379 -62.83 -1.84 53.21
N LEU C 380 -62.52 -3.06 52.81
CA LEU C 380 -62.25 -3.31 51.42
C LEU C 380 -63.36 -2.85 50.47
N PRO C 381 -64.63 -3.09 50.82
CA PRO C 381 -65.62 -2.62 49.85
C PRO C 381 -65.63 -1.10 49.70
N GLN C 382 -65.44 -0.38 50.81
CA GLN C 382 -65.44 1.08 50.73
C GLN C 382 -64.24 1.62 49.97
N CYS C 383 -63.11 0.94 50.06
CA CYS C 383 -61.90 1.35 49.35
C CYS C 383 -62.18 1.37 47.84
N PHE C 384 -62.79 0.31 47.31
CA PHE C 384 -63.13 0.27 45.87
C PHE C 384 -64.25 1.26 45.60
N CYS C 385 -65.24 1.33 46.48
CA CYS C 385 -66.32 2.27 46.24
C CYS C 385 -65.74 3.68 46.11
N ARG C 386 -64.70 3.97 46.89
CA ARG C 386 -64.11 5.29 46.82
C ARG C 386 -63.52 5.52 45.43
N MET C 387 -62.81 4.54 44.90
CA MET C 387 -62.25 4.67 43.56
C MET C 387 -63.39 5.00 42.62
N CYS C 388 -64.49 4.26 42.73
CA CYS C 388 -65.63 4.51 41.86
C CYS C 388 -66.11 5.95 42.00
N ALA C 389 -66.29 6.41 43.23
CA ALA C 389 -66.75 7.78 43.44
C ALA C 389 -65.75 8.79 42.88
N VAL C 390 -64.47 8.62 43.19
CA VAL C 390 -63.45 9.53 42.69
C VAL C 390 -63.54 9.72 41.16
N PHE C 391 -63.93 8.69 40.43
CA PHE C 391 -64.02 8.85 39.00
C PHE C 391 -65.38 9.23 38.42
N GLY C 392 -66.26 9.77 39.28
CA GLY C 392 -67.58 10.20 38.84
C GLY C 392 -68.77 9.38 39.29
N GLY C 393 -68.50 8.25 39.93
CA GLY C 393 -69.57 7.40 40.42
C GLY C 393 -70.45 8.13 41.40
N ILE C 394 -71.76 7.88 41.30
CA ILE C 394 -72.71 8.52 42.20
C ILE C 394 -73.22 7.50 43.20
N TYR C 395 -73.20 7.89 44.46
CA TYR C 395 -73.61 6.98 45.52
C TYR C 395 -74.94 7.28 46.21
N CYS C 396 -75.71 6.24 46.47
CA CYS C 396 -76.97 6.43 47.15
C CYS C 396 -77.22 5.31 48.16
N LEU C 397 -76.96 5.60 49.44
CA LEU C 397 -77.25 4.65 50.52
C LEU C 397 -78.72 4.87 50.92
N ARG C 398 -79.29 3.90 51.63
CA ARG C 398 -80.68 4.03 52.08
C ARG C 398 -81.58 4.27 50.86
N HIS C 399 -81.16 3.79 49.69
CA HIS C 399 -81.90 3.99 48.46
C HIS C 399 -82.19 2.67 47.73
N SER C 400 -83.42 2.22 47.76
CA SER C 400 -83.73 0.97 47.10
C SER C 400 -84.44 1.09 45.75
N VAL C 401 -84.29 0.05 44.94
CA VAL C 401 -84.90 -0.02 43.62
C VAL C 401 -86.12 -0.92 43.71
N GLN C 402 -87.21 -0.52 43.09
CA GLN C 402 -88.43 -1.32 43.14
C GLN C 402 -88.41 -2.45 42.12
N CYS C 403 -88.12 -2.11 40.88
CA CYS C 403 -88.11 -3.11 39.84
C CYS C 403 -87.23 -2.78 38.66
N LEU C 404 -87.10 -3.78 37.80
CA LEU C 404 -86.34 -3.65 36.58
C LEU C 404 -87.41 -3.45 35.47
N VAL C 405 -87.09 -2.63 34.48
CA VAL C 405 -87.98 -2.34 33.37
C VAL C 405 -87.44 -3.04 32.13
N VAL C 406 -88.24 -3.96 31.57
CA VAL C 406 -87.82 -4.72 30.41
C VAL C 406 -88.60 -4.41 29.12
N ASP C 407 -87.87 -4.25 28.03
CA ASP C 407 -88.43 -3.99 26.71
C ASP C 407 -89.07 -5.31 26.24
N LYS C 408 -90.39 -5.30 26.07
CA LYS C 408 -91.10 -6.49 25.64
C LYS C 408 -90.61 -6.99 24.30
N GLU C 409 -90.16 -6.06 23.46
CA GLU C 409 -89.69 -6.40 22.14
C GLU C 409 -88.28 -7.01 22.12
N SER C 410 -87.26 -6.25 22.52
CA SER C 410 -85.88 -6.74 22.52
C SER C 410 -85.61 -7.68 23.69
N ARG C 411 -86.40 -7.54 24.75
CA ARG C 411 -86.24 -8.40 25.94
C ARG C 411 -85.05 -8.01 26.81
N LYS C 412 -84.50 -6.83 26.54
CA LYS C 412 -83.39 -6.32 27.32
C LYS C 412 -83.90 -5.33 28.36
N CYS C 413 -83.09 -5.10 29.38
CA CYS C 413 -83.43 -4.19 30.44
C CYS C 413 -83.23 -2.74 29.99
N LYS C 414 -84.23 -1.89 30.23
CA LYS C 414 -84.14 -0.48 29.83
C LYS C 414 -83.81 0.44 31.00
N ALA C 415 -84.35 0.13 32.18
CA ALA C 415 -84.10 0.96 33.33
C ALA C 415 -84.57 0.33 34.63
N VAL C 416 -84.45 1.10 35.71
CA VAL C 416 -84.91 0.66 37.02
C VAL C 416 -85.90 1.72 37.47
N ILE C 417 -86.70 1.41 38.43
CA ILE C 417 -87.60 2.35 39.03
C ILE C 417 -87.30 2.28 40.51
N ASP C 418 -86.73 3.34 41.06
CA ASP C 418 -86.36 3.30 42.46
C ASP C 418 -87.59 3.50 43.36
N GLN C 419 -87.34 3.61 44.67
CA GLN C 419 -88.42 3.76 45.64
C GLN C 419 -89.17 5.09 45.57
N PHE C 420 -88.66 6.04 44.82
CA PHE C 420 -89.33 7.33 44.73
C PHE C 420 -90.09 7.48 43.42
N GLY C 421 -90.24 6.37 42.70
CA GLY C 421 -90.97 6.38 41.44
C GLY C 421 -90.21 6.86 40.21
N GLN C 422 -88.92 7.19 40.39
CA GLN C 422 -88.09 7.67 39.30
C GLN C 422 -87.58 6.56 38.37
N ARG C 423 -87.75 6.75 37.07
CA ARG C 423 -87.27 5.79 36.07
C ARG C 423 -85.83 6.22 35.81
N ILE C 424 -84.91 5.26 35.84
CA ILE C 424 -83.51 5.56 35.59
C ILE C 424 -82.97 4.59 34.55
N ILE C 425 -82.60 5.15 33.41
CA ILE C 425 -82.07 4.40 32.29
C ILE C 425 -80.62 4.00 32.47
N SER C 426 -80.23 2.91 31.84
CA SER C 426 -78.86 2.44 31.91
C SER C 426 -78.62 1.39 30.83
N LYS C 427 -77.36 1.13 30.52
CA LYS C 427 -77.00 0.14 29.52
C LYS C 427 -76.77 -1.20 30.22
N HIS C 428 -76.23 -1.14 31.42
CA HIS C 428 -75.89 -2.34 32.18
C HIS C 428 -76.46 -2.34 33.57
N PHE C 429 -76.85 -3.51 34.03
CA PHE C 429 -77.43 -3.62 35.35
C PHE C 429 -76.69 -4.72 36.10
N ILE C 430 -76.10 -4.35 37.24
CA ILE C 430 -75.36 -5.27 38.09
C ILE C 430 -76.10 -5.32 39.42
N ILE C 431 -76.58 -6.49 39.77
CA ILE C 431 -77.36 -6.69 40.98
C ILE C 431 -76.87 -7.82 41.87
N GLU C 432 -76.70 -7.54 43.15
CA GLU C 432 -76.24 -8.58 44.06
C GLU C 432 -77.39 -9.54 44.40
N ASP C 433 -77.09 -10.83 44.32
CA ASP C 433 -78.05 -11.89 44.58
C ASP C 433 -79.15 -11.63 45.61
N SER C 434 -78.81 -11.06 46.76
CA SER C 434 -79.82 -10.85 47.78
C SER C 434 -80.97 -9.89 47.38
N TYR C 435 -80.75 -9.01 46.40
CA TYR C 435 -81.79 -8.09 45.98
C TYR C 435 -82.71 -8.68 44.94
N LEU C 436 -82.49 -9.95 44.63
CA LEU C 436 -83.34 -10.61 43.64
C LEU C 436 -84.55 -11.23 44.33
N SER C 437 -85.68 -11.26 43.62
CA SER C 437 -86.91 -11.82 44.14
C SER C 437 -86.86 -13.33 44.26
N GLU C 438 -87.70 -13.83 45.14
CA GLU C 438 -87.82 -15.26 45.38
C GLU C 438 -88.23 -15.94 44.09
N ASN C 439 -89.08 -15.28 43.32
CA ASN C 439 -89.54 -15.84 42.05
C ASN C 439 -88.39 -15.98 41.06
N THR C 440 -87.58 -14.94 40.99
CA THR C 440 -86.43 -14.90 40.11
C THR C 440 -85.44 -16.01 40.48
N CYS C 441 -85.39 -16.34 41.76
CA CYS C 441 -84.45 -17.33 42.26
C CYS C 441 -85.02 -18.69 42.65
N SER C 442 -86.29 -18.94 42.31
CA SER C 442 -86.94 -20.20 42.66
C SER C 442 -86.16 -21.49 42.38
N ARG C 443 -85.29 -21.48 41.36
CA ARG C 443 -84.49 -22.67 41.03
C ARG C 443 -83.07 -22.64 41.58
N VAL C 444 -82.65 -21.50 42.13
CA VAL C 444 -81.30 -21.36 42.68
C VAL C 444 -81.12 -22.30 43.86
N GLN C 445 -79.95 -22.93 43.94
CA GLN C 445 -79.61 -23.87 45.00
C GLN C 445 -78.50 -23.24 45.85
N TYR C 446 -78.90 -22.56 46.91
CA TYR C 446 -77.93 -21.89 47.76
C TYR C 446 -77.23 -22.83 48.73
N ARG C 447 -76.06 -22.40 49.18
CA ARG C 447 -75.31 -23.08 50.19
C ARG C 447 -75.32 -22.16 51.38
N GLN C 448 -74.82 -22.61 52.52
CA GLN C 448 -74.80 -21.74 53.68
C GLN C 448 -73.41 -21.71 54.27
N ILE C 449 -73.11 -20.64 55.01
CA ILE C 449 -71.82 -20.45 55.68
C ILE C 449 -72.08 -20.41 57.19
N SER C 450 -71.28 -21.11 57.99
CA SER C 450 -71.48 -21.07 59.43
C SER C 450 -70.48 -20.10 60.04
N ARG C 451 -70.98 -19.10 60.76
CA ARG C 451 -70.11 -18.09 61.36
C ARG C 451 -70.26 -17.97 62.86
N ALA C 452 -69.20 -17.48 63.47
CA ALA C 452 -69.20 -17.26 64.90
C ALA C 452 -68.20 -16.17 65.19
N VAL C 453 -68.63 -15.23 66.03
CA VAL C 453 -67.79 -14.12 66.44
C VAL C 453 -67.67 -14.23 67.94
N LEU C 454 -66.46 -14.12 68.44
CA LEU C 454 -66.25 -14.23 69.87
C LEU C 454 -65.37 -13.10 70.36
N ILE C 455 -65.72 -12.60 71.51
CA ILE C 455 -64.91 -11.62 72.18
C ILE C 455 -64.33 -12.36 73.39
N THR C 456 -63.01 -12.48 73.44
CA THR C 456 -62.34 -13.22 74.49
C THR C 456 -61.38 -12.31 75.26
N ASP C 457 -60.77 -12.84 76.31
CA ASP C 457 -59.84 -12.06 77.13
C ASP C 457 -58.41 -12.59 77.11
N GLY C 458 -58.10 -13.48 76.16
CA GLY C 458 -56.76 -14.02 76.06
C GLY C 458 -56.58 -14.78 74.77
N SER C 459 -55.33 -14.94 74.35
CA SER C 459 -55.02 -15.65 73.12
C SER C 459 -55.22 -17.14 73.29
N VAL C 460 -55.50 -17.83 72.19
CA VAL C 460 -55.70 -19.28 72.27
C VAL C 460 -54.38 -19.96 72.62
N LEU C 461 -53.30 -19.21 72.48
CA LEU C 461 -51.98 -19.71 72.80
C LEU C 461 -51.24 -18.57 73.47
N ARG C 462 -51.21 -18.60 74.80
CA ARG C 462 -50.56 -17.55 75.55
C ARG C 462 -49.12 -17.34 75.13
N THR C 463 -48.70 -16.08 75.21
CA THR C 463 -47.36 -15.65 74.89
C THR C 463 -47.12 -14.29 75.55
N ASP C 464 -45.91 -13.78 75.41
CA ASP C 464 -45.55 -12.49 75.97
C ASP C 464 -46.10 -11.42 75.04
N ALA C 465 -45.72 -11.53 73.76
CA ALA C 465 -46.17 -10.59 72.73
C ALA C 465 -47.65 -10.83 72.44
N ASP C 466 -48.50 -10.20 73.23
CA ASP C 466 -49.95 -10.35 73.12
C ASP C 466 -50.55 -9.85 71.81
N GLN C 467 -49.91 -8.88 71.17
CA GLN C 467 -50.41 -8.32 69.93
C GLN C 467 -50.11 -9.09 68.65
N GLN C 468 -50.74 -10.24 68.48
CA GLN C 468 -50.54 -11.03 67.29
C GLN C 468 -51.85 -11.49 66.69
N VAL C 469 -51.82 -11.68 65.37
CA VAL C 469 -52.97 -12.17 64.64
C VAL C 469 -52.58 -13.58 64.26
N SER C 470 -53.45 -14.54 64.53
CA SER C 470 -53.16 -15.93 64.23
C SER C 470 -54.33 -16.63 63.53
N ILE C 471 -54.01 -17.72 62.86
CA ILE C 471 -55.04 -18.51 62.21
C ILE C 471 -54.85 -19.96 62.64
N LEU C 472 -55.94 -20.57 63.06
CA LEU C 472 -55.94 -21.94 63.50
C LEU C 472 -56.92 -22.72 62.65
N THR C 473 -56.61 -23.99 62.40
CA THR C 473 -57.46 -24.84 61.61
C THR C 473 -57.93 -26.03 62.43
N VAL C 474 -59.20 -26.38 62.32
CA VAL C 474 -59.77 -27.50 63.07
C VAL C 474 -60.55 -28.42 62.13
N PRO C 475 -59.94 -29.56 61.77
CA PRO C 475 -60.55 -30.55 60.86
C PRO C 475 -61.91 -31.07 61.30
N ALA C 476 -62.78 -31.33 60.34
CA ALA C 476 -64.09 -31.85 60.62
C ALA C 476 -63.88 -33.20 61.30
N GLU C 477 -64.68 -33.52 62.32
CA GLU C 477 -64.54 -34.78 63.03
C GLU C 477 -65.79 -35.66 62.86
N GLU C 478 -66.59 -35.36 61.85
CA GLU C 478 -67.81 -36.11 61.60
C GLU C 478 -68.18 -36.15 60.11
N PRO C 479 -68.96 -37.16 59.68
CA PRO C 479 -69.32 -37.23 58.27
C PRO C 479 -70.19 -36.05 57.80
N GLY C 480 -69.79 -35.45 56.69
CA GLY C 480 -70.57 -34.34 56.15
C GLY C 480 -70.17 -32.98 56.70
N SER C 481 -69.27 -32.97 57.69
CA SER C 481 -68.82 -31.71 58.25
C SER C 481 -67.59 -31.18 57.52
N PHE C 482 -67.38 -29.88 57.64
CA PHE C 482 -66.25 -29.25 56.98
C PHE C 482 -65.24 -28.69 57.96
N ALA C 483 -64.05 -28.40 57.46
CA ALA C 483 -62.98 -27.86 58.27
C ALA C 483 -63.39 -26.50 58.80
N VAL C 484 -63.02 -26.22 60.05
CA VAL C 484 -63.37 -24.94 60.66
C VAL C 484 -62.16 -24.04 60.70
N ARG C 485 -62.30 -22.82 60.18
CA ARG C 485 -61.21 -21.86 60.18
C ARG C 485 -61.41 -20.93 61.38
N VAL C 486 -60.35 -20.74 62.16
CA VAL C 486 -60.41 -19.87 63.33
C VAL C 486 -59.35 -18.80 63.23
N ILE C 487 -59.78 -17.55 63.12
CA ILE C 487 -58.86 -16.42 63.01
C ILE C 487 -58.97 -15.56 64.27
N GLU C 488 -57.82 -15.30 64.89
CA GLU C 488 -57.77 -14.49 66.11
C GLU C 488 -57.16 -13.13 65.88
N LEU C 489 -57.95 -12.09 66.09
CA LEU C 489 -57.48 -10.73 65.89
C LEU C 489 -57.22 -10.07 67.23
N CYS C 490 -56.07 -9.41 67.35
CA CYS C 490 -55.73 -8.70 68.58
C CYS C 490 -56.23 -7.27 68.44
N SER C 491 -56.15 -6.50 69.52
CA SER C 491 -56.64 -5.14 69.50
C SER C 491 -55.91 -4.22 68.50
N SER C 492 -54.65 -4.53 68.21
CA SER C 492 -53.87 -3.74 67.24
C SER C 492 -54.53 -3.66 65.87
N THR C 493 -55.23 -4.72 65.46
CA THR C 493 -55.92 -4.72 64.17
C THR C 493 -57.00 -3.66 64.19
N MET C 494 -57.30 -3.17 65.39
CA MET C 494 -58.32 -2.16 65.58
C MET C 494 -59.73 -2.72 65.37
N THR C 495 -59.92 -4.00 65.62
CA THR C 495 -61.25 -4.57 65.46
C THR C 495 -61.88 -4.83 66.82
N CYS C 496 -61.12 -4.64 67.89
CA CYS C 496 -61.62 -4.88 69.25
C CYS C 496 -60.91 -4.01 70.29
N MET C 497 -61.55 -3.83 71.44
CA MET C 497 -61.00 -2.99 72.52
C MET C 497 -59.81 -3.65 73.22
N LYS C 498 -58.96 -2.81 73.84
CA LYS C 498 -57.81 -3.34 74.56
C LYS C 498 -58.33 -4.27 75.65
N GLY C 499 -57.63 -5.36 75.90
CA GLY C 499 -58.05 -6.31 76.91
C GLY C 499 -58.76 -7.50 76.28
N THR C 500 -59.24 -7.33 75.05
CA THR C 500 -59.91 -8.43 74.36
C THR C 500 -59.24 -8.86 73.07
N TYR C 501 -59.80 -9.89 72.50
CA TYR C 501 -59.40 -10.45 71.24
C TYR C 501 -60.72 -10.66 70.52
N LEU C 502 -60.74 -10.62 69.22
CA LEU C 502 -61.94 -10.87 68.47
C LEU C 502 -61.62 -12.14 67.70
N VAL C 503 -62.25 -13.24 68.02
CA VAL C 503 -61.96 -14.46 67.33
C VAL C 503 -63.10 -14.80 66.41
N HIS C 504 -62.76 -15.11 65.15
CA HIS C 504 -63.74 -15.46 64.13
C HIS C 504 -63.69 -16.93 63.75
N LEU C 505 -64.85 -17.55 63.57
CA LEU C 505 -64.91 -18.96 63.19
C LEU C 505 -65.79 -19.12 61.94
N THR C 506 -65.28 -19.85 60.94
CA THR C 506 -65.98 -20.06 59.69
C THR C 506 -65.86 -21.47 59.16
N CYS C 507 -66.92 -21.94 58.48
CA CYS C 507 -66.94 -23.26 57.86
C CYS C 507 -68.21 -23.44 57.07
N MET C 508 -68.14 -24.27 56.02
CA MET C 508 -69.33 -24.56 55.23
C MET C 508 -70.29 -25.25 56.17
N SER C 509 -71.54 -24.85 56.11
CA SER C 509 -72.53 -25.41 57.00
C SER C 509 -72.92 -26.83 56.69
N SER C 510 -73.42 -27.49 57.69
CA SER C 510 -73.96 -28.84 57.62
C SER C 510 -75.30 -28.67 58.32
N LYS C 511 -75.25 -27.98 59.45
CA LYS C 511 -76.46 -27.68 60.20
C LYS C 511 -76.43 -26.20 60.56
N THR C 512 -77.07 -25.82 61.67
CA THR C 512 -77.02 -24.41 62.09
C THR C 512 -75.60 -24.06 62.49
N ALA C 513 -75.27 -22.78 62.43
CA ALA C 513 -73.94 -22.31 62.79
C ALA C 513 -73.55 -22.83 64.17
N ARG C 514 -74.45 -22.68 65.12
CA ARG C 514 -74.20 -23.13 66.49
C ARG C 514 -73.84 -24.61 66.57
N GLU C 515 -74.67 -25.46 65.97
CA GLU C 515 -74.41 -26.89 65.98
C GLU C 515 -73.11 -27.23 65.28
N ASP C 516 -72.71 -26.37 64.34
CA ASP C 516 -71.50 -26.58 63.57
C ASP C 516 -70.23 -26.07 64.25
N LEU C 517 -70.38 -25.06 65.14
CA LEU C 517 -69.18 -24.45 65.73
C LEU C 517 -69.01 -24.47 67.24
N GLU C 518 -70.09 -24.65 67.98
CA GLU C 518 -69.98 -24.62 69.44
C GLU C 518 -68.97 -25.62 69.97
N ARG C 519 -68.95 -26.82 69.41
CA ARG C 519 -67.99 -27.83 69.83
C ARG C 519 -66.57 -27.25 69.81
N VAL C 520 -66.24 -26.57 68.72
CA VAL C 520 -64.92 -25.97 68.56
C VAL C 520 -64.68 -24.80 69.51
N VAL C 521 -65.74 -24.05 69.80
CA VAL C 521 -65.63 -22.92 70.71
C VAL C 521 -65.36 -23.38 72.14
N GLN C 522 -66.19 -24.27 72.67
CA GLN C 522 -66.01 -24.75 74.04
C GLN C 522 -64.68 -25.48 74.15
N LYS C 523 -64.14 -25.92 73.02
CA LYS C 523 -62.86 -26.62 73.00
C LYS C 523 -61.67 -25.66 73.15
N LEU C 524 -61.88 -24.39 72.80
CA LEU C 524 -60.83 -23.38 72.88
C LEU C 524 -61.03 -22.37 74.00
N PHE C 525 -62.29 -22.13 74.35
CA PHE C 525 -62.62 -21.15 75.37
C PHE C 525 -63.55 -21.61 76.50
N THR C 526 -63.41 -20.97 77.65
CA THR C 526 -64.26 -21.29 78.79
C THR C 526 -65.17 -20.08 79.04
N PRO C 527 -66.49 -20.28 78.95
CA PRO C 527 -67.37 -19.14 79.21
C PRO C 527 -67.00 -18.43 80.52
N TYR C 528 -67.20 -17.14 80.55
CA TYR C 528 -66.91 -16.35 81.74
C TYR C 528 -67.82 -16.71 82.91
N THR C 529 -67.22 -16.94 84.07
CA THR C 529 -67.90 -17.27 85.32
C THR C 529 -67.06 -16.58 86.41
N GLU C 530 -67.43 -16.73 87.67
CA GLU C 530 -66.66 -16.11 88.76
C GLU C 530 -66.25 -17.15 89.82
N GLU C 539 -56.86 -21.90 82.61
CA GLU C 539 -56.14 -22.54 81.52
C GLU C 539 -56.55 -21.96 80.15
N LYS C 540 -57.81 -22.15 79.78
CA LYS C 540 -58.30 -21.60 78.51
C LYS C 540 -58.76 -20.16 78.72
N PRO C 541 -58.73 -19.35 77.65
CA PRO C 541 -59.17 -17.95 77.77
C PRO C 541 -60.67 -17.94 78.07
N ARG C 542 -61.14 -16.83 78.64
CA ARG C 542 -62.54 -16.70 78.96
C ARG C 542 -63.29 -16.08 77.78
N LEU C 543 -64.48 -16.62 77.54
CA LEU C 543 -65.34 -16.16 76.46
C LEU C 543 -66.25 -15.10 77.07
N LEU C 544 -66.18 -13.89 76.56
CA LEU C 544 -66.99 -12.81 77.11
C LEU C 544 -68.35 -12.64 76.47
N TRP C 545 -68.37 -12.74 75.14
CA TRP C 545 -69.57 -12.57 74.36
C TRP C 545 -69.43 -13.46 73.13
N ALA C 546 -70.55 -13.99 72.64
CA ALA C 546 -70.52 -14.87 71.49
C ALA C 546 -71.74 -14.74 70.58
N LEU C 547 -71.49 -14.78 69.27
CA LEU C 547 -72.55 -14.72 68.27
C LEU C 547 -72.39 -15.85 67.25
N TYR C 548 -73.51 -16.45 66.86
CA TYR C 548 -73.50 -17.50 65.83
C TYR C 548 -74.54 -17.11 64.82
N PHE C 549 -74.29 -17.39 63.54
CA PHE C 549 -75.26 -17.11 62.48
C PHE C 549 -74.87 -17.76 61.17
N ASN C 550 -75.87 -18.14 60.38
CA ASN C 550 -75.62 -18.72 59.06
C ASN C 550 -75.83 -17.64 57.99
N MET C 551 -74.93 -17.61 57.02
CA MET C 551 -75.02 -16.66 55.91
C MET C 551 -75.15 -17.40 54.58
N ARG C 552 -76.10 -16.95 53.74
CA ARG C 552 -76.31 -17.56 52.44
C ARG C 552 -75.05 -17.49 51.60
N ASP C 553 -74.71 -18.63 51.00
CA ASP C 553 -73.55 -18.73 50.15
C ASP C 553 -74.10 -18.82 48.72
N SER C 554 -73.96 -17.72 47.99
CA SER C 554 -74.46 -17.61 46.62
C SER C 554 -73.35 -17.60 45.58
N SER C 555 -72.14 -17.95 46.00
CA SER C 555 -71.02 -17.96 45.06
C SER C 555 -71.08 -19.19 44.14
N ASP C 556 -70.41 -19.09 43.00
CA ASP C 556 -70.39 -20.19 42.05
C ASP C 556 -71.80 -20.66 41.60
N ILE C 557 -72.66 -19.71 41.26
CA ILE C 557 -73.99 -20.04 40.79
C ILE C 557 -74.07 -19.51 39.37
N SER C 558 -74.46 -20.38 38.44
CA SER C 558 -74.52 -19.98 37.04
C SER C 558 -75.69 -19.05 36.74
N ARG C 559 -75.43 -18.03 35.92
CA ARG C 559 -76.43 -17.06 35.53
C ARG C 559 -77.74 -17.68 35.16
N ASP C 560 -77.68 -18.80 34.46
CA ASP C 560 -78.89 -19.49 34.00
C ASP C 560 -79.77 -20.06 35.11
N CYS C 561 -79.24 -20.22 36.31
CA CYS C 561 -80.05 -20.74 37.41
C CYS C 561 -81.14 -19.73 37.74
N TYR C 562 -80.87 -18.46 37.42
CA TYR C 562 -81.84 -17.40 37.67
C TYR C 562 -82.86 -17.38 36.53
N ASN C 563 -84.07 -16.90 36.82
CA ASN C 563 -85.11 -16.86 35.81
C ASN C 563 -85.27 -15.52 35.10
N ASP C 564 -85.57 -15.62 33.82
CA ASP C 564 -85.88 -14.51 32.96
C ASP C 564 -85.16 -13.16 33.22
N LEU C 565 -83.86 -13.19 33.44
CA LEU C 565 -83.12 -11.94 33.61
C LEU C 565 -82.52 -11.58 32.26
N PRO C 566 -82.74 -10.34 31.79
CA PRO C 566 -82.19 -9.87 30.51
C PRO C 566 -80.69 -10.11 30.43
N SER C 567 -80.15 -10.12 29.23
CA SER C 567 -78.72 -10.37 29.07
C SER C 567 -77.85 -9.22 29.54
N ASN C 568 -78.43 -8.04 29.67
CA ASN C 568 -77.64 -6.89 30.14
C ASN C 568 -77.85 -6.70 31.64
N VAL C 569 -78.33 -7.76 32.29
CA VAL C 569 -78.52 -7.76 33.74
C VAL C 569 -77.52 -8.76 34.30
N TYR C 570 -76.63 -8.31 35.18
CA TYR C 570 -75.61 -9.19 35.75
C TYR C 570 -75.80 -9.42 37.24
N VAL C 571 -75.48 -10.62 37.70
CA VAL C 571 -75.63 -10.97 39.10
C VAL C 571 -74.31 -11.15 39.85
N CYS C 572 -74.23 -10.57 41.04
CA CYS C 572 -73.05 -10.72 41.86
C CYS C 572 -73.44 -11.57 43.05
N SER C 573 -72.55 -12.45 43.47
CA SER C 573 -72.84 -13.28 44.63
C SER C 573 -72.36 -12.52 45.87
N GLY C 574 -72.66 -13.08 47.03
CA GLY C 574 -72.20 -12.46 48.24
C GLY C 574 -70.85 -13.12 48.51
N PRO C 575 -70.45 -13.26 49.78
CA PRO C 575 -69.16 -13.88 50.07
C PRO C 575 -69.20 -15.42 50.09
N ASP C 576 -68.04 -16.02 49.86
CA ASP C 576 -67.92 -17.47 49.85
C ASP C 576 -67.23 -17.86 51.15
N SER C 577 -67.14 -19.16 51.43
CA SER C 577 -66.53 -19.60 52.68
C SER C 577 -65.01 -19.72 52.68
N GLY C 578 -64.38 -19.44 51.55
CA GLY C 578 -62.92 -19.55 51.47
C GLY C 578 -62.13 -18.53 52.27
N LEU C 579 -60.84 -18.81 52.46
CA LEU C 579 -59.95 -17.95 53.21
C LEU C 579 -59.66 -16.61 52.55
N GLY C 580 -59.61 -16.61 51.21
CA GLY C 580 -59.32 -15.40 50.46
C GLY C 580 -60.48 -14.83 49.67
N ASN C 581 -60.21 -13.71 49.00
CA ASN C 581 -61.20 -12.99 48.22
C ASN C 581 -61.19 -13.30 46.71
N ASP C 582 -60.46 -14.32 46.30
CA ASP C 582 -60.39 -14.69 44.87
C ASP C 582 -61.75 -14.73 44.19
N ASN C 583 -62.76 -15.31 44.82
CA ASN C 583 -64.05 -15.36 44.17
C ASN C 583 -64.59 -13.97 43.85
N ALA C 584 -64.42 -13.04 44.78
CA ALA C 584 -64.90 -11.68 44.59
C ALA C 584 -64.21 -11.00 43.42
N VAL C 585 -62.89 -11.08 43.39
CA VAL C 585 -62.14 -10.43 42.33
C VAL C 585 -62.42 -11.07 40.97
N LYS C 586 -62.40 -12.40 40.90
CA LYS C 586 -62.65 -13.08 39.64
C LYS C 586 -64.02 -12.78 38.98
N GLN C 587 -65.10 -12.79 39.74
CA GLN C 587 -66.41 -12.54 39.12
C GLN C 587 -66.53 -11.11 38.64
N ALA C 588 -65.79 -10.21 39.30
CA ALA C 588 -65.81 -8.80 38.94
C ALA C 588 -65.05 -8.58 37.62
N GLU C 589 -63.91 -9.26 37.49
CA GLU C 589 -63.09 -9.16 36.29
C GLU C 589 -63.84 -9.80 35.11
N THR C 590 -64.52 -10.91 35.38
CA THR C 590 -65.28 -11.58 34.34
C THR C 590 -66.37 -10.62 33.85
N LEU C 591 -67.03 -9.94 34.77
CA LEU C 591 -68.07 -8.98 34.42
C LEU C 591 -67.50 -7.80 33.63
N PHE C 592 -66.32 -7.34 34.02
CA PHE C 592 -65.70 -6.21 33.33
C PHE C 592 -65.43 -6.54 31.87
N GLN C 593 -64.97 -7.75 31.61
CA GLN C 593 -64.68 -8.18 30.24
C GLN C 593 -65.95 -8.23 29.41
N GLN C 594 -67.10 -8.41 30.07
CA GLN C 594 -68.38 -8.46 29.37
C GLN C 594 -68.90 -7.05 29.08
N ILE C 595 -68.67 -6.12 30.01
CA ILE C 595 -69.14 -4.74 29.87
C ILE C 595 -68.15 -3.81 29.15
N CYS C 596 -66.87 -3.98 29.42
CA CYS C 596 -65.85 -3.15 28.77
C CYS C 596 -64.75 -4.03 28.24
N PRO C 597 -65.07 -4.87 27.23
CA PRO C 597 -64.07 -5.76 26.67
C PRO C 597 -62.84 -5.00 26.18
N ASN C 598 -61.69 -5.65 26.22
CA ASN C 598 -60.44 -5.03 25.78
C ASN C 598 -60.12 -3.76 26.56
N GLU C 599 -60.51 -3.72 27.83
CA GLU C 599 -60.22 -2.56 28.65
C GLU C 599 -59.38 -3.00 29.84
N ASP C 600 -58.46 -2.13 30.24
CA ASP C 600 -57.62 -2.41 31.38
C ASP C 600 -58.52 -2.44 32.60
N PHE C 601 -58.36 -3.47 33.41
CA PHE C 601 -59.15 -3.67 34.61
C PHE C 601 -58.59 -2.95 35.84
N CYS C 602 -59.21 -1.82 36.17
CA CYS C 602 -58.84 -0.99 37.33
C CYS C 602 -57.45 -0.38 37.29
N PRO C 603 -57.08 0.27 36.17
CA PRO C 603 -55.74 0.87 36.18
C PRO C 603 -55.64 1.91 37.28
N ALA C 604 -54.44 2.12 37.80
CA ALA C 604 -54.24 3.12 38.85
C ALA C 604 -54.57 4.48 38.29
N PRO C 605 -55.09 5.38 39.12
CA PRO C 605 -55.38 6.71 38.58
C PRO C 605 -54.04 7.38 38.39
N PRO C 606 -53.84 8.01 37.23
CA PRO C 606 -52.59 8.70 36.90
C PRO C 606 -52.30 9.96 37.71
N ASN C 607 -51.44 9.85 38.73
CA ASN C 607 -51.07 11.00 39.55
C ASN C 607 -50.37 12.03 38.68
N PRO C 608 -51.04 13.17 38.42
CA PRO C 608 -50.53 14.28 37.60
C PRO C 608 -49.25 14.97 38.09
N GLU C 609 -48.81 14.64 39.31
CA GLU C 609 -47.60 15.26 39.85
C GLU C 609 -46.31 14.58 39.41
N ASP C 610 -46.43 13.41 38.76
CA ASP C 610 -45.28 12.67 38.26
C ASP C 610 -44.72 13.30 36.99
N ILE C 611 -45.54 14.12 36.33
CA ILE C 611 -45.14 14.82 35.11
C ILE C 611 -44.56 16.16 35.54
N VAL C 612 -43.24 16.26 35.50
CA VAL C 612 -42.52 17.46 35.90
C VAL C 612 -42.56 18.56 34.85
N LEU C 613 -43.15 19.68 35.19
CA LEU C 613 -43.21 20.83 34.29
C LEU C 613 -41.92 21.59 34.43
N ASP C 614 -41.58 22.37 33.43
CA ASP C 614 -40.33 23.09 33.44
C ASP C 614 -40.16 24.32 34.33
N GLY C 615 -38.94 24.35 34.85
CA GLY C 615 -38.43 25.38 35.71
C GLY C 615 -36.91 25.51 35.61
N LYS D 6 -41.53 13.24 62.20
CA LYS D 6 -42.38 12.57 61.16
C LYS D 6 -43.83 12.44 61.65
N VAL D 7 -44.66 13.43 61.38
CA VAL D 7 -46.06 13.39 61.84
C VAL D 7 -47.06 13.67 60.71
N LEU D 8 -47.99 12.74 60.51
CA LEU D 8 -49.01 12.86 59.47
C LEU D 8 -50.42 13.07 60.05
N LEU D 9 -51.05 14.16 59.64
CA LEU D 9 -52.37 14.51 60.13
C LEU D 9 -53.47 14.21 59.12
N LYS D 10 -54.50 13.48 59.54
CA LYS D 10 -55.60 13.18 58.64
C LYS D 10 -56.66 14.25 58.82
N VAL D 11 -56.89 15.02 57.77
CA VAL D 11 -57.87 16.10 57.78
C VAL D 11 -58.97 15.82 56.77
N ILE D 12 -60.22 15.95 57.20
CA ILE D 12 -61.32 15.76 56.26
C ILE D 12 -62.13 17.04 56.20
N ILE D 13 -62.87 17.21 55.11
CA ILE D 13 -63.69 18.41 54.90
C ILE D 13 -65.13 17.98 54.58
N LEU D 14 -66.02 18.30 55.51
CA LEU D 14 -67.44 17.99 55.41
C LEU D 14 -68.28 19.22 55.09
N GLY D 15 -69.50 18.97 54.63
CA GLY D 15 -70.42 20.02 54.28
C GLY D 15 -71.24 19.60 53.07
N ASP D 16 -72.27 20.38 52.76
CA ASP D 16 -73.10 20.06 51.63
C ASP D 16 -72.38 20.28 50.30
N SER D 17 -72.92 19.66 49.25
CA SER D 17 -72.38 19.78 47.90
C SER D 17 -72.51 21.22 47.42
N GLY D 18 -71.49 21.70 46.72
CA GLY D 18 -71.52 23.04 46.18
C GLY D 18 -71.07 24.17 47.07
N VAL D 19 -70.61 23.89 48.28
CA VAL D 19 -70.15 24.95 49.16
C VAL D 19 -68.71 25.34 48.82
N GLY D 20 -68.00 24.43 48.14
CA GLY D 20 -66.63 24.72 47.74
C GLY D 20 -65.57 23.91 48.47
N LYS D 21 -65.98 22.80 49.07
CA LYS D 21 -65.05 21.95 49.82
C LYS D 21 -63.83 21.57 48.97
N THR D 22 -64.09 21.03 47.80
CA THR D 22 -63.04 20.62 46.88
C THR D 22 -62.18 21.80 46.40
N SER D 23 -62.81 22.94 46.14
CA SER D 23 -62.09 24.13 45.68
C SER D 23 -61.23 24.71 46.83
N LEU D 24 -61.70 24.57 48.06
CA LEU D 24 -60.94 25.07 49.19
C LEU D 24 -59.64 24.26 49.32
N MET D 25 -59.74 22.95 49.13
CA MET D 25 -58.57 22.07 49.21
C MET D 25 -57.56 22.40 48.10
N ASN D 26 -58.02 22.43 46.86
CA ASN D 26 -57.15 22.75 45.72
C ASN D 26 -56.48 24.11 45.92
N GLN D 27 -57.20 25.07 46.48
CA GLN D 27 -56.66 26.42 46.71
C GLN D 27 -55.52 26.38 47.72
N TYR D 28 -55.78 25.79 48.88
CA TYR D 28 -54.75 25.71 49.89
C TYR D 28 -53.52 24.98 49.37
N VAL D 29 -53.70 23.73 48.93
CA VAL D 29 -52.58 22.93 48.45
C VAL D 29 -51.93 23.41 47.15
N ASN D 30 -52.70 23.49 46.08
CA ASN D 30 -52.16 23.90 44.79
C ASN D 30 -52.14 25.42 44.50
N LYS D 31 -52.82 26.22 45.31
CA LYS D 31 -52.85 27.66 45.10
C LYS D 31 -53.44 27.97 43.72
N LYS D 32 -54.37 27.12 43.30
CA LYS D 32 -55.02 27.24 41.99
C LYS D 32 -56.54 27.06 42.12
N PHE D 33 -57.29 27.88 41.38
CA PHE D 33 -58.74 27.79 41.39
C PHE D 33 -59.23 27.59 39.95
N SER D 34 -59.47 26.35 39.58
CA SER D 34 -59.89 26.04 38.22
C SER D 34 -61.33 26.45 37.95
N ASN D 35 -61.71 26.41 36.67
CA ASN D 35 -63.05 26.75 36.23
C ASN D 35 -63.27 26.20 34.83
N GLN D 36 -63.30 24.87 34.71
CA GLN D 36 -63.49 24.20 33.42
C GLN D 36 -64.96 23.85 33.19
N TYR D 37 -65.31 22.61 33.51
CA TYR D 37 -66.68 22.12 33.37
C TYR D 37 -66.76 20.70 33.93
N ILE D 41 -62.59 16.73 38.84
CA ILE D 41 -62.51 15.61 37.90
C ILE D 41 -61.48 14.59 38.37
N GLY D 42 -61.69 14.07 39.57
CA GLY D 42 -60.78 13.08 40.14
C GLY D 42 -60.14 13.53 41.45
N ALA D 43 -60.85 14.35 42.22
CA ALA D 43 -60.33 14.83 43.50
C ALA D 43 -60.41 13.71 44.55
N ASP D 44 -59.24 13.32 45.06
CA ASP D 44 -59.12 12.26 46.07
C ASP D 44 -58.56 12.92 47.32
N PHE D 45 -57.24 13.00 47.42
CA PHE D 45 -56.64 13.67 48.57
C PHE D 45 -55.33 14.31 48.20
N LEU D 46 -54.97 15.33 48.97
CA LEU D 46 -53.75 16.05 48.74
C LEU D 46 -52.97 16.11 50.03
N THR D 47 -51.65 15.97 49.92
CA THR D 47 -50.80 16.02 51.09
C THR D 47 -49.92 17.27 50.96
N LYS D 48 -49.63 17.88 52.11
CA LYS D 48 -48.81 19.07 52.12
C LYS D 48 -47.97 19.16 53.38
N GLU D 49 -46.70 19.46 53.18
CA GLU D 49 -45.75 19.62 54.28
C GLU D 49 -46.03 21.02 54.81
N VAL D 50 -46.33 21.11 56.09
CA VAL D 50 -46.63 22.39 56.71
C VAL D 50 -45.92 22.57 58.05
N MET D 51 -45.38 23.77 58.26
CA MET D 51 -44.69 24.10 59.50
C MET D 51 -45.71 24.67 60.47
N VAL D 52 -45.80 24.06 61.64
CA VAL D 52 -46.73 24.51 62.66
C VAL D 52 -45.99 24.83 63.94
N ASP D 53 -45.73 26.11 64.18
CA ASP D 53 -45.03 26.54 65.38
C ASP D 53 -43.71 25.77 65.57
N ASP D 54 -42.88 25.78 64.52
CA ASP D 54 -41.57 25.12 64.54
C ASP D 54 -41.55 23.61 64.26
N ARG D 55 -42.67 22.94 64.49
CA ARG D 55 -42.75 21.50 64.26
C ARG D 55 -43.12 21.26 62.78
N LEU D 56 -42.54 20.22 62.18
CA LEU D 56 -42.84 19.92 60.78
C LEU D 56 -43.86 18.78 60.73
N VAL D 57 -44.92 18.98 59.96
CA VAL D 57 -45.95 17.96 59.82
C VAL D 57 -46.51 17.91 58.42
N THR D 58 -47.01 16.74 58.06
CA THR D 58 -47.61 16.55 56.76
C THR D 58 -49.12 16.52 56.94
N MET D 59 -49.79 17.41 56.23
CA MET D 59 -51.23 17.48 56.31
C MET D 59 -51.78 16.62 55.16
N GLN D 60 -52.66 15.70 55.49
CA GLN D 60 -53.27 14.81 54.49
C GLN D 60 -54.75 15.16 54.44
N ILE D 61 -55.13 15.92 53.41
CA ILE D 61 -56.51 16.39 53.24
C ILE D 61 -57.38 15.48 52.34
N TRP D 62 -58.50 15.01 52.87
CA TRP D 62 -59.38 14.12 52.12
C TRP D 62 -60.65 14.73 51.55
N ASP D 63 -60.84 14.55 50.24
CA ASP D 63 -62.01 15.07 49.56
C ASP D 63 -63.15 14.06 49.71
N THR D 64 -64.40 14.53 49.64
CA THR D 64 -65.55 13.65 49.78
C THR D 64 -65.82 12.82 48.52
N ALA D 65 -65.14 13.15 47.42
CA ALA D 65 -65.31 12.44 46.15
C ALA D 65 -66.79 12.43 45.73
N GLY D 66 -67.52 13.49 46.06
CA GLY D 66 -68.92 13.58 45.69
C GLY D 66 -69.93 12.77 46.51
N GLN D 67 -69.46 11.85 47.36
CA GLN D 67 -70.35 11.02 48.15
C GLN D 67 -71.37 11.72 49.06
N GLU D 68 -71.13 12.99 49.40
CA GLU D 68 -72.06 13.72 50.25
C GLU D 68 -73.29 14.19 49.43
N ARG D 69 -73.18 14.14 48.10
CA ARG D 69 -74.28 14.56 47.22
C ARG D 69 -75.61 14.00 47.72
N PHE D 70 -75.63 12.71 48.06
CA PHE D 70 -76.83 12.10 48.59
C PHE D 70 -76.57 11.53 49.98
N GLN D 71 -75.76 12.30 50.72
CA GLN D 71 -75.38 12.00 52.09
C GLN D 71 -75.00 10.53 52.27
N SER D 72 -73.99 10.11 51.50
CA SER D 72 -73.56 8.74 51.58
C SER D 72 -72.11 8.55 51.87
N LEU D 73 -71.59 9.29 52.84
CA LEU D 73 -70.21 9.10 53.23
C LEU D 73 -70.20 7.94 54.23
N GLY D 74 -69.41 6.91 53.93
CA GLY D 74 -69.33 5.75 54.82
C GLY D 74 -68.43 6.00 56.00
N VAL D 75 -68.30 5.00 56.87
CA VAL D 75 -67.48 5.10 58.05
C VAL D 75 -65.98 5.18 57.74
N ALA D 76 -65.51 4.41 56.76
CA ALA D 76 -64.09 4.41 56.42
C ALA D 76 -63.54 5.81 56.15
N PHE D 77 -64.36 6.68 55.57
CA PHE D 77 -63.91 8.03 55.28
C PHE D 77 -63.52 8.81 56.55
N TYR D 78 -64.20 8.53 57.65
CA TYR D 78 -63.96 9.26 58.88
C TYR D 78 -62.88 8.69 59.84
N ARG D 79 -62.65 7.38 59.82
CA ARG D 79 -61.65 6.78 60.70
C ARG D 79 -60.33 7.55 60.84
N GLY D 80 -59.98 7.84 62.09
CA GLY D 80 -58.71 8.50 62.38
C GLY D 80 -58.56 9.96 62.03
N ALA D 81 -59.67 10.67 61.87
CA ALA D 81 -59.60 12.08 61.53
C ALA D 81 -58.95 12.84 62.69
N ASP D 82 -58.00 13.72 62.38
CA ASP D 82 -57.36 14.51 63.43
C ASP D 82 -57.99 15.90 63.49
N CYS D 83 -58.67 16.28 62.41
CA CYS D 83 -59.37 17.55 62.35
C CYS D 83 -60.49 17.49 61.31
N CYS D 84 -61.65 18.04 61.67
CA CYS D 84 -62.79 18.06 60.77
C CYS D 84 -63.19 19.49 60.44
N VAL D 85 -63.10 19.81 59.15
CA VAL D 85 -63.44 21.13 58.63
C VAL D 85 -64.90 21.15 58.15
N LEU D 86 -65.69 22.03 58.76
CA LEU D 86 -67.10 22.19 58.41
C LEU D 86 -67.24 23.42 57.50
N VAL D 87 -67.80 23.21 56.32
CA VAL D 87 -67.93 24.28 55.35
C VAL D 87 -69.38 24.55 54.93
N PHE D 88 -69.74 25.83 54.82
CA PHE D 88 -71.07 26.19 54.34
C PHE D 88 -70.89 27.31 53.31
N ASP D 89 -71.94 27.66 52.58
CA ASP D 89 -71.87 28.72 51.56
C ASP D 89 -72.61 29.94 52.11
N VAL D 90 -71.90 31.04 52.39
CA VAL D 90 -72.55 32.22 52.94
C VAL D 90 -73.67 32.78 52.06
N THR D 91 -73.82 32.29 50.84
CA THR D 91 -74.91 32.77 49.99
C THR D 91 -76.09 31.78 50.00
N ALA D 92 -75.92 30.66 50.72
CA ALA D 92 -76.99 29.66 50.80
C ALA D 92 -77.22 29.25 52.26
N PRO D 93 -78.23 29.87 52.90
CA PRO D 93 -78.56 29.60 54.30
C PRO D 93 -78.74 28.13 54.67
N ASN D 94 -79.28 27.32 53.76
CA ASN D 94 -79.48 25.91 54.07
C ASN D 94 -78.18 25.14 54.26
N THR D 95 -77.13 25.55 53.57
CA THR D 95 -75.85 24.88 53.72
C THR D 95 -75.31 25.15 55.12
N PHE D 96 -75.72 26.27 55.71
CA PHE D 96 -75.30 26.63 57.07
C PHE D 96 -76.17 25.91 58.10
N LYS D 97 -77.45 25.73 57.79
CA LYS D 97 -78.36 25.05 58.71
C LYS D 97 -78.05 23.57 58.86
N THR D 98 -77.31 22.99 57.92
CA THR D 98 -76.96 21.59 57.99
C THR D 98 -75.73 21.32 58.84
N LEU D 99 -75.04 22.40 59.25
CA LEU D 99 -73.83 22.31 60.07
C LEU D 99 -73.95 21.36 61.25
N ASP D 100 -75.03 21.45 62.01
CA ASP D 100 -75.19 20.55 63.14
C ASP D 100 -75.24 19.09 62.69
N SER D 101 -76.05 18.80 61.68
CA SER D 101 -76.17 17.44 61.17
C SER D 101 -74.80 16.87 60.80
N TRP D 102 -73.98 17.66 60.10
CA TRP D 102 -72.66 17.16 59.72
C TRP D 102 -71.78 16.95 60.94
N ARG D 103 -71.84 17.87 61.89
CA ARG D 103 -71.06 17.75 63.09
C ARG D 103 -71.47 16.49 63.84
N ASP D 104 -72.77 16.23 63.87
CA ASP D 104 -73.29 15.04 64.53
C ASP D 104 -72.82 13.78 63.83
N GLU D 105 -72.89 13.78 62.50
CA GLU D 105 -72.51 12.61 61.73
C GLU D 105 -71.06 12.25 61.92
N PHE D 106 -70.21 13.27 62.00
CA PHE D 106 -68.79 13.05 62.19
C PHE D 106 -68.54 12.35 63.52
N LEU D 107 -69.06 12.94 64.59
CA LEU D 107 -68.88 12.39 65.92
C LEU D 107 -69.33 10.93 65.97
N ILE D 108 -70.47 10.65 65.36
CA ILE D 108 -71.00 9.30 65.30
C ILE D 108 -70.08 8.39 64.49
N GLN D 109 -69.77 8.80 63.26
CA GLN D 109 -68.93 7.99 62.39
C GLN D 109 -67.47 7.81 62.80
N ALA D 110 -66.80 8.91 63.16
CA ALA D 110 -65.41 8.85 63.54
C ALA D 110 -65.20 8.47 65.01
N SER D 111 -66.22 8.74 65.82
CA SER D 111 -66.15 8.45 67.26
C SER D 111 -64.71 8.73 67.74
N PRO D 112 -64.33 10.02 67.80
CA PRO D 112 -62.98 10.39 68.23
C PRO D 112 -62.86 10.32 69.74
N ARG D 113 -61.61 10.37 70.19
CA ARG D 113 -61.34 10.35 71.61
C ARG D 113 -61.71 11.75 72.12
N ASP D 114 -62.41 11.80 73.24
CA ASP D 114 -62.81 13.07 73.85
C ASP D 114 -63.61 13.93 72.85
N PRO D 115 -64.71 13.36 72.31
CA PRO D 115 -65.57 14.05 71.35
C PRO D 115 -65.92 15.50 71.65
N GLU D 116 -66.11 15.83 72.92
CA GLU D 116 -66.46 17.21 73.29
C GLU D 116 -65.40 18.26 72.99
N ASN D 117 -64.14 17.84 72.87
CA ASN D 117 -63.08 18.80 72.58
C ASN D 117 -62.47 18.65 71.20
N PHE D 118 -63.05 17.76 70.40
CA PHE D 118 -62.54 17.53 69.06
C PHE D 118 -62.43 18.83 68.28
N PRO D 119 -61.32 19.00 67.53
CA PRO D 119 -61.02 20.18 66.71
C PRO D 119 -61.87 20.34 65.45
N PHE D 120 -62.92 21.14 65.55
CA PHE D 120 -63.75 21.44 64.40
C PHE D 120 -63.36 22.86 63.98
N VAL D 121 -63.29 23.08 62.67
CA VAL D 121 -62.97 24.41 62.17
C VAL D 121 -64.06 24.69 61.16
N VAL D 122 -64.73 25.81 61.33
CA VAL D 122 -65.83 26.19 60.46
C VAL D 122 -65.45 27.24 59.43
N LEU D 123 -65.79 26.96 58.18
CA LEU D 123 -65.49 27.90 57.10
C LEU D 123 -66.74 28.37 56.35
N GLY D 124 -66.96 29.68 56.40
CA GLY D 124 -68.05 30.31 55.66
C GLY D 124 -67.43 30.70 54.33
N ASN D 125 -67.65 29.89 53.30
CA ASN D 125 -67.03 30.14 52.01
C ASN D 125 -67.79 31.06 51.06
N LYS D 126 -67.11 31.45 49.98
CA LYS D 126 -67.67 32.30 48.93
C LYS D 126 -67.95 33.75 49.34
N ILE D 127 -67.13 34.33 50.21
CA ILE D 127 -67.36 35.72 50.61
C ILE D 127 -67.10 36.69 49.44
N ASP D 128 -66.53 36.20 48.34
CA ASP D 128 -66.29 37.06 47.19
C ASP D 128 -67.63 37.41 46.51
N LEU D 129 -68.64 36.57 46.69
CA LEU D 129 -69.96 36.81 46.09
C LEU D 129 -70.66 37.87 46.93
N GLU D 130 -71.41 38.77 46.29
CA GLU D 130 -72.07 39.85 47.01
C GLU D 130 -73.43 39.55 47.64
N ASN D 131 -74.15 38.56 47.13
CA ASN D 131 -75.44 38.29 47.72
C ASN D 131 -75.42 37.38 48.94
N ARG D 132 -74.71 37.82 49.98
CA ARG D 132 -74.63 37.08 51.24
C ARG D 132 -76.02 36.88 51.81
N GLN D 133 -76.22 35.80 52.56
CA GLN D 133 -77.51 35.52 53.21
C GLN D 133 -77.27 35.11 54.65
N VAL D 134 -76.02 34.81 54.99
CA VAL D 134 -75.70 34.41 56.37
C VAL D 134 -74.80 35.47 57.00
N ALA D 135 -75.31 36.13 58.03
CA ALA D 135 -74.52 37.16 58.68
C ALA D 135 -73.33 36.52 59.37
N THR D 136 -72.26 37.31 59.48
CA THR D 136 -71.03 36.88 60.12
C THR D 136 -71.28 36.65 61.60
N LYS D 137 -72.13 37.48 62.20
CA LYS D 137 -72.41 37.32 63.62
C LYS D 137 -73.14 36.03 63.93
N ARG D 138 -74.07 35.64 63.06
CA ARG D 138 -74.86 34.42 63.22
C ARG D 138 -73.98 33.16 63.19
N ALA D 139 -73.05 33.12 62.24
CA ALA D 139 -72.12 31.99 62.09
C ALA D 139 -71.20 31.92 63.31
N GLN D 140 -70.66 33.07 63.69
CA GLN D 140 -69.78 33.12 64.84
C GLN D 140 -70.54 32.66 66.08
N ALA D 141 -71.77 33.14 66.22
CA ALA D 141 -72.58 32.76 67.37
C ALA D 141 -72.75 31.24 67.41
N TRP D 142 -73.07 30.63 66.27
CA TRP D 142 -73.27 29.19 66.23
C TRP D 142 -71.97 28.46 66.59
N CYS D 143 -70.84 28.93 66.07
CA CYS D 143 -69.55 28.30 66.33
C CYS D 143 -69.23 28.39 67.82
N TYR D 144 -69.60 29.52 68.42
CA TYR D 144 -69.32 29.70 69.84
C TYR D 144 -70.12 28.71 70.68
N SER D 145 -71.40 28.54 70.36
CA SER D 145 -72.26 27.65 71.11
C SER D 145 -71.77 26.20 71.07
N LYS D 146 -71.07 25.84 70.00
CA LYS D 146 -70.54 24.49 69.85
C LYS D 146 -69.12 24.40 70.37
N ASN D 147 -68.94 24.78 71.62
CA ASN D 147 -67.64 24.74 72.27
C ASN D 147 -66.57 25.65 71.70
N ASN D 148 -66.97 26.84 71.26
CA ASN D 148 -66.02 27.79 70.74
C ASN D 148 -65.23 27.26 69.53
N ILE D 149 -65.94 26.79 68.52
CA ILE D 149 -65.28 26.30 67.32
C ILE D 149 -64.70 27.53 66.60
N PRO D 150 -63.45 27.42 66.14
CA PRO D 150 -62.88 28.58 65.45
C PRO D 150 -63.57 28.83 64.09
N TYR D 151 -63.86 30.10 63.81
CA TYR D 151 -64.53 30.48 62.57
C TYR D 151 -63.65 31.29 61.63
N PHE D 152 -63.87 31.10 60.33
CA PHE D 152 -63.14 31.82 59.28
C PHE D 152 -64.03 32.07 58.08
N GLU D 153 -63.87 33.25 57.47
CA GLU D 153 -64.61 33.60 56.27
C GLU D 153 -63.60 33.51 55.12
N THR D 154 -63.85 32.57 54.19
CA THR D 154 -62.92 32.32 53.09
C THR D 154 -63.46 32.51 51.69
N SER D 155 -62.51 32.54 50.75
CA SER D 155 -62.82 32.63 49.33
C SER D 155 -61.79 31.81 48.55
N ALA D 156 -62.20 30.61 48.14
CA ALA D 156 -61.33 29.72 47.38
C ALA D 156 -61.06 30.33 46.01
N LYS D 157 -62.09 30.94 45.44
CA LYS D 157 -61.99 31.55 44.13
C LYS D 157 -61.00 32.72 44.12
N GLU D 158 -61.00 33.52 45.18
CA GLU D 158 -60.11 34.68 45.24
C GLU D 158 -58.92 34.48 46.17
N ALA D 159 -58.69 33.24 46.59
CA ALA D 159 -57.56 32.93 47.47
C ALA D 159 -57.48 33.86 48.66
N ILE D 160 -58.63 34.10 49.28
CA ILE D 160 -58.72 34.96 50.45
C ILE D 160 -58.97 34.14 51.71
N ASN D 161 -58.07 34.29 52.67
CA ASN D 161 -58.17 33.64 53.95
C ASN D 161 -58.04 32.12 53.98
N VAL D 162 -57.59 31.53 52.88
CA VAL D 162 -57.43 30.09 52.86
C VAL D 162 -56.18 29.62 53.61
N GLU D 163 -55.00 30.11 53.25
CA GLU D 163 -53.76 29.72 53.92
C GLU D 163 -53.88 29.94 55.43
N GLN D 164 -54.50 31.05 55.80
CA GLN D 164 -54.66 31.39 57.20
C GLN D 164 -55.58 30.40 57.94
N ALA D 165 -56.72 30.06 57.33
CA ALA D 165 -57.66 29.13 57.95
C ALA D 165 -57.05 27.73 58.14
N PHE D 166 -56.27 27.28 57.15
CA PHE D 166 -55.65 25.98 57.28
C PHE D 166 -54.49 26.00 58.25
N GLN D 167 -54.05 27.17 58.67
CA GLN D 167 -52.97 27.25 59.64
C GLN D 167 -53.49 26.77 60.98
N THR D 168 -54.64 27.28 61.40
CA THR D 168 -55.16 26.82 62.68
C THR D 168 -55.76 25.42 62.55
N ILE D 169 -56.16 25.04 61.33
CA ILE D 169 -56.70 23.69 61.07
C ILE D 169 -55.56 22.68 61.30
N ALA D 170 -54.34 23.06 60.92
CA ALA D 170 -53.18 22.19 61.10
C ALA D 170 -52.77 22.16 62.56
N ARG D 171 -52.81 23.34 63.21
CA ARG D 171 -52.45 23.45 64.61
C ARG D 171 -53.44 22.70 65.48
N ASN D 172 -54.71 22.70 65.08
CA ASN D 172 -55.72 22.01 65.86
C ASN D 172 -55.66 20.51 65.61
N ALA D 173 -55.34 20.14 64.36
CA ALA D 173 -55.24 18.73 63.99
C ALA D 173 -54.06 18.10 64.73
N LEU D 174 -52.96 18.84 64.84
CA LEU D 174 -51.77 18.37 65.53
C LEU D 174 -52.08 18.11 67.00
N LYS D 175 -52.74 19.07 67.64
CA LYS D 175 -53.10 18.95 69.05
C LYS D 175 -53.93 17.69 69.30
N GLN D 176 -54.83 17.37 68.37
CA GLN D 176 -55.66 16.18 68.49
C GLN D 176 -54.79 14.93 68.36
N GLU D 177 -53.93 14.91 67.35
CA GLU D 177 -53.03 13.77 67.12
C GLU D 177 -52.07 13.55 68.29
N THR D 178 -51.50 14.64 68.82
CA THR D 178 -50.55 14.56 69.93
C THR D 178 -51.18 14.03 71.22
N GLU D 179 -52.43 14.41 71.48
CA GLU D 179 -53.11 13.94 72.67
C GLU D 179 -53.58 12.50 72.47
N VAL D 180 -54.04 12.20 71.25
CA VAL D 180 -54.53 10.87 70.89
C VAL D 180 -53.42 9.83 71.05
N GLU D 181 -52.42 9.90 70.18
CA GLU D 181 -51.30 8.95 70.22
C GLU D 181 -50.65 8.93 71.60
N ASP E 3 19.91 12.34 -27.83
CA ASP E 3 19.70 12.10 -26.38
C ASP E 3 19.08 10.70 -26.17
N ASN E 4 18.07 10.41 -26.99
CA ASN E 4 17.35 9.13 -26.97
C ASN E 4 18.22 8.09 -27.69
N LEU E 5 18.17 6.83 -27.29
CA LEU E 5 18.96 5.81 -28.00
C LEU E 5 18.43 5.72 -29.43
N PRO E 6 19.32 5.88 -30.42
CA PRO E 6 18.95 5.81 -31.83
C PRO E 6 18.18 4.54 -32.23
N SER E 7 17.29 4.68 -33.20
CA SER E 7 16.47 3.55 -33.63
C SER E 7 17.03 2.75 -34.78
N ASP E 8 18.25 3.06 -35.18
CA ASP E 8 18.89 2.32 -36.25
C ASP E 8 20.40 2.44 -36.21
N PHE E 9 21.05 1.33 -36.58
CA PHE E 9 22.51 1.22 -36.63
C PHE E 9 22.84 0.31 -37.82
N ASP E 10 24.13 0.12 -38.07
CA ASP E 10 24.59 -0.74 -39.14
C ASP E 10 24.79 -2.12 -38.53
N VAL E 11 25.32 -2.13 -37.31
CA VAL E 11 25.59 -3.37 -36.61
C VAL E 11 25.12 -3.32 -35.17
N ILE E 12 24.56 -4.41 -34.69
CA ILE E 12 24.13 -4.50 -33.31
C ILE E 12 24.80 -5.75 -32.77
N VAL E 13 25.52 -5.61 -31.66
CA VAL E 13 26.21 -6.73 -31.03
C VAL E 13 25.62 -6.97 -29.65
N ILE E 14 25.24 -8.22 -29.39
CA ILE E 14 24.64 -8.58 -28.11
C ILE E 14 25.62 -9.49 -27.33
N GLY E 15 26.18 -8.93 -26.25
CA GLY E 15 27.14 -9.66 -25.42
C GLY E 15 28.49 -8.96 -25.47
N THR E 16 29.14 -8.80 -24.33
CA THR E 16 30.42 -8.11 -24.30
C THR E 16 31.60 -9.03 -24.03
N GLY E 17 31.51 -10.27 -24.51
CA GLY E 17 32.60 -11.22 -24.34
C GLY E 17 33.72 -10.84 -25.29
N LEU E 18 34.92 -11.45 -25.15
CA LEU E 18 36.06 -11.07 -26.00
C LEU E 18 35.80 -11.03 -27.51
N PRO E 19 35.27 -12.12 -28.09
CA PRO E 19 34.99 -12.18 -29.53
C PRO E 19 34.08 -11.03 -29.97
N GLU E 20 32.95 -10.89 -29.28
CA GLU E 20 31.98 -9.83 -29.58
C GLU E 20 32.61 -8.45 -29.49
N SER E 21 33.46 -8.22 -28.50
CA SER E 21 34.04 -6.90 -28.37
C SER E 21 35.09 -6.69 -29.47
N ILE E 22 35.80 -7.73 -29.86
CA ILE E 22 36.77 -7.55 -30.93
C ILE E 22 36.06 -7.23 -32.25
N ILE E 23 35.00 -7.97 -32.58
CA ILE E 23 34.29 -7.71 -33.82
C ILE E 23 33.58 -6.35 -33.78
N ALA E 24 33.14 -5.93 -32.61
CA ALA E 24 32.48 -4.62 -32.50
C ALA E 24 33.51 -3.53 -32.77
N ALA E 25 34.70 -3.71 -32.23
CA ALA E 25 35.75 -2.73 -32.42
C ALA E 25 36.08 -2.64 -33.90
N ALA E 26 36.24 -3.80 -34.53
CA ALA E 26 36.57 -3.84 -35.96
C ALA E 26 35.51 -3.12 -36.80
N CYS E 27 34.25 -3.48 -36.59
CA CYS E 27 33.18 -2.86 -37.34
C CYS E 27 33.20 -1.36 -37.17
N SER E 28 33.31 -0.93 -35.92
CA SER E 28 33.34 0.49 -35.60
C SER E 28 34.57 1.13 -36.26
N ARG E 29 35.74 0.53 -36.05
CA ARG E 29 36.94 1.09 -36.67
C ARG E 29 36.75 1.30 -38.17
N SER E 30 36.06 0.37 -38.84
CA SER E 30 35.83 0.47 -40.28
C SER E 30 34.80 1.53 -40.67
N GLY E 31 34.03 2.03 -39.72
CA GLY E 31 33.07 3.07 -40.06
C GLY E 31 31.62 2.68 -39.89
N GLN E 32 31.37 1.48 -39.37
CA GLN E 32 30.00 1.04 -39.16
C GLN E 32 29.48 1.64 -37.85
N ARG E 33 28.27 2.13 -37.88
CA ARG E 33 27.63 2.65 -36.66
C ARG E 33 27.29 1.43 -35.83
N VAL E 34 27.91 1.30 -34.67
CA VAL E 34 27.72 0.11 -33.82
C VAL E 34 26.93 0.39 -32.55
N LEU E 35 26.05 -0.55 -32.21
CA LEU E 35 25.29 -0.57 -30.98
C LEU E 35 25.74 -1.82 -30.30
N HIS E 36 26.24 -1.71 -29.08
CA HIS E 36 26.76 -2.85 -28.33
C HIS E 36 26.04 -2.93 -26.99
N VAL E 37 25.26 -3.97 -26.76
CA VAL E 37 24.55 -4.10 -25.49
C VAL E 37 24.92 -5.38 -24.74
N ASP E 38 24.46 -5.45 -23.49
CA ASP E 38 24.70 -6.61 -22.65
C ASP E 38 23.64 -6.55 -21.58
N SER E 39 23.23 -7.70 -21.07
CA SER E 39 22.21 -7.76 -20.05
C SER E 39 22.75 -7.65 -18.64
N ARG E 40 24.05 -7.87 -18.51
CA ARG E 40 24.75 -7.81 -17.23
C ARG E 40 24.99 -6.36 -16.83
N SER E 41 25.47 -6.16 -15.60
CA SER E 41 25.76 -4.83 -15.09
C SER E 41 27.26 -4.53 -15.20
N TYR E 42 27.98 -5.48 -15.78
CA TYR E 42 29.43 -5.36 -15.96
C TYR E 42 29.79 -5.90 -17.35
N TYR E 43 31.00 -5.60 -17.81
CA TYR E 43 31.47 -6.07 -19.12
C TYR E 43 32.09 -7.46 -19.07
N GLY E 44 32.12 -8.13 -20.21
CA GLY E 44 32.81 -9.42 -20.28
C GLY E 44 31.97 -10.70 -20.46
N GLY E 45 30.76 -10.78 -19.94
CA GLY E 45 29.99 -12.00 -20.06
C GLY E 45 30.79 -13.09 -19.34
N ASN E 46 31.09 -14.15 -20.05
CA ASN E 46 31.83 -15.26 -19.46
C ASN E 46 33.35 -15.03 -19.49
N TRP E 47 33.77 -13.85 -19.94
CA TRP E 47 35.18 -13.52 -20.01
C TRP E 47 35.53 -12.53 -18.90
N ALA E 48 34.52 -12.19 -18.12
CA ALA E 48 34.65 -11.20 -17.06
C ALA E 48 35.49 -11.66 -15.86
N SER E 49 35.85 -10.69 -15.02
CA SER E 49 36.57 -10.92 -13.80
C SER E 49 35.76 -10.25 -12.71
N PHE E 50 35.89 -10.68 -11.47
CA PHE E 50 35.11 -10.07 -10.40
C PHE E 50 35.96 -9.73 -9.14
N SER E 51 35.46 -8.76 -8.36
CA SER E 51 36.06 -8.47 -7.08
C SER E 51 35.61 -9.66 -6.24
N PHE E 52 36.04 -9.81 -5.00
CA PHE E 52 35.56 -10.97 -4.25
C PHE E 52 34.07 -10.86 -4.01
N SER E 53 33.60 -9.67 -3.62
CA SER E 53 32.17 -9.49 -3.38
C SER E 53 31.36 -9.69 -4.66
N GLY E 54 31.92 -9.27 -5.80
CA GLY E 54 31.24 -9.44 -7.08
C GLY E 54 31.14 -10.92 -7.48
N LEU E 55 32.21 -11.68 -7.18
CA LEU E 55 32.24 -13.09 -7.48
C LEU E 55 31.16 -13.80 -6.66
N LEU E 56 31.07 -13.50 -5.36
CA LEU E 56 30.04 -14.10 -4.54
C LEU E 56 28.66 -13.76 -5.12
N SER E 57 28.45 -12.54 -5.60
CA SER E 57 27.16 -12.19 -6.20
C SER E 57 26.90 -13.00 -7.49
N TRP E 58 27.94 -13.18 -8.29
CA TRP E 58 27.86 -13.93 -9.54
C TRP E 58 27.43 -15.37 -9.22
N LEU E 59 28.02 -15.93 -8.16
CA LEU E 59 27.71 -17.29 -7.72
C LEU E 59 26.23 -17.53 -7.46
N LYS E 60 25.64 -16.61 -6.70
CA LYS E 60 24.23 -16.67 -6.35
C LYS E 60 23.40 -17.22 -7.49
N GLU E 61 23.37 -16.47 -8.58
CA GLU E 61 22.59 -16.83 -9.77
C GLU E 61 22.63 -18.32 -10.12
N TYR E 62 23.81 -18.92 -10.08
CA TYR E 62 23.95 -20.32 -10.43
C TYR E 62 23.97 -21.31 -9.27
N GLN E 63 23.37 -20.92 -8.15
CA GLN E 63 23.29 -21.76 -6.96
C GLN E 63 21.84 -21.84 -6.48
N MET E 74 5.64 -7.88 -23.85
CA MET E 74 6.02 -6.48 -23.92
C MET E 74 6.67 -6.15 -25.27
N TRP E 75 6.55 -7.08 -26.22
CA TRP E 75 7.14 -6.90 -27.54
C TRP E 75 6.21 -7.36 -28.65
N GLN E 76 5.29 -8.26 -28.32
CA GLN E 76 4.38 -8.79 -29.32
C GLN E 76 3.70 -7.66 -30.07
N GLU E 77 3.38 -6.58 -29.36
CA GLU E 77 2.72 -5.44 -29.98
C GLU E 77 3.67 -4.60 -30.83
N GLN E 78 4.96 -4.92 -30.79
CA GLN E 78 5.99 -4.19 -31.56
C GLN E 78 6.29 -4.84 -32.90
N ILE E 79 5.88 -6.10 -33.05
CA ILE E 79 6.09 -6.84 -34.29
C ILE E 79 5.17 -6.19 -35.30
N LEU E 80 5.73 -5.71 -36.41
CA LEU E 80 4.91 -5.06 -37.40
C LEU E 80 4.30 -6.03 -38.42
N GLU E 81 3.74 -5.43 -39.46
CA GLU E 81 3.13 -6.17 -40.55
C GLU E 81 4.23 -6.98 -41.23
N ASN E 82 3.90 -8.19 -41.68
CA ASN E 82 4.87 -9.04 -42.37
C ASN E 82 6.13 -9.42 -41.60
N GLU E 83 6.06 -9.52 -40.28
CA GLU E 83 7.24 -9.91 -39.54
C GLU E 83 6.90 -11.01 -38.57
N GLU E 84 7.92 -11.66 -38.06
CA GLU E 84 7.79 -12.68 -37.08
C GLU E 84 8.95 -12.48 -36.12
N ALA E 85 8.82 -12.95 -34.90
CA ALA E 85 9.89 -12.75 -33.94
C ALA E 85 10.59 -14.03 -33.56
N ILE E 86 11.84 -13.91 -33.22
CA ILE E 86 12.65 -15.02 -32.72
C ILE E 86 13.02 -14.59 -31.30
N PRO E 87 12.26 -15.06 -30.31
CA PRO E 87 12.57 -14.67 -28.93
C PRO E 87 14.00 -15.01 -28.56
N LEU E 88 14.58 -14.19 -27.69
CA LEU E 88 15.94 -14.43 -27.23
C LEU E 88 15.84 -15.03 -25.84
N SER E 89 16.94 -15.55 -25.33
CA SER E 89 16.97 -16.11 -24.00
C SER E 89 16.74 -15.00 -22.97
N SER E 90 16.22 -15.37 -21.81
CA SER E 90 15.97 -14.41 -20.74
C SER E 90 16.69 -14.88 -19.48
N LYS E 91 17.34 -16.04 -19.60
CA LYS E 91 18.03 -16.62 -18.48
C LYS E 91 19.30 -17.31 -18.96
N ASP E 92 20.41 -16.98 -18.33
CA ASP E 92 21.70 -17.56 -18.69
C ASP E 92 21.81 -18.96 -18.08
N LYS E 93 22.30 -19.90 -18.86
CA LYS E 93 22.43 -21.26 -18.38
C LYS E 93 23.75 -21.88 -18.78
N THR E 94 24.80 -21.07 -18.68
CA THR E 94 26.14 -21.52 -19.07
C THR E 94 27.04 -22.01 -17.93
N ILE E 95 26.61 -21.83 -16.68
CA ILE E 95 27.40 -22.22 -15.51
C ILE E 95 26.66 -23.33 -14.76
N GLN E 96 27.37 -24.35 -14.29
CA GLN E 96 26.72 -25.46 -13.57
C GLN E 96 27.67 -26.03 -12.54
N HIS E 97 27.14 -26.84 -11.63
CA HIS E 97 27.93 -27.50 -10.58
C HIS E 97 28.86 -26.58 -9.77
N VAL E 98 28.33 -25.46 -9.29
CA VAL E 98 29.12 -24.53 -8.50
C VAL E 98 29.35 -25.12 -7.11
N GLU E 99 30.61 -25.16 -6.68
CA GLU E 99 30.94 -25.67 -5.35
C GLU E 99 31.90 -24.69 -4.69
N VAL E 100 31.56 -24.28 -3.49
CA VAL E 100 32.40 -23.34 -2.76
C VAL E 100 32.78 -23.91 -1.41
N PHE E 101 34.04 -23.71 -1.03
CA PHE E 101 34.52 -24.18 0.25
C PHE E 101 35.39 -23.11 0.87
N CYS E 102 35.03 -22.68 2.06
CA CYS E 102 35.82 -21.69 2.77
C CYS E 102 36.55 -22.40 3.91
N TYR E 103 37.84 -22.68 3.73
CA TYR E 103 38.62 -23.37 4.75
C TYR E 103 39.19 -22.43 5.81
N ALA E 104 39.45 -21.18 5.42
CA ALA E 104 39.99 -20.22 6.36
C ALA E 104 38.99 -20.02 7.47
N SER E 105 39.49 -19.71 8.67
CA SER E 105 38.62 -19.47 9.81
C SER E 105 37.79 -18.22 9.51
N GLN E 106 36.52 -18.23 9.92
CA GLN E 106 35.66 -17.08 9.72
C GLN E 106 36.02 -16.08 10.80
N ASP E 107 36.60 -14.96 10.39
CA ASP E 107 37.01 -13.93 11.35
C ASP E 107 38.05 -14.49 12.33
N ASN E 210 50.40 -14.09 9.70
CA ASN E 210 50.42 -14.97 8.54
C ASN E 210 49.08 -15.70 8.31
N ARG E 211 48.31 -15.90 9.37
CA ARG E 211 47.02 -16.57 9.29
C ARG E 211 45.95 -15.63 8.74
N ILE E 212 45.60 -15.83 7.47
CA ILE E 212 44.60 -15.01 6.80
C ILE E 212 43.19 -15.55 7.03
N THR E 213 42.32 -14.73 7.61
CA THR E 213 40.95 -15.15 7.86
C THR E 213 40.02 -14.73 6.74
N TYR E 214 38.89 -15.40 6.65
CA TYR E 214 37.92 -15.09 5.63
C TYR E 214 37.52 -13.61 5.75
N SER E 215 37.51 -13.09 6.97
CA SER E 215 37.16 -11.69 7.19
C SER E 215 38.11 -10.75 6.49
N GLN E 216 39.39 -11.12 6.46
CA GLN E 216 40.37 -10.28 5.79
C GLN E 216 40.11 -10.32 4.28
N ILE E 217 39.82 -11.51 3.74
CA ILE E 217 39.54 -11.66 2.32
C ILE E 217 38.42 -10.69 1.92
N ILE E 218 37.34 -10.69 2.71
CA ILE E 218 36.21 -9.80 2.47
C ILE E 218 36.60 -8.33 2.56
N LYS E 219 37.23 -7.94 3.65
CA LYS E 219 37.66 -6.56 3.82
C LYS E 219 38.49 -6.10 2.62
N GLU E 220 39.40 -6.97 2.18
CA GLU E 220 40.28 -6.68 1.05
C GLU E 220 39.70 -7.17 -0.28
N GLY E 221 38.41 -7.56 -0.27
CA GLY E 221 37.76 -8.07 -1.46
C GLY E 221 38.04 -7.34 -2.76
N ARG E 222 38.18 -6.03 -2.71
CA ARG E 222 38.43 -5.21 -3.89
C ARG E 222 39.83 -5.38 -4.47
N ARG E 223 40.71 -6.03 -3.71
CA ARG E 223 42.07 -6.27 -4.17
C ARG E 223 42.10 -7.49 -5.06
N PHE E 224 40.96 -8.18 -5.13
CA PHE E 224 40.85 -9.36 -5.96
C PHE E 224 40.17 -9.04 -7.27
N ASN E 225 40.55 -9.80 -8.28
CA ASN E 225 40.00 -9.69 -9.62
C ASN E 225 40.07 -11.10 -10.18
N ILE E 226 39.06 -11.87 -9.82
CA ILE E 226 38.94 -13.28 -10.19
C ILE E 226 38.44 -13.50 -11.61
N ASP E 227 39.29 -14.07 -12.45
CA ASP E 227 38.92 -14.36 -13.83
C ASP E 227 38.03 -15.60 -14.00
N LEU E 228 36.97 -15.47 -14.78
CA LEU E 228 36.11 -16.62 -15.07
C LEU E 228 36.86 -17.45 -16.11
N VAL E 229 37.75 -16.78 -16.86
CA VAL E 229 38.56 -17.38 -17.90
C VAL E 229 40.04 -17.28 -17.54
N SER E 230 40.71 -18.44 -17.50
CA SER E 230 42.11 -18.52 -17.16
C SER E 230 42.98 -18.85 -18.38
N LYS E 231 43.46 -17.82 -19.05
CA LYS E 231 44.31 -18.00 -20.22
C LYS E 231 45.53 -17.10 -20.09
N LEU E 232 46.48 -17.27 -21.01
CA LEU E 232 47.69 -16.47 -21.03
C LEU E 232 47.91 -16.00 -22.46
N LEU E 233 48.76 -15.00 -22.61
CA LEU E 233 49.10 -14.52 -23.93
C LEU E 233 50.53 -14.90 -24.28
N TYR E 234 50.72 -15.40 -25.51
CA TYR E 234 52.04 -15.76 -26.01
C TYR E 234 52.66 -14.42 -26.45
N SER E 235 53.99 -14.34 -26.48
CA SER E 235 54.72 -13.13 -26.87
C SER E 235 54.34 -12.69 -28.27
N ARG E 236 53.92 -13.66 -29.07
CA ARG E 236 53.48 -13.42 -30.42
C ARG E 236 52.28 -14.31 -30.62
N GLY E 237 51.24 -13.76 -31.24
CA GLY E 237 50.03 -14.53 -31.46
C GLY E 237 48.93 -13.63 -31.95
N LEU E 238 47.82 -14.24 -32.32
CA LEU E 238 46.70 -13.48 -32.84
C LEU E 238 46.32 -12.30 -31.93
N LEU E 239 45.98 -12.55 -30.68
CA LEU E 239 45.58 -11.46 -29.79
C LEU E 239 46.64 -10.39 -29.54
N ILE E 240 47.82 -10.81 -29.11
CA ILE E 240 48.89 -9.85 -28.84
C ILE E 240 49.25 -9.03 -30.09
N ASP E 241 49.36 -9.71 -31.24
CA ASP E 241 49.68 -9.00 -32.47
C ASP E 241 48.59 -7.98 -32.76
N LEU E 242 47.35 -8.37 -32.52
CA LEU E 242 46.21 -7.48 -32.76
C LEU E 242 46.19 -6.28 -31.79
N LEU E 243 46.58 -6.52 -30.53
CA LEU E 243 46.61 -5.43 -29.54
C LEU E 243 47.63 -4.38 -29.98
N ILE E 244 48.77 -4.85 -30.44
CA ILE E 244 49.82 -3.94 -30.89
C ILE E 244 49.44 -3.18 -32.17
N LYS E 245 48.92 -3.90 -33.15
CA LYS E 245 48.54 -3.29 -34.40
C LYS E 245 47.43 -2.24 -34.20
N SER E 246 46.34 -2.63 -33.53
CA SER E 246 45.19 -1.73 -33.30
C SER E 246 45.44 -0.63 -32.29
N ASN E 247 46.49 -0.81 -31.48
CA ASN E 247 46.85 0.13 -30.44
C ASN E 247 45.98 0.03 -29.19
N VAL E 248 45.16 -1.02 -29.13
CA VAL E 248 44.31 -1.24 -27.96
C VAL E 248 45.25 -1.59 -26.79
N SER E 249 46.51 -1.85 -27.14
CA SER E 249 47.52 -2.20 -26.15
C SER E 249 47.79 -1.03 -25.20
N ARG E 250 47.48 0.19 -25.64
CA ARG E 250 47.70 1.34 -24.79
C ARG E 250 46.73 1.30 -23.60
N TYR E 251 45.79 0.38 -23.63
CA TYR E 251 44.80 0.27 -22.56
C TYR E 251 45.16 -0.73 -21.46
N ALA E 252 46.33 -1.36 -21.52
CA ALA E 252 46.67 -2.34 -20.49
C ALA E 252 48.14 -2.54 -20.30
N GLU E 253 48.50 -2.99 -19.11
CA GLU E 253 49.88 -3.28 -18.75
C GLU E 253 49.97 -4.78 -18.57
N PHE E 254 51.16 -5.32 -18.79
CA PHE E 254 51.37 -6.75 -18.67
C PHE E 254 52.49 -7.14 -17.72
N LYS E 255 52.42 -8.39 -17.26
CA LYS E 255 53.42 -8.95 -16.37
C LYS E 255 53.93 -10.24 -16.98
N ASN E 256 55.23 -10.49 -16.90
CA ASN E 256 55.81 -11.71 -17.46
C ASN E 256 55.55 -12.94 -16.60
N ILE E 257 55.39 -14.08 -17.27
CA ILE E 257 55.26 -15.31 -16.54
C ILE E 257 56.72 -15.60 -16.20
N THR E 258 57.04 -16.00 -14.96
CA THR E 258 58.47 -16.18 -14.67
C THR E 258 58.94 -17.61 -14.47
N ARG E 259 58.01 -18.56 -14.42
CA ARG E 259 58.37 -19.97 -14.22
C ARG E 259 57.41 -20.91 -14.91
N ILE E 260 57.99 -21.89 -15.62
CA ILE E 260 57.26 -22.93 -16.24
C ILE E 260 57.44 -24.11 -15.31
N LEU E 261 56.36 -24.75 -14.88
CA LEU E 261 56.46 -25.87 -13.95
C LEU E 261 55.93 -27.15 -14.55
N ALA E 262 56.44 -28.28 -14.08
CA ALA E 262 56.03 -29.59 -14.55
C ALA E 262 55.59 -30.45 -13.39
N PHE E 263 54.77 -31.44 -13.69
CA PHE E 263 54.26 -32.35 -12.66
C PHE E 263 54.56 -33.79 -13.03
N ARG E 264 55.78 -34.24 -12.75
CA ARG E 264 56.17 -35.60 -13.05
C ARG E 264 56.37 -36.37 -11.75
N GLU E 265 56.13 -37.69 -11.79
CA GLU E 265 56.31 -38.51 -10.60
C GLU E 265 55.36 -38.02 -9.52
N GLY E 266 54.38 -37.22 -9.93
CA GLY E 266 53.45 -36.67 -8.97
C GLY E 266 54.16 -35.62 -8.14
N THR E 267 55.08 -34.88 -8.77
CA THR E 267 55.80 -33.83 -8.06
C THR E 267 56.12 -32.58 -8.91
N VAL E 268 56.05 -31.43 -8.26
CA VAL E 268 56.29 -30.13 -8.89
C VAL E 268 57.77 -29.84 -9.00
N GLU E 269 58.14 -29.19 -10.11
CA GLU E 269 59.52 -28.86 -10.36
C GLU E 269 59.60 -27.82 -11.48
N GLN E 270 60.50 -26.86 -11.34
CA GLN E 270 60.66 -25.85 -12.36
C GLN E 270 61.38 -26.48 -13.54
N VAL E 271 60.90 -26.20 -14.74
CA VAL E 271 61.51 -26.74 -15.96
C VAL E 271 62.29 -25.64 -16.68
N PRO E 272 63.61 -25.82 -16.84
CA PRO E 272 64.45 -24.84 -17.52
C PRO E 272 64.09 -24.78 -19.00
N CYS E 273 63.84 -23.59 -19.52
CA CYS E 273 63.47 -23.44 -20.93
C CYS E 273 64.45 -22.66 -21.78
N SER E 274 64.80 -21.45 -21.38
CA SER E 274 65.76 -20.66 -22.13
C SER E 274 67.15 -21.27 -22.01
N ARG E 275 68.01 -21.08 -23.00
CA ARG E 275 69.35 -21.63 -22.94
C ARG E 275 70.08 -21.19 -21.67
N ALA E 276 69.82 -19.95 -21.23
CA ALA E 276 70.44 -19.44 -20.01
C ALA E 276 70.01 -20.30 -18.81
N ASP E 277 68.71 -20.30 -18.55
CA ASP E 277 68.12 -21.06 -17.45
C ASP E 277 68.61 -22.51 -17.39
N VAL E 278 68.85 -23.12 -18.54
CA VAL E 278 69.33 -24.51 -18.58
C VAL E 278 70.77 -24.59 -18.08
N PHE E 279 71.57 -23.57 -18.43
CA PHE E 279 72.97 -23.51 -18.02
C PHE E 279 73.14 -22.72 -16.73
N ASN E 280 72.14 -22.80 -15.86
CA ASN E 280 72.17 -22.11 -14.57
C ASN E 280 71.64 -23.08 -13.50
N SER E 281 71.75 -24.36 -13.83
CA SER E 281 71.34 -25.46 -12.96
C SER E 281 71.80 -26.77 -13.61
N LYS E 282 71.83 -27.85 -12.82
CA LYS E 282 72.23 -29.18 -13.29
C LYS E 282 71.15 -30.16 -12.94
N GLN E 283 69.92 -29.78 -13.25
CA GLN E 283 68.80 -30.64 -12.96
C GLN E 283 68.84 -31.93 -13.78
N LEU E 284 69.71 -31.95 -14.79
CA LEU E 284 69.83 -33.14 -15.63
C LEU E 284 71.26 -33.36 -16.12
N THR E 285 71.52 -34.60 -16.53
CA THR E 285 72.82 -34.99 -17.04
C THR E 285 73.15 -34.23 -18.31
N MET E 286 74.37 -34.40 -18.79
CA MET E 286 74.82 -33.73 -20.00
C MET E 286 74.44 -34.53 -21.26
N VAL E 287 74.06 -35.80 -21.07
CA VAL E 287 73.64 -36.65 -22.19
C VAL E 287 72.25 -36.16 -22.63
N GLU E 288 71.38 -35.93 -21.64
CA GLU E 288 70.05 -35.43 -21.91
C GLU E 288 70.17 -33.98 -22.38
N LYS E 289 70.90 -33.17 -21.63
CA LYS E 289 71.10 -31.75 -21.97
C LYS E 289 71.48 -31.60 -23.44
N ARG E 290 72.52 -32.32 -23.86
CA ARG E 290 72.96 -32.28 -25.25
C ARG E 290 71.79 -32.61 -26.18
N MET E 291 70.88 -33.49 -25.74
CA MET E 291 69.72 -33.85 -26.55
C MET E 291 68.76 -32.67 -26.52
N LEU E 292 68.69 -31.98 -25.37
CA LEU E 292 67.82 -30.83 -25.22
C LEU E 292 68.11 -29.77 -26.29
N MET E 293 69.23 -29.06 -26.09
CA MET E 293 69.66 -28.03 -27.02
C MET E 293 69.44 -28.53 -28.43
N LYS E 294 70.05 -29.67 -28.73
CA LYS E 294 69.94 -30.26 -30.05
C LYS E 294 68.50 -30.46 -30.46
N PHE E 295 67.67 -30.98 -29.56
CA PHE E 295 66.29 -31.21 -29.92
C PHE E 295 65.51 -29.92 -30.11
N LEU E 296 65.63 -29.01 -29.17
CA LEU E 296 64.93 -27.73 -29.26
C LEU E 296 65.42 -26.92 -30.46
N THR E 297 66.73 -26.86 -30.64
CA THR E 297 67.33 -26.13 -31.76
C THR E 297 66.81 -26.70 -33.07
N PHE E 298 66.41 -27.96 -33.02
CA PHE E 298 65.86 -28.63 -34.21
C PHE E 298 64.41 -28.23 -34.43
N CYS E 299 63.63 -28.16 -33.35
CA CYS E 299 62.23 -27.79 -33.46
C CYS E 299 62.05 -26.37 -33.96
N VAL E 300 62.96 -25.48 -33.56
CA VAL E 300 62.90 -24.08 -33.97
C VAL E 300 62.91 -23.97 -35.50
N GLU E 301 63.18 -25.09 -36.16
CA GLU E 301 63.23 -25.15 -37.61
C GLU E 301 62.88 -26.54 -38.13
N TYR E 302 61.93 -27.22 -37.48
CA TYR E 302 61.54 -28.56 -37.90
C TYR E 302 61.13 -28.71 -39.37
N GLU E 303 60.45 -27.69 -39.93
CA GLU E 303 60.01 -27.75 -41.31
C GLU E 303 61.14 -27.48 -42.29
N GLU E 304 62.37 -27.44 -41.77
CA GLU E 304 63.56 -27.22 -42.58
C GLU E 304 64.21 -28.58 -42.87
N HIS E 305 63.92 -29.57 -42.02
CA HIS E 305 64.45 -30.92 -42.17
C HIS E 305 63.27 -31.89 -42.21
N PRO E 306 62.45 -31.84 -43.27
CA PRO E 306 61.28 -32.74 -43.41
C PRO E 306 61.65 -34.21 -43.55
N ASP E 307 62.66 -34.63 -42.80
CA ASP E 307 63.14 -36.01 -42.81
C ASP E 307 63.09 -36.64 -41.41
N GLU E 308 62.96 -35.80 -40.38
CA GLU E 308 62.89 -36.27 -39.00
C GLU E 308 61.44 -36.54 -38.60
N TYR E 309 60.52 -35.98 -39.37
CA TYR E 309 59.10 -36.14 -39.09
C TYR E 309 58.41 -36.62 -40.38
N ARG E 310 59.22 -37.16 -41.28
CA ARG E 310 58.75 -37.66 -42.57
C ARG E 310 57.51 -38.56 -42.48
N ALA E 311 57.72 -39.83 -42.10
CA ALA E 311 56.63 -40.81 -42.02
C ALA E 311 55.65 -40.57 -40.86
N TYR E 312 56.10 -39.92 -39.80
CA TYR E 312 55.25 -39.67 -38.64
C TYR E 312 54.21 -38.60 -38.94
N GLU E 313 54.30 -38.00 -40.13
CA GLU E 313 53.37 -36.96 -40.53
C GLU E 313 51.94 -37.49 -40.42
N GLY E 314 51.80 -38.81 -40.53
CA GLY E 314 50.50 -39.45 -40.44
C GLY E 314 50.07 -39.79 -39.02
N THR E 315 51.05 -39.94 -38.13
CA THR E 315 50.78 -40.28 -36.72
C THR E 315 50.74 -39.05 -35.79
N THR E 316 50.65 -39.31 -34.49
CA THR E 316 50.61 -38.25 -33.47
C THR E 316 52.01 -37.86 -32.99
N PHE E 317 52.08 -36.80 -32.19
CA PHE E 317 53.35 -36.31 -31.66
C PHE E 317 53.91 -37.18 -30.54
N SER E 318 53.09 -37.44 -29.52
CA SER E 318 53.50 -38.26 -28.39
C SER E 318 54.12 -39.53 -28.95
N GLU E 319 53.48 -40.08 -29.97
CA GLU E 319 53.97 -41.27 -30.63
C GLU E 319 55.36 -40.99 -31.19
N TYR E 320 55.46 -39.87 -31.93
CA TYR E 320 56.71 -39.43 -32.55
C TYR E 320 57.87 -39.25 -31.57
N LEU E 321 57.73 -38.32 -30.64
CA LEU E 321 58.77 -38.04 -29.67
C LEU E 321 59.35 -39.33 -29.09
N LYS E 322 58.54 -40.39 -29.10
CA LYS E 322 58.94 -41.69 -28.58
C LYS E 322 60.18 -42.22 -29.29
N THR E 323 60.21 -42.11 -30.62
CA THR E 323 61.34 -42.59 -31.43
C THR E 323 62.37 -41.50 -31.72
N GLN E 324 62.77 -40.77 -30.68
CA GLN E 324 63.75 -39.70 -30.86
C GLN E 324 64.89 -39.94 -29.90
N LYS E 325 65.98 -39.21 -30.09
CA LYS E 325 67.14 -39.31 -29.21
C LYS E 325 66.80 -38.54 -27.95
N LEU E 326 65.89 -39.10 -27.16
CA LEU E 326 65.44 -38.45 -25.94
C LEU E 326 64.95 -39.43 -24.88
N THR E 327 65.29 -39.17 -23.63
CA THR E 327 64.86 -40.02 -22.51
C THR E 327 63.35 -39.79 -22.32
N PRO E 328 62.71 -40.56 -21.42
CA PRO E 328 61.27 -40.37 -21.19
C PRO E 328 61.06 -39.09 -20.38
N ASN E 329 62.12 -38.70 -19.67
CA ASN E 329 62.14 -37.51 -18.84
C ASN E 329 61.97 -36.26 -19.71
N LEU E 330 63.00 -35.94 -20.49
CA LEU E 330 62.93 -34.77 -21.36
C LEU E 330 61.73 -34.94 -22.29
N GLN E 331 61.41 -36.18 -22.64
CA GLN E 331 60.28 -36.48 -23.50
C GLN E 331 59.00 -35.99 -22.82
N TYR E 332 59.01 -36.00 -21.49
CA TYR E 332 57.87 -35.56 -20.69
C TYR E 332 57.76 -34.05 -20.83
N PHE E 333 58.86 -33.36 -20.49
CA PHE E 333 58.92 -31.89 -20.57
C PHE E 333 58.53 -31.33 -21.92
N VAL E 334 59.08 -31.88 -22.98
CA VAL E 334 58.78 -31.40 -24.32
C VAL E 334 57.31 -31.54 -24.63
N LEU E 335 56.81 -32.76 -24.49
CA LEU E 335 55.42 -33.09 -24.78
C LEU E 335 54.35 -32.40 -23.91
N HIS E 336 54.66 -32.22 -22.63
CA HIS E 336 53.73 -31.61 -21.69
C HIS E 336 53.92 -30.14 -21.32
N SER E 337 55.17 -29.69 -21.24
CA SER E 337 55.46 -28.32 -20.84
C SER E 337 55.96 -27.39 -21.97
N ILE E 338 56.57 -27.95 -23.00
CA ILE E 338 57.07 -27.12 -24.10
C ILE E 338 56.00 -27.05 -25.17
N ALA E 339 55.55 -28.22 -25.62
CA ALA E 339 54.51 -28.32 -26.64
C ALA E 339 53.13 -28.05 -26.03
N MET E 340 52.79 -28.78 -24.97
CA MET E 340 51.51 -28.60 -24.28
C MET E 340 50.25 -28.95 -25.08
N THR E 341 50.37 -29.81 -26.08
CA THR E 341 49.18 -30.16 -26.86
C THR E 341 48.65 -31.50 -26.43
N SER E 342 47.40 -31.78 -26.82
CA SER E 342 46.77 -33.06 -26.50
C SER E 342 47.71 -34.11 -27.07
N GLU E 343 48.49 -34.77 -26.21
CA GLU E 343 49.45 -35.77 -26.65
C GLU E 343 48.78 -37.00 -27.25
N THR E 344 47.51 -36.84 -27.60
CA THR E 344 46.72 -37.90 -28.21
C THR E 344 45.97 -37.30 -29.40
N THR E 345 45.29 -36.19 -29.15
CA THR E 345 44.52 -35.51 -30.18
C THR E 345 45.36 -34.50 -30.99
N SER E 346 46.64 -34.82 -31.18
CA SER E 346 47.56 -33.95 -31.94
C SER E 346 48.58 -34.79 -32.71
N CYS E 347 48.64 -34.59 -34.03
CA CYS E 347 49.57 -35.33 -34.89
C CYS E 347 50.99 -34.81 -34.71
N THR E 348 51.97 -35.58 -35.17
CA THR E 348 53.39 -35.23 -35.05
C THR E 348 53.73 -33.80 -35.47
N VAL E 349 53.20 -33.36 -36.60
CA VAL E 349 53.45 -32.02 -37.09
C VAL E 349 52.86 -31.01 -36.10
N ASP E 350 51.58 -31.21 -35.77
CA ASP E 350 50.89 -30.35 -34.82
C ASP E 350 51.71 -30.13 -33.54
N GLY E 351 52.40 -31.18 -33.11
CA GLY E 351 53.22 -31.09 -31.92
C GLY E 351 54.53 -30.38 -32.18
N LEU E 352 55.04 -30.48 -33.41
CA LEU E 352 56.28 -29.80 -33.73
C LEU E 352 55.99 -28.31 -33.86
N LYS E 353 54.92 -27.97 -34.56
CA LYS E 353 54.52 -26.56 -34.74
C LYS E 353 54.53 -25.85 -33.38
N ALA E 354 53.88 -26.50 -32.42
CA ALA E 354 53.73 -26.01 -31.06
C ALA E 354 55.04 -25.71 -30.33
N THR E 355 55.99 -26.65 -30.39
CA THR E 355 57.28 -26.47 -29.73
C THR E 355 57.98 -25.27 -30.33
N LYS E 356 57.99 -25.20 -31.66
CA LYS E 356 58.61 -24.08 -32.37
C LYS E 356 57.99 -22.77 -31.86
N LYS E 357 56.66 -22.73 -31.81
CA LYS E 357 55.94 -21.55 -31.35
C LYS E 357 56.43 -21.17 -29.95
N PHE E 358 56.44 -22.15 -29.05
CA PHE E 358 56.89 -21.96 -27.67
C PHE E 358 58.29 -21.33 -27.65
N LEU E 359 59.22 -21.99 -28.33
CA LEU E 359 60.59 -21.55 -28.38
C LEU E 359 60.77 -20.13 -28.91
N GLN E 360 60.14 -19.84 -30.06
CA GLN E 360 60.25 -18.51 -30.65
C GLN E 360 59.72 -17.38 -29.77
N CYS E 361 58.74 -17.67 -28.93
CA CYS E 361 58.17 -16.66 -28.06
C CYS E 361 59.03 -16.43 -26.84
N LEU E 362 60.10 -17.22 -26.71
CA LEU E 362 61.01 -17.08 -25.59
C LEU E 362 61.86 -15.82 -25.74
N GLY E 363 62.22 -15.22 -24.60
CA GLY E 363 63.07 -14.05 -24.59
C GLY E 363 62.52 -12.73 -25.14
N ARG E 364 61.28 -12.72 -25.61
CA ARG E 364 60.70 -11.47 -26.14
C ARG E 364 60.54 -10.42 -25.04
N TYR E 365 60.16 -10.87 -23.85
CA TYR E 365 59.95 -9.97 -22.71
C TYR E 365 60.61 -10.50 -21.44
N GLY E 366 60.67 -11.82 -21.30
CA GLY E 366 61.25 -12.44 -20.11
C GLY E 366 61.77 -13.82 -20.41
N ASN E 367 62.02 -14.64 -19.38
CA ASN E 367 62.56 -15.98 -19.62
C ASN E 367 61.55 -17.07 -20.01
N THR E 368 60.31 -16.66 -20.28
CA THR E 368 59.29 -17.60 -20.72
C THR E 368 58.55 -16.94 -21.87
N PRO E 369 57.70 -17.69 -22.56
CA PRO E 369 56.98 -17.09 -23.68
C PRO E 369 55.65 -16.45 -23.31
N PHE E 370 55.34 -16.40 -22.00
CA PHE E 370 54.03 -15.94 -21.58
C PHE E 370 53.89 -14.60 -20.84
N LEU E 371 52.76 -13.93 -21.10
CA LEU E 371 52.40 -12.65 -20.47
C LEU E 371 50.98 -12.75 -19.91
N PHE E 372 50.73 -12.00 -18.84
CA PHE E 372 49.45 -11.93 -18.16
C PHE E 372 49.14 -10.48 -17.92
N PRO E 373 47.91 -10.05 -18.23
CA PRO E 373 47.51 -8.66 -18.03
C PRO E 373 47.24 -8.29 -16.58
N LEU E 374 47.75 -7.15 -16.17
CA LEU E 374 47.53 -6.63 -14.82
C LEU E 374 46.03 -6.47 -14.63
N TYR E 375 45.54 -6.92 -13.48
CA TYR E 375 44.12 -6.88 -13.15
C TYR E 375 43.38 -8.07 -13.78
N GLY E 376 44.05 -8.80 -14.67
CA GLY E 376 43.46 -10.02 -15.24
C GLY E 376 42.97 -10.00 -16.69
N GLN E 377 42.60 -11.20 -17.16
CA GLN E 377 42.09 -11.46 -18.51
C GLN E 377 40.83 -10.63 -18.74
N GLY E 378 40.06 -10.45 -17.67
CA GLY E 378 38.82 -9.70 -17.75
C GLY E 378 38.98 -8.30 -18.32
N GLU E 379 40.19 -7.78 -18.34
CA GLU E 379 40.41 -6.44 -18.86
C GLU E 379 40.31 -6.39 -20.38
N LEU E 380 40.74 -7.47 -21.03
CA LEU E 380 40.76 -7.53 -22.49
C LEU E 380 39.48 -7.19 -23.24
N PRO E 381 38.33 -7.74 -22.82
CA PRO E 381 37.13 -7.38 -23.58
C PRO E 381 36.83 -5.89 -23.50
N GLN E 382 37.11 -5.28 -22.34
CA GLN E 382 36.86 -3.87 -22.15
C GLN E 382 37.80 -3.04 -23.01
N CYS E 383 39.02 -3.53 -23.20
CA CYS E 383 39.99 -2.83 -24.04
C CYS E 383 39.42 -2.67 -25.45
N PHE E 384 38.88 -3.77 -26.01
CA PHE E 384 38.30 -3.72 -27.36
C PHE E 384 37.03 -2.88 -27.37
N CYS E 385 36.18 -3.02 -26.34
CA CYS E 385 34.96 -2.23 -26.27
C CYS E 385 35.27 -0.74 -26.23
N ARG E 386 36.44 -0.38 -25.67
CA ARG E 386 36.85 1.02 -25.63
C ARG E 386 37.14 1.52 -27.04
N MET E 387 37.89 0.72 -27.81
CA MET E 387 38.19 1.10 -29.18
C MET E 387 36.91 1.30 -29.95
N CYS E 388 35.95 0.39 -29.78
CA CYS E 388 34.65 0.50 -30.48
C CYS E 388 34.06 1.86 -30.12
N ALA E 389 33.97 2.13 -28.82
CA ALA E 389 33.44 3.40 -28.31
C ALA E 389 34.16 4.60 -28.89
N VAL E 390 35.49 4.59 -28.82
CA VAL E 390 36.29 5.69 -29.36
C VAL E 390 35.88 5.99 -30.81
N PHE E 391 35.57 4.93 -31.56
CA PHE E 391 35.19 5.14 -32.96
C PHE E 391 33.69 5.31 -33.22
N GLY E 392 32.91 5.62 -32.17
CA GLY E 392 31.48 5.85 -32.36
C GLY E 392 30.47 4.85 -31.82
N GLY E 393 30.95 3.74 -31.25
CA GLY E 393 30.04 2.74 -30.74
C GLY E 393 29.24 3.25 -29.54
N ILE E 394 27.96 2.89 -29.49
CA ILE E 394 27.13 3.30 -28.37
C ILE E 394 26.96 2.08 -27.48
N TYR E 395 27.19 2.28 -26.19
CA TYR E 395 27.15 1.20 -25.21
C TYR E 395 25.98 1.21 -24.24
N CYS E 396 25.43 0.03 -23.98
CA CYS E 396 24.32 -0.11 -23.05
C CYS E 396 24.43 -1.40 -22.25
N LEU E 397 24.81 -1.27 -20.97
CA LEU E 397 24.87 -2.42 -20.05
C LEU E 397 23.47 -2.47 -19.44
N ARG E 398 23.15 -3.59 -18.79
CA ARG E 398 21.85 -3.73 -18.14
C ARG E 398 20.75 -3.48 -19.16
N HIS E 399 20.98 -3.92 -20.39
CA HIS E 399 20.02 -3.67 -21.44
C HIS E 399 19.77 -4.89 -22.29
N SER E 400 18.73 -5.64 -21.95
CA SER E 400 18.39 -6.85 -22.70
C SER E 400 17.65 -6.58 -24.01
N VAL E 401 17.61 -7.60 -24.86
CA VAL E 401 16.89 -7.53 -26.12
C VAL E 401 15.88 -8.65 -26.00
N GLN E 402 14.61 -8.33 -26.25
CA GLN E 402 13.56 -9.33 -26.15
C GLN E 402 13.53 -10.33 -27.31
N CYS E 403 13.65 -9.85 -28.53
CA CYS E 403 13.59 -10.76 -29.64
C CYS E 403 14.14 -10.18 -30.92
N LEU E 404 14.31 -11.06 -31.91
CA LEU E 404 14.76 -10.66 -33.23
C LEU E 404 13.50 -10.48 -34.06
N VAL E 405 13.55 -9.57 -35.03
CA VAL E 405 12.42 -9.28 -35.89
C VAL E 405 12.80 -9.70 -37.30
N VAL E 406 12.09 -10.70 -37.82
CA VAL E 406 12.35 -11.23 -39.16
C VAL E 406 11.32 -10.81 -40.21
N ASP E 407 11.81 -10.41 -41.38
CA ASP E 407 10.96 -10.03 -42.50
C ASP E 407 10.49 -11.34 -43.15
N LYS E 408 9.19 -11.60 -43.13
CA LYS E 408 8.64 -12.83 -43.72
C LYS E 408 8.95 -12.96 -45.21
N GLU E 409 9.08 -11.83 -45.90
CA GLU E 409 9.37 -11.83 -47.33
C GLU E 409 10.83 -12.18 -47.62
N SER E 410 11.75 -11.28 -47.26
CA SER E 410 13.17 -11.51 -47.52
C SER E 410 13.85 -12.54 -46.63
N ARG E 411 13.24 -12.87 -45.49
CA ARG E 411 13.83 -13.83 -44.57
C ARG E 411 15.03 -13.27 -43.80
N LYS E 412 15.31 -11.97 -43.97
CA LYS E 412 16.43 -11.35 -43.27
C LYS E 412 15.98 -10.80 -41.92
N CYS E 413 16.92 -10.65 -40.99
CA CYS E 413 16.58 -10.06 -39.71
C CYS E 413 16.51 -8.55 -39.95
N LYS E 414 15.44 -7.91 -39.51
CA LYS E 414 15.26 -6.46 -39.71
C LYS E 414 15.65 -5.60 -38.51
N ALA E 415 15.34 -6.08 -37.32
CA ALA E 415 15.64 -5.32 -36.12
C ALA E 415 15.54 -6.19 -34.90
N VAL E 416 15.68 -5.56 -33.73
CA VAL E 416 15.52 -6.28 -32.46
C VAL E 416 14.52 -5.45 -31.70
N ILE E 417 13.98 -5.99 -30.66
CA ILE E 417 13.09 -5.26 -29.79
C ILE E 417 13.68 -5.40 -28.41
N ASP E 418 14.06 -4.30 -27.78
CA ASP E 418 14.68 -4.39 -26.46
C ASP E 418 13.66 -4.47 -25.31
N GLN E 419 14.15 -4.74 -24.11
CA GLN E 419 13.30 -4.89 -22.94
C GLN E 419 12.34 -3.71 -22.72
N PHE E 420 12.62 -2.56 -23.31
CA PHE E 420 11.74 -1.40 -23.13
C PHE E 420 10.71 -1.23 -24.24
N GLY E 421 10.66 -2.19 -25.16
CA GLY E 421 9.71 -2.14 -26.26
C GLY E 421 10.15 -1.32 -27.45
N GLN E 422 11.42 -0.92 -27.49
CA GLN E 422 11.92 -0.11 -28.59
C GLN E 422 12.38 -0.96 -29.80
N ARG E 423 12.05 -0.53 -31.00
CA ARG E 423 12.48 -1.27 -32.18
C ARG E 423 13.76 -0.64 -32.70
N ILE E 424 14.81 -1.43 -32.79
CA ILE E 424 16.07 -0.91 -33.30
C ILE E 424 16.45 -1.70 -34.55
N ILE E 425 16.54 -0.96 -35.65
CA ILE E 425 16.87 -1.50 -36.96
C ILE E 425 18.38 -1.64 -37.15
N SER E 426 18.78 -2.69 -37.84
CA SER E 426 20.19 -2.90 -38.13
C SER E 426 20.33 -3.77 -39.38
N LYS E 427 21.52 -3.71 -39.97
CA LYS E 427 21.80 -4.51 -41.15
C LYS E 427 22.38 -5.85 -40.76
N HIS E 428 23.22 -5.84 -39.72
CA HIS E 428 23.88 -7.05 -39.24
C HIS E 428 23.65 -7.24 -37.76
N PHE E 429 23.49 -8.49 -37.35
CA PHE E 429 23.24 -8.80 -35.95
C PHE E 429 24.21 -9.87 -35.43
N ILE E 430 25.01 -9.50 -34.44
CA ILE E 430 25.99 -10.41 -33.84
C ILE E 430 25.53 -10.75 -32.43
N ILE E 431 25.34 -12.04 -32.18
CA ILE E 431 24.82 -12.52 -30.91
C ILE E 431 25.68 -13.62 -30.29
N GLU E 432 25.99 -13.46 -29.00
CA GLU E 432 26.80 -14.47 -28.33
C GLU E 432 25.89 -15.65 -28.00
N ASP E 433 26.43 -16.86 -28.09
CA ASP E 433 25.67 -18.08 -27.89
C ASP E 433 24.69 -18.13 -26.72
N SER E 434 25.13 -17.73 -25.54
CA SER E 434 24.27 -17.78 -24.36
C SER E 434 22.97 -16.99 -24.45
N TYR E 435 22.85 -16.09 -25.41
CA TYR E 435 21.62 -15.32 -25.52
C TYR E 435 20.57 -15.95 -26.43
N LEU E 436 20.89 -17.09 -27.06
CA LEU E 436 19.92 -17.72 -27.94
C LEU E 436 18.94 -18.60 -27.15
N SER E 437 17.70 -18.69 -27.64
CA SER E 437 16.68 -19.48 -26.99
C SER E 437 17.03 -20.97 -27.04
N GLU E 438 16.51 -21.72 -26.08
CA GLU E 438 16.76 -23.15 -26.06
C GLU E 438 16.21 -23.74 -27.36
N ASN E 439 15.17 -23.11 -27.89
CA ASN E 439 14.54 -23.53 -29.14
C ASN E 439 15.56 -23.42 -30.28
N THR E 440 16.19 -22.26 -30.37
CA THR E 440 17.19 -21.98 -31.39
C THR E 440 18.39 -22.92 -31.27
N CYS E 441 18.68 -23.36 -30.06
CA CYS E 441 19.82 -24.22 -29.84
C CYS E 441 19.48 -25.68 -29.53
N SER E 442 18.29 -26.13 -29.92
CA SER E 442 17.89 -27.50 -29.62
C SER E 442 18.76 -28.61 -30.18
N ARG E 443 19.50 -28.34 -31.26
CA ARG E 443 20.37 -29.37 -31.86
C ARG E 443 21.86 -29.26 -31.52
N VAL E 444 22.26 -28.12 -30.96
CA VAL E 444 23.65 -27.87 -30.62
C VAL E 444 24.21 -28.83 -29.56
N GLN E 445 25.40 -29.35 -29.82
CA GLN E 445 26.07 -30.24 -28.87
C GLN E 445 27.21 -29.46 -28.23
N TYR E 446 27.01 -29.02 -26.99
CA TYR E 446 28.04 -28.24 -26.32
C TYR E 446 29.08 -29.11 -25.63
N ARG E 447 30.19 -28.52 -25.36
CA ARG E 447 31.25 -29.19 -24.59
C ARG E 447 31.25 -28.41 -23.31
N GLN E 448 32.09 -28.79 -22.36
CA GLN E 448 32.13 -28.09 -21.08
C GLN E 448 33.53 -27.85 -20.65
N ILE E 449 33.71 -26.85 -19.79
CA ILE E 449 35.03 -26.53 -19.27
C ILE E 449 34.96 -26.67 -17.76
N SER E 450 35.95 -27.34 -17.18
CA SER E 450 35.99 -27.48 -15.73
C SER E 450 36.91 -26.39 -15.18
N ARG E 451 36.39 -25.57 -14.27
CA ARG E 451 37.18 -24.47 -13.71
C ARG E 451 37.23 -24.51 -12.19
N ALA E 452 38.39 -24.15 -11.65
CA ALA E 452 38.55 -24.08 -10.22
C ALA E 452 39.35 -22.82 -9.89
N VAL E 453 38.92 -22.13 -8.84
CA VAL E 453 39.58 -20.93 -8.39
C VAL E 453 39.94 -21.14 -6.94
N LEU E 454 41.21 -20.94 -6.63
CA LEU E 454 41.67 -21.12 -5.26
C LEU E 454 42.40 -19.88 -4.75
N ILE E 455 42.23 -19.60 -3.47
CA ILE E 455 42.94 -18.50 -2.82
C ILE E 455 43.88 -19.21 -1.84
N THR E 456 45.18 -19.02 -2.05
CA THR E 456 46.17 -19.69 -1.23
C THR E 456 47.06 -18.72 -0.44
N ASP E 457 47.86 -19.26 0.48
CA ASP E 457 48.75 -18.43 1.26
C ASP E 457 50.20 -18.68 0.92
N GLY E 458 50.43 -19.42 -0.16
CA GLY E 458 51.80 -19.72 -0.57
C GLY E 458 51.85 -20.28 -1.97
N SER E 459 53.04 -20.29 -2.54
CA SER E 459 53.22 -20.80 -3.89
C SER E 459 53.27 -22.32 -3.95
N VAL E 460 52.81 -22.91 -5.05
CA VAL E 460 52.85 -24.38 -5.23
C VAL E 460 54.29 -24.87 -5.18
N LEU E 461 55.22 -23.93 -5.35
CA LEU E 461 56.63 -24.26 -5.30
C LEU E 461 57.27 -23.02 -4.66
N ARG E 462 57.37 -23.07 -3.34
CA ARG E 462 57.90 -21.96 -2.54
C ARG E 462 59.33 -21.55 -2.79
N THR E 463 59.56 -20.24 -2.82
CA THR E 463 60.89 -19.65 -3.03
C THR E 463 61.00 -18.31 -2.33
N ASP E 464 62.22 -17.77 -2.28
CA ASP E 464 62.46 -16.48 -1.65
C ASP E 464 61.62 -15.40 -2.33
N ALA E 465 61.82 -15.27 -3.64
CA ALA E 465 61.11 -14.29 -4.46
C ALA E 465 59.64 -14.68 -4.58
N ASP E 466 58.79 -14.06 -3.77
CA ASP E 466 57.36 -14.35 -3.76
C ASP E 466 56.58 -13.94 -5.03
N GLN E 467 56.86 -12.76 -5.57
CA GLN E 467 56.15 -12.28 -6.75
C GLN E 467 56.44 -13.04 -8.05
N GLN E 468 55.99 -14.29 -8.12
CA GLN E 468 56.19 -15.13 -9.30
C GLN E 468 54.83 -15.47 -9.91
N VAL E 469 54.77 -15.55 -11.23
CA VAL E 469 53.55 -15.93 -11.92
C VAL E 469 53.98 -17.20 -12.63
N SER E 470 53.35 -18.33 -12.33
CA SER E 470 53.77 -19.58 -12.94
C SER E 470 52.64 -20.37 -13.58
N ILE E 471 53.00 -21.23 -14.53
CA ILE E 471 52.05 -22.11 -15.15
C ILE E 471 52.59 -23.52 -14.97
N LEU E 472 51.72 -24.40 -14.52
CA LEU E 472 52.06 -25.79 -14.27
C LEU E 472 51.10 -26.67 -15.08
N THR E 473 51.63 -27.65 -15.81
CA THR E 473 50.78 -28.54 -16.59
C THR E 473 50.67 -29.90 -15.91
N VAL E 474 49.46 -30.39 -15.71
CA VAL E 474 49.26 -31.70 -15.11
C VAL E 474 48.55 -32.59 -16.12
N PRO E 475 49.23 -33.63 -16.60
CA PRO E 475 48.68 -34.57 -17.58
C PRO E 475 47.58 -35.43 -16.98
N ALA E 476 46.67 -35.86 -17.83
CA ALA E 476 45.58 -36.73 -17.38
C ALA E 476 46.23 -38.04 -16.89
N GLU E 477 45.67 -38.60 -15.82
CA GLU E 477 46.18 -39.84 -15.25
C GLU E 477 45.33 -40.99 -15.82
N GLU E 478 44.02 -40.80 -15.82
CA GLU E 478 43.13 -41.82 -16.33
C GLU E 478 42.55 -41.40 -17.68
N PRO E 479 42.39 -42.37 -18.59
CA PRO E 479 41.84 -42.11 -19.93
C PRO E 479 40.44 -41.53 -19.83
N GLY E 480 40.12 -40.62 -20.75
CA GLY E 480 38.82 -39.99 -20.71
C GLY E 480 38.90 -38.59 -20.13
N SER E 481 39.99 -38.33 -19.39
CA SER E 481 40.21 -37.04 -18.77
C SER E 481 41.28 -36.27 -19.55
N PHE E 482 41.30 -34.96 -19.40
CA PHE E 482 42.27 -34.16 -20.12
C PHE E 482 43.30 -33.47 -19.24
N ALA E 483 44.35 -32.98 -19.87
CA ALA E 483 45.42 -32.32 -19.16
C ALA E 483 44.90 -31.08 -18.44
N VAL E 484 45.37 -30.91 -17.21
CA VAL E 484 44.96 -29.78 -16.39
C VAL E 484 46.01 -28.68 -16.37
N ARG E 485 45.57 -27.48 -16.71
CA ARG E 485 46.42 -26.30 -16.71
C ARG E 485 46.23 -25.58 -15.36
N VAL E 486 47.32 -25.33 -14.65
CA VAL E 486 47.26 -24.66 -13.34
C VAL E 486 48.03 -23.36 -13.42
N ILE E 487 47.34 -22.23 -13.29
CA ILE E 487 47.98 -20.93 -13.37
C ILE E 487 47.99 -20.26 -12.00
N GLU E 488 49.18 -19.84 -11.56
CA GLU E 488 49.35 -19.21 -10.26
C GLU E 488 49.70 -17.73 -10.39
N LEU E 489 48.86 -16.88 -9.82
CA LEU E 489 49.04 -15.43 -9.85
C LEU E 489 49.45 -14.86 -8.49
N CYS E 490 50.42 -13.95 -8.49
CA CYS E 490 50.89 -13.31 -7.26
C CYS E 490 50.27 -11.93 -7.16
N SER E 491 50.16 -11.42 -5.94
CA SER E 491 49.53 -10.12 -5.71
C SER E 491 49.89 -9.01 -6.67
N SER E 492 51.14 -8.94 -7.10
CA SER E 492 51.54 -7.88 -8.01
C SER E 492 50.82 -7.93 -9.34
N THR E 493 50.14 -9.05 -9.65
CA THR E 493 49.38 -9.15 -10.89
C THR E 493 48.10 -8.33 -10.70
N MET E 494 47.92 -7.79 -9.50
CA MET E 494 46.73 -7.02 -9.13
C MET E 494 45.45 -7.87 -9.22
N THR E 495 45.54 -9.16 -8.87
CA THR E 495 44.35 -10.01 -8.91
C THR E 495 43.96 -10.63 -7.55
N CYS E 496 44.78 -10.40 -6.52
CA CYS E 496 44.54 -10.92 -5.18
C CYS E 496 45.25 -10.04 -4.17
N MET E 497 44.83 -10.07 -2.91
CA MET E 497 45.44 -9.24 -1.87
C MET E 497 46.84 -9.70 -1.50
N LYS E 498 47.60 -8.82 -0.84
CA LYS E 498 48.95 -9.19 -0.43
C LYS E 498 48.90 -10.33 0.57
N GLY E 499 49.82 -11.27 0.42
CA GLY E 499 49.84 -12.40 1.33
C GLY E 499 49.14 -13.62 0.78
N THR E 500 48.53 -13.51 -0.40
CA THR E 500 47.84 -14.65 -0.99
C THR E 500 48.25 -14.82 -2.43
N TYR E 501 47.81 -15.93 -3.01
CA TYR E 501 48.03 -16.23 -4.42
C TYR E 501 46.66 -16.61 -4.96
N LEU E 502 46.46 -16.37 -6.25
CA LEU E 502 45.21 -16.72 -6.90
C LEU E 502 45.57 -17.83 -7.87
N VAL E 503 45.07 -19.04 -7.62
CA VAL E 503 45.38 -20.16 -8.50
C VAL E 503 44.18 -20.58 -9.31
N HIS E 504 44.40 -20.68 -10.61
CA HIS E 504 43.36 -21.09 -11.54
C HIS E 504 43.66 -22.47 -12.13
N LEU E 505 42.68 -23.34 -12.09
CA LEU E 505 42.80 -24.66 -12.67
C LEU E 505 41.75 -24.77 -13.78
N THR E 506 42.17 -25.33 -14.90
CA THR E 506 41.28 -25.49 -16.04
C THR E 506 41.52 -26.78 -16.79
N CYS E 507 40.48 -27.32 -17.40
CA CYS E 507 40.59 -28.53 -18.18
C CYS E 507 39.29 -28.78 -18.89
N MET E 508 39.42 -29.33 -20.08
CA MET E 508 38.25 -29.77 -20.84
C MET E 508 37.49 -30.70 -19.89
N SER E 509 36.19 -30.50 -19.67
CA SER E 509 35.43 -31.32 -18.73
C SER E 509 35.30 -32.79 -19.11
N SER E 510 35.29 -33.63 -18.12
CA SER E 510 35.10 -35.07 -18.21
C SER E 510 33.83 -35.35 -17.45
N LYS E 511 33.85 -35.02 -16.16
CA LYS E 511 32.68 -35.16 -15.31
C LYS E 511 32.44 -33.75 -14.74
N THR E 512 32.14 -33.62 -13.46
CA THR E 512 31.96 -32.27 -12.94
C THR E 512 33.29 -31.61 -12.60
N ALA E 513 33.23 -30.29 -12.45
CA ALA E 513 34.40 -29.48 -12.12
C ALA E 513 35.17 -30.02 -10.90
N ARG E 514 34.45 -30.30 -9.82
CA ARG E 514 35.07 -30.81 -8.61
C ARG E 514 35.68 -32.21 -8.80
N GLU E 515 34.93 -33.11 -9.44
CA GLU E 515 35.42 -34.45 -9.68
C GLU E 515 36.65 -34.40 -10.57
N ASP E 516 36.63 -33.53 -11.58
CA ASP E 516 37.75 -33.41 -12.50
C ASP E 516 38.98 -32.80 -11.88
N LEU E 517 38.79 -31.80 -11.03
CA LEU E 517 39.93 -31.06 -10.48
C LEU E 517 40.35 -31.22 -9.01
N GLU E 518 39.46 -31.59 -8.12
CA GLU E 518 39.86 -31.71 -6.73
C GLU E 518 41.07 -32.63 -6.51
N ARG E 519 41.19 -33.68 -7.29
CA ARG E 519 42.33 -34.60 -7.18
C ARG E 519 43.61 -33.80 -7.30
N VAL E 520 43.67 -32.95 -8.32
CA VAL E 520 44.84 -32.12 -8.57
C VAL E 520 45.03 -31.07 -7.47
N VAL E 521 43.94 -30.45 -7.03
CA VAL E 521 44.06 -29.44 -5.98
C VAL E 521 44.67 -30.08 -4.73
N GLN E 522 44.10 -31.22 -4.34
CA GLN E 522 44.51 -31.99 -3.18
C GLN E 522 46.00 -32.33 -3.21
N LYS E 523 46.53 -32.66 -4.39
CA LYS E 523 47.95 -33.00 -4.53
C LYS E 523 48.89 -31.81 -4.37
N LEU E 524 48.44 -30.63 -4.77
CA LEU E 524 49.24 -29.41 -4.71
C LEU E 524 49.05 -28.58 -3.46
N PHE E 525 47.83 -28.59 -2.93
CA PHE E 525 47.53 -27.80 -1.74
C PHE E 525 46.94 -28.61 -0.61
N THR E 526 47.01 -28.04 0.57
CA THR E 526 46.48 -28.73 1.72
C THR E 526 45.49 -27.72 2.34
N PRO E 527 44.27 -28.17 2.64
CA PRO E 527 43.25 -27.30 3.23
C PRO E 527 43.73 -26.63 4.50
N TYR E 528 43.51 -25.33 4.63
CA TYR E 528 43.92 -24.58 5.82
C TYR E 528 43.29 -25.18 7.07
N THR E 529 44.04 -25.20 8.16
CA THR E 529 43.55 -25.74 9.42
C THR E 529 44.18 -24.99 10.58
N GLU E 530 43.63 -25.22 11.77
CA GLU E 530 44.12 -24.61 12.99
C GLU E 530 45.00 -25.63 13.71
N ILE E 531 45.78 -26.36 12.92
CA ILE E 531 46.70 -27.38 13.42
C ILE E 531 48.11 -26.94 13.04
N GLU E 532 48.90 -26.53 14.03
CA GLU E 532 50.27 -26.09 13.75
C GLU E 532 51.16 -27.27 13.39
N ALA E 533 51.78 -27.22 12.22
CA ALA E 533 52.68 -28.29 11.80
C ALA E 533 54.08 -28.07 12.37
N GLU E 534 54.86 -29.14 12.43
CA GLU E 534 56.22 -29.08 12.94
C GLU E 534 57.03 -27.97 12.23
N ASN E 535 56.79 -27.83 10.93
CA ASN E 535 57.49 -26.82 10.14
C ASN E 535 56.72 -26.53 8.85
N GLU E 536 55.99 -25.40 8.83
CA GLU E 536 55.20 -25.00 7.67
C GLU E 536 56.04 -24.88 6.39
N GLN E 537 57.28 -24.43 6.52
CA GLN E 537 58.19 -24.26 5.40
C GLN E 537 58.24 -25.49 4.48
N VAL E 538 58.10 -26.68 5.06
CA VAL E 538 58.14 -27.91 4.28
C VAL E 538 56.74 -28.40 3.91
N GLU E 539 55.74 -27.75 4.50
CA GLU E 539 54.36 -28.12 4.25
C GLU E 539 53.88 -27.53 2.93
N LYS E 540 52.86 -28.15 2.36
CA LYS E 540 52.29 -27.68 1.12
C LYS E 540 51.64 -26.33 1.39
N PRO E 541 51.45 -25.50 0.36
CA PRO E 541 50.80 -24.22 0.63
C PRO E 541 49.39 -24.48 1.11
N ARG E 542 48.85 -23.54 1.88
CA ARG E 542 47.50 -23.65 2.42
C ARG E 542 46.42 -23.11 1.51
N LEU E 543 45.33 -23.86 1.45
CA LEU E 543 44.17 -23.50 0.65
C LEU E 543 43.19 -22.80 1.57
N LEU E 544 42.92 -21.53 1.28
CA LEU E 544 42.00 -20.76 2.11
C LEU E 544 40.56 -20.76 1.59
N TRP E 545 40.40 -20.75 0.27
CA TRP E 545 39.08 -20.69 -0.34
C TRP E 545 39.08 -21.30 -1.74
N ALA E 546 38.08 -22.13 -2.02
CA ALA E 546 38.01 -22.76 -3.34
C ALA E 546 36.64 -22.69 -3.97
N LEU E 547 36.62 -22.54 -5.29
CA LEU E 547 35.39 -22.49 -6.06
C LEU E 547 35.58 -23.41 -7.25
N TYR E 548 34.59 -24.24 -7.53
CA TYR E 548 34.63 -25.15 -8.69
C TYR E 548 33.35 -24.89 -9.47
N PHE E 549 33.43 -24.96 -10.81
CA PHE E 549 32.25 -24.77 -11.63
C PHE E 549 32.52 -25.13 -13.08
N ASN E 550 31.49 -25.56 -13.79
CA ASN E 550 31.63 -25.89 -15.20
C ASN E 550 31.06 -24.73 -16.02
N MET E 551 31.73 -24.42 -17.12
CA MET E 551 31.29 -23.36 -18.01
C MET E 551 31.00 -24.03 -19.35
N ARG E 552 29.93 -23.61 -20.00
CA ARG E 552 29.60 -24.16 -21.31
C ARG E 552 30.70 -23.78 -22.29
N ASP E 553 30.99 -24.70 -23.22
CA ASP E 553 31.97 -24.48 -24.27
C ASP E 553 31.20 -24.54 -25.59
N SER E 554 30.96 -23.37 -26.17
CA SER E 554 30.23 -23.28 -27.41
C SER E 554 31.15 -22.94 -28.57
N SER E 555 32.46 -23.08 -28.36
CA SER E 555 33.40 -22.77 -29.43
C SER E 555 33.39 -23.84 -30.52
N ASP E 556 33.82 -23.46 -31.71
CA ASP E 556 33.88 -24.36 -32.85
C ASP E 556 32.55 -25.02 -33.17
N ILE E 557 31.47 -24.27 -33.12
CA ILE E 557 30.19 -24.84 -33.44
C ILE E 557 29.78 -24.20 -34.73
N SER E 558 29.49 -25.02 -35.72
CA SER E 558 29.08 -24.52 -37.01
C SER E 558 27.82 -23.68 -36.89
N ARG E 559 27.79 -22.62 -37.68
CA ARG E 559 26.68 -21.70 -37.69
C ARG E 559 25.35 -22.41 -37.94
N ASP E 560 25.33 -23.38 -38.85
CA ASP E 560 24.11 -24.11 -39.19
C ASP E 560 23.54 -25.07 -38.13
N CYS E 561 24.24 -25.25 -37.01
CA CYS E 561 23.72 -26.12 -35.96
C CYS E 561 22.57 -25.39 -35.26
N TYR E 562 22.53 -24.07 -35.42
CA TYR E 562 21.48 -23.25 -34.82
C TYR E 562 20.28 -23.22 -35.75
N ASN E 563 19.08 -23.21 -35.18
CA ASN E 563 17.87 -23.21 -35.97
C ASN E 563 17.36 -21.87 -36.44
N ASP E 564 16.87 -21.87 -37.67
CA ASP E 564 16.26 -20.73 -38.31
C ASP E 564 16.79 -19.32 -38.01
N LEU E 565 18.11 -19.16 -38.05
CA LEU E 565 18.71 -17.85 -37.82
C LEU E 565 18.96 -17.20 -39.16
N PRO E 566 18.41 -16.01 -39.39
CA PRO E 566 18.63 -15.34 -40.67
C PRO E 566 20.12 -15.30 -41.05
N SER E 567 20.37 -15.17 -42.34
CA SER E 567 21.75 -15.13 -42.85
C SER E 567 22.53 -13.93 -42.37
N ASN E 568 21.83 -12.84 -42.03
CA ASN E 568 22.48 -11.62 -41.57
C ASN E 568 22.55 -11.56 -40.03
N VAL E 569 22.43 -12.72 -39.39
CA VAL E 569 22.53 -12.84 -37.94
C VAL E 569 23.74 -13.73 -37.70
N TYR E 570 24.74 -13.25 -36.97
CA TYR E 570 25.93 -14.05 -36.72
C TYR E 570 26.02 -14.49 -35.26
N VAL E 571 26.71 -15.60 -34.99
CA VAL E 571 26.84 -16.10 -33.61
C VAL E 571 28.29 -16.16 -33.10
N CYS E 572 28.52 -15.65 -31.90
CA CYS E 572 29.83 -15.72 -31.25
C CYS E 572 29.82 -16.74 -30.15
N SER E 573 30.89 -17.51 -30.00
CA SER E 573 30.98 -18.48 -28.93
C SER E 573 31.51 -17.83 -27.67
N GLY E 574 31.50 -18.59 -26.60
CA GLY E 574 32.06 -18.14 -25.33
C GLY E 574 33.51 -18.58 -25.37
N PRO E 575 34.21 -18.64 -24.23
CA PRO E 575 35.61 -19.08 -24.35
C PRO E 575 35.78 -20.60 -24.52
N ASP E 576 36.95 -20.98 -25.02
CA ASP E 576 37.31 -22.38 -25.21
C ASP E 576 38.18 -22.79 -24.00
N SER E 577 38.53 -24.06 -23.94
CA SER E 577 39.33 -24.60 -22.83
C SER E 577 40.84 -24.43 -23.01
N GLY E 578 41.25 -23.95 -24.17
CA GLY E 578 42.68 -23.77 -24.44
C GLY E 578 43.37 -22.66 -23.67
N LEU E 579 44.70 -22.68 -23.71
CA LEU E 579 45.55 -21.72 -23.02
C LEU E 579 45.56 -20.31 -23.64
N GLY E 580 45.21 -20.21 -24.92
CA GLY E 580 45.24 -18.91 -25.60
C GLY E 580 43.92 -18.38 -26.12
N ASN E 581 43.95 -17.15 -26.62
CA ASN E 581 42.76 -16.46 -27.14
C ASN E 581 42.63 -16.50 -28.69
N ASP E 582 43.36 -17.40 -29.35
CA ASP E 582 43.28 -17.48 -30.81
C ASP E 582 41.85 -17.70 -31.34
N ASN E 583 41.04 -18.44 -30.60
CA ASN E 583 39.69 -18.72 -31.06
C ASN E 583 38.81 -17.47 -31.09
N ALA E 584 39.03 -16.57 -30.14
CA ALA E 584 38.24 -15.33 -30.09
C ALA E 584 38.63 -14.43 -31.26
N VAL E 585 39.92 -14.31 -31.51
CA VAL E 585 40.39 -13.48 -32.62
C VAL E 585 39.94 -14.05 -33.96
N LYS E 586 40.19 -15.33 -34.19
CA LYS E 586 39.79 -15.93 -35.46
C LYS E 586 38.33 -15.81 -35.85
N GLN E 587 37.42 -16.05 -34.92
CA GLN E 587 36.01 -15.95 -35.25
C GLN E 587 35.63 -14.49 -35.54
N ALA E 588 36.21 -13.55 -34.81
CA ALA E 588 35.91 -12.13 -35.03
C ALA E 588 36.37 -11.76 -36.44
N GLU E 589 37.57 -12.23 -36.78
CA GLU E 589 38.16 -12.01 -38.08
C GLU E 589 37.23 -12.59 -39.16
N THR E 590 36.84 -13.85 -39.00
CA THR E 590 35.95 -14.48 -39.97
C THR E 590 34.65 -13.70 -40.10
N LEU E 591 34.11 -13.27 -38.97
CA LEU E 591 32.88 -12.50 -38.96
C LEU E 591 33.11 -11.17 -39.70
N PHE E 592 34.29 -10.60 -39.58
CA PHE E 592 34.54 -9.33 -40.24
C PHE E 592 34.51 -9.46 -41.76
N GLN E 593 35.15 -10.51 -42.28
CA GLN E 593 35.19 -10.74 -43.71
C GLN E 593 33.78 -10.85 -44.30
N GLN E 594 32.86 -11.34 -43.50
CA GLN E 594 31.49 -11.50 -43.96
C GLN E 594 30.68 -10.21 -43.90
N ILE E 595 30.91 -9.40 -42.87
CA ILE E 595 30.19 -8.16 -42.67
C ILE E 595 30.80 -7.00 -43.46
N CYS E 596 32.13 -6.91 -43.46
CA CYS E 596 32.85 -5.86 -44.17
C CYS E 596 33.90 -6.47 -45.09
N PRO E 597 33.48 -6.98 -46.25
CA PRO E 597 34.38 -7.60 -47.23
C PRO E 597 35.56 -6.70 -47.62
N ASN E 598 36.70 -7.30 -47.93
CA ASN E 598 37.90 -6.58 -48.33
C ASN E 598 38.17 -5.29 -47.56
N GLU E 599 38.06 -5.36 -46.24
CA GLU E 599 38.33 -4.20 -45.42
C GLU E 599 39.48 -4.61 -44.52
N ASP E 600 40.40 -3.68 -44.22
CA ASP E 600 41.52 -4.04 -43.37
C ASP E 600 40.92 -4.23 -41.98
N PHE E 601 41.21 -5.39 -41.40
CA PHE E 601 40.70 -5.75 -40.08
C PHE E 601 41.39 -5.01 -38.96
N CYS E 602 40.65 -4.15 -38.27
CA CYS E 602 41.22 -3.37 -37.17
C CYS E 602 42.49 -2.66 -37.55
N PRO E 603 42.43 -1.86 -38.61
CA PRO E 603 43.64 -1.15 -39.01
C PRO E 603 44.09 -0.28 -37.85
N ALA E 604 45.37 0.03 -37.88
CA ALA E 604 45.96 0.87 -36.86
C ALA E 604 45.33 2.26 -37.01
N PRO E 605 45.04 2.92 -35.87
CA PRO E 605 44.46 4.27 -35.91
C PRO E 605 45.43 5.18 -36.65
N PRO E 606 44.92 6.13 -37.44
CA PRO E 606 45.73 7.09 -38.22
C PRO E 606 46.86 7.75 -37.41
N ASN E 607 47.92 8.14 -38.10
CA ASN E 607 49.07 8.77 -37.44
C ASN E 607 49.82 9.77 -38.33
N PRO E 608 50.37 10.84 -37.71
CA PRO E 608 51.13 11.87 -38.45
C PRO E 608 52.60 11.50 -38.67
N GLU E 609 52.93 10.22 -38.51
CA GLU E 609 54.32 9.78 -38.68
C GLU E 609 54.46 8.67 -39.74
N ASP E 610 53.32 8.10 -40.16
CA ASP E 610 53.34 7.03 -41.16
C ASP E 610 54.06 7.51 -42.43
N ILE E 611 53.68 8.71 -42.90
CA ILE E 611 54.26 9.32 -44.09
C ILE E 611 55.02 10.60 -43.73
N VAL E 612 56.33 10.50 -43.56
CA VAL E 612 57.15 11.65 -43.23
C VAL E 612 57.45 12.47 -44.48
N LEU E 613 57.28 13.79 -44.37
CA LEU E 613 57.51 14.72 -45.48
C LEU E 613 58.75 15.59 -45.34
N ASP E 614 59.34 15.89 -46.50
CA ASP E 614 60.54 16.71 -46.67
C ASP E 614 60.79 17.77 -45.58
N LYS F 6 58.79 8.62 -15.46
CA LYS F 6 59.16 8.79 -14.02
C LYS F 6 57.91 8.84 -13.12
N VAL F 7 57.01 9.79 -13.39
CA VAL F 7 55.79 9.91 -12.59
C VAL F 7 54.55 10.18 -13.42
N LEU F 8 53.90 9.10 -13.87
CA LEU F 8 52.69 9.23 -14.67
C LEU F 8 51.48 9.27 -13.77
N LEU F 9 50.61 10.25 -13.97
CA LEU F 9 49.40 10.37 -13.16
C LEU F 9 48.16 10.16 -14.04
N LYS F 10 47.32 9.21 -13.65
CA LYS F 10 46.10 8.91 -14.37
C LYS F 10 44.97 9.76 -13.79
N VAL F 11 44.32 10.53 -14.65
CA VAL F 11 43.22 11.40 -14.24
C VAL F 11 42.02 11.06 -15.09
N ILE F 12 40.86 10.85 -14.48
CA ILE F 12 39.68 10.60 -15.30
C ILE F 12 38.73 11.77 -15.05
N ILE F 13 37.83 12.00 -15.99
CA ILE F 13 36.84 13.08 -15.89
C ILE F 13 35.45 12.46 -15.98
N LEU F 14 34.71 12.53 -14.87
CA LEU F 14 33.38 11.96 -14.72
C LEU F 14 32.27 12.99 -14.75
N GLY F 15 31.05 12.49 -14.98
CA GLY F 15 29.87 13.35 -15.03
C GLY F 15 28.97 12.95 -16.18
N ASP F 16 27.77 13.53 -16.21
CA ASP F 16 26.79 13.25 -17.25
C ASP F 16 27.22 13.71 -18.65
N SER F 17 26.60 13.13 -19.68
CA SER F 17 26.91 13.52 -21.05
C SER F 17 26.52 14.99 -21.22
N GLY F 18 27.16 15.66 -22.16
CA GLY F 18 26.82 17.04 -22.42
C GLY F 18 27.26 18.11 -21.43
N VAL F 19 28.02 17.78 -20.38
CA VAL F 19 28.46 18.81 -19.45
C VAL F 19 29.75 19.52 -19.84
N GLY F 20 30.52 18.92 -20.75
CA GLY F 20 31.75 19.55 -21.19
C GLY F 20 33.02 18.80 -20.84
N LYS F 21 32.87 17.55 -20.43
CA LYS F 21 34.03 16.75 -20.06
C LYS F 21 35.09 16.71 -21.17
N THR F 22 34.70 16.25 -22.35
CA THR F 22 35.62 16.15 -23.48
C THR F 22 36.16 17.52 -23.85
N SER F 23 35.31 18.54 -23.82
CA SER F 23 35.76 19.89 -24.14
C SER F 23 36.80 20.39 -23.14
N LEU F 24 36.57 20.13 -21.86
CA LEU F 24 37.50 20.58 -20.83
C LEU F 24 38.88 19.98 -21.04
N MET F 25 38.92 18.72 -21.46
CA MET F 25 40.17 17.99 -21.71
C MET F 25 40.90 18.62 -22.89
N ASN F 26 40.18 18.77 -24.00
CA ASN F 26 40.75 19.37 -25.20
C ASN F 26 41.19 20.81 -25.01
N GLN F 27 40.41 21.58 -24.25
CA GLN F 27 40.78 22.97 -24.02
C GLN F 27 42.09 23.05 -23.23
N TYR F 28 42.22 22.18 -22.23
CA TYR F 28 43.42 22.16 -21.40
C TYR F 28 44.71 21.72 -22.10
N VAL F 29 44.62 20.66 -22.89
CA VAL F 29 45.80 20.12 -23.56
C VAL F 29 46.11 20.75 -24.91
N ASN F 30 45.08 21.07 -25.68
CA ASN F 30 45.29 21.64 -27.02
C ASN F 30 44.87 23.11 -27.13
N LYS F 31 44.35 23.71 -26.07
CA LYS F 31 43.89 25.09 -26.14
C LYS F 31 43.01 25.29 -27.37
N LYS F 32 42.04 24.41 -27.57
CA LYS F 32 41.15 24.51 -28.72
C LYS F 32 39.74 24.00 -28.42
N PHE F 33 38.75 24.82 -28.72
CA PHE F 33 37.34 24.47 -28.50
C PHE F 33 36.64 24.23 -29.84
N SER F 34 35.56 23.45 -29.84
CA SER F 34 34.84 23.15 -31.08
C SER F 34 33.31 23.21 -30.93
N ASN F 35 32.62 23.65 -31.99
CA ASN F 35 31.16 23.77 -31.98
C ASN F 35 30.68 24.58 -30.79
N ILE F 41 35.36 14.14 -33.14
CA ILE F 41 34.94 12.81 -32.70
C ILE F 41 36.13 11.85 -32.59
N GLY F 42 36.14 11.03 -31.55
CA GLY F 42 37.23 10.10 -31.38
C GLY F 42 38.21 10.41 -30.26
N ALA F 43 37.79 11.20 -29.26
CA ALA F 43 38.65 11.52 -28.13
C ALA F 43 38.92 10.22 -27.36
N ASP F 44 40.15 10.05 -26.88
CA ASP F 44 40.51 8.83 -26.14
C ASP F 44 41.24 9.25 -24.87
N PHE F 45 42.48 9.69 -25.01
CA PHE F 45 43.24 10.15 -23.87
C PHE F 45 44.35 11.08 -24.33
N LEU F 46 44.57 12.14 -23.57
CA LEU F 46 45.62 13.09 -23.89
C LEU F 46 46.66 13.07 -22.80
N THR F 47 47.91 13.33 -23.17
CA THR F 47 49.00 13.35 -22.21
C THR F 47 49.60 14.76 -22.19
N LYS F 48 49.95 15.24 -21.00
CA LYS F 48 50.56 16.56 -20.89
C LYS F 48 51.58 16.63 -19.79
N GLU F 49 52.77 17.11 -20.13
CA GLU F 49 53.85 17.26 -19.15
C GLU F 49 53.48 18.50 -18.31
N VAL F 50 53.47 18.34 -16.99
CA VAL F 50 53.14 19.45 -16.12
C VAL F 50 54.13 19.60 -14.96
N MET F 51 54.23 20.81 -14.46
CA MET F 51 55.11 21.13 -13.35
C MET F 51 54.27 21.33 -12.12
N VAL F 52 54.47 20.50 -11.12
CA VAL F 52 53.73 20.64 -9.87
C VAL F 52 54.70 21.03 -8.78
N ASP F 53 54.71 22.32 -8.46
CA ASP F 53 55.60 22.85 -7.42
C ASP F 53 57.04 22.40 -7.66
N ASP F 54 57.56 22.73 -8.85
CA ASP F 54 58.91 22.40 -9.27
C ASP F 54 59.12 20.94 -9.66
N ARG F 55 58.13 20.09 -9.35
CA ARG F 55 58.24 18.68 -9.70
C ARG F 55 57.56 18.38 -11.04
N LEU F 56 58.37 17.96 -12.01
CA LEU F 56 57.87 17.64 -13.35
C LEU F 56 57.08 16.32 -13.30
N VAL F 57 55.85 16.36 -13.79
CA VAL F 57 55.00 15.18 -13.81
C VAL F 57 54.37 15.02 -15.18
N THR F 58 53.71 13.90 -15.39
CA THR F 58 53.03 13.61 -16.65
C THR F 58 51.60 13.25 -16.36
N MET F 59 50.68 14.06 -16.84
CA MET F 59 49.26 13.78 -16.63
C MET F 59 48.72 13.04 -17.84
N GLN F 60 47.94 12.00 -17.58
CA GLN F 60 47.31 11.20 -18.61
C GLN F 60 45.81 11.34 -18.35
N ILE F 61 45.13 12.10 -19.20
CA ILE F 61 43.71 12.35 -19.04
C ILE F 61 42.86 11.42 -19.93
N TRP F 62 42.00 10.62 -19.30
CA TRP F 62 41.17 9.70 -20.04
C TRP F 62 39.74 10.19 -20.26
N ASP F 63 39.35 10.19 -21.54
CA ASP F 63 38.01 10.60 -21.92
C ASP F 63 37.14 9.35 -21.87
N THR F 64 35.86 9.54 -21.57
CA THR F 64 34.91 8.45 -21.47
C THR F 64 34.52 7.81 -22.82
N ALA F 65 34.97 8.38 -23.92
CA ALA F 65 34.60 7.87 -25.24
C ALA F 65 33.07 7.70 -25.31
N GLY F 66 32.35 8.57 -24.61
CA GLY F 66 30.90 8.54 -24.60
C GLY F 66 30.20 7.38 -23.91
N GLN F 67 30.92 6.50 -23.24
CA GLN F 67 30.23 5.37 -22.61
C GLN F 67 29.35 5.75 -21.42
N GLU F 68 29.32 7.04 -21.05
CA GLU F 68 28.47 7.44 -19.94
C GLU F 68 27.07 7.80 -20.42
N ARG F 69 26.90 8.00 -21.73
CA ARG F 69 25.57 8.32 -22.26
C ARG F 69 24.55 7.38 -21.64
N PHE F 70 24.85 6.09 -21.57
CA PHE F 70 23.91 5.18 -20.95
C PHE F 70 24.53 4.51 -19.74
N GLN F 71 25.18 5.36 -18.93
CA GLN F 71 25.85 4.96 -17.70
C GLN F 71 26.41 3.56 -17.79
N SER F 72 27.30 3.36 -18.75
CA SER F 72 27.91 2.06 -18.98
C SER F 72 29.45 2.07 -18.96
N LEU F 73 30.03 2.83 -18.04
CA LEU F 73 31.47 2.88 -17.89
C LEU F 73 31.88 1.64 -17.08
N GLY F 74 32.89 0.93 -17.55
CA GLY F 74 33.32 -0.27 -16.86
C GLY F 74 34.41 -0.06 -15.84
N VAL F 75 34.75 -1.14 -15.11
CA VAL F 75 35.78 -1.07 -14.09
C VAL F 75 37.14 -0.72 -14.67
N ALA F 76 37.47 -1.27 -15.83
CA ALA F 76 38.76 -0.98 -16.43
C ALA F 76 39.05 0.51 -16.49
N PHE F 77 38.03 1.29 -16.84
CA PHE F 77 38.21 2.73 -16.95
C PHE F 77 38.70 3.40 -15.66
N TYR F 78 38.23 2.92 -14.51
CA TYR F 78 38.59 3.49 -13.22
C TYR F 78 39.89 3.00 -12.58
N ARG F 79 40.41 1.87 -13.07
CA ARG F 79 41.64 1.30 -12.52
C ARG F 79 42.72 2.35 -12.26
N GLY F 80 43.38 2.25 -11.10
CA GLY F 80 44.48 3.13 -10.66
C GLY F 80 44.37 4.63 -10.84
N ALA F 81 43.17 5.19 -10.95
CA ALA F 81 43.02 6.63 -11.11
C ALA F 81 43.68 7.37 -9.94
N ASP F 82 44.47 8.40 -10.26
CA ASP F 82 45.13 9.19 -9.24
C ASP F 82 44.28 10.41 -8.85
N CYS F 83 43.33 10.78 -9.70
CA CYS F 83 42.41 11.89 -9.42
C CYS F 83 41.13 11.75 -10.24
N CYS F 84 40.01 12.08 -9.64
CA CYS F 84 38.76 11.99 -10.37
C CYS F 84 38.08 13.36 -10.42
N VAL F 85 37.95 13.88 -11.64
CA VAL F 85 37.32 15.16 -11.88
C VAL F 85 35.80 14.94 -12.00
N LEU F 86 35.02 15.63 -11.18
CA LEU F 86 33.56 15.52 -11.22
C LEU F 86 33.05 16.81 -11.86
N VAL F 87 32.54 16.72 -13.08
CA VAL F 87 32.06 17.87 -13.82
C VAL F 87 30.53 17.91 -13.97
N PHE F 88 29.96 19.12 -13.91
CA PHE F 88 28.52 19.32 -14.08
C PHE F 88 28.27 20.60 -14.86
N ASP F 89 27.03 20.77 -15.33
CA ASP F 89 26.61 21.95 -16.11
C ASP F 89 25.82 22.93 -15.22
N VAL F 90 26.35 24.15 -15.03
CA VAL F 90 25.68 25.13 -14.18
C VAL F 90 24.34 25.57 -14.73
N THR F 91 24.04 25.20 -15.98
CA THR F 91 22.74 25.55 -16.56
C THR F 91 21.80 24.35 -16.52
N ALA F 92 22.33 23.18 -16.14
CA ALA F 92 21.55 21.95 -16.09
C ALA F 92 21.59 21.36 -14.68
N PRO F 93 20.67 21.81 -13.81
CA PRO F 93 20.60 21.36 -12.42
C PRO F 93 20.59 19.85 -12.21
N ASN F 94 20.15 19.10 -13.20
CA ASN F 94 20.14 17.66 -13.07
C ASN F 94 21.57 17.12 -13.11
N THR F 95 22.42 17.72 -13.91
CA THR F 95 23.80 17.26 -13.99
C THR F 95 24.55 17.52 -12.69
N PHE F 96 23.95 18.29 -11.79
CA PHE F 96 24.57 18.59 -10.50
C PHE F 96 24.10 17.60 -9.43
N LYS F 97 22.85 17.15 -9.55
CA LYS F 97 22.30 16.20 -8.58
C LYS F 97 22.88 14.80 -8.75
N THR F 98 23.44 14.52 -9.92
CA THR F 98 24.03 13.21 -10.16
C THR F 98 25.45 13.10 -9.63
N LEU F 99 26.00 14.21 -9.14
CA LEU F 99 27.36 14.23 -8.60
C LEU F 99 27.61 13.17 -7.53
N ASP F 100 26.66 12.99 -6.64
CA ASP F 100 26.82 11.98 -5.60
C ASP F 100 26.91 10.58 -6.21
N SER F 101 26.05 10.32 -7.18
CA SER F 101 26.04 9.02 -7.83
C SER F 101 27.37 8.71 -8.52
N TRP F 102 27.93 9.69 -9.23
CA TRP F 102 29.21 9.54 -9.91
C TRP F 102 30.36 9.34 -8.92
N ARG F 103 30.29 10.06 -7.80
CA ARG F 103 31.34 9.94 -6.78
C ARG F 103 31.26 8.53 -6.19
N ASP F 104 30.06 8.13 -5.80
CA ASP F 104 29.87 6.79 -5.27
C ASP F 104 30.39 5.77 -6.27
N GLU F 105 30.02 5.94 -7.53
CA GLU F 105 30.47 5.00 -8.55
C GLU F 105 31.99 4.93 -8.61
N PHE F 106 32.66 6.09 -8.50
CA PHE F 106 34.11 6.08 -8.54
C PHE F 106 34.70 5.22 -7.43
N LEU F 107 34.23 5.45 -6.20
CA LEU F 107 34.70 4.72 -5.04
C LEU F 107 34.47 3.23 -5.15
N ILE F 108 33.33 2.86 -5.75
CA ILE F 108 32.99 1.44 -5.92
C ILE F 108 33.91 0.77 -6.92
N GLN F 109 34.00 1.35 -8.11
CA GLN F 109 34.80 0.84 -9.22
C GLN F 109 36.32 1.00 -9.08
N ALA F 110 36.76 2.11 -8.49
CA ALA F 110 38.18 2.36 -8.36
C ALA F 110 38.80 1.68 -7.14
N SER F 111 38.03 1.61 -6.05
CA SER F 111 38.51 1.06 -4.79
C SER F 111 39.95 1.52 -4.53
N PRO F 112 40.15 2.83 -4.32
CA PRO F 112 41.49 3.37 -4.08
C PRO F 112 41.93 3.28 -2.62
N ARG F 113 43.21 3.57 -2.41
CA ARG F 113 43.78 3.57 -1.07
C ARG F 113 43.20 4.76 -0.33
N ASP F 114 42.68 4.51 0.87
CA ASP F 114 42.09 5.57 1.69
C ASP F 114 41.08 6.38 0.88
N PRO F 115 39.97 5.73 0.47
CA PRO F 115 38.90 6.35 -0.31
C PRO F 115 38.25 7.59 0.28
N GLU F 116 38.30 7.73 1.61
CA GLU F 116 37.68 8.89 2.25
C GLU F 116 38.40 10.21 2.02
N ASN F 117 39.66 10.14 1.61
CA ASN F 117 40.43 11.34 1.33
C ASN F 117 40.92 11.32 -0.12
N PHE F 118 40.14 10.69 -1.00
CA PHE F 118 40.54 10.62 -2.41
C PHE F 118 40.42 11.99 -3.09
N PRO F 119 41.42 12.34 -3.91
CA PRO F 119 41.49 13.60 -4.66
C PRO F 119 40.38 13.81 -5.69
N PHE F 120 39.26 14.36 -5.23
CA PHE F 120 38.13 14.67 -6.12
C PHE F 120 38.12 16.16 -6.40
N VAL F 121 38.06 16.55 -7.67
CA VAL F 121 37.96 17.95 -8.02
C VAL F 121 36.66 18.12 -8.77
N VAL F 122 35.86 19.11 -8.37
CA VAL F 122 34.56 19.36 -9.01
C VAL F 122 34.59 20.61 -9.89
N LEU F 123 34.22 20.44 -11.17
CA LEU F 123 34.19 21.57 -12.09
C LEU F 123 32.75 21.91 -12.47
N GLY F 124 32.29 23.10 -12.08
CA GLY F 124 31.00 23.59 -12.49
C GLY F 124 31.28 24.28 -13.81
N ASN F 125 30.93 23.64 -14.92
CA ASN F 125 31.25 24.18 -16.23
C ASN F 125 30.17 24.98 -16.96
N LYS F 126 30.60 25.61 -18.05
CA LYS F 126 29.74 26.43 -18.91
C LYS F 126 29.27 27.74 -18.28
N ILE F 127 30.10 28.33 -17.42
CA ILE F 127 29.71 29.58 -16.79
C ILE F 127 29.62 30.73 -17.77
N ASP F 128 30.09 30.51 -19.00
CA ASP F 128 30.00 31.58 -19.99
C ASP F 128 28.54 31.75 -20.42
N LEU F 129 27.71 30.75 -20.16
CA LEU F 129 26.30 30.81 -20.54
C LEU F 129 25.53 31.63 -19.52
N GLU F 130 24.55 32.39 -19.97
CA GLU F 130 23.74 33.25 -19.11
C GLU F 130 22.65 32.59 -18.25
N ASN F 131 21.99 31.53 -18.75
CA ASN F 131 20.92 30.88 -17.97
C ASN F 131 21.33 29.84 -16.93
N ARG F 132 22.23 30.24 -16.04
CA ARG F 132 22.71 29.37 -14.97
C ARG F 132 21.55 28.98 -14.06
N GLN F 133 21.56 27.75 -13.56
CA GLN F 133 20.50 27.26 -12.68
C GLN F 133 21.06 26.72 -11.37
N VAL F 134 22.38 26.64 -11.25
CA VAL F 134 22.99 26.14 -10.03
C VAL F 134 23.91 27.23 -9.48
N ALA F 135 23.56 27.76 -8.31
CA ALA F 135 24.33 28.82 -7.70
C ALA F 135 25.66 28.35 -7.15
N THR F 136 26.62 29.27 -7.15
CA THR F 136 27.95 28.99 -6.65
C THR F 136 27.91 28.55 -5.18
N LYS F 137 27.14 29.25 -4.36
CA LYS F 137 27.08 28.89 -2.94
C LYS F 137 26.67 27.45 -2.74
N ARG F 138 25.59 27.05 -3.40
CA ARG F 138 25.05 25.69 -3.29
C ARG F 138 26.09 24.63 -3.70
N ALA F 139 26.77 24.86 -4.81
CA ALA F 139 27.78 23.92 -5.28
C ALA F 139 28.95 23.87 -4.29
N GLN F 140 29.32 25.01 -3.74
CA GLN F 140 30.43 25.02 -2.78
C GLN F 140 30.04 24.25 -1.52
N ALA F 141 28.80 24.37 -1.07
CA ALA F 141 28.34 23.67 0.12
C ALA F 141 28.41 22.17 -0.10
N TRP F 142 27.93 21.69 -1.25
CA TRP F 142 27.96 20.26 -1.51
C TRP F 142 29.41 19.80 -1.49
N CYS F 143 30.27 20.57 -2.16
CA CYS F 143 31.69 20.24 -2.23
C CYS F 143 32.34 20.22 -0.86
N TYR F 144 31.89 21.11 0.02
CA TYR F 144 32.44 21.13 1.34
C TYR F 144 31.94 19.92 2.15
N SER F 145 30.66 19.60 1.99
CA SER F 145 30.08 18.47 2.71
C SER F 145 30.75 17.14 2.36
N LYS F 146 31.36 17.06 1.18
CA LYS F 146 32.03 15.83 0.78
C LYS F 146 33.52 15.81 1.15
N ASN F 147 33.81 16.09 2.42
CA ASN F 147 35.18 16.08 2.89
C ASN F 147 35.99 17.18 2.26
N ASN F 148 35.36 18.35 2.13
CA ASN F 148 35.99 19.54 1.56
C ASN F 148 36.78 19.35 0.27
N ILE F 149 36.10 18.96 -0.81
CA ILE F 149 36.83 18.82 -2.07
C ILE F 149 36.82 20.16 -2.81
N PRO F 150 37.87 20.44 -3.59
CA PRO F 150 38.00 21.70 -4.34
C PRO F 150 36.95 21.92 -5.40
N TYR F 151 36.50 23.16 -5.53
CA TYR F 151 35.51 23.50 -6.55
C TYR F 151 35.90 24.69 -7.44
N PHE F 152 35.95 24.46 -8.75
CA PHE F 152 36.28 25.48 -9.73
C PHE F 152 35.15 25.68 -10.74
N GLU F 153 34.83 26.93 -11.02
CA GLU F 153 33.80 27.24 -11.99
C GLU F 153 34.56 27.47 -13.29
N THR F 154 34.17 26.76 -14.34
CA THR F 154 34.89 26.86 -15.58
C THR F 154 34.02 27.06 -16.81
N SER F 155 34.72 27.31 -17.92
CA SER F 155 34.13 27.46 -19.22
C SER F 155 35.12 26.91 -20.24
N ALA F 156 34.82 25.76 -20.82
CA ALA F 156 35.73 25.19 -21.80
C ALA F 156 35.71 26.05 -23.06
N LYS F 157 34.55 26.60 -23.38
CA LYS F 157 34.36 27.42 -24.58
C LYS F 157 35.19 28.69 -24.60
N GLU F 158 35.24 29.40 -23.48
CA GLU F 158 36.00 30.64 -23.40
C GLU F 158 37.30 30.45 -22.63
N ALA F 159 37.65 29.20 -22.35
CA ALA F 159 38.87 28.88 -21.62
C ALA F 159 39.03 29.73 -20.34
N ILE F 160 38.04 29.64 -19.46
CA ILE F 160 38.01 30.37 -18.20
C ILE F 160 38.24 29.41 -17.04
N ASN F 161 39.35 29.58 -16.33
CA ASN F 161 39.67 28.74 -15.18
C ASN F 161 40.06 27.29 -15.42
N VAL F 162 40.32 26.95 -16.67
CA VAL F 162 40.70 25.57 -17.00
C VAL F 162 42.14 25.29 -16.59
N GLU F 163 43.06 26.17 -16.98
CA GLU F 163 44.47 26.00 -16.62
C GLU F 163 44.66 25.93 -15.09
N GLN F 164 44.07 26.87 -14.38
CA GLN F 164 44.18 26.88 -12.92
C GLN F 164 43.53 25.65 -12.32
N ALA F 165 42.37 25.29 -12.84
CA ALA F 165 41.66 24.10 -12.35
C ALA F 165 42.53 22.87 -12.52
N PHE F 166 43.15 22.73 -13.69
CA PHE F 166 43.99 21.57 -13.88
C PHE F 166 45.33 21.67 -13.15
N GLN F 167 45.71 22.86 -12.68
CA GLN F 167 46.95 22.93 -11.91
C GLN F 167 46.69 22.24 -10.55
N THR F 168 45.51 22.46 -9.98
CA THR F 168 45.13 21.82 -8.71
C THR F 168 44.85 20.33 -8.91
N ILE F 169 44.20 19.98 -10.00
CA ILE F 169 43.92 18.58 -10.27
C ILE F 169 45.25 17.83 -10.32
N ALA F 170 46.26 18.46 -10.88
CA ALA F 170 47.57 17.84 -10.97
C ALA F 170 48.23 17.69 -9.59
N ARG F 171 48.21 18.75 -8.78
CA ARG F 171 48.83 18.70 -7.45
C ARG F 171 48.19 17.63 -6.58
N ASN F 172 46.87 17.47 -6.70
CA ASN F 172 46.16 16.47 -5.91
C ASN F 172 46.40 15.07 -6.42
N ALA F 173 46.51 14.96 -7.74
CA ALA F 173 46.75 13.67 -8.38
C ALA F 173 48.11 13.12 -7.91
N LEU F 174 49.09 14.02 -7.79
CA LEU F 174 50.45 13.67 -7.35
C LEU F 174 50.46 13.31 -5.87
N LYS F 175 49.58 13.92 -5.11
CA LYS F 175 49.52 13.62 -3.69
C LYS F 175 49.06 12.17 -3.54
N GLN F 176 48.02 11.81 -4.27
CA GLN F 176 47.46 10.45 -4.25
C GLN F 176 48.46 9.43 -4.80
N GLU F 177 49.19 9.83 -5.84
CA GLU F 177 50.18 8.96 -6.46
C GLU F 177 51.46 8.80 -5.62
N THR F 178 51.81 9.83 -4.84
CA THR F 178 53.01 9.80 -3.99
C THR F 178 52.74 9.05 -2.70
N ASP G 3 79.53 -18.51 -44.32
CA ASP G 3 78.29 -18.27 -45.12
C ASP G 3 78.12 -19.32 -46.23
N ASN G 4 77.14 -20.19 -46.07
CA ASN G 4 76.86 -21.22 -47.07
C ASN G 4 75.39 -21.23 -47.44
N LEU G 5 75.11 -20.94 -48.70
CA LEU G 5 73.73 -20.88 -49.17
C LEU G 5 73.00 -22.19 -48.86
N PRO G 6 71.82 -22.08 -48.24
CA PRO G 6 71.04 -23.28 -47.93
C PRO G 6 70.50 -23.88 -49.24
N SER G 7 70.36 -25.20 -49.30
CA SER G 7 69.88 -25.86 -50.51
C SER G 7 68.36 -26.02 -50.52
N ASP G 8 67.70 -25.47 -49.51
CA ASP G 8 66.25 -25.59 -49.38
C ASP G 8 65.59 -24.30 -48.94
N PHE G 9 64.54 -23.92 -49.67
CA PHE G 9 63.76 -22.74 -49.37
C PHE G 9 62.30 -22.99 -49.72
N ASP G 10 61.41 -22.14 -49.20
CA ASP G 10 59.97 -22.25 -49.47
C ASP G 10 59.68 -21.51 -50.77
N VAL G 11 60.22 -20.31 -50.88
CA VAL G 11 60.01 -19.53 -52.08
C VAL G 11 61.34 -18.99 -52.57
N ILE G 12 61.51 -18.97 -53.88
CA ILE G 12 62.70 -18.42 -54.49
C ILE G 12 62.22 -17.38 -55.48
N VAL G 13 62.75 -16.16 -55.35
CA VAL G 13 62.37 -15.07 -56.25
C VAL G 13 63.60 -14.61 -57.01
N ILE G 14 63.46 -14.53 -58.33
CA ILE G 14 64.57 -14.14 -59.18
C ILE G 14 64.26 -12.77 -59.78
N GLY G 15 65.00 -11.77 -59.33
CA GLY G 15 64.83 -10.41 -59.80
C GLY G 15 64.45 -9.56 -58.61
N THR G 16 65.01 -8.36 -58.50
CA THR G 16 64.68 -7.54 -57.35
C THR G 16 63.89 -6.30 -57.71
N GLY G 17 63.03 -6.41 -58.72
CA GLY G 17 62.19 -5.29 -59.13
C GLY G 17 61.06 -5.10 -58.13
N LEU G 18 60.23 -4.08 -58.32
CA LEU G 18 59.15 -3.82 -57.37
C LEU G 18 58.17 -4.96 -57.11
N PRO G 19 57.55 -5.54 -58.16
CA PRO G 19 56.61 -6.64 -57.95
C PRO G 19 57.28 -7.75 -57.14
N GLU G 20 58.44 -8.19 -57.61
CA GLU G 20 59.21 -9.25 -56.94
C GLU G 20 59.51 -8.92 -55.47
N SER G 21 59.91 -7.68 -55.20
CA SER G 21 60.22 -7.31 -53.82
C SER G 21 59.01 -7.38 -52.91
N ILE G 22 57.87 -6.85 -53.37
CA ILE G 22 56.67 -6.87 -52.57
C ILE G 22 56.23 -8.29 -52.23
N ILE G 23 56.21 -9.16 -53.24
CA ILE G 23 55.78 -10.54 -53.02
C ILE G 23 56.83 -11.25 -52.15
N ALA G 24 58.10 -10.96 -52.37
CA ALA G 24 59.14 -11.58 -51.54
C ALA G 24 58.95 -11.13 -50.09
N ALA G 25 58.59 -9.87 -49.91
CA ALA G 25 58.37 -9.35 -48.56
C ALA G 25 57.13 -9.99 -47.88
N ALA G 26 55.99 -10.02 -48.57
CA ALA G 26 54.78 -10.63 -47.99
C ALA G 26 55.07 -12.09 -47.63
N CYS G 27 55.72 -12.81 -48.54
CA CYS G 27 56.02 -14.22 -48.27
C CYS G 27 56.92 -14.37 -47.06
N SER G 28 57.90 -13.48 -46.96
CA SER G 28 58.82 -13.57 -45.83
C SER G 28 58.12 -13.21 -44.53
N ARG G 29 57.41 -12.09 -44.53
CA ARG G 29 56.70 -11.62 -43.34
C ARG G 29 55.70 -12.66 -42.83
N SER G 30 55.11 -13.41 -43.77
CA SER G 30 54.14 -14.43 -43.46
C SER G 30 54.74 -15.66 -42.79
N GLY G 31 56.05 -15.81 -42.86
CA GLY G 31 56.68 -16.97 -42.24
C GLY G 31 57.45 -17.86 -43.19
N GLN G 32 57.25 -17.68 -44.49
CA GLN G 32 57.96 -18.48 -45.49
C GLN G 32 59.46 -18.18 -45.48
N ARG G 33 60.27 -19.18 -45.77
CA ARG G 33 61.72 -18.98 -45.87
C ARG G 33 61.98 -18.57 -47.31
N VAL G 34 62.39 -17.31 -47.50
CA VAL G 34 62.64 -16.78 -48.86
C VAL G 34 64.11 -16.57 -49.29
N LEU G 35 64.37 -16.87 -50.56
CA LEU G 35 65.68 -16.65 -51.19
C LEU G 35 65.41 -15.67 -52.32
N HIS G 36 66.04 -14.51 -52.25
CA HIS G 36 65.86 -13.50 -53.28
C HIS G 36 67.21 -13.27 -53.96
N VAL G 37 67.26 -13.54 -55.26
CA VAL G 37 68.49 -13.35 -56.01
C VAL G 37 68.26 -12.41 -57.18
N ASP G 38 69.35 -11.87 -57.70
CA ASP G 38 69.33 -10.96 -58.83
C ASP G 38 70.72 -11.10 -59.44
N SER G 39 70.82 -11.02 -60.76
CA SER G 39 72.12 -11.18 -61.40
C SER G 39 72.87 -9.87 -61.49
N ARG G 40 72.18 -8.78 -61.21
CA ARG G 40 72.81 -7.46 -61.26
C ARG G 40 73.63 -7.32 -59.98
N SER G 41 74.36 -6.22 -59.86
CA SER G 41 75.18 -5.96 -58.68
C SER G 41 74.53 -4.87 -57.83
N TYR G 42 73.28 -4.55 -58.15
CA TYR G 42 72.49 -3.56 -57.45
C TYR G 42 71.03 -4.02 -57.44
N TYR G 43 70.19 -3.40 -56.63
CA TYR G 43 68.77 -3.79 -56.51
C TYR G 43 67.86 -3.02 -57.48
N GLY G 44 66.75 -3.68 -57.88
CA GLY G 44 65.78 -2.96 -58.68
C GLY G 44 65.49 -3.39 -60.14
N GLY G 45 66.42 -4.08 -60.77
CA GLY G 45 66.20 -4.44 -62.16
C GLY G 45 65.83 -3.17 -62.93
N ASN G 46 64.78 -3.26 -63.74
CA ASN G 46 64.34 -2.10 -64.54
C ASN G 46 63.62 -1.03 -63.72
N TRP G 47 63.61 -1.17 -62.40
CA TRP G 47 62.98 -0.20 -61.48
C TRP G 47 64.09 0.53 -60.70
N ALA G 48 65.33 0.14 -60.93
CA ALA G 48 66.44 0.75 -60.20
C ALA G 48 66.76 2.18 -60.60
N SER G 49 67.52 2.89 -59.77
CA SER G 49 67.94 4.24 -60.07
C SER G 49 69.46 4.23 -59.98
N PHE G 50 70.12 5.16 -60.67
CA PHE G 50 71.58 5.20 -60.62
C PHE G 50 72.19 6.56 -60.32
N SER G 51 73.45 6.54 -59.94
CA SER G 51 74.23 7.74 -59.73
C SER G 51 74.63 8.16 -61.14
N PHE G 52 75.26 9.30 -61.34
CA PHE G 52 75.60 9.60 -62.72
C PHE G 52 76.53 8.55 -63.31
N SER G 53 77.67 8.32 -62.67
CA SER G 53 78.61 7.35 -63.20
C SER G 53 77.92 5.98 -63.38
N GLY G 54 77.07 5.61 -62.42
CA GLY G 54 76.38 4.34 -62.51
C GLY G 54 75.46 4.24 -63.71
N LEU G 55 74.89 5.37 -64.13
CA LEU G 55 74.01 5.38 -65.28
C LEU G 55 74.83 5.13 -66.54
N LEU G 56 75.97 5.79 -66.65
CA LEU G 56 76.84 5.62 -67.82
C LEU G 56 77.22 4.15 -67.96
N SER G 57 77.53 3.53 -66.83
CA SER G 57 77.92 2.13 -66.80
C SER G 57 76.74 1.26 -67.21
N TRP G 58 75.55 1.66 -66.80
CA TRP G 58 74.35 0.91 -67.13
C TRP G 58 74.10 1.03 -68.65
N LEU G 59 74.47 2.19 -69.19
CA LEU G 59 74.30 2.44 -70.61
C LEU G 59 75.15 1.55 -71.51
N LYS G 60 76.35 1.20 -71.02
CA LYS G 60 77.27 0.38 -71.77
C LYS G 60 76.69 -0.87 -72.43
N GLU G 61 76.35 -1.87 -71.62
CA GLU G 61 75.81 -3.13 -72.13
C GLU G 61 74.73 -3.01 -73.20
N TYR G 62 73.97 -1.92 -73.18
CA TYR G 62 72.91 -1.74 -74.16
C TYR G 62 73.33 -0.91 -75.37
N GLN G 63 74.62 -0.62 -75.46
CA GLN G 63 75.15 0.15 -76.57
C GLN G 63 76.10 -0.73 -77.35
N GLU G 64 76.95 -1.47 -76.63
CA GLU G 64 77.90 -2.38 -77.25
C GLU G 64 78.27 -3.49 -76.27
N ASN G 65 77.82 -4.71 -76.59
CA ASN G 65 78.06 -5.89 -75.74
C ASN G 65 78.12 -7.15 -76.64
N ASN G 66 77.03 -7.92 -76.73
CA ASN G 66 76.97 -9.09 -77.62
C ASN G 66 78.03 -10.17 -77.36
N ASP G 67 77.83 -10.94 -76.30
CA ASP G 67 78.75 -12.01 -75.90
C ASP G 67 78.35 -13.38 -76.39
N VAL G 68 78.83 -13.73 -77.58
CA VAL G 68 78.54 -15.03 -78.18
C VAL G 68 79.61 -16.02 -77.72
N VAL G 69 80.61 -15.49 -77.00
CA VAL G 69 81.72 -16.29 -76.49
C VAL G 69 81.48 -16.72 -75.03
N THR G 70 80.28 -17.25 -74.76
CA THR G 70 79.95 -17.70 -73.42
C THR G 70 79.16 -19.02 -73.40
N GLU G 71 79.79 -20.05 -72.84
CA GLU G 71 79.21 -21.38 -72.69
C GLU G 71 79.06 -21.64 -71.19
N ASN G 72 77.98 -21.15 -70.60
CA ASN G 72 77.76 -21.33 -69.16
C ASN G 72 77.56 -22.82 -68.78
N SER G 73 78.65 -23.44 -68.31
CA SER G 73 78.71 -24.85 -67.90
C SER G 73 78.34 -25.06 -66.42
N MET G 74 78.42 -26.31 -65.97
CA MET G 74 78.16 -26.70 -64.57
C MET G 74 76.73 -26.89 -64.11
N TRP G 75 75.79 -27.25 -64.99
CA TRP G 75 74.45 -27.51 -64.49
C TRP G 75 73.86 -28.74 -65.15
N GLN G 76 74.27 -29.02 -66.38
CA GLN G 76 73.74 -30.21 -67.03
C GLN G 76 74.08 -31.47 -66.21
N GLU G 77 75.23 -31.47 -65.53
CA GLU G 77 75.61 -32.64 -64.74
C GLU G 77 74.83 -32.72 -63.41
N GLN G 78 74.08 -31.67 -63.09
CA GLN G 78 73.31 -31.64 -61.85
C GLN G 78 71.85 -32.05 -62.03
N ILE G 79 71.51 -32.52 -63.22
CA ILE G 79 70.14 -32.97 -63.50
C ILE G 79 70.01 -34.42 -62.99
N LEU G 80 69.04 -34.69 -62.12
CA LEU G 80 68.88 -36.03 -61.58
C LEU G 80 67.94 -36.88 -62.43
N GLU G 81 67.67 -38.09 -61.93
CA GLU G 81 66.77 -39.00 -62.61
C GLU G 81 65.39 -38.36 -62.72
N ASN G 82 64.76 -38.51 -63.87
CA ASN G 82 63.42 -37.99 -64.09
C ASN G 82 63.24 -36.50 -63.91
N GLU G 83 64.19 -35.75 -64.43
CA GLU G 83 64.14 -34.32 -64.35
C GLU G 83 64.51 -33.81 -65.72
N GLU G 84 64.11 -32.59 -66.02
CA GLU G 84 64.49 -31.96 -67.27
C GLU G 84 64.63 -30.50 -66.91
N ALA G 85 65.44 -29.79 -67.68
CA ALA G 85 65.67 -28.41 -67.36
C ALA G 85 65.04 -27.40 -68.29
N ILE G 86 64.82 -26.21 -67.74
CA ILE G 86 64.28 -25.08 -68.47
C ILE G 86 65.32 -23.99 -68.27
N PRO G 87 66.21 -23.79 -69.26
CA PRO G 87 67.23 -22.76 -69.10
C PRO G 87 66.62 -21.38 -68.95
N LEU G 88 67.22 -20.58 -68.08
CA LEU G 88 66.78 -19.23 -67.88
C LEU G 88 67.56 -18.35 -68.85
N SER G 89 67.20 -17.07 -68.88
CA SER G 89 67.89 -16.14 -69.76
C SER G 89 69.31 -15.92 -69.27
N SER G 90 70.24 -15.77 -70.20
CA SER G 90 71.62 -15.52 -69.84
C SER G 90 72.01 -14.07 -70.11
N LYS G 91 71.14 -13.35 -70.82
CA LYS G 91 71.41 -11.95 -71.17
C LYS G 91 70.12 -11.14 -71.20
N ASP G 92 70.13 -10.00 -70.52
CA ASP G 92 68.97 -9.11 -70.47
C ASP G 92 68.82 -8.32 -71.76
N LYS G 93 67.62 -8.33 -72.32
CA LYS G 93 67.36 -7.60 -73.55
C LYS G 93 66.09 -6.77 -73.53
N THR G 94 65.89 -6.04 -72.43
CA THR G 94 64.71 -5.22 -72.23
C THR G 94 64.92 -3.74 -72.54
N ILE G 95 66.15 -3.37 -72.86
CA ILE G 95 66.48 -1.98 -73.16
C ILE G 95 66.91 -1.86 -74.61
N GLN G 96 66.35 -0.91 -75.35
CA GLN G 96 66.69 -0.75 -76.76
C GLN G 96 66.73 0.71 -77.16
N HIS G 97 67.38 0.99 -78.29
CA HIS G 97 67.46 2.33 -78.82
C HIS G 97 68.02 3.39 -77.86
N VAL G 98 69.16 3.08 -77.24
CA VAL G 98 69.77 4.02 -76.31
C VAL G 98 70.39 5.21 -77.08
N GLU G 99 69.99 6.41 -76.73
CA GLU G 99 70.51 7.60 -77.39
C GLU G 99 70.99 8.55 -76.29
N VAL G 100 72.25 8.96 -76.33
CA VAL G 100 72.78 9.88 -75.33
C VAL G 100 73.32 11.16 -75.95
N PHE G 101 72.91 12.30 -75.40
CA PHE G 101 73.38 13.59 -75.91
C PHE G 101 73.91 14.51 -74.83
N CYS G 102 75.16 14.91 -74.97
CA CYS G 102 75.80 15.82 -74.02
C CYS G 102 75.99 17.20 -74.65
N TYR G 103 75.08 18.12 -74.33
CA TYR G 103 75.14 19.47 -74.88
C TYR G 103 76.05 20.40 -74.08
N ALA G 104 76.14 20.20 -72.77
CA ALA G 104 76.99 21.04 -71.91
C ALA G 104 78.45 21.00 -72.36
N SER G 105 79.16 22.07 -72.03
CA SER G 105 80.57 22.22 -72.38
C SER G 105 81.38 21.14 -71.70
N GLN G 106 82.30 20.54 -72.46
CA GLN G 106 83.15 19.47 -71.95
C GLN G 106 84.34 19.99 -71.14
N ASP G 107 84.06 20.97 -70.27
CA ASP G 107 85.05 21.61 -69.38
C ASP G 107 84.50 22.92 -68.81
N ARG G 211 76.37 28.60 -65.19
CA ARG G 211 77.03 27.74 -66.16
C ARG G 211 77.42 26.41 -65.53
N ILE G 212 76.88 25.32 -66.07
CA ILE G 212 77.16 23.97 -65.59
C ILE G 212 77.84 23.18 -66.70
N THR G 213 79.00 22.64 -66.39
CA THR G 213 79.76 21.89 -67.38
C THR G 213 79.63 20.39 -67.13
N TYR G 214 80.05 19.60 -68.11
CA TYR G 214 79.97 18.17 -67.97
C TYR G 214 80.90 17.73 -66.84
N SER G 215 82.01 18.44 -66.69
CA SER G 215 82.95 18.12 -65.63
C SER G 215 82.28 18.32 -64.28
N GLN G 216 81.48 19.38 -64.17
CA GLN G 216 80.78 19.65 -62.91
C GLN G 216 79.72 18.59 -62.64
N ILE G 217 79.14 18.01 -63.69
CA ILE G 217 78.11 16.99 -63.51
C ILE G 217 78.80 15.69 -63.06
N ILE G 218 79.94 15.38 -63.67
CA ILE G 218 80.67 14.19 -63.31
C ILE G 218 81.17 14.32 -61.88
N LYS G 219 81.75 15.47 -61.58
CA LYS G 219 82.29 15.68 -60.26
C LYS G 219 81.21 15.46 -59.19
N GLU G 220 79.98 15.91 -59.49
CA GLU G 220 78.85 15.77 -58.58
C GLU G 220 77.97 14.56 -58.91
N GLY G 221 78.50 13.65 -59.70
CA GLY G 221 77.75 12.46 -60.10
C GLY G 221 76.96 11.73 -59.03
N ARG G 222 77.52 11.64 -57.83
CA ARG G 222 76.86 10.96 -56.72
C ARG G 222 75.64 11.68 -56.13
N ARG G 223 75.39 12.92 -56.55
CA ARG G 223 74.26 13.69 -56.05
C ARG G 223 73.04 13.38 -56.90
N PHE G 224 73.27 12.65 -58.00
CA PHE G 224 72.19 12.28 -58.91
C PHE G 224 71.75 10.87 -58.58
N ASN G 225 70.45 10.66 -58.72
CA ASN G 225 69.82 9.36 -58.53
C ASN G 225 68.75 9.31 -59.62
N ILE G 226 69.17 8.83 -60.78
CA ILE G 226 68.33 8.75 -61.96
C ILE G 226 67.50 7.47 -62.09
N ASP G 227 66.17 7.63 -62.06
CA ASP G 227 65.25 6.51 -62.16
C ASP G 227 65.01 6.00 -63.57
N LEU G 228 64.95 4.69 -63.70
CA LEU G 228 64.66 4.07 -64.99
C LEU G 228 63.15 4.20 -65.17
N VAL G 229 62.44 4.21 -64.05
CA VAL G 229 60.97 4.33 -64.00
C VAL G 229 60.55 5.69 -63.48
N SER G 230 59.73 6.39 -64.25
CA SER G 230 59.23 7.71 -63.87
C SER G 230 57.74 7.54 -63.51
N LYS G 231 57.47 7.55 -62.20
CA LYS G 231 56.13 7.40 -61.66
C LYS G 231 56.00 8.32 -60.47
N LEU G 232 54.75 8.53 -60.07
CA LEU G 232 54.41 9.34 -58.93
C LEU G 232 53.60 8.48 -57.97
N LEU G 233 53.51 8.90 -56.72
CA LEU G 233 52.73 8.21 -55.69
C LEU G 233 51.44 9.00 -55.40
N TYR G 234 50.31 8.32 -55.50
CA TYR G 234 49.05 8.98 -55.18
C TYR G 234 48.95 9.05 -53.65
N SER G 235 48.33 10.08 -53.09
CA SER G 235 48.22 10.18 -51.64
C SER G 235 47.39 9.02 -51.08
N ARG G 236 46.52 8.46 -51.90
CA ARG G 236 45.70 7.33 -51.50
C ARG G 236 45.77 6.35 -52.66
N GLY G 237 46.21 5.13 -52.40
CA GLY G 237 46.32 4.15 -53.45
C GLY G 237 47.00 2.89 -52.97
N LEU G 238 46.91 1.85 -53.77
CA LEU G 238 47.49 0.57 -53.42
C LEU G 238 48.89 0.66 -52.78
N LEU G 239 49.87 1.21 -53.47
CA LEU G 239 51.21 1.29 -52.89
C LEU G 239 51.32 2.09 -51.58
N ILE G 240 50.85 3.33 -51.56
CA ILE G 240 50.95 4.15 -50.34
C ILE G 240 50.23 3.45 -49.19
N ASP G 241 49.15 2.75 -49.51
CA ASP G 241 48.36 2.02 -48.52
C ASP G 241 49.15 0.86 -47.91
N LEU G 242 49.89 0.15 -48.76
CA LEU G 242 50.69 -0.97 -48.32
C LEU G 242 51.90 -0.47 -47.56
N LEU G 243 52.47 0.66 -47.97
CA LEU G 243 53.63 1.21 -47.27
C LEU G 243 53.23 1.57 -45.84
N ILE G 244 52.10 2.23 -45.71
CA ILE G 244 51.57 2.65 -44.40
C ILE G 244 51.20 1.45 -43.53
N LYS G 245 50.46 0.52 -44.11
CA LYS G 245 50.04 -0.66 -43.38
C LYS G 245 51.21 -1.52 -42.88
N SER G 246 52.13 -1.85 -43.80
CA SER G 246 53.28 -2.69 -43.50
C SER G 246 54.41 -1.98 -42.75
N ASN G 247 54.33 -0.65 -42.69
CA ASN G 247 55.33 0.18 -42.03
C ASN G 247 56.64 0.31 -42.83
N VAL G 248 56.62 -0.16 -44.07
CA VAL G 248 57.79 -0.05 -44.91
C VAL G 248 57.99 1.44 -45.17
N SER G 249 56.97 2.21 -44.80
CA SER G 249 56.99 3.66 -44.95
C SER G 249 58.07 4.28 -44.05
N ARG G 250 58.52 3.54 -43.03
CA ARG G 250 59.55 4.06 -42.13
C ARG G 250 60.92 4.17 -42.78
N TYR G 251 61.09 3.51 -43.91
CA TYR G 251 62.36 3.49 -44.62
C TYR G 251 62.53 4.60 -45.68
N ALA G 252 61.59 5.53 -45.75
CA ALA G 252 61.66 6.59 -46.75
C ALA G 252 60.92 7.85 -46.35
N GLU G 253 61.24 8.95 -47.05
CA GLU G 253 60.61 10.24 -46.84
C GLU G 253 60.09 10.71 -48.20
N PHE G 254 59.13 11.63 -48.20
CA PHE G 254 58.57 12.05 -49.46
C PHE G 254 58.48 13.55 -49.65
N LYS G 255 58.21 13.96 -50.89
CA LYS G 255 58.05 15.38 -51.17
C LYS G 255 56.79 15.56 -51.99
N ASN G 256 55.98 16.54 -51.60
CA ASN G 256 54.74 16.83 -52.30
C ASN G 256 54.99 17.41 -53.69
N ILE G 257 54.23 16.91 -54.63
CA ILE G 257 54.26 17.52 -55.93
C ILE G 257 53.47 18.79 -55.69
N THR G 258 53.89 19.95 -56.17
CA THR G 258 53.13 21.15 -55.86
C THR G 258 52.50 21.88 -57.02
N ARG G 259 52.75 21.39 -58.23
CA ARG G 259 52.20 22.02 -59.41
C ARG G 259 51.78 21.03 -60.49
N ILE G 260 50.61 21.20 -61.05
CA ILE G 260 50.11 20.42 -62.15
C ILE G 260 50.19 21.36 -63.34
N LEU G 261 50.86 20.97 -64.43
CA LEU G 261 50.96 21.86 -65.58
C LEU G 261 50.34 21.32 -66.87
N ALA G 262 50.11 22.22 -67.77
CA ALA G 262 49.54 21.93 -69.09
C ALA G 262 50.03 23.00 -70.03
N PHE G 263 49.94 22.70 -71.32
CA PHE G 263 50.35 23.62 -72.38
C PHE G 263 49.19 24.42 -72.96
N ARG G 264 49.05 25.69 -72.58
CA ARG G 264 47.99 26.50 -73.14
C ARG G 264 48.55 27.05 -74.47
N GLU G 265 48.30 26.30 -75.54
CA GLU G 265 48.79 26.66 -76.88
C GLU G 265 50.23 27.10 -76.90
N GLY G 266 51.13 26.14 -76.73
CA GLY G 266 52.54 26.48 -76.80
C GLY G 266 53.20 27.15 -75.63
N THR G 267 52.51 27.29 -74.51
CA THR G 267 53.13 27.91 -73.34
C THR G 267 52.81 27.15 -72.04
N VAL G 268 53.82 26.90 -71.21
CA VAL G 268 53.60 26.18 -69.96
C VAL G 268 52.93 27.05 -68.91
N GLU G 269 51.86 26.53 -68.33
CA GLU G 269 51.14 27.24 -67.29
C GLU G 269 50.59 26.27 -66.26
N GLN G 270 50.34 26.79 -65.06
CA GLN G 270 49.82 25.99 -63.97
C GLN G 270 48.31 25.83 -64.09
N VAL G 271 47.85 24.60 -63.92
CA VAL G 271 46.42 24.33 -64.01
C VAL G 271 45.82 24.17 -62.61
N PRO G 272 44.54 24.54 -62.45
CA PRO G 272 43.79 24.47 -61.20
C PRO G 272 43.51 23.03 -60.74
N CYS G 273 43.60 22.79 -59.43
CA CYS G 273 43.33 21.45 -58.92
C CYS G 273 41.91 21.33 -58.38
N SER G 274 41.63 22.04 -57.30
CA SER G 274 40.30 22.02 -56.68
C SER G 274 39.51 23.28 -56.97
N ARG G 275 38.28 23.36 -56.46
CA ARG G 275 37.42 24.51 -56.66
C ARG G 275 38.14 25.79 -56.30
N ALA G 276 38.82 25.78 -55.16
CA ALA G 276 39.57 26.92 -54.69
C ALA G 276 40.55 27.33 -55.79
N ASP G 277 40.93 26.36 -56.62
CA ASP G 277 41.86 26.62 -57.71
C ASP G 277 41.10 27.22 -58.90
N VAL G 278 39.86 26.77 -59.11
CA VAL G 278 39.04 27.29 -60.20
C VAL G 278 38.65 28.74 -59.88
N PHE G 279 39.34 29.28 -58.86
CA PHE G 279 39.14 30.64 -58.38
C PHE G 279 39.73 31.63 -59.38
N ASN G 280 41.04 31.81 -59.27
CA ASN G 280 41.81 32.75 -60.10
C ASN G 280 41.94 32.33 -61.56
N SER G 281 41.47 31.14 -61.91
CA SER G 281 41.55 30.66 -63.29
C SER G 281 41.30 31.80 -64.27
N LYS G 282 42.37 32.34 -64.85
CA LYS G 282 42.24 33.43 -65.82
C LYS G 282 42.06 32.82 -67.21
N GLN G 283 42.20 31.50 -67.28
CA GLN G 283 42.07 30.77 -68.53
C GLN G 283 40.65 30.28 -68.75
N LEU G 284 39.89 30.16 -67.66
CA LEU G 284 38.52 29.67 -67.72
C LEU G 284 37.49 30.79 -67.66
N THR G 285 36.40 30.63 -68.44
CA THR G 285 35.34 31.62 -68.42
C THR G 285 34.43 31.24 -67.25
N MET G 286 33.42 32.05 -66.97
CA MET G 286 32.50 31.75 -65.89
C MET G 286 31.72 30.49 -66.21
N VAL G 287 31.27 30.39 -67.45
CA VAL G 287 30.51 29.22 -67.87
C VAL G 287 31.30 27.92 -67.67
N GLU G 288 32.60 27.96 -68.00
CA GLU G 288 33.47 26.79 -67.88
C GLU G 288 33.75 26.46 -66.43
N LYS G 289 33.99 27.49 -65.64
CA LYS G 289 34.24 27.30 -64.23
C LYS G 289 33.05 26.57 -63.57
N ARG G 290 31.84 26.86 -64.03
CA ARG G 290 30.64 26.22 -63.48
C ARG G 290 30.50 24.78 -63.96
N MET G 291 30.79 24.55 -65.25
CA MET G 291 30.70 23.23 -65.86
C MET G 291 31.65 22.23 -65.21
N LEU G 292 32.87 22.70 -64.93
CA LEU G 292 33.91 21.88 -64.32
C LEU G 292 33.51 21.43 -62.92
N MET G 293 33.16 22.40 -62.08
CA MET G 293 32.76 22.10 -60.72
C MET G 293 31.58 21.16 -60.70
N LYS G 294 30.72 21.27 -61.70
CA LYS G 294 29.56 20.44 -61.79
C LYS G 294 29.95 19.01 -62.15
N PHE G 295 30.87 18.88 -63.10
CA PHE G 295 31.33 17.57 -63.53
C PHE G 295 32.17 16.87 -62.46
N LEU G 296 33.03 17.61 -61.77
CA LEU G 296 33.87 17.02 -60.73
C LEU G 296 32.98 16.53 -59.59
N THR G 297 32.21 17.44 -59.00
CA THR G 297 31.32 17.07 -57.91
C THR G 297 30.53 15.81 -58.29
N PHE G 298 30.18 15.69 -59.56
CA PHE G 298 29.46 14.53 -60.06
C PHE G 298 30.42 13.32 -60.00
N CYS G 299 31.61 13.49 -60.56
CA CYS G 299 32.62 12.44 -60.59
C CYS G 299 32.94 11.88 -59.20
N VAL G 300 33.27 12.75 -58.25
CA VAL G 300 33.60 12.34 -56.90
C VAL G 300 32.68 11.21 -56.44
N GLU G 301 31.43 11.26 -56.90
CA GLU G 301 30.42 10.29 -56.53
C GLU G 301 29.67 9.78 -57.76
N TYR G 302 30.41 9.46 -58.81
CA TYR G 302 29.81 8.98 -60.05
C TYR G 302 29.05 7.68 -59.81
N GLU G 303 29.22 7.10 -58.62
CA GLU G 303 28.53 5.85 -58.27
C GLU G 303 27.08 6.13 -57.85
N GLU G 304 26.91 7.12 -56.97
CA GLU G 304 25.59 7.51 -56.49
C GLU G 304 24.68 8.01 -57.61
N HIS G 305 25.23 8.14 -58.81
CA HIS G 305 24.46 8.63 -59.96
C HIS G 305 24.69 7.75 -61.20
N PRO G 306 24.20 6.49 -61.17
CA PRO G 306 24.34 5.55 -62.29
C PRO G 306 23.72 6.04 -63.59
N ASP G 307 22.42 6.36 -63.55
CA ASP G 307 21.70 6.84 -64.73
C ASP G 307 22.37 8.02 -65.43
N GLU G 308 23.43 8.56 -64.83
CA GLU G 308 24.16 9.68 -65.40
C GLU G 308 25.16 9.17 -66.44
N TYR G 309 25.44 7.87 -66.41
CA TYR G 309 26.40 7.27 -67.34
C TYR G 309 26.17 5.76 -67.60
N ARG G 310 25.06 5.21 -67.14
CA ARG G 310 24.81 3.79 -67.36
C ARG G 310 24.61 3.61 -68.86
N ALA G 311 24.30 4.73 -69.53
CA ALA G 311 24.09 4.74 -70.97
C ALA G 311 25.38 4.43 -71.71
N TYR G 312 26.35 5.34 -71.63
CA TYR G 312 27.65 5.18 -72.29
C TYR G 312 28.58 4.29 -71.48
N GLU G 313 28.68 3.03 -71.87
CA GLU G 313 29.53 2.08 -71.18
C GLU G 313 30.42 1.38 -72.21
N GLY G 314 29.88 1.22 -73.41
CA GLY G 314 30.63 0.58 -74.48
C GLY G 314 31.58 1.57 -75.16
N THR G 315 31.33 2.87 -74.95
CA THR G 315 32.18 3.90 -75.51
C THR G 315 33.36 4.18 -74.59
N THR G 316 34.28 5.03 -75.06
CA THR G 316 35.46 5.40 -74.29
C THR G 316 35.10 6.53 -73.32
N PHE G 317 36.11 7.06 -72.64
CA PHE G 317 35.87 8.16 -71.71
C PHE G 317 35.87 9.46 -72.52
N SER G 318 36.80 9.55 -73.45
CA SER G 318 36.94 10.71 -74.33
C SER G 318 35.67 10.98 -75.13
N GLU G 319 35.08 9.92 -75.68
CA GLU G 319 33.85 10.04 -76.46
C GLU G 319 32.70 10.36 -75.52
N TYR G 320 32.67 9.71 -74.36
CA TYR G 320 31.63 9.93 -73.38
C TYR G 320 31.59 11.40 -72.99
N LEU G 321 32.76 11.94 -72.64
CA LEU G 321 32.89 13.35 -72.24
C LEU G 321 32.24 14.31 -73.21
N LYS G 322 32.33 14.01 -74.51
CA LYS G 322 31.73 14.87 -75.54
C LYS G 322 30.21 14.99 -75.38
N THR G 323 29.59 13.96 -74.81
CA THR G 323 28.15 13.98 -74.56
C THR G 323 27.93 14.43 -73.12
N GLN G 324 28.64 15.49 -72.73
CA GLN G 324 28.55 16.04 -71.38
C GLN G 324 28.58 17.57 -71.38
N LYS G 325 28.11 18.16 -70.29
CA LYS G 325 28.05 19.61 -70.13
C LYS G 325 29.46 20.19 -70.03
N LEU G 326 30.25 20.03 -71.10
CA LEU G 326 31.63 20.51 -71.11
C LEU G 326 32.06 20.99 -72.49
N THR G 327 32.96 21.97 -72.52
CA THR G 327 33.48 22.49 -73.79
C THR G 327 34.74 21.68 -74.11
N PRO G 328 35.21 21.74 -75.36
CA PRO G 328 36.43 20.99 -75.71
C PRO G 328 37.63 21.39 -74.86
N ASN G 329 37.72 22.68 -74.53
CA ASN G 329 38.81 23.17 -73.71
C ASN G 329 38.89 22.39 -72.41
N LEU G 330 37.70 22.09 -71.87
CA LEU G 330 37.55 21.36 -70.62
C LEU G 330 37.69 19.86 -70.78
N GLN G 331 36.93 19.29 -71.72
CA GLN G 331 36.98 17.85 -71.98
C GLN G 331 38.44 17.43 -72.09
N TYR G 332 39.20 18.32 -72.73
CA TYR G 332 40.62 18.17 -72.93
C TYR G 332 41.25 18.06 -71.53
N PHE G 333 41.05 19.12 -70.75
CA PHE G 333 41.55 19.23 -69.40
C PHE G 333 41.25 18.03 -68.50
N VAL G 334 40.01 17.58 -68.50
CA VAL G 334 39.60 16.45 -67.66
C VAL G 334 40.20 15.15 -68.13
N LEU G 335 40.49 15.06 -69.42
CA LEU G 335 41.04 13.83 -69.94
C LEU G 335 42.57 13.71 -69.77
N HIS G 336 43.30 14.76 -70.10
CA HIS G 336 44.76 14.73 -70.00
C HIS G 336 45.36 15.28 -68.70
N SER G 337 44.55 15.90 -67.85
CA SER G 337 45.10 16.48 -66.61
C SER G 337 44.55 15.96 -65.30
N ILE G 338 43.34 15.39 -65.32
CA ILE G 338 42.71 14.86 -64.10
C ILE G 338 42.71 13.34 -64.10
N ALA G 339 42.10 12.75 -65.12
CA ALA G 339 42.04 11.29 -65.22
C ALA G 339 43.39 10.73 -65.67
N MET G 340 44.01 11.41 -66.63
CA MET G 340 45.29 10.98 -67.16
C MET G 340 45.17 9.51 -67.55
N THR G 341 44.40 9.28 -68.60
CA THR G 341 44.17 7.93 -69.11
C THR G 341 44.20 8.03 -70.64
N SER G 342 44.68 6.98 -71.30
CA SER G 342 44.73 6.95 -72.76
C SER G 342 43.34 7.11 -73.38
N GLU G 343 43.12 8.25 -74.06
CA GLU G 343 41.83 8.53 -74.70
C GLU G 343 41.35 7.43 -75.66
N THR G 344 42.14 7.16 -76.69
CA THR G 344 41.81 6.14 -77.68
C THR G 344 41.91 4.71 -77.15
N THR G 345 41.67 4.55 -75.85
CA THR G 345 41.73 3.22 -75.22
C THR G 345 40.79 3.12 -74.02
N SER G 346 40.95 4.06 -73.09
CA SER G 346 40.16 4.10 -71.86
C SER G 346 38.65 4.04 -72.03
N CYS G 347 38.01 3.34 -71.09
CA CYS G 347 36.56 3.16 -71.05
C CYS G 347 35.92 4.29 -70.26
N THR G 348 34.63 4.54 -70.49
CA THR G 348 33.92 5.60 -69.79
C THR G 348 34.05 5.46 -68.27
N VAL G 349 33.83 4.25 -67.76
CA VAL G 349 33.94 4.01 -66.32
C VAL G 349 35.39 4.21 -65.92
N ASP G 350 36.30 3.66 -66.72
CA ASP G 350 37.75 3.77 -66.49
C ASP G 350 38.10 5.22 -66.16
N GLY G 351 37.72 6.12 -67.06
CA GLY G 351 37.99 7.54 -66.88
C GLY G 351 37.35 8.12 -65.64
N LEU G 352 36.11 7.69 -65.37
CA LEU G 352 35.37 8.16 -64.21
C LEU G 352 36.11 7.77 -62.93
N LYS G 353 36.79 6.63 -62.98
CA LYS G 353 37.55 6.12 -61.83
C LYS G 353 38.76 6.99 -61.50
N ALA G 354 39.61 7.21 -62.51
CA ALA G 354 40.82 8.00 -62.38
C ALA G 354 40.53 9.43 -61.92
N THR G 355 39.40 9.98 -62.39
CA THR G 355 39.00 11.34 -62.04
C THR G 355 38.58 11.35 -60.59
N LYS G 356 37.76 10.37 -60.23
CA LYS G 356 37.26 10.25 -58.87
C LYS G 356 38.41 10.26 -57.87
N LYS G 357 39.30 9.28 -57.98
CA LYS G 357 40.41 9.16 -57.05
C LYS G 357 41.31 10.41 -57.00
N PHE G 358 41.54 11.01 -58.17
CA PHE G 358 42.37 12.22 -58.26
C PHE G 358 41.83 13.27 -57.31
N LEU G 359 40.52 13.49 -57.38
CA LEU G 359 39.85 14.47 -56.55
C LEU G 359 39.92 14.11 -55.08
N GLN G 360 39.96 12.82 -54.78
CA GLN G 360 39.98 12.36 -53.39
C GLN G 360 41.38 12.46 -52.77
N CYS G 361 42.40 12.25 -53.58
CA CYS G 361 43.77 12.32 -53.06
C CYS G 361 44.15 13.76 -52.76
N LEU G 362 43.57 14.68 -53.51
CA LEU G 362 43.85 16.10 -53.37
C LEU G 362 43.63 16.66 -51.96
N GLY G 363 44.69 17.21 -51.37
CA GLY G 363 44.61 17.78 -50.03
C GLY G 363 45.13 16.91 -48.90
N ARG G 364 45.32 15.61 -49.15
CA ARG G 364 45.80 14.73 -48.11
C ARG G 364 47.12 15.17 -47.49
N TYR G 365 48.15 15.39 -48.31
CA TYR G 365 49.45 15.82 -47.80
C TYR G 365 49.82 17.20 -48.34
N GLY G 366 49.23 17.58 -49.46
CA GLY G 366 49.50 18.87 -50.06
C GLY G 366 48.36 19.30 -50.97
N ASN G 367 48.59 20.35 -51.76
CA ASN G 367 47.58 20.87 -52.67
C ASN G 367 47.23 19.92 -53.83
N THR G 368 48.12 19.02 -54.20
CA THR G 368 47.84 18.08 -55.29
C THR G 368 47.78 16.68 -54.74
N PRO G 369 47.40 15.71 -55.56
CA PRO G 369 47.31 14.33 -55.08
C PRO G 369 48.58 13.48 -55.18
N PHE G 370 49.73 14.10 -55.43
CA PHE G 370 50.97 13.35 -55.62
C PHE G 370 52.13 13.58 -54.66
N LEU G 371 52.89 12.51 -54.43
CA LEU G 371 54.08 12.52 -53.58
C LEU G 371 55.21 11.86 -54.37
N PHE G 372 56.45 12.16 -53.99
CA PHE G 372 57.62 11.58 -54.66
C PHE G 372 58.65 11.24 -53.59
N PRO G 373 59.19 10.01 -53.61
CA PRO G 373 60.20 9.53 -52.65
C PRO G 373 61.58 10.15 -52.77
N LEU G 374 62.05 10.77 -51.69
CA LEU G 374 63.38 11.35 -51.72
C LEU G 374 64.40 10.28 -52.15
N TYR G 375 65.30 10.68 -53.04
CA TYR G 375 66.35 9.83 -53.61
C TYR G 375 65.83 9.00 -54.76
N GLY G 376 64.53 9.13 -55.06
CA GLY G 376 63.98 8.41 -56.20
C GLY G 376 63.06 7.23 -55.97
N GLN G 377 62.34 6.88 -57.04
CA GLN G 377 61.42 5.75 -57.06
C GLN G 377 62.20 4.45 -56.84
N GLY G 378 63.49 4.49 -57.17
CA GLY G 378 64.36 3.32 -57.04
C GLY G 378 64.59 2.87 -55.60
N GLU G 379 64.16 3.68 -54.65
CA GLU G 379 64.31 3.32 -53.23
C GLU G 379 63.23 2.29 -52.84
N LEU G 380 62.07 2.39 -53.49
CA LEU G 380 60.95 1.51 -53.19
C LEU G 380 61.23 0.01 -53.29
N PRO G 381 61.97 -0.43 -54.31
CA PRO G 381 62.18 -1.88 -54.31
C PRO G 381 63.03 -2.31 -53.11
N GLN G 382 64.00 -1.47 -52.74
CA GLN G 382 64.84 -1.84 -51.60
C GLN G 382 64.13 -1.80 -50.26
N CYS G 383 63.12 -0.95 -50.12
CA CYS G 383 62.37 -0.86 -48.86
C CYS G 383 61.65 -2.19 -48.60
N PHE G 384 60.95 -2.72 -49.61
CA PHE G 384 60.28 -4.01 -49.42
C PHE G 384 61.34 -5.12 -49.25
N CYS G 385 62.42 -5.06 -50.02
CA CYS G 385 63.46 -6.08 -49.85
C CYS G 385 63.93 -6.12 -48.41
N ARG G 386 64.05 -4.94 -47.78
CA ARG G 386 64.48 -4.91 -46.39
C ARG G 386 63.49 -5.67 -45.50
N MET G 387 62.19 -5.39 -45.66
CA MET G 387 61.20 -6.11 -44.87
C MET G 387 61.41 -7.59 -45.11
N CYS G 388 61.73 -7.98 -46.34
CA CYS G 388 61.93 -9.39 -46.60
C CYS G 388 63.14 -9.89 -45.82
N ALA G 389 64.24 -9.17 -45.94
CA ALA G 389 65.46 -9.54 -45.23
C ALA G 389 65.24 -9.57 -43.72
N VAL G 390 64.61 -8.53 -43.17
CA VAL G 390 64.35 -8.47 -41.73
C VAL G 390 63.61 -9.69 -41.20
N PHE G 391 62.82 -10.36 -42.04
CA PHE G 391 62.06 -11.48 -41.59
C PHE G 391 62.68 -12.86 -41.92
N GLY G 392 63.97 -12.88 -42.25
CA GLY G 392 64.64 -14.13 -42.53
C GLY G 392 65.05 -14.37 -43.97
N GLY G 393 64.57 -13.50 -44.86
CA GLY G 393 64.89 -13.63 -46.27
C GLY G 393 66.37 -13.59 -46.54
N ILE G 394 66.84 -14.41 -47.48
CA ILE G 394 68.24 -14.44 -47.80
C ILE G 394 68.50 -13.77 -49.14
N TYR G 395 69.51 -12.90 -49.14
CA TYR G 395 69.75 -12.11 -50.36
C TYR G 395 71.09 -12.40 -51.08
N CYS G 396 70.98 -12.47 -52.40
CA CYS G 396 72.15 -12.73 -53.23
C CYS G 396 72.16 -11.91 -54.50
N LEU G 397 73.03 -10.89 -54.53
CA LEU G 397 73.21 -10.05 -55.71
C LEU G 397 74.38 -10.70 -56.47
N ARG G 398 74.51 -10.36 -57.76
CA ARG G 398 75.59 -10.91 -58.57
C ARG G 398 75.48 -12.44 -58.55
N HIS G 399 74.25 -12.93 -58.46
CA HIS G 399 74.00 -14.36 -58.38
C HIS G 399 72.89 -14.80 -59.33
N SER G 400 73.28 -15.49 -60.40
CA SER G 400 72.26 -15.93 -61.34
C SER G 400 71.93 -17.41 -61.26
N VAL G 401 70.80 -17.76 -61.85
CA VAL G 401 70.33 -19.14 -61.87
C VAL G 401 70.46 -19.65 -63.31
N GLN G 402 70.95 -20.86 -63.47
CA GLN G 402 71.14 -21.42 -64.80
C GLN G 402 69.83 -21.92 -65.40
N CYS G 403 69.13 -22.73 -64.62
CA CYS G 403 67.89 -23.28 -65.13
C CYS G 403 66.96 -23.68 -64.03
N LEU G 404 65.77 -24.07 -64.48
CA LEU G 404 64.71 -24.56 -63.63
C LEU G 404 64.74 -26.08 -63.76
N VAL G 405 64.50 -26.78 -62.66
CA VAL G 405 64.48 -28.23 -62.63
C VAL G 405 63.03 -28.66 -62.46
N VAL G 406 62.58 -29.47 -63.43
CA VAL G 406 61.21 -29.96 -63.49
C VAL G 406 61.10 -31.47 -63.39
N ASP G 407 60.16 -31.93 -62.57
CA ASP G 407 59.89 -33.34 -62.37
C ASP G 407 59.09 -33.79 -63.60
N LYS G 408 59.68 -34.68 -64.39
CA LYS G 408 59.03 -35.18 -65.60
C LYS G 408 57.64 -35.73 -65.32
N GLU G 409 57.54 -36.50 -64.25
CA GLU G 409 56.30 -37.10 -63.84
C GLU G 409 55.24 -36.10 -63.36
N SER G 410 55.46 -35.47 -62.21
CA SER G 410 54.48 -34.53 -61.67
C SER G 410 54.37 -33.23 -62.47
N ARG G 411 55.40 -32.91 -63.24
CA ARG G 411 55.41 -31.69 -64.08
C ARG G 411 55.64 -30.40 -63.28
N LYS G 412 55.87 -30.55 -61.98
CA LYS G 412 56.13 -29.41 -61.13
C LYS G 412 57.61 -29.05 -61.08
N CYS G 413 57.89 -27.81 -60.73
CA CYS G 413 59.27 -27.36 -60.60
C CYS G 413 59.80 -27.84 -59.25
N LYS G 414 60.96 -28.49 -59.23
CA LYS G 414 61.54 -28.99 -57.97
C LYS G 414 62.61 -28.09 -57.38
N ALA G 415 63.36 -27.40 -58.24
CA ALA G 415 64.45 -26.58 -57.79
C ALA G 415 65.06 -25.73 -58.92
N VAL G 416 66.16 -25.09 -58.64
CA VAL G 416 66.89 -24.30 -59.61
C VAL G 416 68.33 -24.77 -59.49
N ILE G 417 69.17 -24.40 -60.40
CA ILE G 417 70.57 -24.71 -60.36
C ILE G 417 71.20 -23.37 -60.62
N ASP G 418 71.86 -22.80 -59.63
CA ASP G 418 72.45 -21.49 -59.83
C ASP G 418 73.74 -21.57 -60.62
N GLN G 419 74.43 -20.43 -60.73
CA GLN G 419 75.68 -20.35 -61.49
C GLN G 419 76.84 -21.16 -60.92
N PHE G 420 76.75 -21.60 -59.67
CA PHE G 420 77.85 -22.37 -59.10
C PHE G 420 77.54 -23.88 -59.05
N GLY G 421 76.52 -24.29 -59.82
CA GLY G 421 76.13 -25.69 -59.90
C GLY G 421 75.38 -26.28 -58.71
N GLN G 422 74.87 -25.42 -57.82
CA GLN G 422 74.15 -25.88 -56.64
C GLN G 422 72.66 -26.07 -56.88
N ARG G 423 72.13 -27.23 -56.49
CA ARG G 423 70.71 -27.50 -56.63
C ARG G 423 70.03 -26.89 -55.40
N ILE G 424 69.04 -26.03 -55.63
CA ILE G 424 68.31 -25.42 -54.53
C ILE G 424 66.83 -25.72 -54.73
N ILE G 425 66.28 -26.48 -53.79
CA ILE G 425 64.89 -26.90 -53.79
C ILE G 425 63.96 -25.82 -53.25
N SER G 426 62.75 -25.76 -53.78
CA SER G 426 61.79 -24.79 -53.30
C SER G 426 60.39 -25.26 -53.63
N LYS G 427 59.39 -24.64 -53.01
CA LYS G 427 57.99 -24.98 -53.25
C LYS G 427 57.44 -24.05 -54.33
N HIS G 428 57.86 -22.79 -54.27
CA HIS G 428 57.39 -21.77 -55.19
C HIS G 428 58.53 -21.06 -55.88
N PHE G 429 58.32 -20.77 -57.15
CA PHE G 429 59.32 -20.13 -57.97
C PHE G 429 58.71 -18.87 -58.60
N ILE G 430 59.21 -17.70 -58.19
CA ILE G 430 58.74 -16.42 -58.73
C ILE G 430 59.89 -15.82 -59.53
N ILE G 431 59.64 -15.61 -60.82
CA ILE G 431 60.66 -15.12 -61.74
C ILE G 431 60.24 -13.88 -62.53
N GLU G 432 61.12 -12.89 -62.61
CA GLU G 432 60.74 -11.71 -63.36
C GLU G 432 60.93 -12.03 -64.83
N ASP G 433 60.01 -11.52 -65.65
CA ASP G 433 59.98 -11.73 -67.09
C ASP G 433 61.31 -11.72 -67.83
N SER G 434 62.16 -10.74 -67.57
CA SER G 434 63.42 -10.66 -68.29
C SER G 434 64.37 -11.84 -68.09
N TYR G 435 64.19 -12.62 -67.03
CA TYR G 435 65.08 -13.77 -66.82
C TYR G 435 64.60 -15.02 -67.54
N LEU G 436 63.52 -14.89 -68.32
CA LEU G 436 63.00 -16.03 -69.06
C LEU G 436 63.66 -16.14 -70.46
N SER G 437 63.82 -17.37 -70.93
CA SER G 437 64.45 -17.63 -72.22
C SER G 437 63.57 -17.22 -73.40
N GLU G 438 64.22 -16.98 -74.53
CA GLU G 438 63.53 -16.59 -75.73
C GLU G 438 62.48 -17.63 -76.03
N ASN G 439 62.88 -18.90 -75.97
CA ASN G 439 61.98 -20.00 -76.25
C ASN G 439 60.75 -19.96 -75.35
N THR G 440 60.97 -19.75 -74.06
CA THR G 440 59.89 -19.67 -73.09
C THR G 440 58.92 -18.55 -73.46
N CYS G 441 59.44 -17.49 -74.06
CA CYS G 441 58.63 -16.33 -74.41
C CYS G 441 58.33 -16.11 -75.89
N SER G 442 58.57 -17.13 -76.72
CA SER G 442 58.33 -16.98 -78.14
C SER G 442 56.95 -16.47 -78.55
N ARG G 443 55.90 -16.73 -77.76
CA ARG G 443 54.56 -16.25 -78.12
C ARG G 443 54.16 -14.99 -77.38
N VAL G 444 54.99 -14.55 -76.44
CA VAL G 444 54.71 -13.33 -75.68
C VAL G 444 54.77 -12.12 -76.60
N GLN G 445 53.75 -11.28 -76.53
CA GLN G 445 53.68 -10.07 -77.36
C GLN G 445 53.95 -8.83 -76.51
N TYR G 446 55.21 -8.44 -76.42
CA TYR G 446 55.56 -7.30 -75.59
C TYR G 446 55.17 -5.94 -76.14
N ARG G 447 55.12 -4.96 -75.24
CA ARG G 447 54.85 -3.60 -75.61
C ARG G 447 56.12 -2.85 -75.21
N GLN G 448 56.20 -1.57 -75.54
CA GLN G 448 57.41 -0.83 -75.22
C GLN G 448 57.08 0.50 -74.58
N ILE G 449 57.99 0.95 -73.71
CA ILE G 449 57.85 2.22 -73.03
C ILE G 449 58.92 3.17 -73.59
N SER G 450 58.54 4.43 -73.82
CA SER G 450 59.51 5.41 -74.33
C SER G 450 59.94 6.29 -73.17
N ARG G 451 61.23 6.32 -72.90
CA ARG G 451 61.74 7.10 -71.79
C ARG G 451 62.78 8.12 -72.19
N ALA G 452 62.83 9.20 -71.41
CA ALA G 452 63.79 10.24 -71.64
C ALA G 452 64.15 10.84 -70.29
N VAL G 453 65.44 11.04 -70.08
CA VAL G 453 65.92 11.64 -68.84
C VAL G 453 66.70 12.87 -69.25
N LEU G 454 66.41 13.98 -68.60
CA LEU G 454 67.07 15.22 -68.97
C LEU G 454 67.63 15.96 -67.76
N ILE G 455 68.80 16.57 -67.93
CA ILE G 455 69.39 17.38 -66.87
C ILE G 455 69.33 18.82 -67.41
N THR G 456 68.60 19.68 -66.70
CA THR G 456 68.43 21.05 -67.13
C THR G 456 68.92 22.04 -66.08
N ASP G 457 68.88 23.32 -66.40
CA ASP G 457 69.32 24.32 -65.45
C ASP G 457 68.20 25.29 -65.02
N GLY G 458 66.95 24.93 -65.29
CA GLY G 458 65.84 25.78 -64.89
C GLY G 458 64.49 25.09 -65.08
N SER G 459 63.50 25.50 -64.29
CA SER G 459 62.17 24.90 -64.37
C SER G 459 61.45 25.18 -65.65
N VAL G 460 60.58 24.27 -66.09
CA VAL G 460 59.83 24.49 -67.32
C VAL G 460 58.94 25.70 -67.14
N LEU G 461 58.78 26.14 -65.90
CA LEU G 461 57.95 27.30 -65.60
C LEU G 461 58.65 28.07 -64.49
N ARG G 462 59.39 29.12 -64.84
CA ARG G 462 60.12 29.89 -63.84
C ARG G 462 59.27 30.43 -62.70
N THR G 463 59.85 30.43 -61.50
CA THR G 463 59.20 30.95 -60.30
C THR G 463 60.25 31.26 -59.23
N ASP G 464 59.82 31.94 -58.17
CA ASP G 464 60.74 32.27 -57.10
C ASP G 464 61.02 30.98 -56.32
N ALA G 465 59.96 30.23 -56.04
CA ALA G 465 60.11 28.96 -55.33
C ALA G 465 60.63 27.93 -56.32
N ASP G 466 61.95 27.89 -56.48
CA ASP G 466 62.58 26.96 -57.42
C ASP G 466 62.46 25.48 -57.03
N GLN G 467 62.52 25.20 -55.74
CA GLN G 467 62.43 23.83 -55.24
C GLN G 467 61.01 23.25 -55.27
N GLN G 468 60.59 22.80 -56.44
CA GLN G 468 59.26 22.24 -56.59
C GLN G 468 59.25 21.07 -57.55
N VAL G 469 58.35 20.13 -57.31
CA VAL G 469 58.20 18.99 -58.18
C VAL G 469 56.92 19.24 -58.94
N SER G 470 56.95 19.08 -60.26
CA SER G 470 55.76 19.32 -61.06
C SER G 470 55.52 18.21 -62.07
N ILE G 471 54.29 18.10 -62.53
CA ILE G 471 53.97 17.13 -63.55
C ILE G 471 53.24 17.86 -64.68
N LEU G 472 53.72 17.62 -65.89
CA LEU G 472 53.17 18.24 -67.08
C LEU G 472 52.72 17.15 -68.04
N THR G 473 51.60 17.39 -68.70
CA THR G 473 51.07 16.44 -69.67
C THR G 473 51.09 17.06 -71.06
N VAL G 474 51.49 16.28 -72.06
CA VAL G 474 51.56 16.75 -73.43
C VAL G 474 50.85 15.71 -74.29
N PRO G 475 49.60 16.00 -74.69
CA PRO G 475 48.79 15.10 -75.52
C PRO G 475 49.41 14.78 -76.88
N ALA G 476 49.14 13.58 -77.38
CA ALA G 476 49.65 13.15 -78.67
C ALA G 476 49.13 14.12 -79.74
N GLU G 477 49.87 14.26 -80.84
CA GLU G 477 49.46 15.14 -81.93
C GLU G 477 49.43 14.36 -83.24
N GLU G 478 49.63 13.06 -83.17
CA GLU G 478 49.65 12.23 -84.36
C GLU G 478 48.86 10.94 -84.21
N PRO G 479 48.34 10.40 -85.33
CA PRO G 479 47.58 9.16 -85.22
C PRO G 479 48.46 7.98 -84.83
N GLY G 480 48.15 7.34 -83.70
CA GLY G 480 48.93 6.20 -83.27
C GLY G 480 49.91 6.51 -82.15
N SER G 481 49.89 7.74 -81.66
CA SER G 481 50.77 8.13 -80.58
C SER G 481 50.02 8.20 -79.26
N PHE G 482 50.76 8.33 -78.16
CA PHE G 482 50.14 8.40 -76.85
C PHE G 482 50.57 9.62 -76.06
N ALA G 483 49.79 9.93 -75.03
CA ALA G 483 50.06 11.07 -74.17
C ALA G 483 51.46 10.95 -73.57
N VAL G 484 52.16 12.08 -73.51
CA VAL G 484 53.51 12.09 -72.96
C VAL G 484 53.50 12.72 -71.58
N ARG G 485 54.06 12.00 -70.61
CA ARG G 485 54.13 12.47 -69.23
C ARG G 485 55.48 13.12 -68.93
N VAL G 486 55.46 14.32 -68.37
CA VAL G 486 56.70 15.01 -68.05
C VAL G 486 56.76 15.34 -66.57
N ILE G 487 57.69 14.72 -65.84
CA ILE G 487 57.84 14.97 -64.42
C ILE G 487 59.14 15.74 -64.15
N GLU G 488 59.02 16.88 -63.49
CA GLU G 488 60.18 17.71 -63.18
C GLU G 488 60.60 17.60 -61.73
N LEU G 489 61.81 17.11 -61.49
CA LEU G 489 62.32 16.96 -60.12
C LEU G 489 63.39 18.00 -59.80
N CYS G 490 63.32 18.57 -58.60
CA CYS G 490 64.29 19.59 -58.16
C CYS G 490 65.33 18.97 -57.25
N SER G 491 66.46 19.65 -57.08
CA SER G 491 67.55 19.14 -56.24
C SER G 491 67.10 18.66 -54.86
N SER G 492 66.02 19.23 -54.32
CA SER G 492 65.49 18.84 -53.02
C SER G 492 65.14 17.35 -52.98
N THR G 493 64.53 16.84 -54.04
CA THR G 493 64.17 15.42 -54.11
C THR G 493 65.41 14.55 -53.90
N MET G 494 66.58 15.17 -54.01
CA MET G 494 67.86 14.52 -53.86
C MET G 494 68.10 13.57 -55.02
N THR G 495 67.57 13.90 -56.20
CA THR G 495 67.79 13.06 -57.37
C THR G 495 68.79 13.73 -58.32
N CYS G 496 69.12 14.99 -58.04
CA CYS G 496 70.08 15.73 -58.88
C CYS G 496 70.81 16.84 -58.09
N MET G 497 71.95 17.27 -58.61
CA MET G 497 72.80 18.29 -57.98
C MET G 497 72.13 19.66 -57.97
N LYS G 498 72.58 20.56 -57.10
CA LYS G 498 71.97 21.89 -57.06
C LYS G 498 72.30 22.60 -58.37
N GLY G 499 71.38 23.46 -58.81
CA GLY G 499 71.61 24.18 -60.05
C GLY G 499 70.98 23.46 -61.23
N THR G 500 70.58 22.20 -61.02
CA THR G 500 69.92 21.43 -62.07
C THR G 500 68.54 20.96 -61.64
N TYR G 501 67.88 20.36 -62.59
CA TYR G 501 66.59 19.77 -62.45
C TYR G 501 66.67 18.46 -63.19
N LEU G 502 65.97 17.43 -62.77
CA LEU G 502 66.01 16.16 -63.50
C LEU G 502 64.61 16.01 -64.08
N VAL G 503 64.47 16.07 -65.38
CA VAL G 503 63.14 15.96 -65.96
C VAL G 503 63.00 14.61 -66.66
N HIS G 504 61.90 13.92 -66.39
CA HIS G 504 61.60 12.63 -67.01
C HIS G 504 60.44 12.67 -67.96
N LEU G 505 60.53 11.96 -69.09
CA LEU G 505 59.45 11.90 -70.07
C LEU G 505 59.13 10.42 -70.32
N THR G 506 57.85 10.10 -70.29
CA THR G 506 57.37 8.73 -70.47
C THR G 506 56.08 8.67 -71.28
N CYS G 507 55.94 7.62 -72.09
CA CYS G 507 54.76 7.40 -72.91
C CYS G 507 54.84 6.00 -73.52
N MET G 508 53.68 5.45 -73.93
CA MET G 508 53.66 4.17 -74.60
C MET G 508 54.34 4.42 -75.92
N SER G 509 55.24 3.53 -76.32
CA SER G 509 55.97 3.74 -77.57
C SER G 509 55.19 3.57 -78.84
N SER G 510 55.57 4.31 -79.85
CA SER G 510 55.03 4.19 -81.18
C SER G 510 56.21 3.71 -81.98
N LYS G 511 57.25 4.50 -81.97
CA LYS G 511 58.49 4.16 -82.65
C LYS G 511 59.59 4.20 -81.58
N THR G 512 60.79 4.69 -81.91
CA THR G 512 61.87 4.75 -80.91
C THR G 512 61.59 5.83 -79.90
N ALA G 513 62.25 5.71 -78.75
CA ALA G 513 62.09 6.68 -77.68
C ALA G 513 62.33 8.09 -78.20
N ARG G 514 63.37 8.25 -79.00
CA ARG G 514 63.72 9.55 -79.55
C ARG G 514 62.66 10.10 -80.49
N GLU G 515 62.28 9.29 -81.49
CA GLU G 515 61.25 9.71 -82.43
C GLU G 515 59.96 10.06 -81.71
N ASP G 516 59.71 9.41 -80.58
CA ASP G 516 58.50 9.64 -79.79
C ASP G 516 58.58 10.80 -78.81
N LEU G 517 59.80 11.16 -78.40
CA LEU G 517 59.91 12.18 -77.35
C LEU G 517 60.68 13.45 -77.65
N GLU G 518 61.61 13.42 -78.62
CA GLU G 518 62.40 14.59 -78.91
C GLU G 518 61.56 15.83 -79.18
N ARG G 519 60.48 15.67 -79.93
CA ARG G 519 59.60 16.80 -80.22
C ARG G 519 59.19 17.52 -78.94
N VAL G 520 58.76 16.76 -77.94
CA VAL G 520 58.33 17.34 -76.68
C VAL G 520 59.51 17.98 -75.96
N VAL G 521 60.70 17.40 -76.10
CA VAL G 521 61.89 17.93 -75.45
C VAL G 521 62.30 19.28 -76.04
N GLN G 522 62.41 19.33 -77.37
CA GLN G 522 62.80 20.55 -78.06
C GLN G 522 61.77 21.65 -77.84
N LYS G 523 60.54 21.24 -77.58
CA LYS G 523 59.44 22.15 -77.34
C LYS G 523 59.54 22.79 -75.95
N LEU G 524 60.12 22.07 -75.00
CA LEU G 524 60.26 22.58 -73.64
C LEU G 524 61.64 23.11 -73.32
N PHE G 525 62.65 22.62 -74.03
CA PHE G 525 64.04 23.02 -73.75
C PHE G 525 64.92 23.40 -74.94
N THR G 526 65.94 24.19 -74.64
CA THR G 526 66.89 24.61 -75.65
C THR G 526 68.23 23.97 -75.32
N PRO G 527 68.78 23.18 -76.25
CA PRO G 527 70.07 22.55 -75.96
C PRO G 527 71.08 23.63 -75.60
N TYR G 528 72.03 23.29 -74.74
CA TYR G 528 73.05 24.22 -74.32
C TYR G 528 73.97 24.65 -75.47
N THR G 529 74.29 25.92 -75.50
CA THR G 529 75.13 26.64 -76.46
C THR G 529 75.65 27.81 -75.69
N GLU G 530 76.58 28.59 -76.24
CA GLU G 530 77.07 29.75 -75.48
C GLU G 530 76.82 31.07 -76.24
N GLU G 539 64.51 32.38 -72.34
CA GLU G 539 63.15 31.92 -72.58
C GLU G 539 62.95 30.48 -72.04
N LYS G 540 63.42 29.49 -72.79
CA LYS G 540 63.31 28.10 -72.38
C LYS G 540 64.54 27.67 -71.58
N PRO G 541 64.38 26.73 -70.66
CA PRO G 541 65.53 26.27 -69.88
C PRO G 541 66.53 25.57 -70.78
N ARG G 542 67.78 25.55 -70.34
CA ARG G 542 68.83 24.91 -71.11
C ARG G 542 68.90 23.41 -70.82
N LEU G 543 69.07 22.63 -71.88
CA LEU G 543 69.17 21.18 -71.77
C LEU G 543 70.68 20.87 -71.71
N LEU G 544 71.13 20.33 -70.59
CA LEU G 544 72.55 20.02 -70.40
C LEU G 544 72.92 18.63 -70.88
N TRP G 545 72.14 17.64 -70.47
CA TRP G 545 72.38 16.26 -70.85
C TRP G 545 71.04 15.58 -71.09
N ALA G 546 71.01 14.64 -72.03
CA ALA G 546 69.77 13.93 -72.36
C ALA G 546 70.01 12.47 -72.73
N LEU G 547 69.10 11.62 -72.28
CA LEU G 547 69.17 10.20 -72.60
C LEU G 547 67.79 9.78 -73.07
N TYR G 548 67.75 8.91 -74.07
CA TYR G 548 66.50 8.37 -74.57
C TYR G 548 66.68 6.86 -74.65
N PHE G 549 65.65 6.11 -74.28
CA PHE G 549 65.69 4.65 -74.37
C PHE G 549 64.30 4.05 -74.31
N ASN G 550 64.16 2.88 -74.94
CA ASN G 550 62.91 2.14 -74.93
C ASN G 550 63.06 0.97 -73.96
N MET G 551 62.07 0.82 -73.08
CA MET G 551 62.07 -0.28 -72.12
C MET G 551 60.93 -1.25 -72.42
N ARG G 552 61.21 -2.55 -72.38
CA ARG G 552 60.19 -3.56 -72.61
C ARG G 552 59.04 -3.39 -71.62
N ASP G 553 57.82 -3.43 -72.13
CA ASP G 553 56.63 -3.34 -71.29
C ASP G 553 56.02 -4.74 -71.31
N SER G 554 56.18 -5.46 -70.20
CA SER G 554 55.69 -6.82 -70.07
C SER G 554 54.49 -6.96 -69.12
N SER G 555 53.95 -5.82 -68.69
CA SER G 555 52.80 -5.83 -67.77
C SER G 555 51.52 -6.33 -68.46
N ASP G 556 50.58 -6.83 -67.67
CA ASP G 556 49.32 -7.34 -68.19
C ASP G 556 49.47 -8.43 -69.26
N ILE G 557 50.39 -9.36 -69.02
CA ILE G 557 50.59 -10.46 -69.95
C ILE G 557 50.14 -11.71 -69.24
N SER G 558 49.23 -12.45 -69.87
CA SER G 558 48.68 -13.66 -69.27
C SER G 558 49.72 -14.77 -69.11
N ARG G 559 49.60 -15.50 -68.01
CA ARG G 559 50.50 -16.59 -67.69
C ARG G 559 50.62 -17.60 -68.82
N ASP G 560 49.52 -17.83 -69.54
CA ASP G 560 49.50 -18.82 -70.62
C ASP G 560 50.21 -18.44 -71.91
N CYS G 561 50.66 -17.20 -72.01
CA CYS G 561 51.38 -16.80 -73.22
C CYS G 561 52.78 -17.36 -73.14
N TYR G 562 53.20 -17.72 -71.92
CA TYR G 562 54.51 -18.30 -71.72
C TYR G 562 54.40 -19.80 -71.94
N ASN G 563 55.48 -20.43 -72.40
CA ASN G 563 55.46 -21.86 -72.66
C ASN G 563 56.06 -22.76 -71.60
N ASP G 564 55.39 -23.88 -71.37
CA ASP G 564 55.83 -24.95 -70.51
C ASP G 564 56.35 -24.58 -69.10
N LEU G 565 55.73 -23.60 -68.45
CA LEU G 565 56.15 -23.25 -67.10
C LEU G 565 55.26 -23.99 -66.12
N PRO G 566 55.86 -24.74 -65.18
CA PRO G 566 55.06 -25.47 -64.20
C PRO G 566 54.13 -24.51 -63.47
N SER G 567 53.06 -25.04 -62.87
CA SER G 567 52.10 -24.20 -62.18
C SER G 567 52.61 -23.59 -60.86
N ASN G 568 53.77 -24.05 -60.38
CA ASN G 568 54.32 -23.49 -59.14
C ASN G 568 55.47 -22.54 -59.52
N VAL G 569 55.47 -22.13 -60.78
CA VAL G 569 56.44 -21.18 -61.28
C VAL G 569 55.62 -19.93 -61.63
N TYR G 570 55.89 -18.82 -60.96
CA TYR G 570 55.15 -17.59 -61.20
C TYR G 570 55.98 -16.51 -61.92
N VAL G 571 55.31 -15.70 -62.72
CA VAL G 571 55.99 -14.66 -63.48
C VAL G 571 55.61 -13.25 -63.07
N CYS G 572 56.63 -12.40 -62.93
CA CYS G 572 56.41 -11.01 -62.57
C CYS G 572 56.79 -10.15 -63.77
N SER G 573 55.99 -9.13 -64.04
CA SER G 573 56.28 -8.24 -65.14
C SER G 573 57.27 -7.17 -64.67
N GLY G 574 57.72 -6.36 -65.60
CA GLY G 574 58.59 -5.26 -65.25
C GLY G 574 57.67 -4.07 -65.01
N PRO G 575 58.16 -2.85 -65.20
CA PRO G 575 57.26 -1.71 -64.98
C PRO G 575 56.33 -1.46 -66.16
N ASP G 576 55.24 -0.77 -65.88
CA ASP G 576 54.27 -0.42 -66.90
C ASP G 576 54.47 1.07 -67.17
N SER G 577 53.76 1.60 -68.16
CA SER G 577 53.87 3.00 -68.53
C SER G 577 52.96 3.95 -67.76
N GLY G 578 52.12 3.41 -66.87
CA GLY G 578 51.20 4.28 -66.14
C GLY G 578 51.85 5.17 -65.10
N LEU G 579 51.12 6.17 -64.61
CA LEU G 579 51.64 7.09 -63.60
C LEU G 579 51.99 6.47 -62.24
N GLY G 580 51.16 5.52 -61.78
CA GLY G 580 51.38 4.90 -60.49
C GLY G 580 51.85 3.45 -60.47
N ASN G 581 51.96 2.92 -59.26
CA ASN G 581 52.42 1.54 -59.04
C ASN G 581 51.32 0.48 -58.85
N ASP G 582 50.06 0.83 -59.11
CA ASP G 582 48.98 -0.14 -58.94
C ASP G 582 49.29 -1.48 -59.59
N ASN G 583 49.85 -1.48 -60.79
CA ASN G 583 50.14 -2.75 -61.43
C ASN G 583 51.13 -3.60 -60.65
N ALA G 584 52.14 -2.98 -60.06
CA ALA G 584 53.12 -3.72 -59.28
C ALA G 584 52.46 -4.33 -58.05
N VAL G 585 51.71 -3.51 -57.32
CA VAL G 585 51.06 -4.01 -56.12
C VAL G 585 50.02 -5.09 -56.39
N LYS G 586 49.21 -4.90 -57.41
CA LYS G 586 48.17 -5.87 -57.76
C LYS G 586 48.68 -7.27 -58.12
N GLN G 587 49.76 -7.37 -58.90
CA GLN G 587 50.24 -8.70 -59.26
C GLN G 587 50.87 -9.41 -58.09
N ALA G 588 51.42 -8.63 -57.16
CA ALA G 588 52.07 -9.17 -55.97
C ALA G 588 51.02 -9.80 -55.05
N GLU G 589 49.98 -9.02 -54.80
CA GLU G 589 48.89 -9.46 -53.95
C GLU G 589 48.19 -10.69 -54.57
N THR G 590 48.01 -10.68 -55.88
CA THR G 590 47.39 -11.80 -56.57
C THR G 590 48.24 -13.04 -56.35
N LEU G 591 49.56 -12.87 -56.45
CA LEU G 591 50.49 -13.96 -56.26
C LEU G 591 50.50 -14.44 -54.81
N PHE G 592 50.39 -13.51 -53.88
CA PHE G 592 50.38 -13.85 -52.47
C PHE G 592 49.17 -14.69 -52.14
N GLN G 593 48.07 -14.40 -52.80
CA GLN G 593 46.85 -15.15 -52.56
C GLN G 593 46.99 -16.55 -53.10
N GLN G 594 47.86 -16.75 -54.08
CA GLN G 594 48.07 -18.07 -54.66
C GLN G 594 49.04 -18.90 -53.82
N ILE G 595 50.04 -18.23 -53.25
CA ILE G 595 51.06 -18.91 -52.45
C ILE G 595 50.70 -19.07 -50.98
N CYS G 596 50.05 -18.05 -50.41
CA CYS G 596 49.65 -18.10 -49.00
C CYS G 596 48.21 -17.65 -48.86
N PRO G 597 47.28 -18.45 -49.38
CA PRO G 597 45.85 -18.11 -49.30
C PRO G 597 45.42 -17.84 -47.88
N ASN G 598 44.40 -17.01 -47.72
CA ASN G 598 43.87 -16.70 -46.38
C ASN G 598 44.93 -16.15 -45.46
N GLU G 599 45.91 -15.44 -46.02
CA GLU G 599 46.94 -14.86 -45.19
C GLU G 599 46.92 -13.35 -45.38
N ASP G 600 47.27 -12.65 -44.31
CA ASP G 600 47.31 -11.20 -44.33
C ASP G 600 48.46 -10.77 -45.23
N PHE G 601 48.18 -9.87 -46.16
CA PHE G 601 49.17 -9.38 -47.10
C PHE G 601 50.03 -8.24 -46.51
N CYS G 602 51.27 -8.58 -46.14
CA CYS G 602 52.24 -7.64 -45.57
C CYS G 602 51.84 -6.93 -44.28
N PRO G 603 51.44 -7.67 -43.23
CA PRO G 603 51.07 -6.96 -42.00
C PRO G 603 52.32 -6.31 -41.40
N ALA G 604 52.16 -5.14 -40.79
CA ALA G 604 53.29 -4.46 -40.16
C ALA G 604 53.94 -5.37 -39.13
N PRO G 605 55.27 -5.30 -39.03
CA PRO G 605 55.89 -6.16 -38.02
C PRO G 605 55.42 -5.60 -36.70
N PRO G 606 55.14 -6.47 -35.72
CA PRO G 606 54.65 -6.08 -34.40
C PRO G 606 55.72 -5.54 -33.44
N ASN G 607 55.91 -4.23 -33.41
CA ASN G 607 56.89 -3.61 -32.51
C ASN G 607 56.56 -4.06 -31.08
N PRO G 608 57.43 -4.90 -30.48
CA PRO G 608 57.26 -5.42 -29.13
C PRO G 608 57.29 -4.40 -27.97
N GLU G 609 57.75 -3.19 -28.24
CA GLU G 609 57.80 -2.15 -27.21
C GLU G 609 56.44 -1.50 -26.92
N ASP G 610 55.42 -1.82 -27.71
CA ASP G 610 54.07 -1.29 -27.52
C ASP G 610 53.42 -1.94 -26.31
N ILE G 611 53.95 -3.12 -25.95
CA ILE G 611 53.45 -3.88 -24.81
C ILE G 611 54.26 -3.45 -23.60
N VAL G 612 53.62 -2.75 -22.67
CA VAL G 612 54.27 -2.26 -21.45
C VAL G 612 54.29 -3.28 -20.30
N LEU G 613 55.46 -3.52 -19.75
CA LEU G 613 55.59 -4.46 -18.63
C LEU G 613 55.42 -3.70 -17.33
N ASP G 614 54.88 -4.38 -16.31
CA ASP G 614 54.62 -3.74 -15.02
C ASP G 614 55.75 -2.87 -14.52
N GLY G 615 55.46 -1.57 -14.52
CA GLY G 615 56.37 -0.54 -14.10
C GLY G 615 55.85 0.75 -14.73
N LYS H 6 66.60 18.85 -31.18
CA LYS H 6 66.02 17.77 -32.01
C LYS H 6 66.94 17.39 -33.19
N VAL H 7 67.85 16.45 -32.97
CA VAL H 7 68.77 16.05 -34.03
C VAL H 7 68.81 14.52 -34.15
N LEU H 8 68.47 13.98 -35.32
CA LEU H 8 68.48 12.53 -35.50
C LEU H 8 69.72 12.06 -36.26
N LEU H 9 70.51 11.21 -35.62
CA LEU H 9 71.75 10.71 -36.23
C LEU H 9 71.54 9.32 -36.78
N LYS H 10 71.96 9.10 -38.01
CA LYS H 10 71.82 7.80 -38.62
C LYS H 10 73.12 7.04 -38.52
N VAL H 11 73.08 5.93 -37.77
CA VAL H 11 74.24 5.09 -37.58
C VAL H 11 74.03 3.70 -38.18
N ILE H 12 75.01 3.22 -38.95
CA ILE H 12 74.90 1.87 -39.48
C ILE H 12 76.08 1.09 -38.91
N ILE H 13 75.97 -0.24 -38.91
CA ILE H 13 77.03 -1.09 -38.37
C ILE H 13 77.41 -2.11 -39.43
N LEU H 14 78.65 -2.00 -39.91
CA LEU H 14 79.17 -2.87 -40.96
C LEU H 14 80.19 -3.89 -40.46
N GLY H 15 80.38 -4.92 -41.27
CA GLY H 15 81.32 -5.99 -40.95
C GLY H 15 80.77 -7.32 -41.44
N ASP H 16 81.61 -8.35 -41.42
CA ASP H 16 81.19 -9.68 -41.84
C ASP H 16 80.15 -10.28 -40.86
N SER H 17 79.44 -11.30 -41.34
CA SER H 17 78.44 -12.03 -40.56
C SER H 17 79.14 -12.77 -39.43
N GLY H 18 78.49 -12.82 -38.28
CA GLY H 18 79.05 -13.51 -37.14
C GLY H 18 79.95 -12.70 -36.24
N VAL H 19 80.34 -11.50 -36.64
CA VAL H 19 81.22 -10.72 -35.77
C VAL H 19 80.46 -10.22 -34.55
N GLY H 20 79.12 -10.15 -34.66
CA GLY H 20 78.32 -9.68 -33.55
C GLY H 20 77.78 -8.26 -33.70
N LYS H 21 77.39 -7.90 -34.92
CA LYS H 21 76.88 -6.55 -35.12
C LYS H 21 75.51 -6.34 -34.46
N THR H 22 74.63 -7.31 -34.63
CA THR H 22 73.30 -7.25 -34.06
C THR H 22 73.35 -7.28 -32.52
N SER H 23 74.20 -8.13 -31.97
CA SER H 23 74.33 -8.22 -30.53
C SER H 23 74.84 -6.88 -29.95
N LEU H 24 75.84 -6.27 -30.59
CA LEU H 24 76.33 -4.99 -30.08
C LEU H 24 75.20 -3.94 -30.04
N MET H 25 74.42 -3.85 -31.10
CA MET H 25 73.30 -2.89 -31.14
C MET H 25 72.32 -3.18 -30.00
N ASN H 26 71.81 -4.41 -29.96
CA ASN H 26 70.88 -4.83 -28.92
C ASN H 26 71.46 -4.61 -27.50
N GLN H 27 72.78 -4.79 -27.35
CA GLN H 27 73.43 -4.60 -26.05
C GLN H 27 73.44 -3.13 -25.64
N TYR H 28 73.83 -2.25 -26.56
CA TYR H 28 73.86 -0.84 -26.27
C TYR H 28 72.48 -0.28 -25.97
N VAL H 29 71.53 -0.56 -26.86
CA VAL H 29 70.17 -0.04 -26.70
C VAL H 29 69.29 -0.75 -25.68
N ASN H 30 69.19 -2.06 -25.77
CA ASN H 30 68.34 -2.80 -24.85
C ASN H 30 69.07 -3.32 -23.62
N LYS H 31 70.38 -3.12 -23.56
CA LYS H 31 71.17 -3.57 -22.42
C LYS H 31 70.97 -5.04 -22.15
N LYS H 32 70.58 -5.78 -23.18
CA LYS H 32 70.33 -7.21 -23.07
C LYS H 32 71.14 -7.98 -24.13
N PHE H 33 71.48 -9.24 -23.81
CA PHE H 33 72.24 -10.09 -24.72
C PHE H 33 71.56 -11.45 -24.73
N SER H 34 71.07 -11.90 -25.88
CA SER H 34 70.39 -13.19 -25.92
C SER H 34 71.30 -14.35 -26.27
N ASN H 35 70.71 -15.55 -26.35
CA ASN H 35 71.43 -16.78 -26.68
C ASN H 35 70.40 -17.88 -26.97
N GLN H 36 69.27 -17.48 -27.59
CA GLN H 36 68.18 -18.40 -27.89
C GLN H 36 68.43 -19.37 -29.04
N TYR H 37 68.01 -18.96 -30.24
CA TYR H 37 68.18 -19.77 -31.45
C TYR H 37 67.47 -19.10 -32.61
N ILE H 41 66.25 -12.32 -34.70
CA ILE H 41 64.85 -12.70 -34.83
C ILE H 41 63.98 -11.48 -35.18
N GLY H 42 64.41 -10.73 -36.19
CA GLY H 42 63.68 -9.55 -36.62
C GLY H 42 64.39 -8.22 -36.33
N ALA H 43 65.72 -8.22 -36.34
CA ALA H 43 66.49 -7.01 -36.07
C ALA H 43 66.45 -6.05 -37.27
N ASP H 44 65.90 -4.85 -37.03
CA ASP H 44 65.75 -3.80 -38.06
C ASP H 44 66.59 -2.58 -37.64
N PHE H 45 66.06 -1.77 -36.74
CA PHE H 45 66.80 -0.64 -36.24
C PHE H 45 66.23 -0.22 -34.90
N LEU H 46 67.08 0.38 -34.07
CA LEU H 46 66.69 0.83 -32.76
C LEU H 46 67.05 2.30 -32.61
N THR H 47 66.24 3.05 -31.87
CA THR H 47 66.54 4.46 -31.67
C THR H 47 66.76 4.65 -30.17
N LYS H 48 67.66 5.55 -29.81
CA LYS H 48 67.95 5.81 -28.42
C LYS H 48 68.31 7.27 -28.18
N GLU H 49 67.71 7.85 -27.15
CA GLU H 49 67.97 9.23 -26.77
C GLU H 49 69.26 9.20 -25.96
N VAL H 50 70.26 9.93 -26.40
CA VAL H 50 71.53 9.97 -25.69
C VAL H 50 72.03 11.40 -25.61
N MET H 51 72.63 11.74 -24.48
CA MET H 51 73.18 13.08 -24.30
C MET H 51 74.62 13.07 -24.77
N VAL H 52 74.97 14.05 -25.59
CA VAL H 52 76.33 14.14 -26.10
C VAL H 52 76.91 15.52 -25.77
N ASP H 53 77.76 15.56 -24.74
CA ASP H 53 78.41 16.80 -24.31
C ASP H 53 77.40 17.94 -24.09
N ASP H 54 76.38 17.66 -23.28
CA ASP H 54 75.32 18.63 -22.95
C ASP H 54 74.18 18.70 -23.96
N ARG H 55 74.46 18.30 -25.19
CA ARG H 55 73.45 18.34 -26.26
C ARG H 55 72.63 17.04 -26.18
N LEU H 56 71.43 17.05 -26.73
CA LEU H 56 70.60 15.86 -26.70
C LEU H 56 70.27 15.44 -28.12
N VAL H 57 70.60 14.20 -28.44
CA VAL H 57 70.36 13.69 -29.78
C VAL H 57 69.75 12.28 -29.76
N THR H 58 69.16 11.89 -30.88
CA THR H 58 68.60 10.55 -30.99
C THR H 58 69.47 9.75 -31.95
N MET H 59 69.93 8.60 -31.49
CA MET H 59 70.73 7.74 -32.34
C MET H 59 69.79 6.70 -32.94
N GLN H 60 69.82 6.60 -34.26
CA GLN H 60 68.99 5.63 -34.97
C GLN H 60 70.00 4.67 -35.55
N ILE H 61 70.10 3.49 -34.96
CA ILE H 61 71.06 2.45 -35.37
C ILE H 61 70.47 1.40 -36.33
N TRP H 62 71.03 1.27 -37.52
CA TRP H 62 70.49 0.31 -38.49
C TRP H 62 71.20 -1.02 -38.61
N ASP H 63 70.44 -2.08 -38.42
CA ASP H 63 70.98 -3.41 -38.52
C ASP H 63 70.98 -3.78 -40.01
N THR H 64 71.90 -4.64 -40.39
CA THR H 64 72.03 -5.09 -41.77
C THR H 64 70.94 -6.09 -42.20
N ALA H 65 70.15 -6.56 -41.24
CA ALA H 65 69.10 -7.54 -41.52
C ALA H 65 69.66 -8.74 -42.27
N GLY H 66 70.87 -9.15 -41.89
CA GLY H 66 71.50 -10.30 -42.51
C GLY H 66 71.93 -10.17 -43.97
N GLN H 67 71.66 -9.04 -44.62
CA GLN H 67 72.03 -8.87 -46.02
C GLN H 67 73.55 -8.96 -46.34
N GLU H 68 74.38 -8.81 -45.32
CA GLU H 68 75.82 -8.90 -45.55
C GLU H 68 76.30 -10.36 -45.72
N ARG H 69 75.49 -11.34 -45.32
CA ARG H 69 75.88 -12.76 -45.45
C ARG H 69 76.46 -13.09 -46.82
N PHE H 70 75.88 -12.54 -47.89
CA PHE H 70 76.39 -12.77 -49.23
C PHE H 70 76.72 -11.43 -49.87
N GLN H 71 77.23 -10.54 -49.02
CA GLN H 71 77.66 -9.21 -49.42
C GLN H 71 76.68 -8.52 -50.37
N SER H 72 75.43 -8.39 -49.93
CA SER H 72 74.41 -7.76 -50.76
C SER H 72 73.71 -6.60 -50.11
N LEU H 73 74.47 -5.72 -49.46
CA LEU H 73 73.84 -4.55 -48.88
C LEU H 73 73.65 -3.55 -50.02
N GLY H 74 72.42 -3.07 -50.22
CA GLY H 74 72.14 -2.12 -51.29
C GLY H 74 72.53 -0.69 -50.94
N VAL H 75 72.34 0.21 -51.89
CA VAL H 75 72.71 1.60 -51.66
C VAL H 75 71.79 2.32 -50.64
N ALA H 76 70.50 2.00 -50.66
CA ALA H 76 69.55 2.64 -49.75
C ALA H 76 69.96 2.50 -48.28
N PHE H 77 70.65 1.41 -47.96
CA PHE H 77 71.09 1.16 -46.59
C PHE H 77 72.14 2.17 -46.13
N TYR H 78 72.94 2.68 -47.06
CA TYR H 78 73.98 3.63 -46.70
C TYR H 78 73.56 5.12 -46.73
N ARG H 79 72.65 5.49 -47.63
CA ARG H 79 72.23 6.89 -47.73
C ARG H 79 72.10 7.66 -46.42
N GLY H 80 72.80 8.78 -46.35
CA GLY H 80 72.72 9.65 -45.19
C GLY H 80 73.36 9.18 -43.90
N ALA H 81 74.30 8.24 -43.97
CA ALA H 81 74.95 7.75 -42.75
C ALA H 81 75.74 8.88 -42.07
N ASP H 82 75.58 9.02 -40.76
CA ASP H 82 76.32 10.06 -40.04
C ASP H 82 77.53 9.44 -39.35
N CYS H 83 77.52 8.12 -39.23
CA CYS H 83 78.64 7.37 -38.67
C CYS H 83 78.54 5.90 -39.04
N CYS H 84 79.69 5.33 -39.37
CA CYS H 84 79.78 3.95 -39.77
C CYS H 84 80.69 3.18 -38.81
N VAL H 85 80.09 2.23 -38.10
CA VAL H 85 80.80 1.37 -37.17
C VAL H 85 81.29 0.12 -37.91
N LEU H 86 82.61 -0.07 -37.93
CA LEU H 86 83.23 -1.23 -38.57
C LEU H 86 83.51 -2.24 -37.47
N VAL H 87 82.95 -3.43 -37.59
CA VAL H 87 83.11 -4.46 -36.57
C VAL H 87 83.81 -5.73 -37.04
N PHE H 88 84.67 -6.29 -36.20
CA PHE H 88 85.34 -7.56 -36.52
C PHE H 88 85.35 -8.46 -35.28
N ASP H 89 85.67 -9.74 -35.47
CA ASP H 89 85.73 -10.73 -34.38
C ASP H 89 87.22 -11.02 -34.08
N VAL H 90 87.71 -10.57 -32.93
CA VAL H 90 89.12 -10.79 -32.58
C VAL H 90 89.52 -12.27 -32.56
N THR H 91 88.58 -13.18 -32.77
CA THR H 91 88.91 -14.59 -32.79
C THR H 91 88.97 -15.10 -34.22
N ALA H 92 88.58 -14.26 -35.17
CA ALA H 92 88.58 -14.64 -36.58
C ALA H 92 89.34 -13.61 -37.43
N PRO H 93 90.63 -13.87 -37.70
CA PRO H 93 91.48 -12.98 -38.49
C PRO H 93 90.87 -12.47 -39.78
N ASN H 94 90.12 -13.31 -40.49
CA ASN H 94 89.54 -12.89 -41.76
C ASN H 94 88.50 -11.79 -41.60
N THR H 95 87.75 -11.78 -40.51
CA THR H 95 86.76 -10.73 -40.30
C THR H 95 87.47 -9.39 -40.14
N PHE H 96 88.75 -9.43 -39.76
CA PHE H 96 89.56 -8.22 -39.60
C PHE H 96 90.20 -7.82 -40.93
N LYS H 97 90.52 -8.80 -41.77
CA LYS H 97 91.13 -8.52 -43.07
C LYS H 97 90.14 -7.87 -44.03
N THR H 98 88.86 -8.12 -43.81
CA THR H 98 87.82 -7.55 -44.68
C THR H 98 87.49 -6.10 -44.38
N LEU H 99 88.01 -5.58 -43.26
CA LEU H 99 87.75 -4.21 -42.85
C LEU H 99 87.96 -3.17 -43.95
N ASP H 100 89.04 -3.28 -44.70
CA ASP H 100 89.27 -2.31 -45.78
C ASP H 100 88.14 -2.37 -46.80
N SER H 101 87.76 -3.58 -47.20
CA SER H 101 86.69 -3.78 -48.16
C SER H 101 85.36 -3.18 -47.71
N TRP H 102 85.00 -3.35 -46.44
CA TRP H 102 83.76 -2.77 -45.97
C TRP H 102 83.89 -1.25 -45.95
N ARG H 103 85.05 -0.75 -45.54
CA ARG H 103 85.27 0.68 -45.51
C ARG H 103 85.22 1.23 -46.94
N ASP H 104 85.75 0.49 -47.90
CA ASP H 104 85.71 0.98 -49.27
C ASP H 104 84.27 1.03 -49.77
N GLU H 105 83.53 -0.06 -49.53
CA GLU H 105 82.13 -0.16 -49.96
C GLU H 105 81.27 0.96 -49.42
N PHE H 106 81.50 1.33 -48.19
CA PHE H 106 80.73 2.39 -47.57
C PHE H 106 81.01 3.72 -48.29
N LEU H 107 82.28 3.99 -48.56
CA LEU H 107 82.61 5.23 -49.23
C LEU H 107 81.99 5.33 -50.62
N ILE H 108 82.02 4.22 -51.36
CA ILE H 108 81.43 4.16 -52.69
C ILE H 108 79.90 4.25 -52.58
N GLN H 109 79.31 3.42 -51.72
CA GLN H 109 77.86 3.41 -51.58
C GLN H 109 77.24 4.66 -50.94
N ALA H 110 77.77 5.11 -49.81
CA ALA H 110 77.18 6.27 -49.16
C ALA H 110 77.63 7.62 -49.78
N SER H 111 78.81 7.63 -50.40
CA SER H 111 79.35 8.84 -51.00
C SER H 111 79.06 10.04 -50.07
N PRO H 112 79.75 10.08 -48.91
CA PRO H 112 79.56 11.14 -47.92
C PRO H 112 80.27 12.45 -48.31
N ARG H 113 79.96 13.50 -47.56
CA ARG H 113 80.60 14.78 -47.84
C ARG H 113 81.93 14.70 -47.08
N ASP H 114 83.02 15.04 -47.77
CA ASP H 114 84.34 15.03 -47.15
C ASP H 114 84.73 13.62 -46.70
N PRO H 115 84.68 12.64 -47.63
CA PRO H 115 85.01 11.24 -47.35
C PRO H 115 86.26 10.96 -46.53
N GLU H 116 87.32 11.74 -46.73
CA GLU H 116 88.56 11.51 -45.99
C GLU H 116 88.47 11.74 -44.49
N ASN H 117 87.49 12.52 -44.05
CA ASN H 117 87.36 12.79 -42.64
C ASN H 117 86.10 12.17 -42.04
N PHE H 118 85.45 11.30 -42.82
CA PHE H 118 84.22 10.65 -42.35
C PHE H 118 84.49 9.86 -41.08
N PRO H 119 83.56 9.95 -40.11
CA PRO H 119 83.63 9.28 -38.81
C PRO H 119 83.42 7.76 -38.82
N PHE H 120 84.52 7.02 -38.86
CA PHE H 120 84.44 5.56 -38.81
C PHE H 120 84.86 5.17 -37.39
N VAL H 121 84.20 4.15 -36.85
CA VAL H 121 84.54 3.65 -35.54
C VAL H 121 84.67 2.14 -35.68
N VAL H 122 85.83 1.63 -35.29
CA VAL H 122 86.12 0.21 -35.37
C VAL H 122 85.98 -0.50 -34.02
N LEU H 123 85.24 -1.59 -34.02
CA LEU H 123 85.03 -2.37 -32.80
C LEU H 123 85.59 -3.79 -32.91
N GLY H 124 86.55 -4.11 -32.05
CA GLY H 124 87.13 -5.43 -31.97
C GLY H 124 86.26 -6.21 -31.00
N ASN H 125 85.27 -6.93 -31.50
CA ASN H 125 84.34 -7.61 -30.63
C ASN H 125 84.75 -9.01 -30.12
N LYS H 126 83.94 -9.53 -29.20
CA LYS H 126 84.13 -10.84 -28.59
C LYS H 126 85.41 -11.01 -27.77
N ILE H 127 85.86 -9.98 -27.09
CA ILE H 127 87.09 -10.13 -26.30
C ILE H 127 86.88 -11.04 -25.08
N ASP H 128 85.62 -11.32 -24.76
CA ASP H 128 85.35 -12.19 -23.62
C ASP H 128 85.88 -13.58 -23.94
N LEU H 129 86.14 -13.84 -25.21
CA LEU H 129 86.63 -15.14 -25.63
C LEU H 129 88.15 -15.19 -25.51
N GLU H 130 88.66 -16.35 -25.08
CA GLU H 130 90.09 -16.53 -24.87
C GLU H 130 90.95 -16.81 -26.10
N ASN H 131 90.41 -17.50 -27.10
CA ASN H 131 91.23 -17.79 -28.27
C ASN H 131 91.37 -16.64 -29.27
N ARG H 132 91.93 -15.52 -28.81
CA ARG H 132 92.17 -14.36 -29.66
C ARG H 132 93.13 -14.73 -30.77
N GLN H 133 92.99 -14.07 -31.92
CA GLN H 133 93.84 -14.32 -33.08
C GLN H 133 94.27 -13.00 -33.70
N VAL H 134 93.79 -11.89 -33.15
CA VAL H 134 94.17 -10.59 -33.65
C VAL H 134 94.67 -9.73 -32.48
N ALA H 135 95.92 -9.29 -32.59
CA ALA H 135 96.52 -8.49 -31.52
C ALA H 135 95.98 -7.07 -31.51
N THR H 136 95.86 -6.54 -30.30
CA THR H 136 95.39 -5.19 -30.08
C THR H 136 96.28 -4.19 -30.83
N LYS H 137 97.58 -4.46 -30.89
CA LYS H 137 98.48 -3.53 -31.57
C LYS H 137 98.28 -3.52 -33.06
N ARG H 138 98.00 -4.69 -33.63
CA ARG H 138 97.78 -4.84 -35.07
C ARG H 138 96.56 -4.03 -35.50
N ALA H 139 95.48 -4.17 -34.74
CA ALA H 139 94.23 -3.49 -35.01
C ALA H 139 94.36 -1.98 -34.83
N GLN H 140 94.99 -1.58 -33.72
CA GLN H 140 95.18 -0.16 -33.46
C GLN H 140 95.99 0.43 -34.58
N ALA H 141 97.02 -0.30 -35.00
CA ALA H 141 97.88 0.18 -36.07
C ALA H 141 97.07 0.39 -37.35
N TRP H 142 96.24 -0.59 -37.71
CA TRP H 142 95.42 -0.48 -38.91
C TRP H 142 94.54 0.75 -38.82
N CYS H 143 93.86 0.90 -37.68
CA CYS H 143 92.98 2.04 -37.44
C CYS H 143 93.71 3.36 -37.53
N TYR H 144 94.98 3.37 -37.13
CA TYR H 144 95.77 4.57 -37.19
C TYR H 144 96.10 4.97 -38.64
N SER H 145 96.51 4.00 -39.44
CA SER H 145 96.86 4.26 -40.83
C SER H 145 95.66 4.80 -41.62
N LYS H 146 94.46 4.41 -41.23
CA LYS H 146 93.22 4.86 -41.89
C LYS H 146 92.70 6.16 -41.30
N ASN H 147 93.58 7.15 -41.17
CA ASN H 147 93.19 8.44 -40.65
C ASN H 147 92.82 8.51 -39.18
N ASN H 148 93.50 7.73 -38.35
CA ASN H 148 93.25 7.77 -36.91
C ASN H 148 91.81 7.43 -36.51
N ILE H 149 91.31 6.31 -36.99
CA ILE H 149 89.97 5.90 -36.63
C ILE H 149 89.99 5.43 -35.18
N PRO H 150 89.03 5.88 -34.37
CA PRO H 150 89.03 5.44 -32.98
C PRO H 150 88.74 3.94 -32.86
N TYR H 151 89.48 3.26 -31.99
CA TYR H 151 89.34 1.84 -31.78
C TYR H 151 88.89 1.47 -30.34
N PHE H 152 88.03 0.47 -30.25
CA PHE H 152 87.55 -0.01 -28.95
C PHE H 152 87.42 -1.52 -29.00
N GLU H 153 87.81 -2.17 -27.91
CA GLU H 153 87.69 -3.62 -27.79
C GLU H 153 86.45 -3.84 -26.90
N THR H 154 85.44 -4.46 -27.50
CA THR H 154 84.17 -4.70 -26.84
C THR H 154 83.79 -6.16 -26.65
N SER H 155 82.70 -6.34 -25.92
CA SER H 155 82.13 -7.66 -25.65
C SER H 155 80.64 -7.44 -25.46
N ALA H 156 79.86 -7.70 -26.50
CA ALA H 156 78.43 -7.51 -26.39
C ALA H 156 77.84 -8.54 -25.44
N LYS H 157 78.47 -9.69 -25.36
CA LYS H 157 77.99 -10.74 -24.50
C LYS H 157 78.12 -10.35 -23.03
N GLU H 158 79.28 -9.81 -22.66
CA GLU H 158 79.52 -9.44 -21.27
C GLU H 158 79.36 -7.96 -20.97
N ALA H 159 78.65 -7.24 -21.84
CA ALA H 159 78.43 -5.81 -21.65
C ALA H 159 79.71 -5.08 -21.27
N ILE H 160 80.78 -5.31 -22.03
CA ILE H 160 82.05 -4.67 -21.76
C ILE H 160 82.42 -3.66 -22.84
N ASN H 161 82.63 -2.42 -22.42
CA ASN H 161 83.05 -1.33 -23.30
C ASN H 161 82.06 -0.94 -24.38
N VAL H 162 80.83 -1.45 -24.29
CA VAL H 162 79.85 -1.11 -25.31
C VAL H 162 79.26 0.31 -25.13
N GLU H 163 78.82 0.64 -23.92
CA GLU H 163 78.29 1.98 -23.67
C GLU H 163 79.30 3.06 -24.01
N GLN H 164 80.55 2.83 -23.62
CA GLN H 164 81.60 3.81 -23.87
C GLN H 164 81.92 3.98 -25.35
N ALA H 165 81.94 2.88 -26.08
CA ALA H 165 82.22 2.92 -27.52
C ALA H 165 81.15 3.74 -28.25
N PHE H 166 79.88 3.52 -27.90
CA PHE H 166 78.81 4.26 -28.55
C PHE H 166 78.77 5.72 -28.15
N GLN H 167 79.45 6.07 -27.06
CA GLN H 167 79.49 7.47 -26.64
C GLN H 167 80.31 8.26 -27.65
N THR H 168 81.42 7.67 -28.13
CA THR H 168 82.19 8.39 -29.12
C THR H 168 81.56 8.16 -30.50
N ILE H 169 80.89 7.03 -30.70
CA ILE H 169 80.22 6.78 -31.97
C ILE H 169 79.16 7.89 -32.15
N ALA H 170 78.51 8.26 -31.05
CA ALA H 170 77.48 9.31 -31.06
C ALA H 170 78.13 10.68 -31.23
N ARG H 171 79.24 10.92 -30.53
CA ARG H 171 79.95 12.19 -30.62
C ARG H 171 80.44 12.43 -32.05
N ASN H 172 80.88 11.38 -32.72
CA ASN H 172 81.37 11.54 -34.08
C ASN H 172 80.25 11.68 -35.09
N ALA H 173 79.15 10.97 -34.83
CA ALA H 173 77.99 11.04 -35.72
C ALA H 173 77.42 12.46 -35.67
N LEU H 174 77.47 13.07 -34.48
CA LEU H 174 76.97 14.44 -34.32
C LEU H 174 77.86 15.42 -35.05
N LYS H 175 79.17 15.25 -34.91
CA LYS H 175 80.13 16.13 -35.56
C LYS H 175 79.94 16.11 -37.08
N GLN H 176 79.60 14.93 -37.61
CA GLN H 176 79.36 14.78 -39.04
C GLN H 176 78.05 15.47 -39.41
N GLU H 177 76.99 15.18 -38.66
CA GLU H 177 75.67 15.76 -38.88
C GLU H 177 75.66 17.29 -38.84
N THR H 178 76.33 17.87 -37.85
CA THR H 178 76.40 19.32 -37.67
C THR H 178 77.10 20.03 -38.82
N GLU H 179 78.30 19.55 -39.12
CA GLU H 179 79.10 20.14 -40.19
C GLU H 179 78.64 19.72 -41.59
N VAL H 180 77.66 18.82 -41.64
CA VAL H 180 77.07 18.35 -42.91
C VAL H 180 75.95 19.31 -43.26
N GLU H 181 74.98 19.39 -42.37
CA GLU H 181 73.83 20.27 -42.55
C GLU H 181 74.32 21.72 -42.63
#